data_6Q06
#
_entry.id   6Q06
#
loop_
_entity.id
_entity.type
_entity.pdbx_description
1 polymer 'Spike glycoprotein'
2 branched alpha-D-mannopyranose-(1-3)-beta-D-mannopyranose-(1-4)-2-acetamido-2-deoxy-beta-D-glucopyranose-(1-4)-2-acetamido-2-deoxy-beta-D-glucopyranose
3 branched 2-acetamido-2-deoxy-beta-D-glucopyranose-(1-4)-2-acetamido-2-deoxy-beta-D-glucopyranose
4 branched alpha-D-mannopyranose-(1-2)-alpha-D-mannopyranose-(1-3)-[alpha-D-mannopyranose-(1-2)-alpha-D-mannopyranose-(1-6)]beta-D-mannopyranose-(1-4)-2-acetamido-2-deoxy-beta-D-glucopyranose-(1-4)-2-acetamido-2-deoxy-beta-D-glucopyranose
5 branched beta-D-mannopyranose-(1-4)-2-acetamido-2-deoxy-beta-D-glucopyranose-(1-4)-2-acetamido-2-deoxy-beta-D-glucopyranose
6 branched alpha-D-mannopyranose-(1-3)-[alpha-D-mannopyranose-(1-6)]beta-D-mannopyranose-(1-4)-2-acetamido-2-deoxy-beta-D-glucopyranose-(1-4)-2-acetamido-2-deoxy-beta-D-glucopyranose
7 branched 'N-acetyl-alpha-neuraminic acid-(2-3)-beta-D-galactopyranose'
8 non-polymer 2-acetamido-2-deoxy-beta-D-glucopyranose
9 non-polymer 'FOLIC ACID'
10 water water
#
_entity_poly.entity_id   1
_entity_poly.type   'polypeptide(L)'
_entity_poly.pdbx_seq_one_letter_code
;MGILPSPGMPALLSLVSLLSVLLMGCVAETGTVDVGPDSVKSACIEVDIQQTFFDKTWPRPIDVSKADGIIYPQGRTYSN
ITITYQGLFPYQGDHGDMYVYSAGHATGTTPQKLFVANYSQDVKQFANGFVVRIGAAANSTGTVIISPSTSATIRKIYPA
FMLGSSVGNFSDGKMGRFFNHTLVLLPDGCGTLLRAFYCILEPRSGNHCPAGNSYTSFATYHTPATDCSDGNYNRNASLN
SFKEYFNLRNCTFMYTYNITEDEILEWFGITQTAQGVHLFSSRYVDLYGGNMFQFATLPVYDTIKYYSIIPHSIRSIQSD
RKAWAAFYVYKLQPLTFLLDFSVDGYIRRAIDCGFNDLSQLHCSYESFDVESGVYSVSSFEAKPSGSVVEQAEGVECDFS
PLLSGTPPQVYNFKRLVFTNCNYNLTKLLSLFSVNDFTCSQISPAAIASNCYSSLILDYFSYPLSMKSDLSVSSAGPISQ
FNYKQSFSNPTCLILATVPHNLTTITKPLKYSYINKCSRLLSDDRTEVPQLVNANQYSPCVSIVPSTVWEDGDYYRKQLS
PLEGGGWLVASGSTVAMTEQLQMGFGITVQYGTDTNSVCPKLEFANDTKIASQLGNCVEYSLYGVSGRGVFQNCTAVGVR
QQRFVYDAYQNLVGYYSDDGNYYCLRACVSVPVSVIYDKETKTHATLFGSVACEHISSTMSQYSRSTRSMLKRRDSTYGP
LQTPVGCVLGLVNSSLFVEDCKLPLGQSLCALPDTPSTLTPASVGSVPGEMRLASIAFNHPIQVDQLNSSYFKLSIPTNF
SFGVTQEYIQTTIQKVTVDCKQYVCNGFQKCEQLLREYGQFCSKINQALHGANLRQDDSVRNLFASVKSSQSSPIIPGFG
GDFNLTLLEPVSISTGSRSARSAIEDLLFDKVTIADPGYMQGYDDCMQQGPASARDLICAQYVAGYKVLPPLMDVNMEAA
YTSSLLGSIAGVGWTAGLSSFAAIPFAQSIFYRLNGVGITQQVLSENQKLIANKFNQALGAMQTGFTTTNEAFQKVQDAV
NNNAQALSKLASELSNTFGAISASIGDIIQRLDPPEQDAQIDRLINGRLTTLNAFVAQQLVRSESAALSAQLAKDKVNEC
VKAQSKRSGFCGQGTHIVSFVVNAPNGLYFMHVGYYPSNHIEVVSAYGLCDAANPTNCIAPVNGYFIKTNNTRIVDEWSY
TGSSFYAPEPITSLNTKYVAPQVTYQNISTNLPPPLLGNSTGIDFQDELDEFFKNVSTSIPNFGSLTQINTTLLDLTYEM
LSLQQVVKALNESYIDLKELGNYTYYNKGSGRENLYFQGGGGSGYIPEAPRDGQAYVRKDGEWVLLSTFLGHHHHHHHH
;
_entity_poly.pdbx_strand_id   A,B,C
#
# COMPACT_ATOMS: atom_id res chain seq x y z
N THR A 32 44.13 -37.87 12.82
CA THR A 32 45.11 -36.90 12.34
C THR A 32 45.88 -37.39 11.12
N VAL A 33 46.52 -36.44 10.47
CA VAL A 33 47.23 -36.64 9.23
C VAL A 33 48.73 -36.61 9.36
N ASP A 34 49.34 -37.62 8.81
CA ASP A 34 50.78 -37.74 8.74
C ASP A 34 51.26 -36.78 7.66
N VAL A 35 52.11 -35.83 8.05
CA VAL A 35 52.61 -34.79 7.15
C VAL A 35 54.10 -34.91 6.96
N GLY A 36 54.60 -36.13 7.15
CA GLY A 36 56.00 -36.43 6.97
C GLY A 36 56.70 -36.27 8.29
N PRO A 37 58.01 -36.55 8.34
CA PRO A 37 58.85 -36.51 9.51
C PRO A 37 59.16 -35.10 9.98
N ASP A 38 59.54 -35.01 11.25
CA ASP A 38 60.03 -33.77 11.83
C ASP A 38 61.40 -33.45 11.28
N SER A 39 61.75 -32.18 11.29
CA SER A 39 63.10 -31.80 10.95
C SER A 39 64.05 -32.35 12.00
N VAL A 40 65.23 -32.72 11.55
CA VAL A 40 66.24 -33.26 12.43
C VAL A 40 67.38 -32.30 12.66
N LYS A 41 67.24 -31.06 12.20
CA LYS A 41 68.31 -30.12 12.41
C LYS A 41 68.25 -29.54 13.83
N SER A 42 69.43 -29.31 14.38
CA SER A 42 69.60 -28.74 15.72
C SER A 42 69.51 -27.22 15.77
N ALA A 43 69.46 -26.64 14.59
CA ALA A 43 69.39 -25.21 14.45
C ALA A 43 68.67 -24.83 13.19
N CYS A 44 68.12 -23.63 13.25
CA CYS A 44 67.46 -22.96 12.16
C CYS A 44 68.44 -22.04 11.44
N ILE A 45 68.16 -21.68 10.20
CA ILE A 45 69.00 -20.71 9.56
C ILE A 45 68.66 -19.34 10.11
N GLU A 46 69.73 -18.62 10.44
CA GLU A 46 69.66 -17.27 10.99
C GLU A 46 68.90 -16.35 10.07
N VAL A 47 68.02 -15.54 10.63
CA VAL A 47 67.23 -14.63 9.84
C VAL A 47 67.55 -13.18 10.15
N ASP A 48 67.91 -12.44 9.12
CA ASP A 48 68.24 -11.03 9.19
C ASP A 48 67.05 -10.17 8.85
N ILE A 49 66.48 -9.47 9.81
CA ILE A 49 65.31 -8.67 9.51
C ILE A 49 65.74 -7.22 9.31
N GLN A 50 65.60 -6.69 8.10
CA GLN A 50 65.97 -5.29 7.86
C GLN A 50 64.88 -4.59 7.08
N GLN A 51 63.86 -4.12 7.80
CA GLN A 51 62.65 -3.60 7.18
C GLN A 51 62.90 -2.44 6.27
N THR A 52 63.92 -1.65 6.54
CA THR A 52 64.21 -0.51 5.69
C THR A 52 64.26 -0.89 4.22
N PHE A 53 64.83 -2.05 3.91
CA PHE A 53 65.02 -2.47 2.54
C PHE A 53 63.73 -2.86 1.86
N PHE A 54 62.70 -3.11 2.64
CA PHE A 54 61.43 -3.55 2.14
C PHE A 54 60.41 -2.40 2.19
N ASP A 55 60.84 -1.21 2.62
CA ASP A 55 59.92 -0.07 2.70
C ASP A 55 59.85 0.64 1.36
N LYS A 56 59.17 0.00 0.43
CA LYS A 56 59.07 0.48 -0.94
C LYS A 56 57.72 1.03 -1.23
N THR A 57 57.66 1.96 -2.16
CA THR A 57 56.39 2.55 -2.59
C THR A 57 56.14 2.23 -4.04
N TRP A 58 55.33 1.21 -4.25
CA TRP A 58 54.98 0.65 -5.54
C TRP A 58 53.48 0.45 -5.58
N PRO A 59 52.68 1.51 -5.49
CA PRO A 59 51.25 1.43 -5.28
C PRO A 59 50.47 0.82 -6.42
N ARG A 60 49.58 -0.07 -6.08
CA ARG A 60 48.70 -0.70 -7.04
C ARG A 60 47.35 -0.88 -6.39
N PRO A 61 46.57 0.17 -6.25
CA PRO A 61 45.29 0.17 -5.58
C PRO A 61 44.27 -0.55 -6.41
N ILE A 62 43.21 -0.98 -5.78
CA ILE A 62 42.16 -1.61 -6.53
C ILE A 62 41.50 -0.67 -7.47
N ASP A 63 41.47 -1.09 -8.73
CA ASP A 63 40.78 -0.36 -9.77
C ASP A 63 39.53 -1.15 -10.10
N VAL A 64 38.41 -0.72 -9.57
CA VAL A 64 37.20 -1.50 -9.72
C VAL A 64 36.73 -1.44 -11.17
N SER A 65 37.06 -0.36 -11.87
CA SER A 65 36.65 -0.18 -13.26
C SER A 65 37.31 -1.16 -14.20
N LYS A 66 38.35 -1.84 -13.69
CA LYS A 66 39.12 -2.83 -14.43
C LYS A 66 38.81 -4.22 -13.82
N ALA A 67 37.83 -4.22 -12.90
CA ALA A 67 37.34 -5.34 -12.09
C ALA A 67 38.42 -6.01 -11.22
N ASP A 68 39.34 -5.21 -10.67
CA ASP A 68 40.35 -5.79 -9.79
C ASP A 68 39.74 -6.35 -8.52
N GLY A 69 40.20 -7.51 -8.11
CA GLY A 69 39.82 -8.08 -6.84
C GLY A 69 38.46 -8.72 -6.76
N ILE A 70 37.78 -8.85 -7.88
CA ILE A 70 36.46 -9.42 -7.81
C ILE A 70 36.33 -10.92 -7.87
N ILE A 71 35.60 -11.41 -6.88
CA ILE A 71 35.20 -12.77 -6.73
C ILE A 71 33.88 -12.85 -7.46
N TYR A 72 33.77 -13.79 -8.37
CA TYR A 72 32.59 -13.93 -9.21
C TYR A 72 31.39 -14.36 -8.35
N PRO A 73 30.13 -13.93 -8.59
CA PRO A 73 28.99 -14.37 -7.81
C PRO A 73 29.06 -15.88 -7.84
N GLN A 74 28.94 -16.51 -6.69
CA GLN A 74 29.25 -17.93 -6.63
C GLN A 74 28.32 -18.99 -7.16
N GLY A 75 27.03 -18.83 -7.04
CA GLY A 75 26.19 -19.94 -7.45
C GLY A 75 25.62 -19.84 -8.85
N ARG A 76 26.07 -18.86 -9.61
CA ARG A 76 25.48 -18.60 -10.91
C ARG A 76 26.31 -17.76 -11.81
N THR A 77 25.90 -17.68 -13.05
CA THR A 77 26.49 -16.75 -13.98
C THR A 77 25.44 -15.95 -14.68
N TYR A 78 25.91 -14.90 -15.33
CA TYR A 78 25.07 -13.96 -16.07
C TYR A 78 25.72 -13.68 -17.40
N SER A 79 24.95 -13.25 -18.38
CA SER A 79 25.51 -12.94 -19.68
C SER A 79 25.04 -11.66 -20.33
N ASN A 80 26.01 -10.80 -20.62
CA ASN A 80 25.73 -9.56 -21.32
C ASN A 80 24.75 -8.63 -20.52
N ILE A 81 24.86 -8.55 -19.22
CA ILE A 81 23.97 -7.66 -18.47
C ILE A 81 24.75 -6.79 -17.49
N THR A 82 24.14 -5.71 -17.06
CA THR A 82 24.72 -4.94 -15.97
C THR A 82 23.75 -4.94 -14.79
N ILE A 83 24.20 -5.48 -13.67
CA ILE A 83 23.36 -5.52 -12.47
C ILE A 83 24.11 -5.13 -11.21
N THR A 84 23.40 -4.72 -10.17
CA THR A 84 24.11 -4.59 -8.91
C THR A 84 24.13 -5.92 -8.21
N TYR A 85 25.12 -6.09 -7.37
CA TYR A 85 25.30 -7.31 -6.62
C TYR A 85 25.93 -7.06 -5.27
N GLN A 86 25.39 -7.72 -4.27
CA GLN A 86 25.89 -7.63 -2.90
C GLN A 86 26.85 -8.75 -2.58
N GLY A 87 28.05 -8.43 -2.11
CA GLY A 87 29.01 -9.49 -1.79
C GLY A 87 30.30 -8.96 -1.21
N LEU A 88 31.27 -9.83 -1.02
CA LEU A 88 32.52 -9.38 -0.42
C LEU A 88 33.47 -8.91 -1.47
N PHE A 89 33.77 -7.63 -1.41
CA PHE A 89 34.59 -6.94 -2.38
C PHE A 89 35.59 -6.03 -1.68
N PRO A 90 36.74 -5.74 -2.30
CA PRO A 90 37.69 -4.76 -1.83
C PRO A 90 37.13 -3.36 -2.17
N TYR A 91 37.56 -2.32 -1.48
CA TYR A 91 37.12 -0.99 -1.76
C TYR A 91 37.87 -0.38 -2.94
N GLN A 92 37.14 0.41 -3.73
CA GLN A 92 37.81 1.15 -4.80
C GLN A 92 38.86 2.05 -4.20
N GLY A 93 40.05 2.00 -4.76
CA GLY A 93 41.12 2.86 -4.31
C GLY A 93 41.95 2.31 -3.18
N ASP A 94 41.61 1.12 -2.68
CA ASP A 94 42.35 0.56 -1.58
C ASP A 94 43.73 0.16 -2.01
N HIS A 95 44.73 0.71 -1.37
CA HIS A 95 46.13 0.40 -1.68
C HIS A 95 46.54 -0.96 -1.18
N GLY A 96 45.90 -1.40 -0.12
CA GLY A 96 46.22 -2.67 0.46
C GLY A 96 47.54 -2.64 1.15
N ASP A 97 48.02 -3.81 1.49
CA ASP A 97 49.28 -3.97 2.18
C ASP A 97 50.26 -4.64 1.25
N MET A 98 51.35 -3.99 0.94
CA MET A 98 52.29 -4.59 0.02
C MET A 98 53.32 -5.41 0.77
N TYR A 99 53.61 -6.59 0.23
CA TYR A 99 54.63 -7.45 0.79
C TYR A 99 55.59 -7.88 -0.29
N VAL A 100 56.87 -7.89 -0.01
CA VAL A 100 57.80 -8.36 -1.04
C VAL A 100 58.81 -9.33 -0.45
N TYR A 101 59.02 -10.41 -1.14
CA TYR A 101 59.99 -11.42 -0.76
C TYR A 101 61.31 -11.12 -1.43
N SER A 102 62.42 -11.50 -0.81
CA SER A 102 63.74 -11.23 -1.37
C SER A 102 64.70 -12.40 -1.36
N ALA A 103 65.87 -12.13 -1.93
CA ALA A 103 66.99 -13.04 -1.90
C ALA A 103 67.64 -12.94 -0.53
N GLY A 104 68.24 -14.02 -0.10
CA GLY A 104 68.98 -14.00 1.15
C GLY A 104 70.37 -13.49 0.91
N HIS A 105 71.17 -13.53 1.97
CA HIS A 105 72.54 -13.07 1.94
C HIS A 105 73.37 -14.14 1.29
N ALA A 106 74.46 -13.77 0.64
CA ALA A 106 75.34 -14.73 0.01
C ALA A 106 76.76 -14.23 -0.01
N THR A 107 77.65 -15.10 -0.38
CA THR A 107 79.02 -14.72 -0.65
C THR A 107 79.41 -15.57 -1.84
N GLY A 108 79.32 -15.01 -3.03
CA GLY A 108 79.59 -15.80 -4.20
C GLY A 108 78.59 -16.94 -4.32
N THR A 109 79.11 -18.16 -4.37
CA THR A 109 78.32 -19.37 -4.54
C THR A 109 77.80 -20.06 -3.31
N THR A 110 78.04 -19.49 -2.15
CA THR A 110 77.56 -20.09 -0.90
C THR A 110 76.57 -19.20 -0.17
N PRO A 111 75.25 -19.43 -0.31
CA PRO A 111 74.18 -18.69 0.30
C PRO A 111 74.38 -18.72 1.76
N GLN A 112 74.01 -17.67 2.47
CA GLN A 112 74.19 -17.62 3.90
C GLN A 112 72.92 -17.45 4.69
N LYS A 113 72.75 -16.26 5.25
CA LYS A 113 71.68 -15.85 6.12
C LYS A 113 70.41 -15.47 5.35
N LEU A 114 69.24 -15.69 5.95
CA LEU A 114 68.03 -15.32 5.21
C LEU A 114 67.81 -13.84 5.39
N PHE A 115 67.22 -13.19 4.39
CA PHE A 115 66.95 -11.76 4.48
C PHE A 115 65.47 -11.48 4.31
N VAL A 116 64.86 -10.97 5.38
CA VAL A 116 63.44 -10.74 5.41
C VAL A 116 63.00 -9.38 5.92
N ALA A 117 61.74 -9.10 5.66
CA ALA A 117 60.99 -7.99 6.19
C ALA A 117 60.43 -8.36 7.55
N ASN A 118 59.93 -7.40 8.31
CA ASN A 118 59.31 -7.70 9.64
C ASN A 118 57.91 -8.23 9.45
N TYR A 119 57.67 -9.24 8.70
CA TYR A 119 56.32 -9.68 8.38
C TYR A 119 55.73 -10.61 9.38
N SER A 120 56.54 -11.44 10.02
CA SER A 120 55.95 -12.46 10.88
C SER A 120 55.33 -11.90 12.12
N GLN A 121 55.78 -10.71 12.48
CA GLN A 121 55.34 -10.03 13.67
C GLN A 121 54.21 -9.06 13.38
N ASP A 122 53.94 -8.85 12.11
CA ASP A 122 52.91 -7.91 11.68
C ASP A 122 51.59 -8.67 11.52
N VAL A 123 50.87 -8.88 12.62
CA VAL A 123 49.68 -9.70 12.57
C VAL A 123 48.46 -8.82 12.33
N LYS A 124 47.67 -9.19 11.35
CA LYS A 124 46.51 -8.43 10.97
C LYS A 124 45.22 -9.08 11.36
N GLN A 125 44.18 -8.27 11.50
CA GLN A 125 42.87 -8.80 11.78
C GLN A 125 42.33 -9.33 10.45
N PHE A 126 41.82 -10.56 10.45
CA PHE A 126 41.26 -11.23 9.28
C PHE A 126 39.95 -10.65 8.81
N ALA A 127 39.06 -10.35 9.74
CA ALA A 127 37.75 -9.82 9.43
C ALA A 127 37.01 -10.70 8.44
N ASN A 128 36.73 -10.21 7.23
CA ASN A 128 35.94 -10.96 6.28
C ASN A 128 36.81 -11.68 5.27
N GLY A 129 38.12 -11.60 5.43
CA GLY A 129 38.99 -12.20 4.45
C GLY A 129 39.62 -11.19 3.55
N PHE A 130 40.34 -11.69 2.57
CA PHE A 130 41.13 -10.84 1.69
C PHE A 130 41.38 -11.41 0.33
N VAL A 131 41.80 -10.53 -0.57
CA VAL A 131 42.23 -10.91 -1.89
C VAL A 131 43.64 -10.45 -2.10
N VAL A 132 44.37 -11.17 -2.94
CA VAL A 132 45.75 -10.86 -3.15
C VAL A 132 46.08 -10.71 -4.61
N ARG A 133 46.76 -9.62 -4.95
CA ARG A 133 47.22 -9.37 -6.31
C ARG A 133 48.62 -10.00 -6.39
N ILE A 134 48.79 -11.03 -7.24
CA ILE A 134 50.07 -11.76 -7.29
C ILE A 134 50.80 -11.65 -8.63
N GLY A 135 52.05 -11.17 -8.62
CA GLY A 135 52.82 -11.09 -9.86
C GLY A 135 52.55 -9.89 -10.76
N ALA A 136 51.98 -8.84 -10.23
CA ALA A 136 51.65 -7.68 -11.06
C ALA A 136 52.83 -7.06 -11.76
N ALA A 137 53.98 -7.09 -11.14
CA ALA A 137 55.17 -6.51 -11.70
C ALA A 137 55.97 -7.48 -12.56
N ALA A 138 55.49 -8.69 -12.74
CA ALA A 138 56.29 -9.63 -13.49
C ALA A 138 56.56 -9.07 -14.87
N ASN A 139 57.77 -9.40 -15.36
CA ASN A 139 58.37 -9.01 -16.63
C ASN A 139 58.91 -7.60 -16.64
N SER A 140 58.73 -6.85 -15.58
CA SER A 140 59.26 -5.50 -15.51
C SER A 140 60.64 -5.61 -14.94
N THR A 141 61.50 -4.63 -15.20
CA THR A 141 62.79 -4.66 -14.53
C THR A 141 62.56 -4.13 -13.12
N GLY A 142 63.06 -4.85 -12.14
CA GLY A 142 62.94 -4.44 -10.76
C GLY A 142 64.22 -4.46 -10.04
N THR A 143 64.11 -4.47 -8.73
CA THR A 143 65.25 -4.43 -7.86
C THR A 143 65.39 -5.69 -7.08
N VAL A 144 66.63 -6.02 -6.81
CA VAL A 144 66.88 -7.08 -5.88
C VAL A 144 66.85 -6.38 -4.53
N ILE A 145 65.98 -6.76 -3.63
CA ILE A 145 65.80 -5.98 -2.43
C ILE A 145 67.04 -5.90 -1.57
N ILE A 146 67.72 -7.01 -1.44
CA ILE A 146 68.94 -7.12 -0.65
C ILE A 146 70.09 -6.29 -1.19
N SER A 147 70.05 -5.99 -2.48
CA SER A 147 71.07 -5.21 -3.14
C SER A 147 70.40 -4.18 -4.05
N PRO A 148 70.05 -2.98 -3.54
CA PRO A 148 69.32 -1.93 -4.22
C PRO A 148 69.91 -1.47 -5.54
N SER A 149 71.23 -1.60 -5.71
CA SER A 149 71.88 -1.19 -6.94
C SER A 149 71.81 -2.26 -8.03
N THR A 150 71.36 -3.45 -7.66
CA THR A 150 71.27 -4.56 -8.59
C THR A 150 69.86 -4.67 -9.13
N SER A 151 69.75 -4.71 -10.44
CA SER A 151 68.47 -4.85 -11.09
C SER A 151 68.34 -6.24 -11.67
N ALA A 152 67.10 -6.67 -11.81
CA ALA A 152 66.81 -7.97 -12.39
C ALA A 152 65.40 -7.98 -12.92
N THR A 153 65.09 -8.88 -13.85
CA THR A 153 63.71 -9.03 -14.30
C THR A 153 62.88 -9.56 -13.14
N ILE A 154 61.71 -8.98 -12.93
CA ILE A 154 60.80 -9.40 -11.88
C ILE A 154 60.05 -10.66 -12.22
N ARG A 155 60.07 -11.60 -11.28
CA ARG A 155 59.36 -12.86 -11.45
C ARG A 155 58.26 -13.04 -10.42
N LYS A 156 57.19 -13.69 -10.83
CA LYS A 156 56.10 -13.95 -9.90
C LYS A 156 56.49 -14.91 -8.81
N ILE A 157 56.07 -14.56 -7.60
CA ILE A 157 56.27 -15.39 -6.47
C ILE A 157 54.95 -15.49 -5.71
N TYR A 158 54.65 -16.59 -5.07
CA TYR A 158 53.40 -16.74 -4.38
C TYR A 158 53.56 -16.45 -2.93
N PRO A 159 52.57 -15.82 -2.32
CA PRO A 159 52.53 -15.47 -0.95
C PRO A 159 52.34 -16.65 -0.06
N ALA A 160 52.88 -16.58 1.14
CA ALA A 160 52.65 -17.61 2.14
C ALA A 160 51.88 -16.99 3.29
N PHE A 161 50.92 -17.71 3.82
CA PHE A 161 50.12 -17.15 4.91
C PHE A 161 50.00 -18.05 6.11
N MET A 162 49.91 -17.45 7.27
CA MET A 162 49.62 -18.16 8.49
C MET A 162 48.36 -17.55 9.07
N LEU A 163 47.33 -18.36 9.32
CA LEU A 163 46.05 -17.84 9.80
C LEU A 163 45.51 -18.57 11.04
N GLY A 164 44.83 -17.86 11.93
CA GLY A 164 44.29 -18.60 13.05
C GLY A 164 43.39 -17.81 13.96
N SER A 165 43.01 -18.47 15.04
CA SER A 165 42.07 -17.97 16.03
C SER A 165 42.68 -17.16 17.15
N SER A 166 43.94 -17.39 17.44
CA SER A 166 44.58 -16.75 18.57
C SER A 166 46.04 -16.54 18.35
N VAL A 167 46.52 -15.38 18.76
CA VAL A 167 47.91 -15.00 18.63
C VAL A 167 48.53 -14.50 19.90
N GLY A 168 49.83 -14.48 19.93
CA GLY A 168 50.58 -13.99 21.06
C GLY A 168 52.03 -14.00 20.73
N ASN A 169 52.87 -13.99 21.75
CA ASN A 169 54.28 -13.93 21.54
C ASN A 169 55.00 -15.26 21.68
N PHE A 170 56.24 -15.26 21.29
CA PHE A 170 57.18 -16.34 21.39
C PHE A 170 57.98 -16.20 22.67
N SER A 171 58.91 -17.09 22.91
CA SER A 171 59.65 -17.18 24.14
C SER A 171 60.38 -15.92 24.49
N ASP A 172 60.91 -15.20 23.51
CA ASP A 172 61.64 -13.99 23.81
C ASP A 172 60.79 -12.72 23.79
N GLY A 173 59.49 -12.84 23.66
CA GLY A 173 58.61 -11.69 23.63
C GLY A 173 58.24 -11.19 22.24
N LYS A 174 58.82 -11.76 21.17
CA LYS A 174 58.43 -11.26 19.86
C LYS A 174 57.07 -11.79 19.48
N MET A 175 56.29 -10.99 18.78
CA MET A 175 54.96 -11.48 18.39
C MET A 175 54.93 -12.25 17.12
N GLY A 176 53.81 -12.93 16.90
CA GLY A 176 53.63 -13.68 15.69
C GLY A 176 53.39 -15.15 15.95
N ARG A 177 53.27 -15.52 17.21
CA ARG A 177 53.00 -16.89 17.51
C ARG A 177 51.52 -17.14 17.41
N PHE A 178 51.15 -18.24 16.77
CA PHE A 178 49.75 -18.64 16.68
C PHE A 178 49.53 -19.84 17.57
N PHE A 179 48.38 -19.89 18.20
CA PHE A 179 48.09 -20.96 19.14
C PHE A 179 47.06 -21.92 18.61
N ASN A 180 47.14 -23.13 19.10
CA ASN A 180 46.14 -24.18 18.72
C ASN A 180 46.35 -24.42 17.20
N HIS A 181 45.17 -24.75 16.57
CA HIS A 181 45.35 -25.03 15.16
C HIS A 181 45.45 -23.80 14.33
N THR A 182 46.45 -23.81 13.49
CA THR A 182 46.76 -22.73 12.61
C THR A 182 46.71 -23.20 11.19
N LEU A 183 46.10 -22.40 10.34
CA LEU A 183 46.03 -22.71 8.93
C LEU A 183 47.21 -22.10 8.23
N VAL A 184 47.93 -22.92 7.52
CA VAL A 184 49.07 -22.46 6.81
C VAL A 184 48.89 -22.70 5.34
N LEU A 185 49.03 -21.63 4.58
CA LEU A 185 48.97 -21.71 3.12
C LEU A 185 50.38 -21.48 2.66
N LEU A 186 51.05 -22.55 2.23
CA LEU A 186 52.45 -22.44 1.92
C LEU A 186 52.77 -22.94 0.52
N PRO A 187 53.05 -22.07 -0.44
CA PRO A 187 53.37 -22.46 -1.78
C PRO A 187 54.68 -23.19 -1.72
N ASP A 188 54.86 -24.14 -2.61
CA ASP A 188 56.09 -24.92 -2.62
C ASP A 188 56.42 -25.37 -4.03
N GLY A 189 57.51 -26.10 -4.15
CA GLY A 189 57.89 -26.64 -5.47
C GLY A 189 58.33 -25.54 -6.38
N CYS A 190 58.92 -24.50 -5.83
CA CYS A 190 59.36 -23.34 -6.60
C CYS A 190 58.18 -22.71 -7.33
N GLY A 191 57.02 -22.66 -6.67
CA GLY A 191 55.84 -22.04 -7.26
C GLY A 191 54.94 -23.02 -8.07
N THR A 192 55.07 -24.33 -7.85
CA THR A 192 54.23 -25.24 -8.63
C THR A 192 53.09 -25.84 -7.83
N LEU A 193 53.11 -25.72 -6.51
CA LEU A 193 51.99 -26.23 -5.75
C LEU A 193 51.62 -25.32 -4.59
N LEU A 194 50.36 -25.30 -4.24
CA LEU A 194 49.94 -24.65 -3.02
C LEU A 194 49.65 -25.69 -1.98
N ARG A 195 50.32 -25.65 -0.85
CA ARG A 195 50.05 -26.61 0.21
C ARG A 195 49.29 -25.99 1.36
N ALA A 196 48.10 -26.50 1.61
CA ALA A 196 47.25 -25.97 2.67
C ALA A 196 47.14 -26.97 3.81
N PHE A 197 47.47 -26.55 5.02
CA PHE A 197 47.34 -27.48 6.13
C PHE A 197 46.87 -26.82 7.36
N TYR A 198 46.23 -27.58 8.21
CA TYR A 198 45.70 -27.04 9.47
C TYR A 198 46.29 -27.87 10.55
N CYS A 199 47.08 -27.21 11.38
CA CYS A 199 47.89 -28.04 12.33
C CYS A 199 48.30 -27.15 13.51
N ILE A 200 48.84 -27.83 14.54
CA ILE A 200 49.37 -27.08 15.66
C ILE A 200 50.83 -26.86 15.43
N LEU A 201 51.28 -25.64 15.57
CA LEU A 201 52.68 -25.33 15.34
C LEU A 201 53.40 -25.24 16.65
N GLU A 202 54.31 -26.17 16.86
CA GLU A 202 55.07 -26.27 18.09
C GLU A 202 56.45 -25.69 17.89
N PRO A 203 56.79 -24.54 18.41
CA PRO A 203 58.07 -23.93 18.16
C PRO A 203 59.20 -24.83 18.55
N ARG A 204 60.20 -24.92 17.69
CA ARG A 204 61.38 -25.71 17.99
C ARG A 204 62.31 -24.88 18.81
N SER A 205 63.09 -25.56 19.64
CA SER A 205 64.00 -24.93 20.59
C SER A 205 65.44 -24.76 20.19
N GLY A 206 65.77 -25.10 18.96
CA GLY A 206 67.15 -25.03 18.53
C GLY A 206 67.60 -23.60 18.25
N ASN A 207 68.83 -23.48 17.79
CA ASN A 207 69.40 -22.16 17.61
C ASN A 207 68.66 -21.39 16.53
N HIS A 208 68.24 -20.16 16.85
CA HIS A 208 67.50 -19.27 15.95
C HIS A 208 66.09 -19.73 15.66
N CYS A 209 65.60 -20.67 16.44
CA CYS A 209 64.25 -21.16 16.26
C CYS A 209 63.41 -20.41 17.29
N PRO A 210 62.09 -20.30 17.15
CA PRO A 210 61.20 -19.56 18.04
C PRO A 210 61.18 -19.91 19.51
N ALA A 211 61.57 -21.13 19.91
CA ALA A 211 61.61 -21.43 21.34
C ALA A 211 63.07 -21.51 21.80
N GLY A 212 64.00 -21.10 20.95
CA GLY A 212 65.43 -21.18 21.25
C GLY A 212 66.12 -19.82 21.40
N ASN A 213 67.44 -19.84 21.27
CA ASN A 213 68.24 -18.63 21.43
C ASN A 213 68.39 -17.88 20.15
N SER A 214 68.64 -16.57 20.27
CA SER A 214 68.90 -15.69 19.13
C SER A 214 67.81 -15.73 18.06
N TYR A 215 66.57 -15.76 18.48
CA TYR A 215 65.45 -15.76 17.58
C TYR A 215 65.07 -14.36 17.18
N THR A 216 64.78 -14.20 15.91
CA THR A 216 64.37 -12.98 15.28
C THR A 216 62.99 -13.18 14.68
N SER A 217 62.96 -13.88 13.59
CA SER A 217 61.74 -14.26 12.89
C SER A 217 61.92 -15.59 12.24
N PHE A 218 60.87 -16.35 12.16
CA PHE A 218 60.91 -17.58 11.42
C PHE A 218 60.76 -17.18 9.98
N ALA A 219 61.18 -18.00 9.07
CA ALA A 219 61.00 -17.70 7.68
C ALA A 219 61.05 -18.97 6.90
N THR A 220 60.43 -18.99 5.75
CA THR A 220 60.60 -20.14 4.88
C THR A 220 61.61 -19.79 3.81
N TYR A 221 62.11 -20.80 3.16
CA TYR A 221 63.05 -20.60 2.10
C TYR A 221 63.11 -21.78 1.19
N HIS A 222 63.68 -21.58 0.05
CA HIS A 222 64.01 -22.66 -0.84
C HIS A 222 65.38 -22.27 -1.37
N THR A 223 66.13 -23.25 -1.85
CA THR A 223 67.47 -23.05 -2.41
C THR A 223 67.48 -23.47 -3.87
N PRO A 224 67.22 -22.57 -4.84
CA PRO A 224 67.09 -22.87 -6.24
C PRO A 224 68.14 -23.78 -6.78
N ALA A 225 69.37 -23.60 -6.27
CA ALA A 225 70.48 -24.40 -6.74
C ALA A 225 70.23 -25.89 -6.61
N THR A 226 69.50 -26.30 -5.57
CA THR A 226 69.25 -27.72 -5.39
C THR A 226 67.76 -28.06 -5.48
N ASP A 227 66.90 -27.05 -5.29
CA ASP A 227 65.46 -27.27 -5.24
C ASP A 227 64.71 -27.04 -6.52
N CYS A 228 65.30 -26.28 -7.45
CA CYS A 228 64.55 -25.93 -8.65
C CYS A 228 65.25 -26.42 -9.90
N SER A 229 65.57 -27.72 -9.95
CA SER A 229 66.20 -28.33 -11.11
C SER A 229 65.21 -28.27 -12.25
N ASP A 230 65.67 -28.22 -13.51
CA ASP A 230 64.72 -28.06 -14.62
C ASP A 230 63.64 -29.13 -14.63
N GLY A 231 64.01 -30.32 -14.22
CA GLY A 231 63.07 -31.42 -14.18
C GLY A 231 62.44 -31.58 -12.80
N ASN A 232 63.19 -32.17 -11.89
CA ASN A 232 62.63 -32.50 -10.61
C ASN A 232 62.69 -31.38 -9.56
N TYR A 233 61.58 -30.64 -9.43
CA TYR A 233 61.51 -29.59 -8.42
C TYR A 233 61.26 -30.26 -7.07
N ASN A 234 61.82 -29.69 -6.01
CA ASN A 234 61.60 -30.21 -4.67
C ASN A 234 60.29 -29.73 -4.12
N ARG A 235 59.30 -30.61 -4.10
CA ARG A 235 57.95 -30.23 -3.73
C ARG A 235 57.78 -30.03 -2.27
N ASN A 236 58.82 -30.37 -1.50
CA ASN A 236 58.80 -30.17 -0.07
C ASN A 236 59.84 -29.13 0.36
N ALA A 237 60.41 -28.35 -0.56
CA ALA A 237 61.46 -27.43 -0.10
C ALA A 237 60.99 -26.39 0.91
N SER A 238 59.81 -25.83 0.70
CA SER A 238 59.33 -24.80 1.62
C SER A 238 58.73 -25.43 2.85
N LEU A 239 58.16 -26.63 2.66
CA LEU A 239 57.60 -27.31 3.83
C LEU A 239 58.71 -27.67 4.75
N ASN A 240 59.82 -28.13 4.19
CA ASN A 240 60.92 -28.54 5.01
C ASN A 240 61.53 -27.38 5.73
N SER A 241 61.57 -26.19 5.12
CA SER A 241 62.12 -25.07 5.87
C SER A 241 61.19 -24.63 6.97
N PHE A 242 59.88 -24.75 6.73
CA PHE A 242 58.90 -24.34 7.73
C PHE A 242 59.10 -25.18 8.96
N LYS A 243 59.29 -26.48 8.72
CA LYS A 243 59.50 -27.50 9.73
C LYS A 243 60.76 -27.34 10.57
N GLU A 244 61.69 -26.49 10.10
CA GLU A 244 62.87 -26.24 10.87
C GLU A 244 62.52 -25.35 12.05
N TYR A 245 61.50 -24.50 11.91
CA TYR A 245 61.15 -23.59 12.98
C TYR A 245 60.05 -24.15 13.83
N PHE A 246 59.17 -24.96 13.22
CA PHE A 246 58.05 -25.53 13.98
C PHE A 246 57.88 -27.01 13.79
N ASN A 247 57.45 -27.70 14.83
CA ASN A 247 57.04 -29.07 14.69
C ASN A 247 55.56 -29.05 14.36
N LEU A 248 55.14 -29.82 13.37
CA LEU A 248 53.71 -29.86 13.00
C LEU A 248 53.03 -31.00 13.75
N ARG A 249 52.03 -30.64 14.54
CA ARG A 249 51.31 -31.58 15.40
C ARG A 249 49.80 -31.56 15.24
N ASN A 250 49.22 -32.71 15.37
CA ASN A 250 47.71 -32.84 15.24
C ASN A 250 47.24 -32.25 14.01
N CYS A 251 47.84 -32.46 12.87
CA CYS A 251 47.36 -31.92 11.63
C CYS A 251 46.07 -32.59 11.31
N THR A 252 45.08 -31.82 10.87
CA THR A 252 43.81 -32.47 10.56
C THR A 252 43.71 -32.71 9.09
N PHE A 253 44.46 -31.95 8.32
CA PHE A 253 44.52 -32.11 6.89
C PHE A 253 45.78 -31.49 6.36
N MET A 254 46.13 -31.95 5.17
CA MET A 254 47.14 -31.32 4.35
C MET A 254 46.76 -31.59 2.91
N TYR A 255 46.46 -30.53 2.18
CA TYR A 255 46.02 -30.62 0.80
C TYR A 255 46.98 -29.93 -0.11
N THR A 256 47.13 -30.42 -1.32
CA THR A 256 47.94 -29.68 -2.26
C THR A 256 47.15 -29.38 -3.50
N TYR A 257 47.47 -28.26 -4.12
CA TYR A 257 46.84 -27.88 -5.36
C TYR A 257 47.93 -27.62 -6.34
N ASN A 258 47.76 -27.99 -7.57
CA ASN A 258 48.78 -27.75 -8.56
C ASN A 258 48.65 -26.41 -9.25
N ILE A 259 49.76 -25.79 -9.53
CA ILE A 259 49.85 -24.55 -10.23
C ILE A 259 50.70 -24.73 -11.51
N THR A 260 50.16 -24.42 -12.68
CA THR A 260 50.99 -24.47 -13.88
C THR A 260 51.84 -23.22 -13.85
N GLU A 261 53.13 -23.30 -14.15
CA GLU A 261 53.93 -22.09 -14.12
C GLU A 261 53.73 -21.17 -15.31
N ASP A 262 53.68 -19.88 -14.99
CA ASP A 262 53.57 -18.80 -15.95
C ASP A 262 54.00 -17.51 -15.21
N GLU A 263 53.99 -16.38 -15.91
CA GLU A 263 54.28 -15.06 -15.31
C GLU A 263 53.07 -14.13 -15.36
N ILE A 264 51.90 -14.74 -15.45
CA ILE A 264 50.62 -14.05 -15.58
C ILE A 264 50.08 -13.47 -14.26
N LEU A 265 49.62 -12.22 -14.26
CA LEU A 265 49.05 -11.69 -13.03
C LEU A 265 47.83 -12.49 -12.61
N GLU A 266 47.80 -12.90 -11.34
CA GLU A 266 46.67 -13.67 -10.88
C GLU A 266 46.18 -13.20 -9.55
N TRP A 267 44.93 -13.50 -9.29
CA TRP A 267 44.37 -13.17 -8.00
C TRP A 267 44.07 -14.40 -7.18
N PHE A 268 44.33 -14.25 -5.89
CA PHE A 268 44.04 -15.26 -4.86
C PHE A 268 43.12 -14.70 -3.80
N GLY A 269 42.17 -15.48 -3.31
CA GLY A 269 41.37 -14.93 -2.21
C GLY A 269 41.01 -15.94 -1.16
N ILE A 270 40.75 -15.44 0.03
CA ILE A 270 40.31 -16.30 1.13
C ILE A 270 39.16 -15.70 1.92
N THR A 271 38.13 -16.50 2.16
CA THR A 271 36.99 -16.09 2.99
C THR A 271 36.63 -17.22 3.94
N GLN A 272 35.80 -16.98 4.95
CA GLN A 272 35.38 -18.08 5.81
C GLN A 272 33.89 -17.99 6.15
N THR A 273 33.24 -19.14 6.04
CA THR A 273 31.82 -19.32 6.34
C THR A 273 31.62 -20.53 7.26
N ALA A 274 30.39 -20.87 7.59
CA ALA A 274 30.11 -22.06 8.40
C ALA A 274 30.61 -23.34 7.72
N GLN A 275 30.74 -23.30 6.38
CA GLN A 275 31.19 -24.46 5.62
C GLN A 275 32.71 -24.62 5.61
N GLY A 276 33.43 -23.65 6.16
CA GLY A 276 34.88 -23.71 6.14
C GLY A 276 35.51 -22.54 5.43
N VAL A 277 36.80 -22.69 5.20
CA VAL A 277 37.59 -21.66 4.58
C VAL A 277 37.59 -21.87 3.09
N HIS A 278 37.24 -20.82 2.37
CA HIS A 278 37.12 -20.91 0.94
C HIS A 278 38.29 -20.26 0.28
N LEU A 279 38.92 -21.00 -0.60
CA LEU A 279 40.07 -20.50 -1.33
C LEU A 279 39.63 -20.21 -2.76
N PHE A 280 39.89 -18.99 -3.20
CA PHE A 280 39.50 -18.50 -4.51
C PHE A 280 40.71 -18.25 -5.33
N SER A 281 40.59 -18.42 -6.62
CA SER A 281 41.67 -18.10 -7.53
C SER A 281 41.16 -17.82 -8.91
N SER A 282 41.84 -16.94 -9.58
CA SER A 282 41.54 -16.68 -10.98
C SER A 282 42.13 -17.70 -11.94
N ARG A 283 43.15 -18.46 -11.54
CA ARG A 283 43.86 -19.25 -12.53
C ARG A 283 43.22 -20.49 -13.05
N TYR A 284 42.18 -20.97 -12.42
CA TYR A 284 41.62 -22.21 -12.93
C TYR A 284 40.41 -21.96 -13.83
N VAL A 285 39.90 -20.72 -13.83
CA VAL A 285 38.71 -20.39 -14.61
C VAL A 285 38.91 -19.19 -15.54
N ASP A 286 39.51 -18.11 -15.01
CA ASP A 286 39.60 -16.86 -15.76
C ASP A 286 41.06 -16.41 -15.66
N LEU A 287 41.96 -17.15 -16.30
CA LEU A 287 43.37 -16.93 -16.14
C LEU A 287 43.81 -15.59 -16.64
N TYR A 288 43.30 -15.20 -17.76
CA TYR A 288 43.77 -13.97 -18.32
C TYR A 288 42.94 -12.82 -17.85
N GLY A 289 41.70 -13.11 -17.51
CA GLY A 289 40.77 -12.08 -17.08
C GLY A 289 40.90 -11.59 -15.65
N GLY A 290 41.23 -12.48 -14.71
CA GLY A 290 41.35 -12.10 -13.31
C GLY A 290 40.16 -12.35 -12.37
N ASN A 291 38.98 -12.78 -12.85
CA ASN A 291 37.88 -13.00 -11.90
C ASN A 291 38.21 -14.22 -11.05
N MET A 292 37.89 -14.17 -9.77
CA MET A 292 38.17 -15.31 -8.91
C MET A 292 37.03 -16.22 -8.66
N PHE A 293 37.34 -17.50 -8.75
CA PHE A 293 36.39 -18.56 -8.57
C PHE A 293 36.85 -19.46 -7.47
N GLN A 294 35.95 -20.09 -6.78
CA GLN A 294 36.39 -20.96 -5.71
C GLN A 294 37.04 -22.21 -6.24
N PHE A 295 38.18 -22.60 -5.66
CA PHE A 295 38.80 -23.84 -6.08
C PHE A 295 38.87 -24.84 -4.95
N ALA A 296 38.70 -24.37 -3.72
CA ALA A 296 38.77 -25.29 -2.60
C ALA A 296 38.02 -24.79 -1.40
N THR A 297 37.55 -25.72 -0.58
CA THR A 297 37.01 -25.42 0.73
C THR A 297 37.79 -26.26 1.75
N LEU A 298 38.28 -25.64 2.79
CA LEU A 298 39.04 -26.33 3.79
C LEU A 298 38.18 -26.52 5.02
N PRO A 299 38.26 -27.66 5.72
CA PRO A 299 37.53 -27.94 6.93
C PRO A 299 38.10 -27.28 8.16
N VAL A 300 38.10 -25.97 8.13
CA VAL A 300 38.56 -25.12 9.19
C VAL A 300 37.35 -24.43 9.74
N TYR A 301 36.95 -24.79 10.96
CA TYR A 301 35.69 -24.26 11.45
C TYR A 301 35.84 -23.29 12.57
N ASP A 302 36.99 -23.22 13.19
CA ASP A 302 37.12 -22.22 14.22
C ASP A 302 37.23 -20.94 13.44
N THR A 303 36.89 -19.82 14.04
CA THR A 303 36.93 -18.56 13.29
C THR A 303 38.34 -18.02 13.16
N ILE A 304 38.71 -17.68 11.93
CA ILE A 304 40.01 -17.08 11.76
C ILE A 304 39.87 -15.65 12.14
N LYS A 305 40.72 -15.21 13.04
CA LYS A 305 40.66 -13.86 13.49
C LYS A 305 41.88 -13.12 13.07
N TYR A 306 42.99 -13.84 12.94
CA TYR A 306 44.27 -13.23 12.66
C TYR A 306 45.00 -13.86 11.53
N TYR A 307 45.81 -13.09 10.85
CA TYR A 307 46.68 -13.67 9.85
C TYR A 307 47.97 -12.91 9.75
N SER A 308 48.95 -13.56 9.18
CA SER A 308 50.22 -12.93 8.94
C SER A 308 50.84 -13.48 7.70
N ILE A 309 51.79 -12.76 7.17
CA ILE A 309 52.53 -13.22 6.01
C ILE A 309 53.76 -13.95 6.48
N ILE A 310 53.95 -15.14 5.98
CA ILE A 310 55.14 -15.86 6.38
C ILE A 310 56.22 -15.32 5.48
N PRO A 311 57.28 -14.71 5.97
CA PRO A 311 58.31 -14.16 5.15
C PRO A 311 58.99 -15.31 4.47
N HIS A 312 59.44 -15.09 3.26
CA HIS A 312 60.13 -16.10 2.49
C HIS A 312 61.38 -15.48 1.94
N SER A 313 62.46 -16.22 1.98
CA SER A 313 63.73 -15.71 1.46
C SER A 313 64.36 -16.76 0.60
N ILE A 314 64.82 -16.36 -0.55
CA ILE A 314 65.35 -17.33 -1.50
C ILE A 314 66.85 -17.43 -1.37
N ARG A 315 67.35 -18.64 -1.14
CA ARG A 315 68.79 -18.78 -0.91
C ARG A 315 69.54 -18.94 -2.20
N SER A 316 69.53 -17.86 -2.95
CA SER A 316 70.20 -17.76 -4.23
C SER A 316 71.65 -17.46 -3.99
N ILE A 317 72.48 -17.79 -4.95
CA ILE A 317 73.86 -17.38 -4.88
C ILE A 317 73.93 -15.89 -5.20
N GLN A 318 75.01 -15.24 -4.85
CA GLN A 318 75.13 -13.81 -5.03
C GLN A 318 75.05 -13.40 -6.49
N SER A 319 75.52 -14.29 -7.35
CA SER A 319 75.57 -14.07 -8.78
C SER A 319 74.28 -14.37 -9.52
N ASP A 320 73.27 -14.87 -8.80
CA ASP A 320 72.01 -15.26 -9.44
C ASP A 320 70.80 -14.75 -8.64
N ARG A 321 70.84 -13.53 -8.17
CA ARG A 321 69.70 -12.98 -7.47
C ARG A 321 68.64 -12.49 -8.44
N LYS A 322 67.39 -12.78 -8.11
CA LYS A 322 66.29 -12.37 -8.96
C LYS A 322 65.47 -11.34 -8.25
N ALA A 323 64.72 -10.57 -9.01
CA ALA A 323 63.80 -9.64 -8.40
C ALA A 323 62.47 -10.39 -8.28
N TRP A 324 61.86 -10.37 -7.13
CA TRP A 324 60.59 -11.09 -7.00
C TRP A 324 59.48 -10.08 -6.91
N ALA A 325 58.36 -10.38 -7.57
CA ALA A 325 57.25 -9.46 -7.58
C ALA A 325 56.63 -9.32 -6.23
N ALA A 326 56.23 -8.09 -5.89
CA ALA A 326 55.51 -7.84 -4.67
C ALA A 326 54.07 -8.32 -4.80
N PHE A 327 53.48 -8.72 -3.71
CA PHE A 327 52.07 -9.05 -3.73
C PHE A 327 51.32 -8.09 -2.85
N TYR A 328 50.07 -7.93 -3.15
CA TYR A 328 49.31 -6.96 -2.39
C TYR A 328 48.10 -7.55 -1.81
N VAL A 329 47.88 -7.30 -0.54
CA VAL A 329 46.72 -7.86 0.15
C VAL A 329 45.67 -6.81 0.38
N TYR A 330 44.45 -7.08 -0.01
CA TYR A 330 43.38 -6.12 0.15
C TYR A 330 42.28 -6.73 0.96
N LYS A 331 41.70 -5.98 1.87
CA LYS A 331 40.62 -6.55 2.69
C LYS A 331 39.27 -6.50 2.04
N LEU A 332 38.46 -7.51 2.32
CA LEU A 332 37.11 -7.58 1.83
C LEU A 332 36.05 -7.11 2.81
N GLN A 333 34.95 -6.62 2.27
CA GLN A 333 33.82 -6.20 3.06
C GLN A 333 32.58 -6.33 2.23
N PRO A 334 31.41 -6.45 2.85
CA PRO A 334 30.11 -6.55 2.21
C PRO A 334 29.66 -5.25 1.60
N LEU A 335 29.97 -5.10 0.32
CA LEU A 335 29.70 -3.92 -0.45
C LEU A 335 28.74 -4.22 -1.59
N THR A 336 28.06 -3.21 -2.09
CA THR A 336 27.28 -3.43 -3.30
C THR A 336 28.11 -2.88 -4.45
N PHE A 337 28.32 -3.74 -5.45
CA PHE A 337 29.01 -3.37 -6.69
C PHE A 337 28.07 -3.42 -7.88
N LEU A 338 28.34 -2.57 -8.87
CA LEU A 338 27.65 -2.67 -10.14
C LEU A 338 28.56 -3.56 -10.95
N LEU A 339 28.08 -4.70 -11.43
CA LEU A 339 28.95 -5.62 -12.16
C LEU A 339 28.54 -5.76 -13.61
N ASP A 340 29.51 -5.53 -14.51
CA ASP A 340 29.27 -5.64 -15.94
C ASP A 340 29.71 -7.00 -16.46
N PHE A 341 28.73 -7.85 -16.75
CA PHE A 341 28.99 -9.23 -17.20
C PHE A 341 29.02 -9.23 -18.72
N SER A 342 30.11 -9.73 -19.27
CA SER A 342 30.28 -9.80 -20.71
C SER A 342 29.50 -10.95 -21.27
N VAL A 343 29.48 -11.12 -22.57
CA VAL A 343 28.72 -12.22 -23.17
C VAL A 343 29.24 -13.55 -22.64
N ASP A 344 30.56 -13.65 -22.46
CA ASP A 344 31.19 -14.87 -21.96
C ASP A 344 31.11 -14.99 -20.45
N GLY A 345 30.41 -14.06 -19.81
CA GLY A 345 30.18 -14.10 -18.40
C GLY A 345 31.21 -13.52 -17.51
N TYR A 346 32.29 -12.99 -18.04
CA TYR A 346 33.27 -12.49 -17.10
C TYR A 346 33.01 -11.07 -16.74
N ILE A 347 33.41 -10.70 -15.55
CA ILE A 347 33.24 -9.34 -15.11
C ILE A 347 34.49 -8.58 -15.52
N ARG A 348 34.29 -7.57 -16.32
CA ARG A 348 35.43 -6.81 -16.83
C ARG A 348 35.45 -5.42 -16.30
N ARG A 349 34.31 -4.97 -15.87
CA ARG A 349 34.14 -3.62 -15.40
C ARG A 349 33.18 -3.60 -14.23
N ALA A 350 33.43 -2.76 -13.23
CA ALA A 350 32.53 -2.63 -12.11
C ALA A 350 32.58 -1.26 -11.47
N ILE A 351 31.52 -0.95 -10.73
CA ILE A 351 31.44 0.26 -9.90
C ILE A 351 31.33 -0.09 -8.41
N ASP A 352 32.15 0.53 -7.57
CA ASP A 352 32.01 0.40 -6.12
C ASP A 352 30.97 1.44 -5.74
N CYS A 353 29.74 0.97 -5.40
CA CYS A 353 28.64 1.92 -5.25
C CYS A 353 28.74 2.83 -4.05
N GLY A 354 29.70 2.55 -3.16
CA GLY A 354 29.84 3.43 -2.01
C GLY A 354 31.09 4.29 -2.07
N PHE A 355 31.83 4.25 -3.17
CA PHE A 355 33.08 4.99 -3.28
C PHE A 355 32.92 6.49 -3.22
N ASN A 356 32.04 7.01 -4.05
CA ASN A 356 31.75 8.41 -4.09
C ASN A 356 30.33 8.60 -4.57
N ASP A 357 29.93 9.84 -4.69
CA ASP A 357 28.59 10.20 -5.10
C ASP A 357 28.30 9.91 -6.57
N LEU A 358 29.33 10.00 -7.37
CA LEU A 358 29.19 9.70 -8.80
C LEU A 358 28.94 8.21 -8.94
N SER A 359 29.64 7.41 -8.15
CA SER A 359 29.46 5.97 -8.21
C SER A 359 28.06 5.59 -7.76
N GLN A 360 27.54 6.31 -6.75
CA GLN A 360 26.20 6.03 -6.25
C GLN A 360 25.20 6.26 -7.34
N LEU A 361 25.44 7.30 -8.15
CA LEU A 361 24.56 7.63 -9.26
C LEU A 361 24.52 6.47 -10.25
N HIS A 362 25.69 5.96 -10.62
CA HIS A 362 25.70 4.88 -11.60
C HIS A 362 25.01 3.67 -11.09
N CYS A 363 25.19 3.39 -9.81
CA CYS A 363 24.53 2.23 -9.26
C CYS A 363 23.03 2.39 -9.22
N SER A 364 22.53 3.59 -8.91
CA SER A 364 21.08 3.76 -8.80
C SER A 364 20.36 3.57 -10.10
N TYR A 365 21.07 3.79 -11.21
CA TYR A 365 20.47 3.58 -12.52
C TYR A 365 20.88 2.27 -13.11
N GLU A 366 21.68 1.51 -12.36
CA GLU A 366 22.26 0.25 -12.76
C GLU A 366 22.91 0.34 -14.13
N SER A 367 23.70 1.38 -14.31
CA SER A 367 24.34 1.59 -15.59
C SER A 367 25.63 2.32 -15.48
N PHE A 368 26.52 2.08 -16.43
CA PHE A 368 27.80 2.77 -16.45
C PHE A 368 27.73 4.09 -17.19
N ASP A 369 26.58 4.31 -17.82
CA ASP A 369 26.34 5.52 -18.56
C ASP A 369 24.99 6.07 -18.20
N VAL A 370 24.98 7.24 -17.60
CA VAL A 370 23.76 7.86 -17.19
C VAL A 370 23.76 9.19 -17.90
N GLU A 371 22.61 9.80 -18.04
CA GLU A 371 22.49 11.07 -18.71
C GLU A 371 23.00 12.21 -17.87
N SER A 372 23.35 13.31 -18.53
CA SER A 372 23.81 14.50 -17.83
C SER A 372 22.68 15.10 -17.00
N GLY A 373 23.04 15.67 -15.88
CA GLY A 373 22.02 16.30 -15.06
C GLY A 373 22.50 16.50 -13.65
N VAL A 374 21.63 17.01 -12.82
CA VAL A 374 21.96 17.21 -11.43
C VAL A 374 21.06 16.25 -10.68
N TYR A 375 21.68 15.37 -9.88
CA TYR A 375 20.94 14.32 -9.20
C TYR A 375 21.16 14.29 -7.73
N SER A 376 20.15 13.98 -6.97
CA SER A 376 20.35 13.81 -5.54
C SER A 376 20.80 12.40 -5.28
N VAL A 377 21.76 12.28 -4.38
CA VAL A 377 22.31 10.99 -3.98
C VAL A 377 22.31 10.91 -2.47
N SER A 378 22.67 9.76 -1.93
CA SER A 378 22.68 9.64 -0.50
C SER A 378 23.53 10.72 0.15
N SER A 379 23.04 11.22 1.29
CA SER A 379 23.71 12.26 2.04
C SER A 379 25.00 11.79 2.61
N PHE A 380 25.86 12.72 2.92
CA PHE A 380 27.12 12.36 3.51
C PHE A 380 26.84 12.29 5.02
N GLU A 381 26.91 11.10 5.57
CA GLU A 381 26.50 10.88 6.94
C GLU A 381 27.47 11.44 7.95
N ALA A 382 26.91 12.01 9.00
CA ALA A 382 27.72 12.38 10.13
C ALA A 382 27.93 11.09 10.89
N LYS A 383 29.11 10.86 11.45
CA LYS A 383 29.29 9.63 12.18
C LYS A 383 29.64 9.99 13.61
N PRO A 384 29.32 9.12 14.60
CA PRO A 384 29.70 9.32 15.96
C PRO A 384 31.18 9.40 16.13
N SER A 385 31.58 10.30 17.00
CA SER A 385 32.94 10.59 17.39
C SER A 385 33.21 10.08 18.80
N GLY A 386 32.22 9.45 19.37
CA GLY A 386 32.27 8.96 20.75
C GLY A 386 30.88 8.59 21.22
N SER A 387 30.74 8.46 22.53
CA SER A 387 29.47 8.09 23.13
C SER A 387 29.30 8.71 24.51
N VAL A 388 28.05 8.92 24.93
CA VAL A 388 27.76 9.38 26.28
C VAL A 388 26.82 8.40 26.95
N VAL A 389 27.09 8.10 28.21
CA VAL A 389 26.21 7.19 28.92
C VAL A 389 25.86 7.68 30.31
N GLU A 390 24.58 7.63 30.64
CA GLU A 390 24.14 7.90 32.00
C GLU A 390 23.22 6.77 32.41
N GLN A 391 23.45 6.20 33.59
CA GLN A 391 22.60 5.13 34.10
C GLN A 391 22.37 5.37 35.56
N ALA A 392 21.30 4.84 36.11
CA ALA A 392 21.19 4.93 37.54
C ALA A 392 22.36 4.11 38.09
N GLU A 393 23.05 4.63 39.08
CA GLU A 393 24.14 3.90 39.71
C GLU A 393 23.94 3.99 41.19
N GLY A 394 23.88 2.86 41.87
CA GLY A 394 23.64 2.94 43.30
C GLY A 394 23.41 1.60 43.95
N VAL A 395 22.23 1.49 44.53
CA VAL A 395 21.79 0.33 45.27
C VAL A 395 21.59 -0.85 44.34
N GLU A 396 21.92 -2.04 44.85
CA GLU A 396 21.72 -3.27 44.08
C GLU A 396 20.20 -3.59 44.16
N CYS A 397 19.78 -4.30 43.05
CA CYS A 397 18.18 -4.59 43.38
C CYS A 397 18.47 -5.98 44.18
N ASP A 398 17.39 -5.72 45.27
CA ASP A 398 17.41 -6.69 46.39
C ASP A 398 16.53 -7.90 46.23
N PHE A 399 17.17 -9.06 46.04
CA PHE A 399 16.45 -10.30 45.82
C PHE A 399 16.45 -11.11 47.10
N SER A 400 16.84 -10.49 48.21
CA SER A 400 16.89 -11.22 49.44
C SER A 400 15.58 -11.85 49.90
N PRO A 401 14.42 -11.17 49.94
CA PRO A 401 13.14 -11.75 50.36
C PRO A 401 12.88 -13.13 49.82
N LEU A 402 13.28 -13.30 48.57
CA LEU A 402 13.12 -14.50 47.77
C LEU A 402 13.78 -15.70 48.40
N LEU A 403 14.89 -15.44 49.06
CA LEU A 403 15.75 -16.46 49.61
C LEU A 403 15.43 -16.81 51.06
N SER A 404 14.39 -16.22 51.65
CA SER A 404 14.13 -16.49 53.06
C SER A 404 12.73 -16.94 53.41
N GLY A 405 12.63 -18.16 53.88
CA GLY A 405 11.35 -18.74 54.27
C GLY A 405 10.76 -19.62 53.20
N THR A 406 9.53 -20.06 53.42
CA THR A 406 8.88 -20.97 52.50
C THR A 406 8.26 -20.15 51.37
N PRO A 407 8.56 -20.39 50.09
CA PRO A 407 7.98 -19.71 48.97
C PRO A 407 6.51 -20.02 48.95
N PRO A 408 5.69 -19.17 48.40
CA PRO A 408 4.27 -19.31 48.27
C PRO A 408 3.92 -20.32 47.23
N GLN A 409 2.69 -20.74 47.23
CA GLN A 409 2.18 -21.60 46.18
C GLN A 409 1.94 -20.76 44.95
N VAL A 410 1.84 -21.38 43.80
CA VAL A 410 1.65 -20.68 42.54
C VAL A 410 0.51 -19.66 42.48
N TYR A 411 -0.56 -19.86 43.23
CA TYR A 411 -1.68 -18.91 43.18
C TYR A 411 -1.49 -17.74 44.13
N ASN A 412 -0.52 -17.86 45.00
CA ASN A 412 -0.17 -16.85 45.98
C ASN A 412 1.22 -16.31 45.71
N PHE A 413 1.63 -16.27 44.46
CA PHE A 413 2.98 -15.88 44.15
C PHE A 413 3.31 -14.54 44.75
N LYS A 414 4.58 -14.37 45.11
CA LYS A 414 4.97 -13.08 45.67
C LYS A 414 5.69 -12.29 44.65
N ARG A 415 5.49 -10.99 44.73
CA ARG A 415 6.06 -10.10 43.76
C ARG A 415 7.03 -9.09 44.30
N LEU A 416 8.20 -9.08 43.68
CA LEU A 416 9.24 -8.13 44.00
C LEU A 416 9.35 -7.16 42.85
N VAL A 417 9.14 -5.87 43.10
CA VAL A 417 9.21 -4.91 42.02
C VAL A 417 10.43 -4.08 42.18
N PHE A 418 11.26 -4.08 41.15
CA PHE A 418 12.51 -3.39 41.18
C PHE A 418 12.53 -2.19 40.30
N THR A 419 12.82 -1.05 40.90
CA THR A 419 12.95 0.22 40.20
C THR A 419 14.19 0.91 40.74
N ASN A 420 14.82 1.80 39.96
CA ASN A 420 15.94 2.59 40.45
C ASN A 420 17.02 1.78 41.17
N CYS A 421 17.52 0.75 40.51
CA CYS A 421 18.53 -0.11 41.09
C CYS A 421 19.38 -0.80 40.03
N ASN A 422 20.48 -1.39 40.47
CA ASN A 422 21.33 -2.14 39.57
C ASN A 422 21.03 -3.62 39.64
N TYR A 423 20.69 -4.23 38.52
CA TYR A 423 20.31 -5.62 38.61
C TYR A 423 21.40 -6.49 38.10
N ASN A 424 21.36 -7.70 38.60
CA ASN A 424 22.28 -8.73 38.12
C ASN A 424 21.54 -10.09 38.27
N LEU A 425 21.21 -10.61 37.03
CA LEU A 425 20.44 -11.84 37.10
C LEU A 425 21.31 -13.01 37.49
N THR A 426 22.59 -12.96 37.14
CA THR A 426 23.51 -14.05 37.46
C THR A 426 23.56 -14.22 38.96
N LYS A 427 23.52 -13.10 39.67
CA LYS A 427 23.57 -13.10 41.13
C LYS A 427 22.46 -13.94 41.71
N LEU A 428 21.29 -13.93 41.07
CA LEU A 428 20.16 -14.71 41.54
C LEU A 428 20.16 -16.13 40.96
N LEU A 429 20.46 -16.25 39.67
CA LEU A 429 20.42 -17.51 38.95
C LEU A 429 21.43 -18.48 39.48
N SER A 430 22.58 -17.96 39.90
CA SER A 430 23.69 -18.73 40.41
C SER A 430 23.40 -19.42 41.71
N LEU A 431 22.33 -19.01 42.38
CA LEU A 431 21.96 -19.61 43.64
C LEU A 431 21.02 -20.80 43.45
N PHE A 432 20.57 -21.06 42.22
CA PHE A 432 19.62 -22.15 42.01
C PHE A 432 20.11 -23.08 40.93
N SER A 433 19.65 -24.31 40.95
CA SER A 433 19.98 -25.15 39.82
C SER A 433 18.90 -24.92 38.77
N VAL A 434 19.22 -24.18 37.73
CA VAL A 434 18.21 -23.80 36.79
C VAL A 434 17.89 -24.92 35.88
N ASN A 435 16.62 -25.24 35.77
CA ASN A 435 16.20 -26.32 34.94
C ASN A 435 15.74 -25.82 33.59
N ASP A 436 15.09 -24.66 33.59
CA ASP A 436 14.55 -24.16 32.33
C ASP A 436 14.45 -22.64 32.35
N PHE A 437 15.26 -21.95 31.56
CA PHE A 437 15.20 -20.47 31.54
C PHE A 437 14.91 -20.00 30.13
N THR A 438 13.70 -19.52 29.88
CA THR A 438 13.34 -19.05 28.53
C THR A 438 12.75 -17.68 28.56
N CYS A 439 12.90 -16.98 27.44
CA CYS A 439 12.37 -15.63 27.29
C CYS A 439 11.45 -15.47 26.11
N SER A 440 10.55 -14.52 26.22
CA SER A 440 9.55 -14.16 25.23
C SER A 440 9.41 -12.68 25.04
N GLN A 441 9.53 -12.28 23.77
CA GLN A 441 9.49 -10.89 23.29
C GLN A 441 10.67 -10.07 23.78
N ILE A 442 11.74 -10.75 24.14
CA ILE A 442 13.01 -10.17 24.51
C ILE A 442 14.04 -11.24 24.28
N SER A 443 15.20 -10.89 23.76
CA SER A 443 16.22 -11.91 23.60
C SER A 443 16.83 -12.27 24.92
N PRO A 444 17.37 -13.46 25.10
CA PRO A 444 18.28 -13.90 26.13
C PRO A 444 19.42 -12.99 26.49
N ALA A 445 20.03 -12.37 25.46
CA ALA A 445 21.14 -11.49 25.75
C ALA A 445 20.63 -10.22 26.35
N ALA A 446 19.50 -9.77 25.86
CA ALA A 446 18.86 -8.56 26.29
C ALA A 446 18.30 -8.63 27.69
N ILE A 447 17.78 -9.78 28.11
CA ILE A 447 17.16 -9.79 29.44
C ILE A 447 18.14 -9.44 30.52
N ALA A 448 19.38 -9.86 30.32
CA ALA A 448 20.44 -9.62 31.26
C ALA A 448 21.23 -8.32 31.03
N SER A 449 20.94 -7.56 29.96
CA SER A 449 21.74 -6.38 29.67
C SER A 449 21.02 -5.05 29.43
N ASN A 450 19.71 -5.05 29.23
CA ASN A 450 19.03 -3.80 28.94
C ASN A 450 18.55 -3.07 30.18
N CYS A 451 18.30 -1.77 30.03
CA CYS A 451 17.70 -1.00 31.09
C CYS A 451 16.18 -1.06 31.00
N TYR A 452 15.53 -1.05 32.17
CA TYR A 452 14.08 -1.13 32.22
C TYR A 452 13.48 -0.07 33.13
N SER A 453 12.22 0.29 32.89
CA SER A 453 11.48 1.18 33.81
C SER A 453 11.26 0.45 35.11
N SER A 454 11.00 -0.84 34.96
CA SER A 454 10.80 -1.71 36.10
C SER A 454 11.07 -3.13 35.71
N LEU A 455 11.45 -3.90 36.71
CA LEU A 455 11.57 -5.35 36.55
C LEU A 455 10.70 -5.97 37.63
N ILE A 456 9.78 -6.81 37.25
CA ILE A 456 8.91 -7.44 38.21
C ILE A 456 9.19 -8.91 38.29
N LEU A 457 9.54 -9.36 39.48
CA LEU A 457 9.86 -10.76 39.73
C LEU A 457 8.82 -11.47 40.57
N ASP A 458 8.15 -12.46 39.98
CA ASP A 458 7.10 -13.24 40.63
C ASP A 458 7.60 -14.62 41.03
N TYR A 459 7.73 -14.90 42.32
CA TYR A 459 8.30 -16.21 42.65
C TYR A 459 7.35 -17.07 43.43
N PHE A 460 7.45 -18.37 43.18
CA PHE A 460 6.60 -19.35 43.83
C PHE A 460 7.11 -20.77 43.78
N SER A 461 6.61 -21.63 44.65
CA SER A 461 6.92 -23.04 44.59
C SER A 461 6.24 -23.62 43.36
N TYR A 462 6.89 -24.52 42.65
CA TYR A 462 6.25 -25.10 41.48
C TYR A 462 6.90 -26.41 41.11
N PRO A 463 6.17 -27.52 40.97
CA PRO A 463 6.73 -28.79 40.62
C PRO A 463 7.21 -28.71 39.19
N LEU A 464 8.32 -29.37 38.88
CA LEU A 464 8.85 -29.31 37.53
C LEU A 464 8.04 -30.20 36.63
N SER A 465 7.35 -31.16 37.23
CA SER A 465 6.52 -32.08 36.50
C SER A 465 5.34 -31.40 35.83
N MET A 466 5.03 -30.17 36.26
CA MET A 466 3.94 -29.40 35.67
C MET A 466 4.46 -28.27 34.80
N LYS A 467 5.74 -28.34 34.40
CA LYS A 467 6.43 -27.35 33.58
C LYS A 467 5.61 -26.79 32.45
N SER A 468 5.00 -27.69 31.69
CA SER A 468 4.25 -27.34 30.50
C SER A 468 2.98 -26.58 30.76
N ASP A 469 2.49 -26.63 31.99
CA ASP A 469 1.23 -26.00 32.34
C ASP A 469 1.41 -24.48 32.41
N LEU A 470 2.66 -24.02 32.40
CA LEU A 470 2.98 -22.58 32.43
C LEU A 470 3.19 -22.02 31.02
N SER A 471 3.03 -22.86 30.01
CA SER A 471 3.18 -22.43 28.63
C SER A 471 2.04 -21.50 28.23
N VAL A 472 2.31 -20.55 27.35
CA VAL A 472 1.28 -19.62 26.89
C VAL A 472 0.11 -20.36 26.23
N SER A 473 0.43 -21.40 25.48
CA SER A 473 -0.53 -22.22 24.78
C SER A 473 -1.34 -23.17 25.67
N SER A 474 -0.95 -23.30 26.93
CA SER A 474 -1.61 -24.21 27.83
C SER A 474 -3.04 -23.84 28.21
N ALA A 475 -3.86 -24.87 28.27
CA ALA A 475 -5.23 -24.76 28.69
C ALA A 475 -5.48 -25.50 29.98
N GLY A 476 -4.39 -25.80 30.70
CA GLY A 476 -4.55 -26.50 31.95
C GLY A 476 -4.81 -25.50 33.09
N PRO A 477 -5.01 -25.98 34.31
CA PRO A 477 -5.31 -25.25 35.53
C PRO A 477 -4.34 -24.16 35.94
N ILE A 478 -3.05 -24.29 35.64
CA ILE A 478 -2.17 -23.23 36.10
C ILE A 478 -2.38 -21.99 35.30
N SER A 479 -2.40 -22.15 33.99
CA SER A 479 -2.60 -20.97 33.18
C SER A 479 -4.02 -20.44 33.21
N GLN A 480 -4.99 -21.28 33.58
CA GLN A 480 -6.32 -20.74 33.63
C GLN A 480 -6.73 -20.18 34.97
N PHE A 481 -6.24 -20.74 36.07
CA PHE A 481 -6.69 -20.26 37.37
C PHE A 481 -5.63 -19.80 38.34
N ASN A 482 -4.35 -19.99 38.07
CA ASN A 482 -3.37 -19.70 39.09
C ASN A 482 -2.40 -18.60 38.76
N TYR A 483 -1.74 -18.73 37.62
CA TYR A 483 -0.72 -17.79 37.24
C TYR A 483 -0.58 -17.67 35.74
N LYS A 484 -0.60 -16.45 35.26
CA LYS A 484 -0.46 -16.18 33.85
C LYS A 484 0.46 -15.00 33.65
N GLN A 485 1.40 -15.15 32.70
CA GLN A 485 2.34 -14.08 32.39
C GLN A 485 1.78 -13.09 31.39
N SER A 486 2.30 -11.88 31.41
CA SER A 486 1.89 -10.83 30.51
C SER A 486 2.07 -11.16 29.07
N PHE A 487 1.12 -10.71 28.26
CA PHE A 487 1.24 -10.88 26.82
C PHE A 487 1.77 -9.60 26.20
N SER A 488 1.77 -8.52 26.99
CA SER A 488 2.13 -7.20 26.50
C SER A 488 3.57 -6.83 26.77
N ASN A 489 4.05 -7.18 27.94
CA ASN A 489 5.39 -6.85 28.31
C ASN A 489 6.24 -8.03 27.96
N PRO A 490 7.53 -7.88 27.68
CA PRO A 490 8.45 -8.97 27.57
C PRO A 490 8.55 -9.72 28.86
N THR A 491 8.62 -11.03 28.77
CA THR A 491 8.72 -11.85 29.97
C THR A 491 9.71 -12.98 29.86
N CYS A 492 10.17 -13.44 30.99
CA CYS A 492 10.97 -14.65 31.07
C CYS A 492 10.39 -15.57 32.13
N LEU A 493 10.57 -16.85 31.95
CA LEU A 493 10.18 -17.82 32.95
C LEU A 493 11.35 -18.70 33.31
N ILE A 494 11.63 -18.75 34.60
CA ILE A 494 12.70 -19.57 35.10
C ILE A 494 12.16 -20.63 36.01
N LEU A 495 12.49 -21.86 35.72
CA LEU A 495 12.14 -22.96 36.60
C LEU A 495 13.43 -23.46 37.15
N ALA A 496 13.54 -23.53 38.46
CA ALA A 496 14.80 -23.92 39.07
C ALA A 496 14.62 -24.67 40.36
N THR A 497 15.61 -25.46 40.70
CA THR A 497 15.61 -26.25 41.91
C THR A 497 16.48 -25.66 42.99
N VAL A 498 15.95 -25.62 44.20
CA VAL A 498 16.67 -25.09 45.33
C VAL A 498 17.73 -26.13 45.73
N PRO A 499 19.03 -25.78 45.78
CA PRO A 499 20.15 -26.62 46.16
C PRO A 499 20.03 -27.06 47.59
N HIS A 500 20.66 -28.17 47.94
CA HIS A 500 20.58 -28.69 49.31
C HIS A 500 21.20 -27.76 50.32
N ASN A 501 22.18 -26.96 49.91
CA ASN A 501 22.81 -26.10 50.86
C ASN A 501 22.24 -24.67 50.90
N LEU A 502 21.13 -24.47 50.14
CA LEU A 502 20.53 -23.15 50.22
C LEU A 502 19.48 -23.28 51.33
N THR A 503 19.94 -23.20 52.56
CA THR A 503 19.14 -23.59 53.73
C THR A 503 18.22 -22.54 54.24
N THR A 504 18.25 -21.41 53.58
CA THR A 504 17.41 -20.31 53.97
C THR A 504 16.01 -20.41 53.35
N ILE A 505 15.86 -21.27 52.31
CA ILE A 505 14.55 -21.47 51.68
C ILE A 505 14.01 -22.77 52.20
N THR A 506 12.82 -22.72 52.76
CA THR A 506 12.25 -23.92 53.37
C THR A 506 11.18 -24.48 52.46
N LYS A 507 10.71 -25.68 52.73
CA LYS A 507 9.75 -26.25 51.83
C LYS A 507 8.38 -26.27 52.45
N PRO A 508 7.32 -26.14 51.66
CA PRO A 508 5.97 -26.34 52.06
C PRO A 508 5.80 -27.85 52.16
N LEU A 509 4.70 -28.30 52.71
CA LEU A 509 4.43 -29.73 52.79
C LEU A 509 4.17 -30.37 51.45
N LYS A 510 3.57 -29.62 50.56
CA LYS A 510 3.19 -30.12 49.26
C LYS A 510 3.07 -28.95 48.33
N TYR A 511 3.06 -29.22 47.02
CA TYR A 511 2.83 -28.15 46.08
C TYR A 511 1.31 -28.12 45.91
N SER A 512 0.71 -26.96 45.69
CA SER A 512 -0.72 -27.00 45.44
C SER A 512 -1.15 -25.95 44.48
N TYR A 513 -2.33 -26.14 43.96
CA TYR A 513 -2.87 -25.24 42.99
C TYR A 513 -4.37 -25.26 42.96
N ILE A 514 -4.93 -24.27 42.32
CA ILE A 514 -6.35 -24.19 42.12
C ILE A 514 -6.68 -24.91 40.82
N ASN A 515 -7.61 -25.86 40.83
CA ASN A 515 -7.94 -26.51 39.58
C ASN A 515 -9.31 -26.06 39.09
N LYS A 516 -9.98 -25.32 39.94
CA LYS A 516 -11.28 -24.78 39.61
C LYS A 516 -11.44 -23.48 40.30
N CYS A 517 -11.99 -22.50 39.62
CA CYS A 517 -12.33 -21.22 40.17
C CYS A 517 -13.51 -20.68 39.39
N SER A 518 -14.63 -20.46 40.02
CA SER A 518 -15.83 -20.05 39.30
C SER A 518 -16.83 -19.30 40.14
N ARG A 519 -17.75 -18.62 39.50
CA ARG A 519 -18.82 -17.99 40.22
C ARG A 519 -20.14 -18.59 39.91
N LEU A 520 -20.92 -18.76 40.95
CA LEU A 520 -22.26 -19.25 40.82
C LEU A 520 -23.10 -18.01 40.92
N LEU A 521 -23.94 -17.79 39.94
CA LEU A 521 -24.71 -16.57 39.93
C LEU A 521 -25.92 -16.73 40.81
N SER A 522 -26.64 -15.65 41.09
CA SER A 522 -27.77 -15.68 42.03
C SER A 522 -28.86 -16.70 41.70
N ASP A 523 -29.01 -17.04 40.43
CA ASP A 523 -29.99 -18.03 40.00
C ASP A 523 -29.65 -19.47 40.37
N ASP A 524 -28.38 -19.70 40.66
CA ASP A 524 -27.79 -20.98 41.00
C ASP A 524 -27.98 -22.01 39.91
N ARG A 525 -27.98 -21.56 38.65
CA ARG A 525 -28.06 -22.44 37.52
C ARG A 525 -26.80 -22.27 36.69
N THR A 526 -26.34 -21.01 36.63
CA THR A 526 -25.18 -20.68 35.83
C THR A 526 -23.94 -20.52 36.64
N GLU A 527 -22.91 -21.21 36.16
CA GLU A 527 -21.59 -21.21 36.72
C GLU A 527 -20.63 -20.60 35.70
N VAL A 528 -19.89 -19.59 36.13
CA VAL A 528 -18.98 -18.88 35.25
C VAL A 528 -17.53 -19.01 35.69
N PRO A 529 -16.67 -19.70 34.94
CA PRO A 529 -15.27 -19.87 35.24
C PRO A 529 -14.62 -18.52 35.38
N GLN A 530 -13.81 -18.39 36.42
CA GLN A 530 -13.12 -17.13 36.68
C GLN A 530 -11.68 -17.26 36.33
N LEU A 531 -11.33 -16.81 35.15
CA LEU A 531 -9.98 -17.05 34.71
C LEU A 531 -9.08 -16.00 35.26
N VAL A 532 -7.84 -16.37 35.51
CA VAL A 532 -6.87 -15.44 36.03
C VAL A 532 -6.38 -14.53 34.91
N ASN A 533 -6.20 -13.25 35.22
CA ASN A 533 -5.69 -12.32 34.25
C ASN A 533 -4.18 -12.31 34.33
N ALA A 534 -3.51 -11.91 33.26
CA ALA A 534 -2.07 -11.87 33.33
C ALA A 534 -1.63 -10.89 34.38
N ASN A 535 -0.62 -11.32 35.14
CA ASN A 535 0.00 -10.59 36.23
C ASN A 535 -0.91 -10.32 37.41
N GLN A 536 -2.05 -10.99 37.47
CA GLN A 536 -2.96 -10.78 38.59
C GLN A 536 -3.16 -12.03 39.38
N TYR A 537 -3.86 -11.89 40.47
CA TYR A 537 -4.21 -13.02 41.29
C TYR A 537 -5.62 -13.45 40.95
N SER A 538 -5.88 -14.71 41.03
CA SER A 538 -7.20 -15.29 40.85
C SER A 538 -8.15 -14.77 41.90
N PRO A 539 -9.43 -14.52 41.61
CA PRO A 539 -10.41 -14.06 42.58
C PRO A 539 -10.62 -15.06 43.71
N CYS A 540 -10.28 -16.31 43.46
CA CYS A 540 -10.43 -17.38 44.43
C CYS A 540 -9.31 -17.45 45.42
N VAL A 541 -8.31 -16.61 45.27
CA VAL A 541 -7.20 -16.64 46.18
C VAL A 541 -7.65 -16.39 47.60
N SER A 542 -8.64 -15.53 47.79
CA SER A 542 -9.13 -15.27 49.10
C SER A 542 -9.87 -16.45 49.76
N ILE A 543 -10.30 -17.46 48.98
CA ILE A 543 -11.02 -18.57 49.60
C ILE A 543 -10.14 -19.81 49.72
N VAL A 544 -9.09 -19.88 48.90
CA VAL A 544 -8.18 -20.98 48.90
C VAL A 544 -7.06 -20.74 49.94
N PRO A 545 -6.82 -21.65 50.88
CA PRO A 545 -5.80 -21.59 51.92
C PRO A 545 -4.41 -21.55 51.31
N SER A 546 -3.42 -21.09 52.08
CA SER A 546 -2.08 -21.01 51.54
C SER A 546 -1.53 -22.36 51.11
N THR A 547 -2.00 -23.42 51.72
CA THR A 547 -1.65 -24.78 51.31
C THR A 547 -2.97 -25.53 51.19
N VAL A 548 -3.21 -26.23 50.08
CA VAL A 548 -4.43 -27.02 49.99
C VAL A 548 -4.24 -28.20 50.90
N TRP A 549 -5.19 -28.47 51.79
CA TRP A 549 -4.99 -29.59 52.71
C TRP A 549 -4.90 -30.91 51.96
N GLU A 550 -5.90 -31.19 51.14
CA GLU A 550 -5.84 -32.40 50.35
C GLU A 550 -6.46 -32.19 48.99
N ASP A 551 -6.05 -33.01 48.06
CA ASP A 551 -6.56 -32.90 46.72
C ASP A 551 -8.05 -33.08 46.73
N GLY A 552 -8.78 -32.17 46.07
CA GLY A 552 -10.23 -32.24 46.03
C GLY A 552 -10.94 -31.29 46.99
N ASP A 553 -10.20 -30.61 47.86
CA ASP A 553 -10.86 -29.69 48.79
C ASP A 553 -11.65 -28.66 48.04
N TYR A 554 -12.87 -28.42 48.50
CA TYR A 554 -13.75 -27.47 47.85
C TYR A 554 -13.96 -26.29 48.75
N TYR A 555 -13.86 -25.11 48.18
CA TYR A 555 -13.97 -23.87 48.91
C TYR A 555 -15.13 -23.08 48.40
N ARG A 556 -15.79 -22.33 49.32
CA ARG A 556 -16.87 -21.47 48.89
C ARG A 556 -16.98 -20.22 49.74
N LYS A 557 -17.29 -19.09 49.07
CA LYS A 557 -17.57 -17.83 49.73
C LYS A 557 -18.89 -17.25 49.26
N GLN A 558 -19.69 -16.76 50.18
CA GLN A 558 -20.92 -16.06 49.79
C GLN A 558 -20.51 -14.65 49.42
N LEU A 559 -20.87 -14.20 48.23
CA LEU A 559 -20.51 -12.85 47.80
C LEU A 559 -21.58 -11.85 48.20
N SER A 560 -21.12 -10.63 48.51
CA SER A 560 -22.06 -9.57 48.84
C SER A 560 -22.66 -9.04 47.56
N PRO A 561 -23.74 -8.25 47.58
CA PRO A 561 -24.33 -7.61 46.42
C PRO A 561 -23.38 -6.73 45.62
N LEU A 562 -22.36 -6.19 46.28
CA LEU A 562 -21.39 -5.28 45.65
C LEU A 562 -20.38 -5.99 44.80
N GLU A 563 -20.35 -7.29 45.04
CA GLU A 563 -19.48 -8.24 44.38
C GLU A 563 -20.28 -9.01 43.32
N GLY A 564 -21.55 -8.61 43.15
CA GLY A 564 -22.44 -9.23 42.19
C GLY A 564 -23.33 -10.35 42.73
N GLY A 565 -23.17 -10.69 43.99
CA GLY A 565 -23.97 -11.73 44.58
C GLY A 565 -23.52 -13.11 44.16
N GLY A 566 -24.23 -14.11 44.64
CA GLY A 566 -23.87 -15.48 44.28
C GLY A 566 -22.73 -15.98 45.12
N TRP A 567 -22.08 -17.03 44.64
CA TRP A 567 -21.01 -17.69 45.35
C TRP A 567 -19.74 -17.73 44.56
N LEU A 568 -18.63 -17.60 45.22
CA LEU A 568 -17.36 -17.82 44.55
C LEU A 568 -16.92 -19.19 45.01
N VAL A 569 -16.61 -20.09 44.11
CA VAL A 569 -16.19 -21.43 44.55
C VAL A 569 -14.89 -21.83 43.90
N ALA A 570 -14.21 -22.75 44.53
CA ALA A 570 -12.95 -23.22 43.99
C ALA A 570 -12.63 -24.60 44.45
N SER A 571 -11.79 -25.26 43.71
CA SER A 571 -11.30 -26.55 44.15
C SER A 571 -9.80 -26.55 44.09
N GLY A 572 -9.21 -27.13 45.11
CA GLY A 572 -7.77 -27.26 45.17
C GLY A 572 -7.32 -28.63 44.72
N SER A 573 -6.03 -28.73 44.46
CA SER A 573 -5.39 -29.97 44.12
C SER A 573 -3.97 -29.94 44.59
N THR A 574 -3.36 -31.12 44.72
CA THR A 574 -1.99 -31.15 45.22
C THR A 574 -1.04 -32.01 44.42
N VAL A 575 0.24 -31.72 44.59
CA VAL A 575 1.33 -32.50 44.03
C VAL A 575 2.33 -32.84 45.14
N ALA A 576 2.72 -34.10 45.19
CA ALA A 576 3.64 -34.52 46.23
C ALA A 576 4.94 -33.75 46.15
N MET A 577 5.49 -33.43 47.31
CA MET A 577 6.73 -32.71 47.39
C MET A 577 7.91 -33.57 47.04
N THR A 578 8.80 -32.94 46.34
CA THR A 578 10.06 -33.44 45.86
C THR A 578 11.19 -33.30 46.90
N GLU A 579 12.34 -33.97 46.67
CA GLU A 579 13.44 -33.92 47.64
C GLU A 579 14.02 -32.54 47.76
N GLN A 580 14.08 -31.85 46.65
CA GLN A 580 14.56 -30.49 46.60
C GLN A 580 13.40 -29.66 46.14
N LEU A 581 13.19 -28.48 46.69
CA LEU A 581 12.09 -27.66 46.29
C LEU A 581 12.26 -27.10 44.93
N GLN A 582 11.24 -27.23 44.13
CA GLN A 582 11.28 -26.66 42.82
C GLN A 582 10.52 -25.35 42.87
N MET A 583 11.09 -24.31 42.25
CA MET A 583 10.51 -22.97 42.21
C MET A 583 10.41 -22.36 40.83
N GLY A 584 9.35 -21.61 40.61
CA GLY A 584 9.23 -20.83 39.40
C GLY A 584 9.49 -19.37 39.69
N PHE A 585 10.06 -18.69 38.71
CA PHE A 585 10.30 -17.26 38.79
C PHE A 585 9.82 -16.60 37.52
N GLY A 586 8.82 -15.77 37.59
CA GLY A 586 8.43 -15.09 36.38
C GLY A 586 9.10 -13.72 36.37
N ILE A 587 9.58 -13.28 35.24
CA ILE A 587 10.15 -11.94 35.16
C ILE A 587 9.43 -11.15 34.12
N THR A 588 8.93 -10.00 34.47
CA THR A 588 8.28 -9.12 33.50
C THR A 588 9.02 -7.80 33.45
N VAL A 589 9.33 -7.32 32.26
CA VAL A 589 10.03 -6.03 32.21
C VAL A 589 9.30 -5.00 31.41
N GLN A 590 9.32 -3.77 31.90
CA GLN A 590 8.70 -2.65 31.21
C GLN A 590 9.77 -1.69 30.76
N TYR A 591 9.58 -1.12 29.57
CA TYR A 591 10.55 -0.23 28.95
C TYR A 591 10.31 1.26 28.81
N GLY A 592 9.32 1.86 29.46
CA GLY A 592 9.21 3.29 29.27
C GLY A 592 8.03 3.94 29.97
N THR A 593 7.91 3.70 31.26
CA THR A 593 6.84 4.29 32.06
C THR A 593 7.43 5.34 32.95
N ASP A 594 8.74 5.28 33.04
CA ASP A 594 9.58 6.11 33.89
C ASP A 594 10.96 6.10 33.28
N THR A 595 11.88 6.79 33.93
CA THR A 595 13.27 6.74 33.53
C THR A 595 13.68 5.24 33.57
N ASN A 596 14.39 4.70 32.56
CA ASN A 596 14.68 3.27 32.68
C ASN A 596 15.88 3.07 33.57
N SER A 597 15.56 3.10 34.85
CA SER A 597 16.49 3.12 35.95
C SER A 597 16.86 1.77 36.51
N VAL A 598 16.32 0.70 35.94
CA VAL A 598 16.73 -0.63 36.38
C VAL A 598 17.74 -1.09 35.35
N CYS A 599 19.03 -1.01 35.67
CA CYS A 599 20.09 -1.25 34.68
C CYS A 599 21.08 -2.23 35.21
N PRO A 600 21.88 -2.91 34.40
CA PRO A 600 22.99 -3.71 34.84
C PRO A 600 23.94 -2.71 35.45
N LYS A 601 24.82 -3.06 36.38
CA LYS A 601 25.74 -2.00 36.80
C LYS A 601 26.77 -1.77 35.72
N LEU A 602 27.21 -0.54 35.61
CA LEU A 602 28.20 -0.11 34.65
C LEU A 602 29.34 0.66 35.30
N GLU A 603 30.57 0.33 34.93
CA GLU A 603 31.69 1.12 35.41
C GLU A 603 31.83 2.27 34.40
N PHE A 604 31.74 3.51 34.85
CA PHE A 604 31.78 4.63 33.93
C PHE A 604 33.15 5.24 33.72
N ALA A 605 33.44 5.51 32.47
CA ALA A 605 34.65 6.23 32.09
C ALA A 605 34.29 7.72 32.12
N ASN A 606 35.26 8.59 32.31
CA ASN A 606 34.82 10.04 32.33
C ASN A 606 34.86 10.61 30.97
N ASP A 607 35.06 9.84 29.93
CA ASP A 607 34.99 10.32 28.59
C ASP A 607 33.61 10.01 27.99
N THR A 608 32.67 9.55 28.84
CA THR A 608 31.32 9.25 28.40
C THR A 608 30.34 10.22 29.01
N LYS A 609 30.88 11.30 29.48
CA LYS A 609 30.06 12.36 30.04
C LYS A 609 29.57 13.23 28.89
N ILE A 610 28.42 13.89 29.08
CA ILE A 610 27.91 14.78 28.07
C ILE A 610 28.69 16.09 28.02
N ALA A 611 29.00 16.66 29.16
CA ALA A 611 29.65 17.96 29.17
C ALA A 611 30.97 17.93 28.42
N SER A 612 31.67 16.80 28.47
CA SER A 612 32.97 16.69 27.82
C SER A 612 32.90 16.49 26.32
N GLN A 613 31.71 16.25 25.78
CA GLN A 613 31.55 16.01 24.35
C GLN A 613 30.52 16.92 23.69
N LEU A 614 30.32 18.12 24.21
CA LEU A 614 29.32 18.97 23.60
C LEU A 614 29.76 19.38 22.23
N GLY A 615 28.80 19.38 21.31
CA GLY A 615 29.03 19.78 19.93
C GLY A 615 29.41 18.63 19.04
N ASN A 616 29.67 17.48 19.63
CA ASN A 616 30.07 16.33 18.83
C ASN A 616 28.90 15.44 18.54
N CYS A 617 29.04 14.67 17.45
CA CYS A 617 28.00 13.61 17.25
C CYS A 617 28.50 12.40 18.03
N VAL A 618 27.54 11.97 18.91
CA VAL A 618 27.87 10.83 19.75
C VAL A 618 26.72 9.85 19.80
N GLU A 619 27.04 8.61 20.14
CA GLU A 619 25.97 7.68 20.41
C GLU A 619 25.56 7.96 21.85
N TYR A 620 24.32 7.79 22.19
CA TYR A 620 24.01 7.97 23.59
C TYR A 620 23.15 6.88 24.10
N SER A 621 23.28 6.65 25.39
CA SER A 621 22.40 5.77 26.14
C SER A 621 22.15 6.45 27.48
N LEU A 622 20.98 7.03 27.63
CA LEU A 622 20.66 7.77 28.82
C LEU A 622 19.51 7.10 29.52
N TYR A 623 19.77 6.38 30.59
CA TYR A 623 18.74 5.68 31.32
C TYR A 623 17.87 4.88 30.40
N GLY A 624 18.51 4.16 29.50
CA GLY A 624 17.85 3.26 28.57
C GLY A 624 17.37 3.87 27.29
N VAL A 625 17.48 5.18 27.18
CA VAL A 625 17.04 5.87 25.99
C VAL A 625 18.24 6.02 25.09
N SER A 626 18.14 5.63 23.84
CA SER A 626 19.33 5.69 23.01
C SER A 626 19.11 6.16 21.62
N GLY A 627 20.21 6.52 21.01
CA GLY A 627 20.19 7.02 19.66
C GLY A 627 21.46 7.76 19.40
N ARG A 628 21.47 8.60 18.37
CA ARG A 628 22.64 9.38 18.03
C ARG A 628 22.26 10.83 18.03
N GLY A 629 23.18 11.69 18.42
CA GLY A 629 22.91 13.11 18.37
C GLY A 629 24.01 13.96 18.90
N VAL A 630 23.73 15.24 18.90
CA VAL A 630 24.65 16.25 19.33
C VAL A 630 24.09 16.98 20.52
N PHE A 631 24.85 17.04 21.60
CA PHE A 631 24.37 17.72 22.78
C PHE A 631 24.85 19.15 22.79
N GLN A 632 23.99 20.05 23.25
CA GLN A 632 24.36 21.44 23.39
C GLN A 632 23.92 21.97 24.73
N ASN A 633 24.68 22.81 25.35
CA ASN A 633 24.28 23.48 26.56
C ASN A 633 23.22 24.50 26.32
N CYS A 634 22.05 24.49 26.90
CA CYS A 634 21.03 25.44 26.59
C CYS A 634 20.02 25.69 27.70
N THR A 635 19.12 26.63 27.52
CA THR A 635 18.11 26.97 28.51
C THR A 635 17.10 25.85 28.71
N ALA A 636 16.84 25.53 29.97
CA ALA A 636 15.89 24.49 30.32
C ALA A 636 14.48 24.81 29.97
N VAL A 637 13.81 23.81 29.44
CA VAL A 637 12.40 23.82 29.11
C VAL A 637 11.76 22.53 29.60
N GLY A 638 10.46 22.51 29.78
CA GLY A 638 9.80 21.27 30.18
C GLY A 638 9.90 21.09 31.69
N VAL A 639 9.41 19.96 32.19
CA VAL A 639 9.45 19.70 33.62
C VAL A 639 10.74 18.97 33.97
N ARG A 640 11.54 19.53 34.85
CA ARG A 640 12.83 18.96 35.23
C ARG A 640 12.77 17.57 35.76
N GLN A 641 11.75 17.31 36.54
CA GLN A 641 11.58 16.04 37.19
C GLN A 641 11.34 14.90 36.23
N GLN A 642 10.94 15.23 35.00
CA GLN A 642 10.62 14.22 34.03
C GLN A 642 11.82 13.81 33.17
N ARG A 643 12.96 14.50 33.34
CA ARG A 643 14.23 14.18 32.68
C ARG A 643 14.35 14.30 31.16
N PHE A 644 13.46 13.66 30.44
CA PHE A 644 13.54 13.63 28.99
C PHE A 644 12.51 14.52 28.33
N VAL A 645 12.98 15.46 27.51
CA VAL A 645 12.10 16.40 26.82
C VAL A 645 11.92 15.94 25.39
N TYR A 646 10.67 15.79 25.00
CA TYR A 646 10.31 15.36 23.66
C TYR A 646 9.63 16.43 22.86
N ASP A 647 9.78 16.35 21.54
CA ASP A 647 9.08 17.26 20.64
C ASP A 647 7.74 16.68 20.20
N ALA A 648 7.12 17.36 19.25
CA ALA A 648 5.79 17.02 18.75
C ALA A 648 5.78 15.82 17.81
N TYR A 649 6.98 15.33 17.44
CA TYR A 649 7.10 14.16 16.59
C TYR A 649 7.67 13.00 17.42
N GLN A 650 7.69 13.18 18.74
CA GLN A 650 8.20 12.24 19.72
C GLN A 650 9.70 11.96 19.62
N ASN A 651 10.48 12.93 19.15
CA ASN A 651 11.92 12.74 19.13
C ASN A 651 12.45 13.22 20.47
N LEU A 652 13.58 12.70 20.93
CA LEU A 652 14.13 13.29 22.15
C LEU A 652 14.83 14.56 21.73
N VAL A 653 14.46 15.70 22.32
CA VAL A 653 15.05 16.97 21.94
C VAL A 653 15.73 17.69 23.06
N GLY A 654 15.70 17.13 24.25
CA GLY A 654 16.40 17.74 25.33
C GLY A 654 16.50 16.78 26.48
N TYR A 655 17.42 17.08 27.37
CA TYR A 655 17.66 16.21 28.50
C TYR A 655 18.22 16.89 29.71
N TYR A 656 17.64 16.55 30.86
CA TYR A 656 18.17 17.06 32.11
C TYR A 656 19.10 16.02 32.65
N SER A 657 20.36 16.38 32.75
CA SER A 657 21.41 15.47 33.20
C SER A 657 21.56 15.39 34.69
N ASP A 658 22.14 14.28 35.15
CA ASP A 658 22.42 14.21 36.60
C ASP A 658 23.57 15.14 37.02
N ASP A 659 24.29 15.74 36.06
CA ASP A 659 25.34 16.67 36.43
C ASP A 659 24.77 18.08 36.68
N GLY A 660 23.43 18.24 36.58
CA GLY A 660 22.74 19.48 36.85
C GLY A 660 22.42 20.36 35.64
N ASN A 661 23.01 20.03 34.49
CA ASN A 661 22.78 20.83 33.29
C ASN A 661 21.66 20.31 32.43
N TYR A 662 21.08 21.22 31.67
CA TYR A 662 20.11 20.85 30.66
C TYR A 662 20.75 20.95 29.31
N TYR A 663 20.58 19.91 28.53
CA TYR A 663 21.16 19.93 27.22
C TYR A 663 20.08 19.82 26.18
N CYS A 664 20.30 20.50 25.08
CA CYS A 664 19.45 20.37 23.93
C CYS A 664 20.03 19.22 23.17
N LEU A 665 19.19 18.42 22.54
CA LEU A 665 19.71 17.33 21.74
C LEU A 665 19.28 17.52 20.30
N ARG A 666 20.26 17.53 19.43
CA ARG A 666 20.01 17.71 18.02
C ARG A 666 20.39 16.43 17.34
N ALA A 667 19.78 16.12 16.24
CA ALA A 667 20.18 14.89 15.56
C ALA A 667 21.56 15.06 15.00
N CYS A 668 22.31 13.97 14.87
CA CYS A 668 23.51 14.14 14.12
C CYS A 668 22.87 14.44 12.78
N VAL A 669 23.31 15.47 12.09
CA VAL A 669 22.68 15.86 10.84
C VAL A 669 23.46 15.51 9.69
N SER A 670 22.79 14.93 8.72
CA SER A 670 23.51 14.56 7.54
C SER A 670 23.75 15.76 6.66
N VAL A 671 24.74 15.65 5.80
CA VAL A 671 25.08 16.69 4.86
C VAL A 671 24.54 16.37 3.48
N PRO A 672 23.53 17.08 2.98
CA PRO A 672 22.94 16.90 1.65
C PRO A 672 23.95 16.73 0.55
N VAL A 673 23.72 15.85 -0.40
CA VAL A 673 24.61 15.74 -1.55
C VAL A 673 23.87 15.66 -2.90
N SER A 674 24.27 16.49 -3.84
CA SER A 674 23.76 16.44 -5.21
C SER A 674 24.96 16.31 -6.14
N VAL A 675 24.84 15.47 -7.14
CA VAL A 675 25.95 15.29 -8.07
C VAL A 675 25.63 16.00 -9.33
N ILE A 676 26.55 16.82 -9.77
CA ILE A 676 26.38 17.57 -11.00
C ILE A 676 27.19 16.79 -12.03
N TYR A 677 26.54 16.20 -13.03
CA TYR A 677 27.29 15.34 -13.96
C TYR A 677 27.10 15.65 -15.41
N ASP A 678 28.22 15.69 -16.11
CA ASP A 678 28.18 15.90 -17.55
C ASP A 678 28.74 14.68 -18.28
N LYS A 679 27.81 14.01 -18.96
CA LYS A 679 28.04 12.76 -19.69
C LYS A 679 29.06 12.87 -20.81
N GLU A 680 29.04 13.98 -21.52
CA GLU A 680 29.95 14.21 -22.63
C GLU A 680 31.38 14.41 -22.18
N THR A 681 31.56 15.10 -21.06
CA THR A 681 32.92 15.32 -20.60
C THR A 681 33.37 14.28 -19.61
N LYS A 682 32.43 13.50 -19.05
CA LYS A 682 32.78 12.55 -18.00
C LYS A 682 33.39 13.29 -16.79
N THR A 683 32.78 14.40 -16.43
CA THR A 683 33.24 15.19 -15.29
C THR A 683 32.09 15.45 -14.37
N HIS A 684 32.41 15.80 -13.13
CA HIS A 684 31.37 16.11 -12.19
C HIS A 684 31.82 17.06 -11.12
N ALA A 685 30.84 17.55 -10.42
CA ALA A 685 31.02 18.46 -9.29
C ALA A 685 30.03 18.07 -8.22
N THR A 686 30.33 18.36 -6.98
CA THR A 686 29.45 17.96 -5.89
C THR A 686 28.86 19.16 -5.18
N LEU A 687 27.54 19.19 -5.07
CA LEU A 687 26.85 20.27 -4.35
C LEU A 687 26.30 19.80 -3.05
N PHE A 688 26.65 20.52 -2.01
CA PHE A 688 26.18 20.26 -0.68
C PHE A 688 25.16 21.30 -0.35
N GLY A 689 23.93 21.03 -0.72
CA GLY A 689 22.95 22.07 -0.68
C GLY A 689 22.65 22.44 0.72
N SER A 690 22.50 23.73 0.95
CA SER A 690 22.15 24.28 2.27
C SER A 690 23.28 24.25 3.27
N VAL A 691 24.46 23.81 2.86
CA VAL A 691 25.58 23.67 3.77
C VAL A 691 26.63 24.75 3.62
N ALA A 692 27.03 25.36 4.74
CA ALA A 692 28.14 26.31 4.65
C ALA A 692 29.43 25.52 4.42
N CYS A 693 30.37 26.07 3.64
CA CYS A 693 31.60 25.36 3.31
C CYS A 693 32.54 25.15 4.49
N GLU A 694 32.21 25.72 5.63
CA GLU A 694 33.02 25.53 6.82
C GLU A 694 33.01 24.06 7.26
N HIS A 695 32.01 23.30 6.78
CA HIS A 695 31.89 21.88 7.11
C HIS A 695 32.47 20.98 6.03
N ILE A 696 32.99 21.57 4.96
CA ILE A 696 33.44 20.74 3.86
C ILE A 696 34.94 20.97 3.65
N TYR A 718 41.45 23.68 -6.60
CA TYR A 718 40.65 24.68 -5.90
C TYR A 718 39.97 24.10 -4.68
N GLY A 719 39.72 24.94 -3.70
CA GLY A 719 39.04 24.53 -2.48
C GLY A 719 37.55 24.60 -2.76
N PRO A 720 36.70 24.44 -1.74
CA PRO A 720 35.25 24.48 -1.85
C PRO A 720 34.79 25.89 -2.17
N LEU A 721 33.72 26.01 -2.98
CA LEU A 721 33.15 27.30 -3.36
C LEU A 721 31.79 27.55 -2.72
N GLN A 722 31.62 28.65 -2.02
CA GLN A 722 30.31 28.87 -1.39
C GLN A 722 29.42 29.55 -2.40
N THR A 723 28.24 28.98 -2.67
CA THR A 723 27.33 29.58 -3.63
C THR A 723 26.00 29.83 -2.93
N PRO A 724 25.06 30.57 -3.52
CA PRO A 724 23.69 30.81 -3.05
C PRO A 724 22.84 29.56 -2.79
N VAL A 725 23.25 28.40 -3.30
CA VAL A 725 22.49 27.19 -3.09
C VAL A 725 23.20 26.17 -2.21
N GLY A 726 24.38 26.50 -1.71
CA GLY A 726 25.14 25.56 -0.91
C GLY A 726 26.60 25.58 -1.27
N CYS A 727 27.34 24.64 -0.74
CA CYS A 727 28.79 24.59 -0.95
C CYS A 727 29.10 23.66 -2.12
N VAL A 728 29.89 24.09 -3.08
CA VAL A 728 30.15 23.19 -4.20
C VAL A 728 31.61 22.92 -4.44
N LEU A 729 31.95 21.65 -4.53
CA LEU A 729 33.33 21.23 -4.82
C LEU A 729 33.37 20.80 -6.28
N GLY A 730 34.45 21.09 -6.98
CA GLY A 730 34.55 20.66 -8.36
C GLY A 730 34.18 21.77 -9.34
N LEU A 731 33.63 22.87 -8.83
CA LEU A 731 33.33 24.01 -9.68
C LEU A 731 34.32 25.11 -9.43
N VAL A 732 34.61 25.87 -10.47
CA VAL A 732 35.45 27.03 -10.34
C VAL A 732 34.61 28.26 -10.68
N ASN A 733 34.72 29.28 -9.85
CA ASN A 733 33.90 30.48 -10.12
C ASN A 733 34.45 31.19 -11.38
N SER A 734 33.48 31.43 -12.33
CA SER A 734 33.93 32.01 -13.60
C SER A 734 33.48 33.42 -13.94
N SER A 735 32.51 33.97 -13.23
CA SER A 735 31.97 35.30 -13.57
C SER A 735 31.61 35.40 -15.05
N LEU A 736 30.94 34.37 -15.51
CA LEU A 736 30.51 34.19 -16.88
C LEU A 736 29.03 34.00 -16.90
N PHE A 737 28.35 34.49 -17.94
CA PHE A 737 26.91 34.27 -18.06
C PHE A 737 26.52 33.35 -19.20
N VAL A 738 25.44 32.62 -18.97
CA VAL A 738 24.86 31.72 -19.97
C VAL A 738 23.38 31.96 -20.14
N GLU A 739 22.82 31.46 -21.24
CA GLU A 739 21.36 31.52 -21.36
C GLU A 739 20.99 30.05 -21.49
N ASP A 740 21.91 29.37 -22.13
CA ASP A 740 21.83 27.98 -22.51
C ASP A 740 22.35 27.03 -21.43
N CYS A 741 21.57 27.00 -20.37
CA CYS A 741 22.05 26.21 -19.19
C CYS A 741 21.41 24.82 -19.20
N LYS A 742 22.36 23.84 -19.10
CA LYS A 742 21.96 22.43 -19.10
C LYS A 742 22.01 21.79 -17.74
N LEU A 743 22.77 22.38 -16.82
CA LEU A 743 22.95 21.84 -15.50
C LEU A 743 22.65 22.89 -14.45
N PRO A 744 21.40 23.34 -14.34
CA PRO A 744 21.01 24.40 -13.44
C PRO A 744 21.22 23.94 -12.04
N LEU A 745 21.70 24.82 -11.19
CA LEU A 745 21.95 24.43 -9.80
C LEU A 745 20.89 24.91 -8.86
N GLY A 746 20.12 25.87 -9.30
CA GLY A 746 19.12 26.50 -8.46
C GLY A 746 19.39 27.99 -8.44
N GLN A 747 18.42 28.75 -7.95
CA GLN A 747 18.54 30.18 -7.97
C GLN A 747 18.86 30.53 -9.41
N SER A 748 19.90 31.25 -9.72
CA SER A 748 20.17 31.53 -11.13
C SER A 748 21.55 31.12 -11.49
N LEU A 749 21.97 30.02 -10.88
CA LEU A 749 23.27 29.43 -11.06
C LEU A 749 23.24 28.25 -12.00
N CYS A 750 24.35 28.02 -12.69
CA CYS A 750 24.45 26.92 -13.63
C CYS A 750 25.84 26.31 -13.68
N ALA A 751 25.95 24.98 -13.74
CA ALA A 751 27.27 24.39 -13.93
C ALA A 751 27.55 24.31 -15.42
N LEU A 752 28.71 24.81 -15.81
CA LEU A 752 29.08 24.85 -17.20
C LEU A 752 30.37 24.09 -17.45
N PRO A 753 30.38 22.97 -18.15
CA PRO A 753 31.56 22.17 -18.36
C PRO A 753 32.57 22.93 -19.18
N ASP A 754 33.84 22.65 -18.93
CA ASP A 754 34.97 23.24 -19.65
C ASP A 754 35.36 22.32 -20.79
N THR A 755 34.90 22.67 -22.00
CA THR A 755 35.06 21.84 -23.17
C THR A 755 34.74 22.59 -24.44
N PRO A 768 39.02 17.32 -20.77
CA PRO A 768 38.07 18.27 -20.22
C PRO A 768 38.58 18.85 -18.92
N GLY A 769 38.10 20.04 -18.58
CA GLY A 769 38.54 20.69 -17.35
C GLY A 769 37.49 20.58 -16.26
N GLU A 770 37.54 21.52 -15.33
CA GLU A 770 36.60 21.57 -14.24
C GLU A 770 35.34 22.27 -14.70
N MET A 771 34.22 21.99 -14.07
CA MET A 771 33.04 22.73 -14.47
C MET A 771 33.14 24.13 -13.90
N ARG A 772 32.67 25.08 -14.65
CA ARG A 772 32.61 26.46 -14.23
C ARG A 772 31.30 26.79 -13.55
N LEU A 773 31.34 27.70 -12.59
CA LEU A 773 30.09 28.17 -12.05
C LEU A 773 29.72 29.44 -12.79
N ALA A 774 28.61 29.35 -13.53
CA ALA A 774 28.12 30.42 -14.38
C ALA A 774 26.79 30.90 -13.86
N SER A 775 26.49 32.15 -14.17
CA SER A 775 25.21 32.71 -13.79
C SER A 775 24.29 32.73 -15.01
N ILE A 776 23.01 32.55 -14.81
CA ILE A 776 22.11 32.61 -15.94
C ILE A 776 21.74 34.05 -16.18
N ALA A 777 21.90 34.49 -17.41
CA ALA A 777 21.61 35.85 -17.81
C ALA A 777 20.14 36.12 -17.98
N PHE A 778 19.76 37.33 -17.66
CA PHE A 778 18.44 37.79 -18.03
C PHE A 778 18.65 38.41 -19.40
N ASN A 779 17.88 38.00 -20.37
CA ASN A 779 18.03 38.53 -21.71
C ASN A 779 17.08 39.72 -21.89
N HIS A 780 17.60 40.93 -21.84
CA HIS A 780 16.75 42.10 -21.88
C HIS A 780 16.10 42.30 -23.23
N PRO A 781 14.84 42.74 -23.28
CA PRO A 781 14.10 43.06 -24.47
C PRO A 781 14.63 44.35 -25.05
N ILE A 782 14.30 44.59 -26.30
CA ILE A 782 14.74 45.84 -26.93
C ILE A 782 14.05 46.97 -26.21
N GLN A 783 14.80 47.96 -25.78
CA GLN A 783 14.18 49.05 -25.04
C GLN A 783 13.70 50.11 -25.99
N VAL A 784 12.43 50.46 -25.88
CA VAL A 784 11.91 51.48 -26.79
C VAL A 784 11.37 52.61 -25.94
N ASP A 785 11.91 53.79 -26.10
CA ASP A 785 11.52 54.94 -25.29
C ASP A 785 10.23 55.58 -25.66
N GLN A 786 9.53 56.09 -24.67
CA GLN A 786 8.31 56.85 -24.93
C GLN A 786 8.70 58.29 -25.17
N LEU A 787 7.90 59.00 -25.96
CA LEU A 787 8.20 60.38 -26.23
C LEU A 787 7.31 61.34 -25.48
N ASN A 788 7.90 62.42 -25.10
CA ASN A 788 7.18 63.60 -24.48
C ASN A 788 6.58 64.37 -25.57
N SER A 789 5.67 63.91 -26.33
CA SER A 789 5.12 64.54 -27.50
C SER A 789 3.82 63.91 -27.90
N SER A 790 3.26 64.41 -28.98
CA SER A 790 2.03 63.89 -29.59
C SER A 790 2.35 62.73 -30.54
N TYR A 791 3.62 62.40 -30.68
CA TYR A 791 4.10 61.33 -31.53
C TYR A 791 4.49 60.12 -30.65
N PHE A 792 4.82 59.01 -31.29
CA PHE A 792 5.35 57.89 -30.54
C PHE A 792 6.45 57.19 -31.32
N LYS A 793 7.31 56.48 -30.60
CA LYS A 793 8.30 55.64 -31.24
C LYS A 793 7.77 54.28 -31.60
N LEU A 794 8.06 53.92 -32.83
CA LEU A 794 7.70 52.63 -33.36
C LEU A 794 8.91 51.80 -33.58
N SER A 795 9.02 50.71 -32.86
CA SER A 795 10.13 49.81 -33.11
C SER A 795 9.53 48.80 -34.12
N ILE A 796 10.01 48.84 -35.34
CA ILE A 796 9.41 48.04 -36.40
C ILE A 796 10.48 47.24 -37.14
N PRO A 797 10.26 45.97 -37.50
CA PRO A 797 11.19 45.10 -38.19
C PRO A 797 11.54 45.65 -39.54
N THR A 798 12.75 45.35 -40.00
CA THR A 798 13.16 45.75 -41.35
C THR A 798 13.49 44.47 -42.09
N ASN A 799 13.57 43.41 -41.32
CA ASN A 799 13.93 42.10 -41.85
C ASN A 799 13.08 41.03 -41.22
N PHE A 800 13.10 39.85 -41.75
CA PHE A 800 12.38 38.74 -41.16
C PHE A 800 12.92 37.41 -41.59
N SER A 801 12.49 36.40 -40.85
CA SER A 801 12.75 35.03 -41.19
C SER A 801 11.56 34.20 -40.81
N PHE A 802 11.51 32.98 -41.31
CA PHE A 802 10.47 32.07 -40.88
C PHE A 802 11.17 31.06 -40.00
N GLY A 803 10.47 30.53 -39.04
CA GLY A 803 11.09 29.47 -38.25
C GLY A 803 10.04 28.51 -37.84
N VAL A 804 10.45 27.35 -37.35
CA VAL A 804 9.48 26.36 -36.99
C VAL A 804 9.56 26.00 -35.54
N THR A 805 8.45 26.16 -34.86
CA THR A 805 8.39 25.75 -33.49
C THR A 805 7.86 24.34 -33.57
N GLN A 806 8.58 23.40 -33.01
CA GLN A 806 8.13 22.03 -33.07
C GLN A 806 7.44 21.73 -31.77
N GLU A 807 6.36 20.98 -31.83
CA GLU A 807 5.67 20.63 -30.62
C GLU A 807 5.13 19.24 -30.65
N TYR A 808 5.33 18.52 -29.58
CA TYR A 808 4.76 17.20 -29.49
C TYR A 808 3.68 17.14 -28.47
N ILE A 809 2.53 16.62 -28.88
CA ILE A 809 1.44 16.42 -27.95
C ILE A 809 1.12 14.95 -27.87
N GLN A 810 1.18 14.41 -26.70
CA GLN A 810 0.87 13.01 -26.52
C GLN A 810 -0.63 12.85 -26.52
N THR A 811 -1.18 11.92 -27.25
CA THR A 811 -2.63 11.78 -27.20
C THR A 811 -3.03 10.47 -26.57
N THR A 812 -2.12 9.51 -26.56
CA THR A 812 -2.36 8.18 -26.02
C THR A 812 -1.24 7.72 -25.14
N ILE A 813 -1.50 6.62 -24.46
CA ILE A 813 -0.50 5.89 -23.73
C ILE A 813 -0.61 4.47 -24.26
N GLN A 814 0.39 3.64 -24.04
CA GLN A 814 0.26 2.26 -24.45
C GLN A 814 -0.79 1.61 -23.57
N LYS A 815 -1.68 0.85 -24.21
CA LYS A 815 -2.75 0.15 -23.51
C LYS A 815 -2.27 -1.19 -23.05
N VAL A 816 -2.41 -1.47 -21.77
CA VAL A 816 -1.94 -2.70 -21.19
C VAL A 816 -3.01 -3.37 -20.35
N THR A 817 -3.10 -4.68 -20.46
CA THR A 817 -3.98 -5.44 -19.57
C THR A 817 -3.13 -6.39 -18.79
N VAL A 818 -3.61 -6.84 -17.64
CA VAL A 818 -2.82 -7.75 -16.85
C VAL A 818 -3.60 -8.98 -16.46
N ASP A 819 -3.00 -10.14 -16.65
CA ASP A 819 -3.66 -11.33 -16.14
C ASP A 819 -3.21 -11.37 -14.68
N CYS A 820 -4.08 -10.71 -13.90
CA CYS A 820 -3.71 -10.49 -12.45
C CYS A 820 -3.61 -11.78 -11.76
N LYS A 821 -4.42 -12.73 -11.94
CA LYS A 821 -4.34 -13.97 -11.23
C LYS A 821 -3.02 -14.65 -11.55
N GLN A 822 -2.64 -14.66 -12.86
CA GLN A 822 -1.36 -15.28 -13.18
C GLN A 822 -0.20 -14.48 -12.63
N TYR A 823 -0.29 -13.15 -12.69
CA TYR A 823 0.80 -12.32 -12.22
C TYR A 823 1.12 -12.60 -10.78
N VAL A 824 0.09 -12.65 -9.95
CA VAL A 824 0.28 -12.84 -8.55
C VAL A 824 0.65 -14.27 -8.16
N CYS A 825 -0.08 -15.25 -8.69
CA CYS A 825 0.12 -16.62 -8.21
C CYS A 825 0.80 -17.59 -9.13
N ASN A 826 1.03 -17.26 -10.39
CA ASN A 826 1.70 -18.15 -11.30
C ASN A 826 1.14 -19.55 -11.43
N GLY A 827 -0.16 -19.69 -11.34
CA GLY A 827 -0.77 -20.99 -11.50
C GLY A 827 -0.77 -21.88 -10.26
N PHE A 828 -0.24 -21.39 -9.15
CA PHE A 828 -0.20 -22.23 -7.95
C PHE A 828 -1.49 -22.15 -7.21
N GLN A 829 -2.08 -23.30 -6.93
CA GLN A 829 -3.38 -23.34 -6.31
C GLN A 829 -3.38 -22.85 -4.88
N LYS A 830 -2.28 -23.05 -4.17
CA LYS A 830 -2.27 -22.60 -2.80
C LYS A 830 -2.31 -21.11 -2.78
N CYS A 831 -1.56 -20.49 -3.65
CA CYS A 831 -1.59 -19.05 -3.73
C CYS A 831 -2.96 -18.57 -4.09
N GLU A 832 -3.58 -19.19 -5.09
CA GLU A 832 -4.89 -18.71 -5.52
C GLU A 832 -5.88 -18.78 -4.39
N GLN A 833 -5.77 -19.84 -3.58
CA GLN A 833 -6.62 -19.99 -2.43
C GLN A 833 -6.45 -18.89 -1.42
N LEU A 834 -5.23 -18.38 -1.28
CA LEU A 834 -5.00 -17.32 -0.34
C LEU A 834 -5.39 -15.98 -0.95
N LEU A 835 -5.25 -15.87 -2.26
CA LEU A 835 -5.58 -14.65 -2.98
C LEU A 835 -7.06 -14.34 -2.85
N ARG A 836 -7.88 -15.37 -2.79
CA ARG A 836 -9.31 -15.19 -2.67
C ARG A 836 -9.72 -14.47 -1.40
N GLU A 837 -8.85 -14.44 -0.38
CA GLU A 837 -9.22 -13.86 0.89
C GLU A 837 -9.01 -12.36 0.89
N TYR A 838 -8.54 -11.85 -0.25
CA TYR A 838 -8.33 -10.44 -0.46
C TYR A 838 -9.46 -9.85 -1.28
N GLY A 839 -10.51 -10.65 -1.49
CA GLY A 839 -11.67 -10.16 -2.20
C GLY A 839 -11.48 -10.22 -3.69
N GLN A 840 -12.31 -9.51 -4.43
CA GLN A 840 -12.25 -9.60 -5.88
C GLN A 840 -11.19 -8.62 -6.37
N PHE A 841 -9.96 -8.88 -5.98
CA PHE A 841 -8.84 -8.03 -6.28
C PHE A 841 -8.60 -7.94 -7.74
N CYS A 842 -8.57 -9.09 -8.39
CA CYS A 842 -8.27 -9.12 -9.78
C CYS A 842 -9.40 -8.59 -10.62
N SER A 843 -10.63 -8.63 -10.10
CA SER A 843 -11.69 -8.07 -10.89
C SER A 843 -11.48 -6.58 -10.95
N LYS A 844 -11.02 -6.01 -9.84
CA LYS A 844 -10.80 -4.57 -9.78
C LYS A 844 -9.66 -4.15 -10.68
N ILE A 845 -8.60 -4.96 -10.74
CA ILE A 845 -7.48 -4.64 -11.61
C ILE A 845 -7.92 -4.65 -13.05
N ASN A 846 -8.69 -5.67 -13.42
CA ASN A 846 -9.10 -5.78 -14.80
C ASN A 846 -10.07 -4.74 -15.22
N GLN A 847 -10.99 -4.37 -14.34
CA GLN A 847 -11.97 -3.38 -14.71
C GLN A 847 -11.36 -2.01 -14.77
N ALA A 848 -10.42 -1.73 -13.88
CA ALA A 848 -9.79 -0.43 -13.91
C ALA A 848 -9.00 -0.25 -15.18
N LEU A 849 -8.31 -1.30 -15.62
CA LEU A 849 -7.54 -1.17 -16.82
C LEU A 849 -8.41 -1.20 -18.03
N HIS A 850 -9.51 -1.94 -17.97
CA HIS A 850 -10.37 -1.99 -19.13
C HIS A 850 -10.89 -0.61 -19.40
N GLY A 851 -11.33 0.07 -18.34
CA GLY A 851 -11.86 1.43 -18.50
C GLY A 851 -10.79 2.37 -19.00
N ALA A 852 -9.58 2.24 -18.45
CA ALA A 852 -8.45 3.08 -18.85
C ALA A 852 -8.08 2.86 -20.29
N ASN A 853 -8.26 1.64 -20.79
CA ASN A 853 -7.93 1.35 -22.16
C ASN A 853 -9.01 1.86 -23.10
N LEU A 854 -10.28 1.79 -22.65
CA LEU A 854 -11.38 2.29 -23.49
C LEU A 854 -11.21 3.76 -23.67
N ARG A 855 -10.70 4.40 -22.63
CA ARG A 855 -10.48 5.82 -22.65
C ARG A 855 -9.59 6.25 -23.78
N GLN A 856 -8.59 5.44 -24.17
CA GLN A 856 -7.75 5.86 -25.25
C GLN A 856 -8.47 5.60 -26.54
N ASP A 857 -9.23 4.53 -26.63
CA ASP A 857 -9.89 4.35 -27.91
C ASP A 857 -10.89 5.49 -28.12
N ASP A 858 -11.50 5.98 -27.04
CA ASP A 858 -12.45 7.06 -27.18
C ASP A 858 -11.73 8.37 -27.46
N SER A 859 -10.57 8.55 -26.84
CA SER A 859 -9.78 9.76 -27.04
C SER A 859 -9.31 9.86 -28.46
N VAL A 860 -8.86 8.75 -29.01
CA VAL A 860 -8.37 8.69 -30.38
C VAL A 860 -9.49 8.89 -31.34
N ARG A 861 -10.62 8.23 -31.11
CA ARG A 861 -11.72 8.37 -32.01
C ARG A 861 -12.18 9.82 -32.10
N ASN A 862 -12.21 10.51 -30.95
CA ASN A 862 -12.66 11.90 -30.89
C ASN A 862 -11.65 12.82 -31.53
N LEU A 863 -10.37 12.54 -31.29
CA LEU A 863 -9.35 13.39 -31.83
C LEU A 863 -9.35 13.30 -33.32
N PHE A 864 -9.44 12.10 -33.87
CA PHE A 864 -9.39 12.01 -35.30
C PHE A 864 -10.64 12.50 -35.95
N ALA A 865 -11.77 12.34 -35.28
CA ALA A 865 -13.00 12.86 -35.85
C ALA A 865 -12.87 14.34 -36.09
N SER A 866 -12.11 15.03 -35.22
CA SER A 866 -11.91 16.45 -35.36
C SER A 866 -10.81 16.86 -36.33
N VAL A 867 -9.81 15.99 -36.57
CA VAL A 867 -8.76 16.39 -37.51
C VAL A 867 -9.34 16.24 -38.90
N LYS A 868 -10.26 15.27 -39.03
CA LYS A 868 -10.87 14.95 -40.31
C LYS A 868 -11.41 16.16 -41.02
N SER A 869 -11.04 16.27 -42.29
CA SER A 869 -11.49 17.35 -43.15
C SER A 869 -12.83 17.00 -43.78
N SER A 870 -13.63 18.00 -44.10
CA SER A 870 -14.87 17.79 -44.84
C SER A 870 -14.59 17.71 -46.32
N GLN A 871 -13.79 18.66 -46.76
CA GLN A 871 -13.38 18.93 -48.13
C GLN A 871 -11.87 19.08 -48.08
N SER A 872 -11.17 18.63 -49.11
CA SER A 872 -9.73 18.74 -49.17
C SER A 872 -9.22 18.66 -50.59
N SER A 873 -8.09 19.28 -50.90
CA SER A 873 -7.53 19.09 -52.22
C SER A 873 -6.62 17.86 -52.22
N PRO A 874 -6.45 17.14 -53.31
CA PRO A 874 -5.48 16.05 -53.44
C PRO A 874 -4.08 16.55 -53.25
N ILE A 875 -3.22 15.71 -52.67
CA ILE A 875 -1.81 16.06 -52.58
C ILE A 875 -1.18 15.50 -53.82
N ILE A 876 -0.48 16.32 -54.57
CA ILE A 876 0.17 15.87 -55.77
C ILE A 876 1.63 16.22 -55.59
N PRO A 877 2.58 15.56 -56.24
CA PRO A 877 3.95 15.99 -56.18
C PRO A 877 3.95 17.42 -56.64
N GLY A 878 4.67 18.32 -55.98
CA GLY A 878 4.66 19.70 -56.45
C GLY A 878 3.70 20.55 -55.62
N PHE A 879 2.96 19.88 -54.74
CA PHE A 879 2.06 20.54 -53.82
C PHE A 879 2.93 21.54 -53.11
N GLY A 880 2.45 22.77 -52.96
CA GLY A 880 3.22 23.83 -52.34
C GLY A 880 3.74 24.87 -53.34
N GLY A 881 3.80 24.51 -54.62
CA GLY A 881 4.30 25.48 -55.58
C GLY A 881 5.77 25.81 -55.28
N ASP A 882 6.06 27.09 -55.06
CA ASP A 882 7.42 27.52 -54.76
C ASP A 882 7.81 27.19 -53.33
N PHE A 883 6.82 26.80 -52.54
CA PHE A 883 7.01 26.44 -51.17
C PHE A 883 7.27 24.95 -51.13
N ASN A 884 8.37 24.52 -50.72
CA ASN A 884 8.88 23.21 -50.68
C ASN A 884 8.21 22.35 -49.65
N LEU A 885 7.20 21.68 -49.82
CA LEU A 885 6.47 20.90 -48.88
C LEU A 885 6.73 19.42 -49.07
N THR A 886 7.79 19.05 -49.82
CA THR A 886 7.98 17.62 -50.14
C THR A 886 8.18 16.80 -48.89
N LEU A 887 8.71 17.46 -47.87
CA LEU A 887 8.97 16.98 -46.52
C LEU A 887 7.68 16.41 -45.93
N LEU A 888 6.57 17.09 -46.22
CA LEU A 888 5.26 16.76 -45.71
C LEU A 888 4.42 15.86 -46.65
N GLU A 889 4.75 15.85 -47.94
CA GLU A 889 3.97 15.06 -48.89
C GLU A 889 4.15 13.59 -48.55
N PRO A 890 3.13 12.72 -48.68
CA PRO A 890 3.22 11.30 -48.45
C PRO A 890 4.24 10.69 -49.39
N VAL A 891 5.03 9.76 -48.89
CA VAL A 891 6.00 9.12 -49.78
C VAL A 891 5.35 8.00 -50.55
N ALA A 900 0.52 5.85 -46.77
CA ALA A 900 1.89 6.36 -46.91
C ALA A 900 2.15 7.51 -45.96
N ARG A 901 3.21 7.38 -45.18
CA ARG A 901 3.59 8.45 -44.27
C ARG A 901 4.48 9.43 -45.02
N SER A 902 4.55 10.66 -44.52
CA SER A 902 5.42 11.68 -45.12
C SER A 902 6.88 11.42 -44.78
N ALA A 903 7.78 12.09 -45.46
CA ALA A 903 9.18 11.90 -45.18
C ALA A 903 9.57 12.33 -43.77
N ILE A 904 8.99 13.43 -43.27
CA ILE A 904 9.36 13.88 -41.94
C ILE A 904 8.80 12.92 -40.93
N GLU A 905 7.62 12.41 -41.22
CA GLU A 905 6.95 11.50 -40.33
C GLU A 905 7.73 10.20 -40.22
N ASP A 906 8.25 9.68 -41.34
CA ASP A 906 9.06 8.48 -41.23
C ASP A 906 10.33 8.77 -40.48
N LEU A 907 10.90 9.96 -40.67
CA LEU A 907 12.14 10.25 -40.00
C LEU A 907 11.90 10.34 -38.50
N LEU A 908 10.77 10.93 -38.12
CA LEU A 908 10.44 11.08 -36.73
C LEU A 908 10.34 9.73 -36.08
N PHE A 909 9.69 8.78 -36.76
CA PHE A 909 9.58 7.45 -36.19
C PHE A 909 10.91 6.71 -36.20
N ASP A 910 11.71 6.84 -37.25
CA ASP A 910 12.98 6.11 -37.34
C ASP A 910 13.98 6.53 -36.29
N LYS A 911 13.91 7.79 -35.88
CA LYS A 911 14.84 8.31 -34.91
C LYS A 911 14.46 8.09 -33.47
N VAL A 912 13.29 7.52 -33.22
CA VAL A 912 12.85 7.29 -31.84
C VAL A 912 13.02 5.79 -31.55
N THR A 913 13.65 5.44 -30.44
CA THR A 913 13.83 4.00 -30.19
C THR A 913 12.61 3.46 -29.51
N ILE A 914 11.91 2.59 -30.24
CA ILE A 914 10.67 1.99 -29.81
C ILE A 914 10.75 0.48 -29.93
N ALA A 915 10.44 -0.26 -28.88
CA ALA A 915 10.46 -1.71 -29.00
C ALA A 915 9.28 -2.14 -29.87
N ASP A 916 9.45 -3.18 -30.67
CA ASP A 916 8.35 -3.68 -31.49
C ASP A 916 7.45 -4.62 -30.69
N PRO A 917 6.19 -4.27 -30.38
CA PRO A 917 5.27 -5.04 -29.59
C PRO A 917 4.84 -6.37 -30.24
N GLY A 918 5.03 -6.55 -31.56
CA GLY A 918 4.66 -7.86 -32.09
C GLY A 918 3.17 -8.11 -32.11
N TYR A 919 2.39 -7.13 -32.52
CA TYR A 919 0.95 -7.31 -32.47
C TYR A 919 0.43 -8.52 -33.23
N MET A 920 1.03 -8.87 -34.36
CA MET A 920 0.51 -10.00 -35.12
C MET A 920 1.03 -11.36 -34.64
N GLN A 921 2.32 -11.46 -34.30
CA GLN A 921 2.86 -12.76 -33.90
C GLN A 921 4.00 -12.70 -32.88
N GLY A 922 4.00 -11.71 -31.99
CA GLY A 922 5.06 -11.52 -31.00
C GLY A 922 5.29 -12.71 -30.10
N TYR A 923 4.22 -13.45 -29.86
CA TYR A 923 4.27 -14.65 -29.03
C TYR A 923 5.31 -15.58 -29.58
N ASP A 924 5.32 -15.73 -30.89
CA ASP A 924 6.21 -16.62 -31.57
C ASP A 924 7.58 -16.04 -31.75
N ASP A 925 7.66 -14.73 -31.95
CA ASP A 925 8.98 -14.18 -32.16
C ASP A 925 9.82 -14.41 -30.91
N CYS A 926 9.17 -14.31 -29.77
CA CYS A 926 9.85 -14.45 -28.48
C CYS A 926 10.19 -15.88 -28.15
N MET A 927 9.74 -16.83 -28.95
CA MET A 927 10.07 -18.22 -28.73
C MET A 927 11.12 -18.68 -29.76
N GLN A 928 10.94 -18.30 -31.03
CA GLN A 928 11.87 -18.75 -32.06
C GLN A 928 13.15 -17.94 -32.09
N GLN A 929 13.10 -16.69 -31.63
CA GLN A 929 14.28 -15.86 -31.58
C GLN A 929 14.66 -15.61 -30.12
N GLY A 930 13.64 -15.43 -29.28
CA GLY A 930 13.89 -15.10 -27.89
C GLY A 930 14.01 -13.57 -27.74
N PRO A 931 14.29 -13.08 -26.53
CA PRO A 931 14.42 -11.67 -26.20
C PRO A 931 15.51 -11.00 -27.00
N ALA A 932 15.25 -9.74 -27.41
CA ALA A 932 16.21 -8.95 -28.16
C ALA A 932 17.41 -8.53 -27.32
N SER A 933 17.18 -8.26 -26.04
CA SER A 933 18.22 -7.82 -25.15
C SER A 933 17.88 -8.04 -23.70
N ALA A 934 18.72 -7.53 -22.82
CA ALA A 934 18.44 -7.63 -21.40
C ALA A 934 17.18 -6.84 -21.11
N ARG A 935 16.35 -7.28 -20.19
CA ARG A 935 15.18 -6.48 -19.88
C ARG A 935 14.27 -6.19 -21.07
N ASP A 936 13.98 -7.22 -21.86
CA ASP A 936 13.10 -7.09 -23.01
C ASP A 936 11.67 -7.18 -22.53
N LEU A 937 10.99 -6.03 -22.55
CA LEU A 937 9.67 -5.88 -21.98
C LEU A 937 8.58 -6.35 -22.90
N ILE A 938 8.97 -6.72 -24.11
CA ILE A 938 7.94 -7.23 -24.98
C ILE A 938 7.90 -8.73 -24.71
N CYS A 939 9.04 -9.36 -24.63
CA CYS A 939 8.98 -10.81 -24.38
C CYS A 939 8.57 -11.13 -22.98
N ALA A 940 8.76 -10.16 -22.08
CA ALA A 940 8.36 -10.33 -20.70
C ALA A 940 6.88 -10.51 -20.58
N GLN A 941 6.12 -10.10 -21.58
CA GLN A 941 4.68 -10.19 -21.47
C GLN A 941 4.17 -11.59 -21.27
N TYR A 942 4.81 -12.55 -21.92
CA TYR A 942 4.27 -13.90 -21.95
C TYR A 942 4.74 -14.70 -20.79
N VAL A 943 5.62 -14.06 -20.03
CA VAL A 943 6.28 -14.64 -18.89
C VAL A 943 5.68 -14.08 -17.62
N ALA A 944 5.62 -12.75 -17.54
CA ALA A 944 5.11 -12.02 -16.40
C ALA A 944 3.60 -12.05 -16.28
N GLY A 945 2.86 -12.17 -17.38
CA GLY A 945 1.43 -12.17 -17.25
C GLY A 945 0.75 -10.86 -17.67
N TYR A 946 1.37 -10.09 -18.56
CA TYR A 946 0.76 -8.83 -18.99
C TYR A 946 0.75 -8.78 -20.48
N LYS A 947 -0.14 -7.97 -21.05
CA LYS A 947 -0.23 -7.88 -22.48
C LYS A 947 -0.34 -6.47 -22.98
N VAL A 948 0.43 -6.18 -24.01
CA VAL A 948 0.34 -4.89 -24.66
C VAL A 948 -0.69 -5.00 -25.78
N LEU A 949 -1.68 -4.12 -25.74
CA LEU A 949 -2.74 -4.17 -26.72
C LEU A 949 -2.46 -3.23 -27.88
N PRO A 950 -2.92 -3.55 -29.09
CA PRO A 950 -2.79 -2.71 -30.25
C PRO A 950 -3.65 -1.46 -30.13
N PRO A 951 -3.26 -0.39 -30.80
CA PRO A 951 -3.93 0.88 -30.90
C PRO A 951 -5.16 0.74 -31.73
N LEU A 952 -6.09 1.69 -31.56
CA LEU A 952 -7.36 1.74 -32.27
C LEU A 952 -7.30 1.87 -33.77
N MET A 953 -6.32 2.58 -34.29
CA MET A 953 -6.18 2.78 -35.72
C MET A 953 -4.83 2.27 -36.19
N ASP A 954 -4.77 1.67 -37.40
CA ASP A 954 -3.48 1.24 -37.91
C ASP A 954 -2.77 2.45 -38.45
N VAL A 955 -1.52 2.29 -38.81
CA VAL A 955 -0.70 3.35 -39.36
C VAL A 955 -1.23 3.96 -40.64
N ASN A 956 -1.74 3.17 -41.56
CA ASN A 956 -2.15 3.79 -42.79
C ASN A 956 -3.38 4.67 -42.56
N MET A 957 -4.25 4.31 -41.64
CA MET A 957 -5.39 5.15 -41.39
C MET A 957 -4.97 6.45 -40.75
N GLU A 958 -4.02 6.40 -39.82
CA GLU A 958 -3.61 7.66 -39.21
C GLU A 958 -2.95 8.53 -40.25
N ALA A 959 -2.17 7.91 -41.15
CA ALA A 959 -1.52 8.68 -42.20
C ALA A 959 -2.56 9.33 -43.09
N ALA A 960 -3.64 8.60 -43.37
CA ALA A 960 -4.71 9.13 -44.21
C ALA A 960 -5.32 10.35 -43.60
N TYR A 961 -5.44 10.37 -42.27
CA TYR A 961 -6.04 11.53 -41.65
C TYR A 961 -5.15 12.74 -41.74
N THR A 962 -3.84 12.57 -41.56
CA THR A 962 -3.01 13.77 -41.61
C THR A 962 -2.71 14.18 -43.03
N SER A 963 -2.82 13.23 -43.96
CA SER A 963 -2.61 13.56 -45.34
C SER A 963 -3.76 14.38 -45.86
N SER A 964 -4.99 14.02 -45.45
CA SER A 964 -6.13 14.76 -45.90
C SER A 964 -6.16 16.10 -45.26
N LEU A 965 -5.56 16.19 -44.06
CA LEU A 965 -5.47 17.45 -43.34
C LEU A 965 -4.54 18.37 -44.07
N LEU A 966 -3.40 17.84 -44.54
CA LEU A 966 -2.44 18.68 -45.26
C LEU A 966 -3.07 19.34 -46.45
N GLY A 967 -3.86 18.56 -47.17
CA GLY A 967 -4.47 19.04 -48.40
C GLY A 967 -5.61 20.00 -48.19
N SER A 968 -6.03 20.12 -46.95
CA SER A 968 -7.12 21.02 -46.65
C SER A 968 -6.62 22.37 -46.17
N ILE A 969 -5.32 22.52 -45.92
CA ILE A 969 -4.91 23.75 -45.24
C ILE A 969 -5.12 25.04 -46.02
N ALA A 970 -4.69 25.07 -47.26
CA ALA A 970 -4.81 26.30 -48.01
C ALA A 970 -6.24 26.74 -48.20
N GLY A 971 -7.15 25.79 -48.36
CA GLY A 971 -8.52 26.13 -48.63
C GLY A 971 -9.45 26.17 -47.46
N VAL A 972 -8.92 25.96 -46.26
CA VAL A 972 -9.80 25.94 -45.13
C VAL A 972 -9.63 27.25 -44.39
N GLY A 973 -8.39 27.67 -44.17
CA GLY A 973 -8.16 28.90 -43.43
C GLY A 973 -8.22 30.11 -44.34
N TRP A 974 -9.31 30.25 -45.10
CA TRP A 974 -9.36 31.31 -46.10
C TRP A 974 -10.43 32.36 -45.83
N THR A 975 -11.69 31.97 -45.63
CA THR A 975 -12.70 33.00 -45.38
C THR A 975 -13.76 32.61 -44.37
N ALA A 976 -14.81 33.42 -44.29
CA ALA A 976 -15.88 33.22 -43.31
C ALA A 976 -16.59 31.88 -43.44
N GLY A 977 -16.91 31.27 -42.31
CA GLY A 977 -17.68 30.02 -42.25
C GLY A 977 -16.74 28.83 -42.37
N LEU A 978 -17.21 27.66 -41.95
CA LEU A 978 -16.39 26.46 -42.08
C LEU A 978 -16.93 25.53 -43.15
N SER A 979 -17.89 26.03 -43.91
CA SER A 979 -18.64 25.23 -44.87
C SER A 979 -18.17 25.17 -46.32
N SER A 980 -17.31 26.07 -46.74
CA SER A 980 -16.91 26.04 -48.14
C SER A 980 -15.44 25.84 -48.22
N PHE A 981 -14.98 25.31 -49.34
CA PHE A 981 -13.56 25.08 -49.50
C PHE A 981 -13.01 25.76 -50.71
N ALA A 982 -11.97 26.54 -50.51
CA ALA A 982 -11.35 27.25 -51.61
C ALA A 982 -10.13 26.47 -52.09
N ALA A 983 -10.21 25.83 -53.24
CA ALA A 983 -9.06 25.06 -53.68
C ALA A 983 -8.08 25.96 -54.35
N ILE A 984 -7.25 26.58 -53.53
CA ILE A 984 -6.31 27.57 -53.99
C ILE A 984 -4.93 27.05 -53.73
N PRO A 985 -3.91 27.50 -54.41
CA PRO A 985 -2.53 27.16 -54.19
C PRO A 985 -2.06 27.46 -52.81
N PHE A 986 -1.17 26.65 -52.30
CA PHE A 986 -0.55 26.87 -51.01
C PHE A 986 0.10 28.22 -50.97
N ALA A 987 0.83 28.55 -52.02
CA ALA A 987 1.52 29.82 -52.04
C ALA A 987 0.57 30.99 -51.91
N GLN A 988 -0.61 30.88 -52.51
CA GLN A 988 -1.57 31.96 -52.46
C GLN A 988 -2.06 32.12 -51.05
N SER A 989 -2.22 30.98 -50.37
CA SER A 989 -2.63 30.97 -48.98
C SER A 989 -1.62 31.65 -48.09
N ILE A 990 -0.33 31.38 -48.34
CA ILE A 990 0.72 32.01 -47.56
C ILE A 990 0.69 33.49 -47.72
N PHE A 991 0.49 33.97 -48.94
CA PHE A 991 0.52 35.40 -49.08
C PHE A 991 -0.67 36.04 -48.40
N TYR A 992 -1.82 35.37 -48.36
CA TYR A 992 -2.94 35.97 -47.62
C TYR A 992 -2.63 35.97 -46.14
N ARG A 993 -1.99 34.91 -45.65
CA ARG A 993 -1.60 34.81 -44.25
C ARG A 993 -0.58 35.85 -43.84
N LEU A 994 0.34 36.18 -44.73
CA LEU A 994 1.30 37.22 -44.43
C LEU A 994 0.66 38.59 -44.47
N ASN A 995 -0.25 38.79 -45.40
CA ASN A 995 -0.91 40.07 -45.49
C ASN A 995 -1.72 40.33 -44.27
N GLY A 996 -2.28 39.26 -43.73
CA GLY A 996 -3.13 39.32 -42.57
C GLY A 996 -2.42 39.64 -41.29
N VAL A 997 -1.09 39.63 -41.30
CA VAL A 997 -0.38 39.92 -40.07
C VAL A 997 0.35 41.24 -40.16
N GLY A 998 0.11 42.01 -41.23
CA GLY A 998 0.78 43.28 -41.32
C GLY A 998 1.84 43.46 -42.39
N ILE A 999 1.98 42.54 -43.31
CA ILE A 999 2.96 42.77 -44.37
C ILE A 999 2.17 43.24 -45.57
N THR A 1000 2.48 44.38 -46.14
CA THR A 1000 1.62 44.87 -47.22
C THR A 1000 1.77 44.09 -48.49
N GLN A 1001 0.81 44.26 -49.39
CA GLN A 1001 0.81 43.56 -50.66
C GLN A 1001 1.90 44.01 -51.57
N GLN A 1002 2.33 45.25 -51.46
CA GLN A 1002 3.41 45.70 -52.32
C GLN A 1002 4.67 44.95 -51.96
N VAL A 1003 4.84 44.69 -50.68
CA VAL A 1003 6.02 44.01 -50.19
C VAL A 1003 5.98 42.56 -50.58
N LEU A 1004 4.82 41.94 -50.39
CA LEU A 1004 4.71 40.54 -50.69
C LEU A 1004 4.90 40.30 -52.17
N SER A 1005 4.41 41.23 -53.00
CA SER A 1005 4.54 41.11 -54.45
C SER A 1005 5.96 41.24 -54.93
N GLU A 1006 6.73 42.15 -54.31
CA GLU A 1006 8.11 42.33 -54.71
C GLU A 1006 8.98 41.17 -54.25
N ASN A 1007 8.63 40.60 -53.11
CA ASN A 1007 9.40 39.55 -52.48
C ASN A 1007 8.85 38.15 -52.57
N GLN A 1008 8.02 37.81 -53.54
CA GLN A 1008 7.48 36.46 -53.48
C GLN A 1008 8.52 35.36 -53.51
N LYS A 1009 9.62 35.56 -54.25
CA LYS A 1009 10.62 34.52 -54.32
C LYS A 1009 11.44 34.51 -53.05
N LEU A 1010 11.61 35.67 -52.44
CA LEU A 1010 12.40 35.78 -51.23
C LEU A 1010 11.65 35.10 -50.10
N ILE A 1011 10.34 35.29 -50.08
CA ILE A 1011 9.49 34.71 -49.06
C ILE A 1011 9.46 33.22 -49.21
N ALA A 1012 9.29 32.73 -50.43
CA ALA A 1012 9.30 31.29 -50.61
C ALA A 1012 10.64 30.71 -50.21
N ASN A 1013 11.74 31.43 -50.48
CA ASN A 1013 13.02 30.87 -50.12
C ASN A 1013 13.20 30.83 -48.63
N LYS A 1014 12.73 31.85 -47.91
CA LYS A 1014 12.88 31.83 -46.47
C LYS A 1014 12.05 30.75 -45.84
N PHE A 1015 10.86 30.55 -46.40
CA PHE A 1015 9.96 29.52 -45.89
C PHE A 1015 10.64 28.18 -46.06
N ASN A 1016 11.22 27.98 -47.25
CA ASN A 1016 11.87 26.73 -47.57
C ASN A 1016 13.07 26.49 -46.69
N GLN A 1017 13.77 27.55 -46.32
CA GLN A 1017 14.90 27.36 -45.43
C GLN A 1017 14.41 26.94 -44.07
N ALA A 1018 13.30 27.54 -43.61
CA ALA A 1018 12.78 27.20 -42.30
C ALA A 1018 12.40 25.76 -42.19
N LEU A 1019 11.82 25.21 -43.26
CA LEU A 1019 11.43 23.81 -43.21
C LEU A 1019 12.56 22.91 -43.56
N GLY A 1020 13.43 23.30 -44.47
CA GLY A 1020 14.54 22.46 -44.86
C GLY A 1020 15.47 22.24 -43.70
N ALA A 1021 15.60 23.28 -42.86
CA ALA A 1021 16.45 23.29 -41.68
C ALA A 1021 16.03 22.29 -40.65
N MET A 1022 14.79 21.88 -40.75
CA MET A 1022 14.21 20.97 -39.82
C MET A 1022 14.46 19.52 -40.17
N GLN A 1023 14.91 19.23 -41.39
CA GLN A 1023 15.08 17.85 -41.81
C GLN A 1023 16.10 17.15 -40.96
N THR A 1024 17.08 17.89 -40.48
CA THR A 1024 18.15 17.36 -39.67
C THR A 1024 17.98 17.69 -38.20
N GLY A 1025 16.78 18.17 -37.85
CA GLY A 1025 16.51 18.61 -36.50
C GLY A 1025 16.14 17.53 -35.47
N PHE A 1026 15.93 16.28 -35.85
CA PHE A 1026 15.53 15.31 -34.84
C PHE A 1026 16.74 14.74 -34.12
N THR A 1027 17.28 15.59 -33.28
CA THR A 1027 18.49 15.40 -32.52
C THR A 1027 18.37 15.79 -31.08
N THR A 1028 19.51 15.83 -30.40
CA THR A 1028 19.61 16.07 -28.95
C THR A 1028 19.21 17.46 -28.51
N THR A 1029 19.22 18.38 -29.42
CA THR A 1029 18.90 19.76 -29.09
C THR A 1029 17.45 20.12 -29.37
N ASN A 1030 16.68 19.15 -29.86
CA ASN A 1030 15.28 19.36 -30.22
C ASN A 1030 14.36 18.95 -29.09
N GLU A 1031 13.88 19.90 -28.30
CA GLU A 1031 13.07 19.57 -27.14
C GLU A 1031 11.83 18.78 -27.50
N ALA A 1032 11.16 19.15 -28.58
CA ALA A 1032 9.95 18.44 -28.98
C ALA A 1032 10.27 16.99 -29.28
N PHE A 1033 11.43 16.78 -29.89
CA PHE A 1033 11.84 15.44 -30.22
C PHE A 1033 12.08 14.64 -28.95
N GLN A 1034 12.79 15.21 -27.95
CA GLN A 1034 12.92 14.41 -26.73
C GLN A 1034 11.57 14.13 -26.12
N LYS A 1035 10.61 15.04 -26.20
CA LYS A 1035 9.34 14.71 -25.60
C LYS A 1035 8.73 13.49 -26.26
N VAL A 1036 9.00 13.30 -27.56
CA VAL A 1036 8.48 12.12 -28.22
C VAL A 1036 9.14 10.88 -27.62
N GLN A 1037 10.47 10.94 -27.46
CA GLN A 1037 11.19 9.80 -26.90
C GLN A 1037 10.78 9.55 -25.46
N ASP A 1038 10.49 10.60 -24.71
CA ASP A 1038 10.10 10.43 -23.33
C ASP A 1038 8.74 9.79 -23.24
N ALA A 1039 7.82 10.12 -24.14
CA ALA A 1039 6.52 9.46 -24.08
C ALA A 1039 6.72 7.96 -24.25
N VAL A 1040 7.66 7.61 -25.12
CA VAL A 1040 8.00 6.23 -25.38
C VAL A 1040 8.66 5.61 -24.16
N ASN A 1041 9.54 6.34 -23.52
CA ASN A 1041 10.21 5.81 -22.35
C ASN A 1041 9.23 5.61 -21.22
N ASN A 1042 8.20 6.44 -21.15
CA ASN A 1042 7.24 6.31 -20.07
C ASN A 1042 6.44 5.05 -20.25
N ASN A 1043 6.19 4.67 -21.51
CA ASN A 1043 5.45 3.43 -21.71
C ASN A 1043 6.32 2.27 -21.27
N ALA A 1044 7.62 2.36 -21.57
CA ALA A 1044 8.52 1.29 -21.19
C ALA A 1044 8.62 1.19 -19.69
N GLN A 1045 8.63 2.32 -19.00
CA GLN A 1045 8.77 2.26 -17.55
C GLN A 1045 7.57 1.61 -16.93
N ALA A 1046 6.40 1.88 -17.48
CA ALA A 1046 5.19 1.30 -16.94
C ALA A 1046 5.24 -0.21 -17.00
N LEU A 1047 5.84 -0.74 -18.08
CA LEU A 1047 5.91 -2.19 -18.22
C LEU A 1047 7.01 -2.77 -17.39
N SER A 1048 8.05 -1.98 -17.12
CA SER A 1048 9.17 -2.49 -16.37
C SER A 1048 8.77 -2.73 -14.96
N LYS A 1049 7.71 -2.08 -14.47
CA LYS A 1049 7.36 -2.33 -13.09
C LYS A 1049 6.88 -3.76 -12.98
N LEU A 1050 6.06 -4.20 -13.93
CA LEU A 1050 5.58 -5.56 -13.86
C LEU A 1050 6.69 -6.55 -14.13
N ALA A 1051 7.54 -6.26 -15.09
CA ALA A 1051 8.58 -7.24 -15.37
C ALA A 1051 9.56 -7.39 -14.23
N SER A 1052 9.92 -6.30 -13.56
CA SER A 1052 10.94 -6.35 -12.53
C SER A 1052 10.51 -6.68 -11.14
N GLU A 1053 9.24 -6.54 -10.82
CA GLU A 1053 8.82 -6.77 -9.44
C GLU A 1053 8.57 -8.21 -9.08
N LEU A 1054 8.45 -9.10 -10.05
CA LEU A 1054 8.17 -10.50 -9.71
C LEU A 1054 9.37 -11.20 -9.13
N SER A 1055 10.54 -10.60 -9.26
CA SER A 1055 11.75 -11.20 -8.72
C SER A 1055 11.98 -10.84 -7.27
N ASN A 1056 11.14 -9.96 -6.72
CA ASN A 1056 11.31 -9.53 -5.35
C ASN A 1056 10.73 -10.55 -4.41
N THR A 1057 11.24 -10.60 -3.18
CA THR A 1057 10.70 -11.58 -2.26
C THR A 1057 9.84 -10.91 -1.22
N PHE A 1058 10.02 -9.61 -1.04
CA PHE A 1058 9.22 -8.87 -0.08
C PHE A 1058 9.31 -9.46 1.30
N GLY A 1059 10.49 -9.94 1.66
CA GLY A 1059 10.78 -10.54 2.94
C GLY A 1059 10.65 -12.06 2.99
N ALA A 1060 10.11 -12.64 1.92
CA ALA A 1060 9.93 -14.07 1.79
C ALA A 1060 11.25 -14.76 1.54
N ILE A 1061 11.28 -16.06 1.79
CA ILE A 1061 12.45 -16.91 1.56
C ILE A 1061 12.79 -17.08 0.09
N SER A 1062 11.81 -16.89 -0.76
CA SER A 1062 11.96 -16.97 -2.19
C SER A 1062 10.91 -16.18 -2.91
N ALA A 1063 11.22 -15.73 -4.14
CA ALA A 1063 10.23 -15.07 -4.99
C ALA A 1063 9.37 -16.12 -5.70
N SER A 1064 9.77 -17.36 -5.57
CA SER A 1064 9.06 -18.46 -6.16
C SER A 1064 8.10 -19.13 -5.21
N ILE A 1065 6.87 -19.21 -5.63
CA ILE A 1065 5.83 -19.87 -4.86
C ILE A 1065 6.18 -21.33 -4.77
N GLY A 1066 6.65 -21.88 -5.87
CA GLY A 1066 7.03 -23.28 -5.89
C GLY A 1066 8.11 -23.61 -4.87
N ASP A 1067 9.06 -22.70 -4.61
CA ASP A 1067 10.11 -22.95 -3.62
C ASP A 1067 9.52 -22.91 -2.23
N ILE A 1068 8.57 -22.04 -2.02
CA ILE A 1068 7.96 -21.93 -0.72
C ILE A 1068 7.21 -23.19 -0.40
N ILE A 1069 6.44 -23.67 -1.38
CA ILE A 1069 5.67 -24.87 -1.17
C ILE A 1069 6.56 -26.07 -0.96
N GLN A 1070 7.60 -26.19 -1.78
CA GLN A 1070 8.54 -27.29 -1.66
C GLN A 1070 9.29 -27.33 -0.33
N ARG A 1071 9.60 -26.17 0.25
CA ARG A 1071 10.34 -26.14 1.50
C ARG A 1071 9.53 -26.12 2.79
N LEU A 1072 8.36 -25.47 2.80
CA LEU A 1072 7.61 -25.29 4.04
C LEU A 1072 6.25 -25.96 4.15
N ASP A 1073 5.86 -26.29 5.38
CA ASP A 1073 4.52 -26.78 5.67
C ASP A 1073 3.54 -25.63 5.80
N PRO A 1074 2.23 -25.85 5.56
CA PRO A 1074 1.17 -24.87 5.58
C PRO A 1074 1.20 -23.74 6.62
N PRO A 1075 1.39 -23.92 7.91
CA PRO A 1075 1.37 -22.78 8.81
C PRO A 1075 2.45 -21.74 8.53
N GLU A 1076 3.56 -22.14 7.90
CA GLU A 1076 4.63 -21.18 7.60
C GLU A 1076 4.61 -20.86 6.13
N GLN A 1077 4.20 -21.87 5.35
CA GLN A 1077 4.13 -21.78 3.91
C GLN A 1077 3.18 -20.68 3.56
N ASP A 1078 2.08 -20.60 4.34
CA ASP A 1078 1.04 -19.63 4.17
C ASP A 1078 1.58 -18.23 4.34
N ALA A 1079 2.35 -18.02 5.40
CA ALA A 1079 2.92 -16.71 5.69
C ALA A 1079 3.85 -16.24 4.60
N GLN A 1080 4.60 -17.17 4.03
CA GLN A 1080 5.54 -16.81 2.99
C GLN A 1080 4.86 -16.51 1.68
N ILE A 1081 3.82 -17.28 1.35
CA ILE A 1081 3.09 -17.02 0.12
C ILE A 1081 2.41 -15.71 0.28
N ASP A 1082 1.86 -15.47 1.46
CA ASP A 1082 1.16 -14.25 1.71
C ASP A 1082 2.08 -13.03 1.56
N ARG A 1083 3.36 -13.14 1.96
CA ARG A 1083 4.22 -12.00 1.71
C ARG A 1083 4.33 -11.72 0.22
N LEU A 1084 4.42 -12.78 -0.58
CA LEU A 1084 4.53 -12.54 -2.01
C LEU A 1084 3.25 -11.96 -2.53
N ILE A 1085 2.11 -12.39 -2.01
CA ILE A 1085 0.86 -11.84 -2.47
C ILE A 1085 0.79 -10.38 -2.14
N ASN A 1086 1.11 -10.01 -0.91
CA ASN A 1086 0.97 -8.61 -0.58
C ASN A 1086 1.81 -7.75 -1.47
N GLY A 1087 3.03 -8.19 -1.78
CA GLY A 1087 3.92 -7.42 -2.61
C GLY A 1087 3.43 -7.28 -4.01
N ARG A 1088 2.81 -8.33 -4.53
CA ARG A 1088 2.35 -8.32 -5.89
C ARG A 1088 1.04 -7.57 -6.01
N LEU A 1089 0.22 -7.62 -4.96
CA LEU A 1089 -1.03 -6.89 -5.02
C LEU A 1089 -0.70 -5.43 -5.00
N THR A 1090 0.32 -5.06 -4.20
CA THR A 1090 0.76 -3.69 -4.09
C THR A 1090 1.28 -3.20 -5.40
N THR A 1091 2.07 -4.03 -6.06
CA THR A 1091 2.61 -3.68 -7.35
C THR A 1091 1.52 -3.45 -8.37
N LEU A 1092 0.52 -4.33 -8.39
CA LEU A 1092 -0.55 -4.12 -9.33
C LEU A 1092 -1.38 -2.93 -9.01
N ASN A 1093 -1.57 -2.62 -7.73
CA ASN A 1093 -2.35 -1.44 -7.44
C ASN A 1093 -1.59 -0.22 -7.89
N ALA A 1094 -0.27 -0.21 -7.71
CA ALA A 1094 0.53 0.93 -8.13
C ALA A 1094 0.49 1.10 -9.62
N PHE A 1095 0.55 -0.02 -10.34
CA PHE A 1095 0.51 -0.01 -11.78
C PHE A 1095 -0.79 0.57 -12.27
N VAL A 1096 -1.89 0.08 -11.72
CA VAL A 1096 -3.16 0.57 -12.15
C VAL A 1096 -3.29 2.02 -11.80
N ALA A 1097 -2.88 2.42 -10.60
CA ALA A 1097 -3.01 3.82 -10.29
C ALA A 1097 -2.29 4.68 -11.31
N GLN A 1098 -1.12 4.24 -11.77
CA GLN A 1098 -0.42 5.02 -12.76
C GLN A 1098 -1.05 4.93 -14.11
N GLN A 1099 -1.64 3.81 -14.48
CA GLN A 1099 -2.25 3.79 -15.81
C GLN A 1099 -3.41 4.74 -15.81
N LEU A 1100 -4.12 4.86 -14.69
CA LEU A 1100 -5.21 5.80 -14.62
C LEU A 1100 -4.69 7.24 -14.65
N VAL A 1101 -3.56 7.52 -13.97
CA VAL A 1101 -3.03 8.88 -14.02
C VAL A 1101 -2.54 9.23 -15.40
N ARG A 1102 -1.85 8.30 -16.03
CA ARG A 1102 -1.29 8.52 -17.34
C ARG A 1102 -2.36 8.60 -18.42
N SER A 1103 -3.44 7.83 -18.28
CA SER A 1103 -4.50 7.89 -19.27
C SER A 1103 -5.32 9.15 -19.09
N GLU A 1104 -5.39 9.68 -17.87
CA GLU A 1104 -6.13 10.91 -17.66
C GLU A 1104 -5.35 12.04 -18.28
N SER A 1105 -4.03 12.01 -18.07
CA SER A 1105 -3.16 13.03 -18.62
C SER A 1105 -3.17 13.01 -20.11
N ALA A 1106 -3.06 11.83 -20.70
CA ALA A 1106 -3.07 11.72 -22.15
C ALA A 1106 -4.38 12.20 -22.71
N ALA A 1107 -5.49 11.93 -22.03
CA ALA A 1107 -6.77 12.39 -22.53
C ALA A 1107 -6.86 13.91 -22.53
N LEU A 1108 -6.31 14.56 -21.49
CA LEU A 1108 -6.36 16.02 -21.48
C LEU A 1108 -5.52 16.56 -22.59
N SER A 1109 -4.39 15.90 -22.79
CA SER A 1109 -3.45 16.28 -23.79
C SER A 1109 -4.08 16.11 -25.15
N ALA A 1110 -4.83 15.03 -25.35
CA ALA A 1110 -5.51 14.83 -26.61
C ALA A 1110 -6.47 15.95 -26.92
N GLN A 1111 -7.12 16.52 -25.90
CA GLN A 1111 -8.00 17.63 -26.18
C GLN A 1111 -7.19 18.86 -26.55
N LEU A 1112 -5.97 18.97 -26.04
CA LEU A 1112 -5.13 20.09 -26.42
C LEU A 1112 -4.76 19.92 -27.89
N ALA A 1113 -4.46 18.69 -28.27
CA ALA A 1113 -4.11 18.40 -29.66
C ALA A 1113 -5.26 18.74 -30.57
N LYS A 1114 -6.48 18.44 -30.11
CA LYS A 1114 -7.68 18.76 -30.86
C LYS A 1114 -7.79 20.24 -31.09
N ASP A 1115 -7.53 21.02 -30.03
CA ASP A 1115 -7.61 22.46 -30.16
C ASP A 1115 -6.55 22.99 -31.07
N LYS A 1116 -5.35 22.43 -31.02
CA LYS A 1116 -4.34 22.91 -31.93
C LYS A 1116 -4.63 22.56 -33.35
N VAL A 1117 -5.19 21.42 -33.61
CA VAL A 1117 -5.46 21.21 -35.00
C VAL A 1117 -6.45 22.25 -35.47
N ASN A 1118 -7.51 22.48 -34.69
CA ASN A 1118 -8.51 23.43 -35.18
C ASN A 1118 -8.06 24.88 -35.20
N GLU A 1119 -7.23 25.27 -34.24
CA GLU A 1119 -6.73 26.63 -34.08
C GLU A 1119 -5.51 26.93 -34.89
N CYS A 1120 -4.54 26.09 -35.06
CA CYS A 1120 -3.34 26.16 -35.62
C CYS A 1120 -3.15 25.79 -37.11
N VAL A 1121 -3.85 24.54 -37.28
CA VAL A 1121 -3.65 23.90 -38.57
C VAL A 1121 -4.74 24.24 -39.54
N LYS A 1122 -5.97 24.20 -39.07
CA LYS A 1122 -7.11 24.49 -39.91
C LYS A 1122 -7.42 25.98 -39.95
N ALA A 1123 -6.63 26.75 -39.25
CA ALA A 1123 -6.83 28.18 -39.18
C ALA A 1123 -5.52 28.89 -38.91
N GLN A 1124 -5.44 30.15 -39.27
CA GLN A 1124 -4.30 30.95 -38.86
C GLN A 1124 -4.65 31.49 -37.46
N SER A 1125 -3.77 31.32 -36.49
CA SER A 1125 -4.08 31.78 -35.14
C SER A 1125 -3.61 33.17 -34.90
N LYS A 1126 -4.37 33.92 -34.12
CA LYS A 1126 -4.02 35.26 -33.69
C LYS A 1126 -3.65 35.29 -32.22
N ARG A 1127 -3.54 34.11 -31.61
CA ARG A 1127 -3.23 33.99 -30.19
C ARG A 1127 -1.74 33.85 -29.96
N SER A 1128 -1.13 34.86 -29.37
CA SER A 1128 0.29 34.79 -29.19
C SER A 1128 0.65 33.62 -28.33
N GLY A 1129 1.62 32.83 -28.78
CA GLY A 1129 2.15 31.75 -28.00
C GLY A 1129 1.31 30.49 -27.95
N PHE A 1130 0.16 30.51 -28.60
CA PHE A 1130 -0.66 29.31 -28.54
C PHE A 1130 -0.09 28.27 -29.42
N CYS A 1131 0.26 28.67 -30.62
CA CYS A 1131 0.79 27.79 -31.59
C CYS A 1131 2.29 27.85 -31.34
N GLY A 1132 3.03 28.48 -32.23
CA GLY A 1132 4.45 28.59 -31.99
C GLY A 1132 4.81 29.98 -31.51
N GLN A 1133 6.09 30.27 -31.56
CA GLN A 1133 6.57 31.59 -31.16
C GLN A 1133 6.56 32.50 -32.38
N GLY A 1134 6.53 33.80 -32.16
CA GLY A 1134 6.52 34.73 -33.27
C GLY A 1134 5.09 34.82 -33.76
N THR A 1135 4.88 35.37 -34.94
CA THR A 1135 3.50 35.51 -35.41
C THR A 1135 3.13 34.28 -36.20
N HIS A 1136 2.04 33.64 -35.85
CA HIS A 1136 1.69 32.41 -36.56
C HIS A 1136 1.26 32.63 -37.98
N ILE A 1137 1.80 31.79 -38.87
CA ILE A 1137 1.43 31.80 -40.26
C ILE A 1137 0.73 30.51 -40.64
N VAL A 1138 1.40 29.38 -40.51
CA VAL A 1138 0.78 28.12 -40.92
C VAL A 1138 1.29 26.96 -40.07
N SER A 1139 0.48 25.96 -39.79
CA SER A 1139 1.00 24.80 -39.08
C SER A 1139 0.68 23.53 -39.84
N PHE A 1140 1.52 22.53 -39.62
CA PHE A 1140 1.33 21.23 -40.23
C PHE A 1140 1.32 20.17 -39.16
N VAL A 1141 0.66 19.04 -39.41
CA VAL A 1141 0.66 17.94 -38.46
C VAL A 1141 1.01 16.60 -39.06
N VAL A 1142 1.88 15.87 -38.37
CA VAL A 1142 2.23 14.50 -38.75
C VAL A 1142 2.01 13.65 -37.51
N ASN A 1143 1.94 12.33 -37.66
CA ASN A 1143 1.77 11.51 -36.49
C ASN A 1143 3.10 11.27 -35.82
N ALA A 1144 3.04 11.01 -34.54
CA ALA A 1144 4.18 10.71 -33.72
C ALA A 1144 3.87 9.42 -32.97
N PRO A 1145 4.85 8.69 -32.45
CA PRO A 1145 4.68 7.46 -31.70
C PRO A 1145 3.52 7.40 -30.70
N ASN A 1146 3.30 8.43 -29.90
CA ASN A 1146 2.18 8.37 -28.97
C ASN A 1146 1.28 9.59 -29.11
N GLY A 1147 1.20 10.15 -30.31
CA GLY A 1147 0.42 11.38 -30.46
C GLY A 1147 0.70 12.10 -31.74
N LEU A 1148 0.59 13.42 -31.70
CA LEU A 1148 0.78 14.25 -32.89
C LEU A 1148 2.01 15.12 -32.77
N TYR A 1149 2.66 15.36 -33.89
CA TYR A 1149 3.79 16.25 -33.90
C TYR A 1149 3.40 17.48 -34.74
N PHE A 1150 3.37 18.62 -34.09
CA PHE A 1150 2.96 19.87 -34.71
C PHE A 1150 4.17 20.58 -35.22
N MET A 1151 3.99 21.18 -36.37
CA MET A 1151 5.07 21.83 -37.04
C MET A 1151 4.63 23.27 -37.26
N HIS A 1152 4.95 24.19 -36.35
CA HIS A 1152 4.32 25.52 -36.45
C HIS A 1152 5.22 26.50 -37.14
N VAL A 1153 4.81 27.07 -38.25
CA VAL A 1153 5.69 28.01 -38.92
C VAL A 1153 5.28 29.40 -38.56
N GLY A 1154 6.20 30.14 -37.97
CA GLY A 1154 5.89 31.50 -37.55
C GLY A 1154 6.78 32.48 -38.24
N TYR A 1155 6.37 33.73 -38.14
CA TYR A 1155 7.08 34.86 -38.69
C TYR A 1155 7.88 35.51 -37.60
N TYR A 1156 9.17 35.58 -37.82
CA TYR A 1156 10.08 36.12 -36.85
C TYR A 1156 10.74 37.37 -37.35
N PRO A 1157 10.46 38.53 -36.79
CA PRO A 1157 10.99 39.78 -37.19
C PRO A 1157 12.42 39.91 -36.77
N SER A 1158 13.17 40.76 -37.45
CA SER A 1158 14.52 41.09 -37.03
C SER A 1158 14.94 42.47 -37.50
N ASN A 1159 16.08 42.92 -36.99
CA ASN A 1159 16.64 44.21 -37.35
C ASN A 1159 15.66 45.33 -37.19
N HIS A 1160 15.05 45.43 -36.04
CA HIS A 1160 14.11 46.48 -35.79
C HIS A 1160 14.76 47.83 -35.79
N ILE A 1161 14.03 48.82 -36.30
CA ILE A 1161 14.51 50.19 -36.27
C ILE A 1161 13.48 51.03 -35.60
N GLU A 1162 13.87 52.20 -35.14
CA GLU A 1162 12.89 53.09 -34.57
C GLU A 1162 12.55 54.22 -35.51
N VAL A 1163 11.26 54.45 -35.68
CA VAL A 1163 10.77 55.54 -36.49
C VAL A 1163 9.76 56.31 -35.69
N VAL A 1164 9.43 57.51 -36.14
CA VAL A 1164 8.44 58.32 -35.46
C VAL A 1164 7.09 58.20 -36.13
N SER A 1165 6.08 57.89 -35.32
CA SER A 1165 4.73 57.66 -35.79
C SER A 1165 3.68 58.59 -35.23
N ALA A 1166 2.62 58.74 -36.01
CA ALA A 1166 1.46 59.53 -35.62
C ALA A 1166 0.35 58.64 -35.10
N TYR A 1167 -0.52 59.19 -34.26
CA TYR A 1167 -1.67 58.41 -33.83
C TYR A 1167 -2.71 58.44 -34.90
N GLY A 1168 -2.63 59.47 -35.71
CA GLY A 1168 -3.54 59.75 -36.80
C GLY A 1168 -3.20 61.11 -37.38
N LEU A 1169 -3.81 61.42 -38.51
CA LEU A 1169 -3.60 62.66 -39.23
C LEU A 1169 -4.90 63.36 -39.50
N CYS A 1170 -4.96 64.66 -39.32
CA CYS A 1170 -6.12 65.47 -39.61
C CYS A 1170 -5.84 66.55 -40.62
N ASP A 1171 -6.79 66.92 -41.40
CA ASP A 1171 -6.61 68.06 -42.26
C ASP A 1171 -6.57 69.32 -41.41
N ALA A 1172 -5.47 70.05 -41.43
CA ALA A 1172 -5.34 71.23 -40.58
C ALA A 1172 -6.41 72.27 -40.91
N ALA A 1173 -6.78 72.38 -42.20
CA ALA A 1173 -7.79 73.36 -42.61
C ALA A 1173 -9.19 72.84 -42.31
N ASN A 1174 -9.31 71.53 -42.28
CA ASN A 1174 -10.58 70.84 -42.06
C ASN A 1174 -10.42 69.82 -40.95
N PRO A 1175 -10.32 70.26 -39.69
CA PRO A 1175 -9.91 69.55 -38.49
C PRO A 1175 -10.80 68.41 -38.07
N THR A 1176 -11.97 68.30 -38.65
CA THR A 1176 -12.85 67.20 -38.30
C THR A 1176 -12.67 66.01 -39.25
N ASN A 1177 -11.85 66.21 -40.29
CA ASN A 1177 -11.61 65.15 -41.27
C ASN A 1177 -10.28 64.46 -40.95
N CYS A 1178 -10.35 63.32 -40.26
CA CYS A 1178 -9.16 62.65 -39.79
C CYS A 1178 -9.10 61.20 -40.19
N ILE A 1179 -7.89 60.71 -40.31
CA ILE A 1179 -7.59 59.32 -40.59
C ILE A 1179 -6.65 58.66 -39.62
N ALA A 1180 -6.79 57.36 -39.57
CA ALA A 1180 -5.94 56.51 -38.78
C ALA A 1180 -5.51 55.42 -39.69
N PRO A 1181 -4.35 54.82 -39.50
CA PRO A 1181 -3.85 53.74 -40.31
C PRO A 1181 -4.59 52.46 -40.01
N VAL A 1182 -4.65 51.59 -41.00
CA VAL A 1182 -5.23 50.28 -40.83
C VAL A 1182 -4.21 49.18 -40.93
N ASN A 1183 -4.02 48.46 -39.83
CA ASN A 1183 -3.05 47.37 -39.71
C ASN A 1183 -1.62 47.80 -40.05
N GLY A 1184 -1.29 49.00 -39.63
CA GLY A 1184 -0.02 49.59 -39.91
C GLY A 1184 0.09 50.92 -39.22
N TYR A 1185 1.09 51.66 -39.63
CA TYR A 1185 1.40 52.92 -39.00
C TYR A 1185 1.62 54.04 -39.98
N PHE A 1186 1.35 55.25 -39.51
CA PHE A 1186 1.69 56.46 -40.25
C PHE A 1186 3.05 56.89 -39.72
N ILE A 1187 4.04 56.98 -40.59
CA ILE A 1187 5.42 57.28 -40.21
C ILE A 1187 5.97 58.50 -40.93
N LYS A 1188 6.94 59.15 -40.29
CA LYS A 1188 7.58 60.30 -40.92
C LYS A 1188 8.68 59.84 -41.84
N THR A 1189 8.77 60.47 -43.00
CA THR A 1189 9.80 60.16 -43.97
C THR A 1189 9.89 61.24 -45.02
N GLU A 1197 5.80 63.67 -46.80
CA GLU A 1197 6.11 63.78 -45.38
C GLU A 1197 5.68 62.53 -44.64
N TRP A 1198 4.37 62.32 -44.57
CA TRP A 1198 3.83 61.15 -43.93
C TRP A 1198 3.63 60.03 -44.92
N SER A 1199 3.91 58.81 -44.49
CA SER A 1199 3.67 57.67 -45.34
C SER A 1199 3.18 56.55 -44.48
N TYR A 1200 2.74 55.48 -45.10
CA TYR A 1200 2.20 54.34 -44.39
C TYR A 1200 3.12 53.14 -44.43
N THR A 1201 3.18 52.38 -43.35
CA THR A 1201 3.92 51.12 -43.42
C THR A 1201 3.08 50.04 -42.75
N GLY A 1202 3.18 48.79 -43.21
CA GLY A 1202 2.43 47.71 -42.56
C GLY A 1202 3.02 47.42 -41.20
N SER A 1203 2.24 46.89 -40.28
CA SER A 1203 2.78 46.70 -38.94
C SER A 1203 3.88 45.70 -38.75
N SER A 1204 4.03 44.75 -39.66
CA SER A 1204 5.07 43.75 -39.45
C SER A 1204 6.31 43.95 -40.25
N PHE A 1205 6.33 44.96 -41.09
CA PHE A 1205 7.53 45.07 -41.91
C PHE A 1205 7.66 46.48 -42.37
N TYR A 1206 8.81 47.08 -42.11
CA TYR A 1206 8.97 48.46 -42.51
C TYR A 1206 9.18 48.57 -43.97
N ALA A 1207 8.27 49.25 -44.59
CA ALA A 1207 8.28 49.41 -46.03
C ALA A 1207 7.35 50.53 -46.38
N PRO A 1208 7.79 51.78 -46.32
CA PRO A 1208 6.94 52.93 -46.51
C PRO A 1208 6.28 52.90 -47.90
N GLU A 1209 5.02 53.30 -47.94
CA GLU A 1209 4.23 53.39 -49.16
C GLU A 1209 3.30 54.58 -48.96
N PRO A 1210 2.72 55.18 -49.98
CA PRO A 1210 1.80 56.29 -49.83
C PRO A 1210 0.59 55.96 -49.00
N ILE A 1211 0.08 56.97 -48.32
CA ILE A 1211 -1.15 56.86 -47.57
C ILE A 1211 -2.26 57.00 -48.57
N THR A 1212 -3.13 56.02 -48.61
CA THR A 1212 -4.23 55.96 -49.56
C THR A 1212 -5.48 55.54 -48.83
N SER A 1213 -6.60 55.55 -49.50
CA SER A 1213 -7.85 55.11 -48.90
C SER A 1213 -7.87 53.61 -48.59
N LEU A 1214 -6.92 52.87 -49.13
CA LEU A 1214 -6.86 51.43 -48.90
C LEU A 1214 -6.10 51.05 -47.65
N ASN A 1215 -5.44 52.01 -47.00
CA ASN A 1215 -4.65 51.71 -45.82
C ASN A 1215 -5.00 52.62 -44.65
N THR A 1216 -6.13 53.32 -44.80
CA THR A 1216 -6.64 54.22 -43.79
C THR A 1216 -8.10 54.01 -43.51
N LYS A 1217 -8.53 54.54 -42.39
CA LYS A 1217 -9.92 54.59 -42.04
C LYS A 1217 -10.23 55.97 -41.52
N TYR A 1218 -11.43 56.46 -41.75
CA TYR A 1218 -11.76 57.76 -41.20
C TYR A 1218 -12.14 57.58 -39.77
N VAL A 1219 -11.67 58.50 -38.97
CA VAL A 1219 -11.90 58.49 -37.54
C VAL A 1219 -12.37 59.82 -36.99
N ALA A 1220 -12.91 59.79 -35.79
CA ALA A 1220 -13.23 61.02 -35.11
C ALA A 1220 -11.91 61.70 -34.76
N PRO A 1221 -11.82 63.04 -34.73
CA PRO A 1221 -10.64 63.79 -34.39
C PRO A 1221 -10.23 63.59 -32.96
N GLN A 1222 -8.92 63.60 -32.74
CA GLN A 1222 -8.34 63.46 -31.42
C GLN A 1222 -7.21 64.44 -31.23
N VAL A 1223 -6.93 64.77 -29.99
CA VAL A 1223 -5.87 65.70 -29.61
C VAL A 1223 -4.48 65.24 -29.99
N THR A 1224 -4.31 63.95 -30.19
CA THR A 1224 -3.03 63.36 -30.55
C THR A 1224 -2.81 63.23 -32.05
N TYR A 1225 -3.79 63.61 -32.84
CA TYR A 1225 -3.64 63.50 -34.28
C TYR A 1225 -2.87 64.72 -34.74
N GLN A 1226 -2.10 64.57 -35.80
CA GLN A 1226 -1.31 65.70 -36.30
C GLN A 1226 -2.12 66.57 -37.21
N ASN A 1227 -1.92 67.90 -37.17
CA ASN A 1227 -2.56 68.76 -38.11
C ASN A 1227 -1.73 68.98 -39.34
N ILE A 1228 -2.05 68.44 -40.48
CA ILE A 1228 -1.19 68.56 -41.64
C ILE A 1228 -1.80 69.55 -42.64
N SER A 1229 -0.95 70.44 -43.12
CA SER A 1229 -1.36 71.53 -44.02
C SER A 1229 -0.72 71.61 -45.40
N THR A 1230 0.16 70.69 -45.73
CA THR A 1230 0.84 70.75 -47.02
C THR A 1230 0.59 69.53 -47.87
N ASN A 1231 1.42 68.52 -47.70
CA ASN A 1231 1.26 67.34 -48.54
C ASN A 1231 0.23 66.41 -47.94
N LEU A 1232 -1.02 66.78 -48.14
CA LEU A 1232 -2.15 66.09 -47.59
C LEU A 1232 -2.32 64.84 -48.41
N PRO A 1233 -2.52 63.66 -47.83
CA PRO A 1233 -2.76 62.44 -48.55
C PRO A 1233 -4.16 62.50 -49.16
N PRO A 1234 -4.44 61.80 -50.24
CA PRO A 1234 -5.71 61.71 -50.91
C PRO A 1234 -6.96 61.50 -50.05
N PRO A 1235 -7.01 60.72 -48.95
CA PRO A 1235 -8.20 60.62 -48.14
C PRO A 1235 -8.57 61.95 -47.44
N LEU A 1236 -7.60 62.85 -47.26
CA LEU A 1236 -7.88 64.18 -46.66
C LEU A 1236 -8.04 65.27 -47.70
N LEU A 1237 -7.71 65.01 -48.96
CA LEU A 1237 -7.85 66.05 -49.98
C LEU A 1237 -9.30 66.15 -50.44
N GLY A 1238 -10.12 66.71 -49.56
CA GLY A 1238 -11.56 66.80 -49.80
C GLY A 1238 -12.01 68.23 -49.73
N THR B 32 6.21 -8.96 58.55
CA THR B 32 5.22 -7.92 58.82
C THR B 32 5.78 -6.73 59.56
N VAL B 33 5.03 -5.65 59.52
CA VAL B 33 5.40 -4.38 60.08
C VAL B 33 4.67 -4.01 61.35
N ASP B 34 5.46 -3.62 62.32
CA ASP B 34 4.97 -3.15 63.59
C ASP B 34 4.44 -1.74 63.37
N VAL B 35 3.16 -1.53 63.65
CA VAL B 35 2.49 -0.25 63.42
C VAL B 35 2.03 0.37 64.73
N GLY B 36 2.72 -0.03 65.80
CA GLY B 36 2.44 0.48 67.12
C GLY B 36 1.45 -0.42 67.80
N PRO B 37 1.11 -0.14 69.05
CA PRO B 37 0.23 -0.91 69.90
C PRO B 37 -1.23 -0.82 69.50
N ASP B 38 -2.00 -1.81 69.93
CA ASP B 38 -3.44 -1.81 69.77
C ASP B 38 -4.06 -0.78 70.70
N SER B 39 -5.23 -0.30 70.35
CA SER B 39 -5.96 0.56 71.25
C SER B 39 -6.37 -0.26 72.47
N VAL B 40 -6.38 0.40 73.60
CA VAL B 40 -6.75 -0.23 74.85
C VAL B 40 -8.11 0.22 75.35
N LYS B 41 -8.85 0.94 74.54
CA LYS B 41 -10.14 1.39 74.98
C LYS B 41 -11.18 0.27 74.81
N SER B 42 -12.10 0.22 75.76
CA SER B 42 -13.19 -0.77 75.78
C SER B 42 -14.39 -0.38 74.93
N ALA B 43 -14.35 0.84 74.43
CA ALA B 43 -15.40 1.38 73.63
C ALA B 43 -14.87 2.39 72.65
N CYS B 44 -15.63 2.52 71.58
CA CYS B 44 -15.42 3.51 70.54
C CYS B 44 -16.27 4.74 70.80
N ILE B 45 -15.93 5.86 70.23
CA ILE B 45 -16.80 7.01 70.36
C ILE B 45 -17.99 6.82 69.44
N GLU B 46 -19.16 7.07 70.01
CA GLU B 46 -20.43 6.96 69.32
C GLU B 46 -20.46 7.83 68.09
N VAL B 47 -20.97 7.28 66.99
CA VAL B 47 -21.04 8.02 65.75
C VAL B 47 -22.47 8.28 65.33
N ASP B 48 -22.78 9.55 65.12
CA ASP B 48 -24.08 10.01 64.67
C ASP B 48 -24.13 10.20 63.17
N ILE B 49 -24.85 9.36 62.45
CA ILE B 49 -24.86 9.50 61.01
C ILE B 49 -26.13 10.25 60.61
N GLN B 50 -25.98 11.46 60.06
CA GLN B 50 -27.16 12.21 59.62
C GLN B 50 -26.94 12.77 58.24
N GLN B 51 -27.18 11.96 57.22
CA GLN B 51 -26.83 12.28 55.85
C GLN B 51 -27.49 13.53 55.35
N THR B 52 -28.66 13.85 55.85
CA THR B 52 -29.35 15.05 55.40
C THR B 52 -28.44 16.27 55.45
N PHE B 53 -27.63 16.37 56.49
CA PHE B 53 -26.80 17.54 56.70
C PHE B 53 -25.66 17.63 55.72
N PHE B 54 -25.35 16.52 55.07
CA PHE B 54 -24.24 16.44 54.16
C PHE B 54 -24.75 16.42 52.71
N ASP B 55 -26.06 16.53 52.51
CA ASP B 55 -26.61 16.50 51.17
C ASP B 55 -26.60 17.90 50.56
N LYS B 56 -25.40 18.34 50.19
CA LYS B 56 -25.19 19.69 49.69
C LYS B 56 -24.92 19.69 48.22
N THR B 57 -25.26 20.78 47.58
CA THR B 57 -25.00 20.94 46.16
C THR B 57 -24.03 22.07 45.91
N TRP B 58 -22.78 21.69 45.74
CA TRP B 58 -21.65 22.58 45.56
C TRP B 58 -20.83 22.08 44.39
N PRO B 59 -21.38 22.06 43.17
CA PRO B 59 -20.80 21.40 42.03
C PRO B 59 -19.49 22.00 41.54
N ARG B 60 -18.54 21.14 41.28
CA ARG B 60 -17.25 21.53 40.75
C ARG B 60 -16.81 20.47 39.78
N PRO B 61 -17.38 20.41 38.59
CA PRO B 61 -17.11 19.40 37.60
C PRO B 61 -15.75 19.60 37.01
N ILE B 62 -15.23 18.58 36.39
CA ILE B 62 -13.95 18.73 35.74
C ILE B 62 -14.03 19.66 34.58
N ASP B 63 -13.16 20.65 34.61
CA ASP B 63 -13.02 21.59 33.51
C ASP B 63 -11.72 21.25 32.82
N VAL B 64 -11.79 20.55 31.73
CA VAL B 64 -10.59 20.07 31.08
C VAL B 64 -9.83 21.23 30.47
N SER B 65 -10.54 22.30 30.10
CA SER B 65 -9.93 23.47 29.49
C SER B 65 -9.04 24.22 30.44
N LYS B 66 -9.16 23.90 31.73
CA LYS B 66 -8.38 24.51 32.81
C LYS B 66 -7.38 23.45 33.32
N ALA B 67 -7.34 22.30 32.62
CA ALA B 67 -6.58 21.09 32.88
C ALA B 67 -6.87 20.44 34.25
N ASP B 68 -8.13 20.48 34.69
CA ASP B 68 -8.47 19.84 35.95
C ASP B 68 -8.30 18.34 35.88
N GLY B 69 -7.73 17.76 36.92
CA GLY B 69 -7.65 16.32 37.05
C GLY B 69 -6.59 15.63 36.24
N ILE B 70 -5.71 16.38 35.60
CA ILE B 70 -4.72 15.73 34.77
C ILE B 70 -3.44 15.29 35.43
N ILE B 71 -3.16 14.02 35.20
CA ILE B 71 -1.94 13.36 35.58
C ILE B 71 -1.01 13.57 34.41
N TYR B 72 0.17 14.06 34.68
CA TYR B 72 1.12 14.42 33.65
C TYR B 72 1.63 13.13 32.96
N PRO B 73 1.92 13.08 31.64
CA PRO B 73 2.44 11.88 31.00
C PRO B 73 3.63 11.47 31.84
N GLN B 74 3.71 10.21 32.21
CA GLN B 74 4.69 9.83 33.21
C GLN B 74 6.15 9.68 32.90
N GLY B 75 6.52 9.24 31.74
CA GLY B 75 7.94 9.00 31.54
C GLY B 75 8.69 10.11 30.84
N ARG B 76 8.02 11.22 30.61
CA ARG B 76 8.62 12.28 29.82
C ARG B 76 7.96 13.60 29.97
N THR B 77 8.59 14.62 29.42
CA THR B 77 7.99 15.93 29.34
C THR B 77 8.08 16.46 27.94
N TYR B 78 7.32 17.52 27.72
CA TYR B 78 7.23 18.18 26.43
C TYR B 78 7.29 19.68 26.67
N SER B 79 7.67 20.45 25.66
CA SER B 79 7.72 21.89 25.82
C SER B 79 7.18 22.71 24.69
N ASN B 80 6.19 23.53 25.01
CA ASN B 80 5.61 24.44 24.05
C ASN B 80 4.94 23.70 22.85
N ILE B 81 4.29 22.60 23.06
CA ILE B 81 3.64 21.89 21.94
C ILE B 81 2.21 21.53 22.28
N THR B 82 1.42 21.28 21.26
CA THR B 82 0.10 20.71 21.49
C THR B 82 0.03 19.33 20.82
N ILE B 83 -0.21 18.30 21.62
CA ILE B 83 -0.31 16.94 21.08
C ILE B 83 -1.47 16.17 21.67
N THR B 84 -1.94 15.13 20.98
CA THR B 84 -2.87 14.26 21.68
C THR B 84 -2.11 13.24 22.47
N TYR B 85 -2.74 12.75 23.51
CA TYR B 85 -2.16 11.76 24.38
C TYR B 85 -3.19 10.82 24.96
N GLN B 86 -2.85 9.55 24.96
CA GLN B 86 -3.71 8.51 25.51
C GLN B 86 -3.34 8.19 26.95
N GLY B 87 -4.31 8.24 27.86
CA GLY B 87 -4.00 7.94 29.26
C GLY B 87 -5.22 7.98 30.14
N LEU B 88 -5.03 7.86 31.45
CA LEU B 88 -6.16 7.84 32.34
C LEU B 88 -6.50 9.23 32.78
N PHE B 89 -7.69 9.66 32.38
CA PHE B 89 -8.18 11.00 32.60
C PHE B 89 -9.62 10.97 33.06
N PRO B 90 -10.09 11.97 33.80
CA PRO B 90 -11.48 12.14 34.16
C PRO B 90 -12.23 12.68 32.92
N TYR B 91 -13.53 12.53 32.84
CA TYR B 91 -14.31 13.04 31.74
C TYR B 91 -14.61 14.52 31.91
N GLN B 92 -14.61 15.23 30.80
CA GLN B 92 -15.04 16.62 30.84
C GLN B 92 -16.45 16.69 31.34
N GLY B 93 -16.69 17.56 32.31
CA GLY B 93 -18.02 17.75 32.84
C GLY B 93 -18.41 16.82 33.97
N ASP B 94 -17.52 15.92 34.34
CA ASP B 94 -17.84 14.99 35.41
C ASP B 94 -17.93 15.69 36.72
N HIS B 95 -19.08 15.59 37.38
CA HIS B 95 -19.29 16.22 38.67
C HIS B 95 -18.59 15.50 39.78
N GLY B 96 -18.40 14.21 39.60
CA GLY B 96 -17.75 13.40 40.61
C GLY B 96 -18.64 13.21 41.79
N ASP B 97 -18.04 12.71 42.84
CA ASP B 97 -18.72 12.45 44.08
C ASP B 97 -18.22 13.38 45.14
N MET B 98 -19.09 14.20 45.69
CA MET B 98 -18.62 15.14 46.69
C MET B 98 -18.71 14.55 48.07
N TYR B 99 -17.66 14.77 48.86
CA TYR B 99 -17.64 14.34 50.23
C TYR B 99 -17.25 15.48 51.13
N VAL B 100 -17.92 15.64 52.27
CA VAL B 100 -17.51 16.71 53.17
C VAL B 100 -17.40 16.20 54.58
N TYR B 101 -16.33 16.57 55.25
CA TYR B 101 -16.10 16.22 56.63
C TYR B 101 -16.62 17.34 57.51
N SER B 102 -17.05 17.02 58.72
CA SER B 102 -17.59 18.03 59.64
C SER B 102 -17.07 17.96 61.06
N ALA B 103 -17.53 18.93 61.83
CA ALA B 103 -17.31 18.98 63.25
C ALA B 103 -18.24 18.00 63.93
N GLY B 104 -17.81 17.47 65.04
CA GLY B 104 -18.66 16.58 65.82
C GLY B 104 -19.56 17.39 66.71
N HIS B 105 -20.32 16.68 67.54
CA HIS B 105 -21.25 17.28 68.46
C HIS B 105 -20.47 17.80 69.63
N ALA B 106 -20.96 18.84 70.28
CA ALA B 106 -20.30 19.39 71.44
C ALA B 106 -21.30 20.02 72.39
N THR B 107 -20.83 20.37 73.54
CA THR B 107 -21.61 21.16 74.48
C THR B 107 -20.61 22.11 75.10
N GLY B 108 -20.52 23.31 74.59
CA GLY B 108 -19.50 24.21 75.08
C GLY B 108 -18.11 23.66 74.80
N THR B 109 -17.34 23.50 75.86
CA THR B 109 -15.95 23.05 75.79
C THR B 109 -15.68 21.56 75.86
N THR B 110 -16.74 20.76 75.92
CA THR B 110 -16.56 19.32 75.99
C THR B 110 -17.17 18.61 74.77
N PRO B 111 -16.36 18.26 73.75
CA PRO B 111 -16.76 17.59 72.53
C PRO B 111 -17.44 16.32 72.91
N GLN B 112 -18.41 15.88 72.14
CA GLN B 112 -19.12 14.67 72.46
C GLN B 112 -19.05 13.60 71.38
N LYS B 113 -20.16 13.42 70.70
CA LYS B 113 -20.41 12.40 69.68
C LYS B 113 -19.84 12.81 68.32
N LEU B 114 -19.42 11.84 67.52
CA LEU B 114 -18.90 12.23 66.22
C LEU B 114 -20.06 12.44 65.27
N PHE B 115 -19.91 13.35 64.32
CA PHE B 115 -20.98 13.62 63.36
C PHE B 115 -20.51 13.38 61.94
N VAL B 116 -21.10 12.38 61.30
CA VAL B 116 -20.69 11.98 59.98
C VAL B 116 -21.81 11.79 58.97
N ALA B 117 -21.39 11.70 57.74
CA ALA B 117 -22.18 11.32 56.58
C ALA B 117 -22.22 9.81 56.47
N ASN B 118 -23.09 9.27 55.64
CA ASN B 118 -23.14 7.78 55.45
C ASN B 118 -22.04 7.35 54.51
N TYR B 119 -20.80 7.65 54.73
CA TYR B 119 -19.75 7.36 53.77
C TYR B 119 -19.16 6.00 53.88
N SER B 120 -19.11 5.43 55.07
CA SER B 120 -18.40 4.16 55.21
C SER B 120 -19.11 3.02 54.54
N GLN B 121 -20.41 3.20 54.36
CA GLN B 121 -21.26 2.19 53.79
C GLN B 121 -21.44 2.38 52.30
N ASP B 122 -20.96 3.51 51.79
CA ASP B 122 -21.09 3.85 50.39
C ASP B 122 -19.85 3.34 49.64
N VAL B 123 -19.83 2.08 49.28
CA VAL B 123 -18.66 1.49 48.67
C VAL B 123 -18.74 1.59 47.16
N LYS B 124 -17.69 2.10 46.57
CA LYS B 124 -17.65 2.32 45.14
C LYS B 124 -16.75 1.36 44.43
N GLN B 125 -17.01 1.15 43.15
CA GLN B 125 -16.14 0.31 42.35
C GLN B 125 -14.93 1.18 42.00
N PHE B 126 -13.73 0.65 42.20
CA PHE B 126 -12.45 1.32 41.92
C PHE B 126 -12.18 1.52 40.46
N ALA B 127 -12.42 0.49 39.66
CA ALA B 127 -12.15 0.51 38.24
C ALA B 127 -10.72 0.90 37.95
N ASN B 128 -10.49 2.04 37.29
CA ASN B 128 -9.15 2.42 36.90
C ASN B 128 -8.53 3.39 37.88
N GLY B 129 -9.21 3.69 38.96
CA GLY B 129 -8.69 4.66 39.90
C GLY B 129 -9.39 5.98 39.79
N PHE B 130 -8.90 6.94 40.54
CA PHE B 130 -9.54 8.22 40.66
C PHE B 130 -8.63 9.37 40.99
N VAL B 131 -9.13 10.57 40.77
CA VAL B 131 -8.45 11.79 41.17
C VAL B 131 -9.34 12.55 42.11
N VAL B 132 -8.73 13.32 42.99
CA VAL B 132 -9.47 14.04 43.97
C VAL B 132 -9.13 15.51 43.99
N ARG B 133 -10.15 16.36 43.97
CA ARG B 133 -9.98 17.80 44.06
C ARG B 133 -10.03 18.12 45.56
N ILE B 134 -8.93 18.63 46.13
CA ILE B 134 -8.87 18.86 47.59
C ILE B 134 -8.70 20.33 47.97
N GLY B 135 -9.62 20.87 48.78
CA GLY B 135 -9.51 22.25 49.25
C GLY B 135 -9.97 23.33 48.29
N ALA B 136 -10.80 23.00 47.33
CA ALA B 136 -11.24 23.98 46.34
C ALA B 136 -11.93 25.18 46.93
N ALA B 137 -12.67 24.96 48.00
CA ALA B 137 -13.41 26.02 48.64
C ALA B 137 -12.62 26.76 49.71
N ALA B 138 -11.36 26.40 49.91
CA ALA B 138 -10.63 27.05 50.97
C ALA B 138 -10.62 28.54 50.74
N ASN B 139 -10.67 29.27 51.87
CA ASN B 139 -10.70 30.72 52.02
C ASN B 139 -12.07 31.33 51.75
N SER B 140 -13.04 30.54 51.34
CA SER B 140 -14.36 31.05 51.11
C SER B 140 -15.11 30.94 52.41
N THR B 141 -16.15 31.74 52.60
CA THR B 141 -16.96 31.53 53.78
C THR B 141 -17.87 30.36 53.50
N GLY B 142 -17.92 29.42 54.42
CA GLY B 142 -18.77 28.26 54.28
C GLY B 142 -19.61 28.01 55.46
N THR B 143 -20.09 26.79 55.53
CA THR B 143 -20.98 26.39 56.59
C THR B 143 -20.36 25.35 57.46
N VAL B 144 -20.73 25.39 58.71
CA VAL B 144 -20.37 24.33 59.59
C VAL B 144 -21.50 23.31 59.37
N ILE B 145 -21.18 22.11 58.95
CA ILE B 145 -22.24 21.19 58.54
C ILE B 145 -23.20 20.85 59.66
N ILE B 146 -22.64 20.61 60.83
CA ILE B 146 -23.41 20.26 62.01
C ILE B 146 -24.34 21.35 62.49
N SER B 147 -24.02 22.60 62.14
CA SER B 147 -24.81 23.74 62.52
C SER B 147 -24.97 24.67 61.31
N PRO B 148 -25.99 24.46 60.46
CA PRO B 148 -26.24 25.15 59.21
C PRO B 148 -26.30 26.67 59.31
N SER B 149 -26.69 27.19 60.47
CA SER B 149 -26.78 28.63 60.65
C SER B 149 -25.45 29.27 61.02
N THR B 150 -24.45 28.44 61.29
CA THR B 150 -23.14 28.91 61.67
C THR B 150 -22.23 28.91 60.46
N SER B 151 -21.59 30.05 60.23
CA SER B 151 -20.65 30.19 59.14
C SER B 151 -19.25 30.25 59.65
N ALA B 152 -18.31 29.85 58.82
CA ALA B 152 -16.91 29.90 59.16
C ALA B 152 -16.08 29.92 57.91
N THR B 153 -14.84 30.39 58.01
CA THR B 153 -13.94 30.30 56.86
C THR B 153 -13.64 28.84 56.57
N ILE B 154 -13.70 28.46 55.31
CA ILE B 154 -13.42 27.10 54.88
C ILE B 154 -11.94 26.79 54.85
N ARG B 155 -11.59 25.66 55.47
CA ARG B 155 -10.20 25.22 55.50
C ARG B 155 -10.02 23.90 54.79
N LYS B 156 -8.87 23.73 54.17
CA LYS B 156 -8.59 22.47 53.49
C LYS B 156 -8.45 21.32 54.45
N ILE B 157 -9.05 20.21 54.08
CA ILE B 157 -8.94 19.00 54.81
C ILE B 157 -8.62 17.87 53.84
N TYR B 158 -7.86 16.87 54.24
CA TYR B 158 -7.51 15.81 53.34
C TYR B 158 -8.41 14.64 53.51
N PRO B 159 -8.75 13.97 52.42
CA PRO B 159 -9.60 12.82 52.37
C PRO B 159 -8.93 11.60 52.93
N ALA B 160 -9.72 10.72 53.50
CA ALA B 160 -9.21 9.43 53.97
C ALA B 160 -9.86 8.35 53.14
N PHE B 161 -9.10 7.34 52.77
CA PHE B 161 -9.66 6.28 51.94
C PHE B 161 -9.38 4.89 52.45
N MET B 162 -10.32 4.01 52.20
CA MET B 162 -10.14 2.59 52.49
C MET B 162 -10.33 1.87 51.17
N LEU B 163 -9.34 1.07 50.75
CA LEU B 163 -9.42 0.40 49.46
C LEU B 163 -9.13 -1.11 49.53
N GLY B 164 -9.77 -1.91 48.71
CA GLY B 164 -9.42 -3.31 48.77
C GLY B 164 -10.05 -4.18 47.72
N SER B 165 -9.80 -5.48 47.87
CA SER B 165 -10.22 -6.52 46.94
C SER B 165 -11.60 -7.08 47.18
N SER B 166 -12.08 -7.01 48.40
CA SER B 166 -13.33 -7.64 48.76
C SER B 166 -14.03 -6.91 49.87
N VAL B 167 -15.34 -6.79 49.72
CA VAL B 167 -16.18 -6.11 50.68
C VAL B 167 -17.38 -6.92 51.10
N GLY B 168 -17.95 -6.53 52.21
CA GLY B 168 -19.15 -7.15 52.72
C GLY B 168 -19.61 -6.39 53.92
N ASN B 169 -20.42 -7.04 54.75
CA ASN B 169 -20.97 -6.39 55.89
C ASN B 169 -20.27 -6.69 57.20
N PHE B 170 -20.64 -5.94 58.20
CA PHE B 170 -20.21 -6.06 59.57
C PHE B 170 -21.20 -6.92 60.34
N SER B 171 -20.98 -7.11 61.62
CA SER B 171 -21.75 -8.02 62.45
C SER B 171 -23.21 -7.72 62.46
N ASP B 172 -23.61 -6.45 62.41
CA ASP B 172 -25.02 -6.12 62.44
C ASP B 172 -25.67 -6.00 61.06
N GLY B 173 -24.95 -6.33 60.01
CA GLY B 173 -25.49 -6.23 58.66
C GLY B 173 -25.15 -4.94 57.92
N LYS B 174 -24.49 -3.98 58.56
CA LYS B 174 -24.18 -2.76 57.82
C LYS B 174 -23.02 -3.01 56.89
N MET B 175 -23.03 -2.39 55.72
CA MET B 175 -21.92 -2.60 54.80
C MET B 175 -20.75 -1.70 55.02
N GLY B 176 -19.64 -2.07 54.39
CA GLY B 176 -18.45 -1.25 54.47
C GLY B 176 -17.28 -2.01 55.06
N ARG B 177 -17.45 -3.30 55.32
CA ARG B 177 -16.36 -4.06 55.83
C ARG B 177 -15.49 -4.53 54.70
N PHE B 178 -14.19 -4.40 54.86
CA PHE B 178 -13.23 -4.87 53.87
C PHE B 178 -12.54 -6.11 54.42
N PHE B 179 -12.27 -7.05 53.54
CA PHE B 179 -11.68 -8.31 53.97
C PHE B 179 -10.26 -8.44 53.52
N ASN B 180 -9.53 -9.23 54.28
CA ASN B 180 -8.10 -9.52 53.92
C ASN B 180 -7.37 -8.16 54.04
N HIS B 181 -6.33 -8.06 53.13
CA HIS B 181 -5.59 -6.81 53.25
C HIS B 181 -6.28 -5.68 52.60
N THR B 182 -6.34 -4.59 53.33
CA THR B 182 -6.98 -3.38 52.93
C THR B 182 -5.98 -2.26 52.95
N LEU B 183 -6.01 -1.45 51.92
CA LEU B 183 -5.14 -0.30 51.84
C LEU B 183 -5.83 0.89 52.44
N VAL B 184 -5.19 1.50 53.39
CA VAL B 184 -5.76 2.65 54.02
C VAL B 184 -4.86 3.84 53.80
N LEU B 185 -5.46 4.89 53.28
CA LEU B 185 -4.76 6.15 53.09
C LEU B 185 -5.36 7.08 54.12
N LEU B 186 -4.61 7.37 55.17
CA LEU B 186 -5.16 8.11 56.27
C LEU B 186 -4.31 9.33 56.61
N PRO B 187 -4.73 10.55 56.29
CA PRO B 187 -3.99 11.73 56.59
C PRO B 187 -4.00 11.88 58.08
N ASP B 188 -2.94 12.45 58.62
CA ASP B 188 -2.83 12.61 60.06
C ASP B 188 -2.01 13.85 60.39
N GLY B 189 -1.84 14.09 61.68
CA GLY B 189 -1.03 15.23 62.11
C GLY B 189 -1.71 16.52 61.81
N CYS B 190 -3.03 16.53 61.84
CA CYS B 190 -3.83 17.71 61.52
C CYS B 190 -3.52 18.18 60.09
N GLY B 191 -3.34 17.22 59.17
CA GLY B 191 -3.08 17.57 57.78
C GLY B 191 -1.59 17.73 57.42
N THR B 192 -0.67 17.17 58.23
CA THR B 192 0.74 17.32 57.90
C THR B 192 1.36 16.06 57.33
N LEU B 193 0.71 14.93 57.46
CA LEU B 193 1.28 13.73 56.86
C LEU B 193 0.22 12.85 56.23
N LEU B 194 0.60 12.14 55.19
CA LEU B 194 -0.25 11.10 54.65
C LEU B 194 0.28 9.77 55.07
N ARG B 195 -0.52 8.97 55.77
CA ARG B 195 -0.07 7.65 56.16
C ARG B 195 -0.73 6.56 55.36
N ALA B 196 0.07 5.80 54.63
CA ALA B 196 -0.43 4.73 53.77
C ALA B 196 -0.05 3.38 54.33
N PHE B 197 -1.04 2.52 54.55
CA PHE B 197 -0.69 1.20 55.06
C PHE B 197 -1.55 0.14 54.48
N TYR B 198 -1.01 -1.06 54.43
CA TYR B 198 -1.75 -2.19 53.86
C TYR B 198 -1.80 -3.23 54.93
N CYS B 199 -3.00 -3.52 55.36
CA CYS B 199 -3.08 -4.37 56.59
C CYS B 199 -4.46 -5.03 56.63
N ILE B 200 -4.57 -6.00 57.57
CA ILE B 200 -5.88 -6.62 57.77
C ILE B 200 -6.57 -5.87 58.87
N LEU B 201 -7.81 -5.49 58.63
CA LEU B 201 -8.54 -4.75 59.63
C LEU B 201 -9.48 -5.67 60.36
N GLU B 202 -9.20 -5.86 61.64
CA GLU B 202 -9.98 -6.75 62.49
C GLU B 202 -10.94 -5.96 63.35
N PRO B 203 -12.23 -5.98 63.10
CA PRO B 203 -13.16 -5.16 63.83
C PRO B 203 -13.08 -5.43 65.31
N ARG B 204 -13.07 -4.37 66.09
CA ARG B 204 -13.07 -4.50 67.54
C ARG B 204 -14.47 -4.70 68.01
N SER B 205 -14.61 -5.39 69.11
CA SER B 205 -15.89 -5.77 69.68
C SER B 205 -16.48 -4.90 70.76
N GLY B 206 -15.83 -3.80 71.06
CA GLY B 206 -16.29 -2.95 72.15
C GLY B 206 -17.51 -2.13 71.76
N ASN B 207 -17.94 -1.29 72.67
CA ASN B 207 -19.18 -0.54 72.46
C ASN B 207 -19.02 0.43 71.30
N HIS B 208 -19.96 0.37 70.35
CA HIS B 208 -19.99 1.22 69.15
C HIS B 208 -18.89 0.89 68.15
N CYS B 209 -18.26 -0.25 68.32
CA CYS B 209 -17.21 -0.67 67.41
C CYS B 209 -17.89 -1.63 66.43
N PRO B 210 -17.35 -1.89 65.25
CA PRO B 210 -17.95 -2.75 64.22
C PRO B 210 -18.27 -4.19 64.56
N ALA B 211 -17.62 -4.78 65.57
CA ALA B 211 -18.00 -6.14 65.94
C ALA B 211 -18.75 -6.12 67.28
N GLY B 212 -19.12 -4.94 67.75
CA GLY B 212 -19.79 -4.79 69.04
C GLY B 212 -21.24 -4.31 68.95
N ASN B 213 -21.73 -3.76 70.06
CA ASN B 213 -23.10 -3.30 70.14
C ASN B 213 -23.25 -1.86 69.71
N SER B 214 -24.44 -1.50 69.26
CA SER B 214 -24.78 -0.13 68.88
C SER B 214 -23.85 0.49 67.85
N TYR B 215 -23.46 -0.30 66.87
CA TYR B 215 -22.61 0.16 65.80
C TYR B 215 -23.41 0.81 64.71
N THR B 216 -22.88 1.91 64.23
CA THR B 216 -23.42 2.71 63.16
C THR B 216 -22.42 2.76 62.02
N SER B 217 -21.38 3.53 62.22
CA SER B 217 -20.28 3.65 61.30
C SER B 217 -19.01 3.90 62.06
N PHE B 218 -17.92 3.40 61.54
CA PHE B 218 -16.64 3.71 62.12
C PHE B 218 -16.30 5.07 61.61
N ALA B 219 -15.43 5.78 62.28
CA ALA B 219 -15.01 7.07 61.79
C ALA B 219 -13.68 7.40 62.39
N THR B 220 -12.93 8.24 61.73
CA THR B 220 -11.72 8.73 62.36
C THR B 220 -11.98 10.11 62.90
N TYR B 221 -11.11 10.56 63.77
CA TYR B 221 -11.24 11.87 64.32
C TYR B 221 -9.93 12.35 64.86
N HIS B 222 -9.86 13.62 65.10
CA HIS B 222 -8.76 14.19 65.84
C HIS B 222 -9.44 15.22 66.72
N THR B 223 -8.77 15.61 67.81
CA THR B 223 -9.26 16.59 68.77
C THR B 223 -8.31 17.77 68.81
N PRO B 224 -8.53 18.83 68.00
CA PRO B 224 -7.66 19.96 67.87
C PRO B 224 -7.14 20.52 69.15
N ALA B 225 -8.02 20.49 70.17
CA ALA B 225 -7.66 21.02 71.47
C ALA B 225 -6.42 20.38 72.04
N THR B 226 -6.21 19.10 71.77
CA THR B 226 -5.03 18.43 72.30
C THR B 226 -4.09 17.93 71.20
N ASP B 227 -4.61 17.79 69.98
CA ASP B 227 -3.84 17.23 68.88
C ASP B 227 -3.18 18.21 67.97
N CYS B 228 -3.65 19.46 67.96
CA CYS B 228 -3.10 20.41 67.00
C CYS B 228 -2.48 21.61 67.68
N SER B 229 -1.57 21.36 68.61
CA SER B 229 -0.85 22.42 69.31
C SER B 229 0.00 23.16 68.31
N ASP B 230 0.28 24.44 68.51
CA ASP B 230 1.03 25.19 67.48
C ASP B 230 2.35 24.54 67.12
N GLY B 231 2.98 23.93 68.10
CA GLY B 231 4.25 23.27 67.87
C GLY B 231 4.06 21.77 67.59
N ASN B 232 3.84 21.02 68.65
CA ASN B 232 3.80 19.58 68.51
C ASN B 232 2.44 19.00 68.11
N TYR B 233 2.27 18.76 66.81
CA TYR B 233 1.03 18.13 66.33
C TYR B 233 1.11 16.64 66.63
N ASN B 234 -0.03 16.04 66.95
CA ASN B 234 -0.07 14.61 67.20
C ASN B 234 -0.14 13.83 65.91
N ARG B 235 0.98 13.25 65.54
CA ARG B 235 1.10 12.60 64.23
C ARG B 235 0.40 11.30 64.17
N ASN B 236 -0.09 10.83 65.33
CA ASN B 236 -0.84 9.60 65.38
C ASN B 236 -2.30 9.85 65.78
N ALA B 237 -2.78 11.10 65.75
CA ALA B 237 -4.15 11.29 66.22
C ALA B 237 -5.21 10.54 65.41
N SER B 238 -5.07 10.52 64.09
CA SER B 238 -6.08 9.86 63.28
C SER B 238 -5.82 8.38 63.25
N LEU B 239 -4.55 8.00 63.36
CA LEU B 239 -4.25 6.57 63.38
C LEU B 239 -4.82 5.99 64.63
N ASN B 240 -4.69 6.71 65.74
CA ASN B 240 -5.17 6.19 66.98
C ASN B 240 -6.67 6.08 66.99
N SER B 241 -7.38 7.00 66.33
CA SER B 241 -8.82 6.84 66.31
C SER B 241 -9.24 5.68 65.43
N PHE B 242 -8.48 5.45 64.37
CA PHE B 242 -8.81 4.36 63.44
C PHE B 242 -8.74 3.07 64.19
N LYS B 243 -7.68 2.95 65.00
CA LYS B 243 -7.38 1.80 65.83
C LYS B 243 -8.39 1.50 66.92
N GLU B 244 -9.28 2.46 67.20
CA GLU B 244 -10.30 2.22 68.19
C GLU B 244 -11.36 1.32 67.57
N TYR B 245 -11.54 1.38 66.25
CA TYR B 245 -12.57 0.59 65.63
C TYR B 245 -12.00 -0.71 65.09
N PHE B 246 -10.72 -0.68 64.68
CA PHE B 246 -10.11 -1.89 64.12
C PHE B 246 -8.77 -2.21 64.71
N ASN B 247 -8.48 -3.49 64.84
CA ASN B 247 -7.13 -3.91 65.18
C ASN B 247 -6.39 -4.07 63.87
N LEU B 248 -5.17 -3.55 63.78
CA LEU B 248 -4.38 -3.68 62.55
C LEU B 248 -3.48 -4.92 62.66
N ARG B 249 -3.67 -5.83 61.72
CA ARG B 249 -2.98 -7.11 61.71
C ARG B 249 -2.29 -7.45 60.40
N ASN B 250 -1.16 -8.08 60.51
CA ASN B 250 -0.36 -8.49 59.28
C ASN B 250 -0.13 -7.36 58.42
N CYS B 251 0.27 -6.21 58.90
CA CYS B 251 0.56 -5.08 58.06
C CYS B 251 1.78 -5.39 57.27
N THR B 252 1.77 -5.08 55.98
CA THR B 252 2.95 -5.41 55.20
C THR B 252 3.81 -4.18 55.07
N PHE B 253 3.19 -3.02 55.20
CA PHE B 253 3.89 -1.77 55.16
C PHE B 253 3.09 -0.71 55.84
N MET B 254 3.80 0.34 56.22
CA MET B 254 3.22 1.59 56.65
C MET B 254 4.19 2.68 56.28
N TYR B 255 3.78 3.56 55.39
CA TYR B 255 4.62 4.63 54.90
C TYR B 255 4.03 5.96 55.24
N THR B 256 4.86 6.96 55.47
CA THR B 256 4.31 8.28 55.65
C THR B 256 4.93 9.24 54.68
N TYR B 257 4.15 10.23 54.29
CA TYR B 257 4.63 11.26 53.40
C TYR B 257 4.38 12.56 54.06
N ASN B 258 5.27 13.51 53.96
CA ASN B 258 5.04 14.80 54.58
C ASN B 258 4.32 15.77 53.70
N ILE B 259 3.46 16.56 54.27
CA ILE B 259 2.72 17.60 53.63
C ILE B 259 3.03 18.97 54.28
N THR B 260 3.50 19.93 53.51
CA THR B 260 3.70 21.26 54.09
C THR B 260 2.31 21.89 54.17
N GLU B 261 1.96 22.54 55.27
CA GLU B 261 0.63 23.14 55.33
C GLU B 261 0.47 24.40 54.52
N ASP B 262 -0.67 24.50 53.86
CA ASP B 262 -1.09 25.64 53.08
C ASP B 262 -2.61 25.51 52.88
N GLU B 263 -3.23 26.47 52.20
CA GLU B 263 -4.66 26.42 51.84
C GLU B 263 -4.86 26.36 50.33
N ILE B 264 -3.85 25.88 49.64
CA ILE B 264 -3.80 25.81 48.18
C ILE B 264 -4.58 24.62 47.60
N LEU B 265 -5.39 24.85 46.56
CA LEU B 265 -6.09 23.72 45.95
C LEU B 265 -5.10 22.72 45.40
N GLU B 266 -5.29 21.45 45.74
CA GLU B 266 -4.38 20.43 45.23
C GLU B 266 -5.11 19.23 44.74
N TRP B 267 -4.44 18.51 43.87
CA TRP B 267 -5.01 17.28 43.39
C TRP B 267 -4.24 16.08 43.87
N PHE B 268 -5.00 15.05 44.17
CA PHE B 268 -4.50 13.72 44.58
C PHE B 268 -5.00 12.64 43.64
N GLY B 269 -4.18 11.66 43.30
CA GLY B 269 -4.72 10.59 42.48
C GLY B 269 -4.21 9.23 42.83
N ILE B 270 -4.99 8.22 42.50
CA ILE B 270 -4.59 6.84 42.71
C ILE B 270 -4.90 5.95 41.52
N THR B 271 -3.92 5.16 41.10
CA THR B 271 -4.11 4.17 40.03
C THR B 271 -3.45 2.86 40.43
N GLN B 272 -3.72 1.77 39.72
CA GLN B 272 -3.01 0.53 40.04
C GLN B 272 -2.59 -0.22 38.78
N THR B 273 -1.33 -0.67 38.80
CA THR B 273 -0.73 -1.45 37.73
C THR B 273 -0.04 -2.70 38.30
N ALA B 274 0.61 -3.48 37.46
CA ALA B 274 1.35 -4.65 37.94
C ALA B 274 2.44 -4.27 38.95
N GLN B 275 2.92 -3.02 38.88
CA GLN B 275 3.97 -2.54 39.76
C GLN B 275 3.46 -2.10 41.11
N GLY B 276 2.14 -2.08 41.30
CA GLY B 276 1.58 -1.62 42.57
C GLY B 276 0.67 -0.43 42.40
N VAL B 277 0.34 0.15 43.54
CA VAL B 277 -0.56 1.27 43.60
C VAL B 277 0.22 2.54 43.52
N HIS B 278 -0.16 3.39 42.60
CA HIS B 278 0.56 4.61 42.36
C HIS B 278 -0.19 5.77 42.92
N LEU B 279 0.50 6.54 43.74
CA LEU B 279 -0.08 7.71 44.36
C LEU B 279 0.47 8.94 43.67
N PHE B 280 -0.44 9.78 43.19
CA PHE B 280 -0.11 10.99 42.46
C PHE B 280 -0.48 12.19 43.23
N SER B 281 0.25 13.26 43.06
CA SER B 281 -0.09 14.52 43.70
C SER B 281 0.47 15.68 42.96
N SER B 282 -0.25 16.77 42.99
CA SER B 282 0.26 18.00 42.42
C SER B 282 1.23 18.76 43.34
N ARG B 283 1.23 18.48 44.65
CA ARG B 283 1.98 19.37 45.52
C ARG B 283 3.46 19.26 45.56
N TYR B 284 4.04 18.22 45.01
CA TYR B 284 5.47 18.12 45.11
C TYR B 284 6.16 18.63 43.83
N VAL B 285 5.39 18.84 42.76
CA VAL B 285 5.96 19.27 41.48
C VAL B 285 5.30 20.51 40.92
N ASP B 286 3.96 20.57 40.93
CA ASP B 286 3.23 21.64 40.28
C ASP B 286 2.21 22.14 41.30
N LEU B 287 2.69 22.78 42.35
CA LEU B 287 1.84 23.16 43.46
C LEU B 287 0.78 24.14 43.08
N TYR B 288 1.16 25.11 42.29
CA TYR B 288 0.20 26.13 42.00
C TYR B 288 -0.56 25.78 40.77
N GLY B 289 0.06 25.01 39.90
CA GLY B 289 -0.55 24.64 38.63
C GLY B 289 -1.60 23.53 38.67
N GLY B 290 -1.41 22.52 39.54
CA GLY B 290 -2.36 21.43 39.61
C GLY B 290 -2.05 20.12 38.85
N ASN B 291 -1.00 20.05 38.01
CA ASN B 291 -0.75 18.78 37.32
C ASN B 291 -0.25 17.76 38.32
N MET B 292 -0.71 16.52 38.19
CA MET B 292 -0.28 15.49 39.12
C MET B 292 0.84 14.64 38.65
N PHE B 293 1.77 14.43 39.57
CA PHE B 293 2.95 13.64 39.33
C PHE B 293 3.02 12.53 40.33
N GLN B 294 3.62 11.43 39.98
CA GLN B 294 3.69 10.36 40.93
C GLN B 294 4.64 10.66 42.06
N PHE B 295 4.22 10.38 43.29
CA PHE B 295 5.13 10.58 44.42
C PHE B 295 5.43 9.28 45.13
N ALA B 296 4.61 8.26 44.90
CA ALA B 296 4.85 7.00 45.57
C ALA B 296 4.27 5.83 44.84
N THR B 297 4.87 4.67 45.03
CA THR B 297 4.30 3.41 44.57
C THR B 297 4.23 2.49 45.78
N LEU B 298 3.08 1.89 46.01
CA LEU B 298 2.90 1.02 47.15
C LEU B 298 2.90 -0.41 46.67
N PRO B 299 3.48 -1.36 47.41
CA PRO B 299 3.52 -2.77 47.09
C PRO B 299 2.23 -3.49 47.39
N VAL B 300 1.20 -3.06 46.70
CA VAL B 300 -0.13 -3.61 46.80
C VAL B 300 -0.41 -4.30 45.47
N TYR B 301 -0.45 -5.62 45.48
CA TYR B 301 -0.54 -6.31 44.20
C TYR B 301 -1.85 -6.98 43.97
N ASP B 302 -2.66 -7.15 44.98
CA ASP B 302 -3.94 -7.74 44.70
C ASP B 302 -4.69 -6.61 44.03
N THR B 303 -5.69 -6.92 43.25
CA THR B 303 -6.41 -5.86 42.53
C THR B 303 -7.39 -5.13 43.44
N ILE B 304 -7.31 -3.81 43.42
CA ILE B 304 -8.27 -3.05 44.19
C ILE B 304 -9.51 -3.02 43.38
N LYS B 305 -10.60 -3.42 44.00
CA LYS B 305 -11.86 -3.44 43.30
C LYS B 305 -12.80 -2.45 43.90
N TYR B 306 -12.63 -2.20 45.19
CA TYR B 306 -13.55 -1.36 45.94
C TYR B 306 -12.89 -0.31 46.74
N TYR B 307 -13.57 0.80 46.93
CA TYR B 307 -13.05 1.79 47.84
C TYR B 307 -14.17 2.52 48.54
N SER B 308 -13.83 3.15 49.63
CA SER B 308 -14.77 3.96 50.36
C SER B 308 -14.09 5.10 51.00
N ILE B 309 -14.85 6.10 51.37
CA ILE B 309 -14.30 7.24 52.09
C ILE B 309 -14.44 6.99 53.56
N ILE B 310 -13.36 7.13 54.29
CA ILE B 310 -13.45 6.94 55.71
C ILE B 310 -13.96 8.25 56.24
N PRO B 311 -15.12 8.32 56.87
CA PRO B 311 -15.65 9.56 57.37
C PRO B 311 -14.74 10.04 58.46
N HIS B 312 -14.60 11.34 58.57
CA HIS B 312 -13.76 11.94 59.57
C HIS B 312 -14.56 13.01 60.24
N SER B 313 -14.45 13.11 61.54
CA SER B 313 -15.18 14.12 62.30
C SER B 313 -14.25 14.78 63.26
N ILE B 314 -14.29 16.09 63.30
CA ILE B 314 -13.33 16.81 64.13
C ILE B 314 -13.95 17.13 65.47
N ARG B 315 -13.28 16.73 66.55
CA ARG B 315 -13.88 16.93 67.86
C ARG B 315 -13.53 18.29 68.42
N SER B 316 -14.08 19.28 67.76
CA SER B 316 -13.91 20.67 68.12
C SER B 316 -14.87 21.01 69.22
N ILE B 317 -14.56 22.03 69.97
CA ILE B 317 -15.50 22.53 70.95
C ILE B 317 -16.59 23.29 70.19
N GLN B 318 -17.72 23.51 70.82
CA GLN B 318 -18.85 24.15 70.16
C GLN B 318 -18.54 25.56 69.69
N SER B 319 -17.67 26.21 70.44
CA SER B 319 -17.26 27.58 70.20
C SER B 319 -16.15 27.74 69.16
N ASP B 320 -15.63 26.63 68.66
CA ASP B 320 -14.51 26.68 67.71
C ASP B 320 -14.74 25.74 66.52
N ARG B 321 -15.93 25.70 65.99
CA ARG B 321 -16.18 24.87 64.83
C ARG B 321 -15.71 25.56 63.55
N LYS B 322 -15.08 24.79 62.68
CA LYS B 322 -14.60 25.31 61.44
C LYS B 322 -15.37 24.72 60.29
N ALA B 323 -15.35 25.40 59.17
CA ALA B 323 -15.95 24.85 57.98
C ALA B 323 -14.84 24.10 57.26
N TRP B 324 -15.07 22.87 56.86
CA TRP B 324 -14.01 22.14 56.19
C TRP B 324 -14.38 22.00 54.74
N ALA B 325 -13.39 22.16 53.86
CA ALA B 325 -13.65 22.09 52.45
C ALA B 325 -14.06 20.71 52.01
N ALA B 326 -15.00 20.66 51.08
CA ALA B 326 -15.42 19.40 50.49
C ALA B 326 -14.38 18.93 49.51
N PHE B 327 -14.26 17.63 49.35
CA PHE B 327 -13.38 17.11 48.33
C PHE B 327 -14.19 16.37 47.31
N TYR B 328 -13.67 16.29 46.13
CA TYR B 328 -14.44 15.66 45.07
C TYR B 328 -13.69 14.56 44.43
N VAL B 329 -14.33 13.44 44.27
CA VAL B 329 -13.68 12.28 43.67
C VAL B 329 -14.17 12.07 42.27
N TYR B 330 -13.26 11.94 41.33
CA TYR B 330 -13.65 11.76 39.94
C TYR B 330 -13.03 10.48 39.43
N LYS B 331 -13.75 9.71 38.65
CA LYS B 331 -13.18 8.46 38.15
C LYS B 331 -12.39 8.63 36.89
N LEU B 332 -11.35 7.81 36.76
CA LEU B 332 -10.50 7.81 35.58
C LEU B 332 -10.84 6.74 34.57
N GLN B 333 -10.53 7.03 33.33
CA GLN B 333 -10.72 6.09 32.24
C GLN B 333 -9.75 6.40 31.14
N PRO B 334 -9.41 5.44 30.30
CA PRO B 334 -8.51 5.57 29.17
C PRO B 334 -9.10 6.37 28.04
N LEU B 335 -8.82 7.65 28.07
CA LEU B 335 -9.33 8.62 27.13
C LEU B 335 -8.20 9.25 26.34
N THR B 336 -8.52 9.79 25.17
CA THR B 336 -7.51 10.56 24.47
C THR B 336 -7.81 12.03 24.75
N PHE B 337 -6.79 12.75 25.25
CA PHE B 337 -6.87 14.17 25.48
C PHE B 337 -5.93 14.95 24.56
N LEU B 338 -6.31 16.17 24.23
CA LEU B 338 -5.40 17.06 23.53
C LEU B 338 -4.74 17.82 24.66
N LEU B 339 -3.42 17.76 24.78
CA LEU B 339 -2.75 18.41 25.91
C LEU B 339 -1.86 19.54 25.45
N ASP B 340 -2.07 20.73 26.03
CA ASP B 340 -1.29 21.92 25.71
C ASP B 340 -0.17 22.10 26.73
N PHE B 341 1.05 21.79 26.30
CA PHE B 341 2.24 21.87 27.16
C PHE B 341 2.85 23.24 27.00
N SER B 342 3.03 23.94 28.11
CA SER B 342 3.61 25.27 28.11
C SER B 342 5.10 25.18 27.97
N VAL B 343 5.79 26.30 27.88
CA VAL B 343 7.24 26.26 27.73
C VAL B 343 7.88 25.55 28.92
N ASP B 344 7.32 25.77 30.11
CA ASP B 344 7.82 25.16 31.33
C ASP B 344 7.31 23.74 31.53
N GLY B 345 6.59 23.22 30.53
CA GLY B 345 6.14 21.86 30.53
C GLY B 345 4.86 21.56 31.22
N TYR B 346 4.20 22.54 31.81
CA TYR B 346 2.99 22.15 32.48
C TYR B 346 1.81 22.17 31.58
N ILE B 347 0.84 21.34 31.87
CA ILE B 347 -0.37 21.31 31.09
C ILE B 347 -1.33 22.29 31.70
N ARG B 348 -1.72 23.26 30.91
CA ARG B 348 -2.61 24.30 31.42
C ARG B 348 -3.95 24.26 30.79
N ARG B 349 -4.01 23.64 29.63
CA ARG B 349 -5.21 23.56 28.87
C ARG B 349 -5.31 22.22 28.20
N ALA B 350 -6.51 21.66 28.09
CA ALA B 350 -6.69 20.40 27.41
C ALA B 350 -8.08 20.25 26.82
N ILE B 351 -8.20 19.34 25.86
CA ILE B 351 -9.48 18.93 25.27
C ILE B 351 -9.77 17.45 25.54
N ASP B 352 -10.97 17.15 26.02
CA ASP B 352 -11.41 15.76 26.15
C ASP B 352 -11.96 15.40 24.78
N CYS B 353 -11.20 14.55 24.02
CA CYS B 353 -11.55 14.37 22.62
C CYS B 353 -12.82 13.58 22.38
N GLY B 354 -13.38 13.01 23.45
CA GLY B 354 -14.63 12.28 23.27
C GLY B 354 -15.83 12.99 23.87
N PHE B 355 -15.64 14.20 24.38
CA PHE B 355 -16.73 14.91 25.05
C PHE B 355 -17.89 15.26 24.16
N ASN B 356 -17.59 15.88 23.03
CA ASN B 356 -18.58 16.25 22.06
C ASN B 356 -17.93 16.29 20.69
N ASP B 357 -18.69 16.66 19.69
CA ASP B 357 -18.24 16.71 18.32
C ASP B 357 -17.27 17.84 18.05
N LEU B 358 -17.44 18.92 18.76
CA LEU B 358 -16.55 20.06 18.63
C LEU B 358 -15.19 19.67 19.16
N SER B 359 -15.17 18.93 20.27
CA SER B 359 -13.92 18.50 20.86
C SER B 359 -13.21 17.54 19.92
N GLN B 360 -13.98 16.69 19.24
CA GLN B 360 -13.39 15.73 18.31
C GLN B 360 -12.70 16.46 17.20
N LEU B 361 -13.30 17.57 16.77
CA LEU B 361 -12.72 18.39 15.72
C LEU B 361 -11.35 18.93 16.15
N HIS B 362 -11.29 19.47 17.37
CA HIS B 362 -10.02 20.04 17.81
C HIS B 362 -8.97 18.98 17.90
N CYS B 363 -9.36 17.82 18.36
CA CYS B 363 -8.37 16.77 18.46
C CYS B 363 -7.89 16.31 17.12
N SER B 364 -8.76 16.22 16.12
CA SER B 364 -8.33 15.71 14.82
C SER B 364 -7.33 16.61 14.14
N TYR B 365 -7.34 17.89 14.49
CA TYR B 365 -6.37 18.82 13.93
C TYR B 365 -5.24 19.09 14.87
N GLU B 366 -5.29 18.42 16.04
CA GLU B 366 -4.36 18.60 17.13
C GLU B 366 -4.14 20.06 17.45
N SER B 367 -5.23 20.80 17.57
CA SER B 367 -5.14 22.20 17.84
C SER B 367 -6.32 22.74 18.58
N PHE B 368 -6.11 23.80 19.34
CA PHE B 368 -7.20 24.43 20.07
C PHE B 368 -7.91 25.46 19.23
N ASP B 369 -7.35 25.74 18.07
CA ASP B 369 -7.90 26.70 17.14
C ASP B 369 -7.91 26.10 15.76
N VAL B 370 -9.09 25.92 15.23
CA VAL B 370 -9.25 25.35 13.91
C VAL B 370 -10.02 26.39 13.15
N GLU B 371 -9.96 26.33 11.84
CA GLU B 371 -10.64 27.29 11.00
C GLU B 371 -12.13 27.03 10.95
N SER B 372 -12.89 28.06 10.59
CA SER B 372 -14.33 27.94 10.46
C SER B 372 -14.67 27.02 9.30
N GLY B 373 -15.75 26.29 9.45
CA GLY B 373 -16.17 25.41 8.37
C GLY B 373 -17.12 24.36 8.84
N VAL B 374 -17.50 23.49 7.94
CA VAL B 374 -18.39 22.42 8.29
C VAL B 374 -17.55 21.15 8.13
N TYR B 375 -17.43 20.38 9.21
CA TYR B 375 -16.57 19.20 9.21
C TYR B 375 -17.26 17.94 9.60
N SER B 376 -16.89 16.84 8.98
CA SER B 376 -17.44 15.58 9.42
C SER B 376 -16.61 15.05 10.57
N VAL B 377 -17.30 14.52 11.56
CA VAL B 377 -16.67 13.95 12.74
C VAL B 377 -17.22 12.56 12.97
N SER B 378 -16.69 11.84 13.93
CA SER B 378 -17.19 10.52 14.18
C SER B 378 -18.69 10.54 14.44
N SER B 379 -19.35 9.51 13.90
CA SER B 379 -20.80 9.35 14.01
C SER B 379 -21.20 9.11 15.44
N PHE B 380 -22.45 9.38 15.73
CA PHE B 380 -22.94 9.14 17.06
C PHE B 380 -23.39 7.68 17.03
N GLU B 381 -22.69 6.84 17.78
CA GLU B 381 -22.94 5.42 17.71
C GLU B 381 -24.21 4.98 18.37
N ALA B 382 -24.87 4.04 17.74
CA ALA B 382 -25.99 3.38 18.38
C ALA B 382 -25.35 2.38 19.32
N LYS B 383 -25.91 2.17 20.50
CA LYS B 383 -25.30 1.20 21.39
C LYS B 383 -26.34 0.14 21.69
N PRO B 384 -25.91 -1.11 21.97
CA PRO B 384 -26.80 -2.16 22.37
C PRO B 384 -27.58 -1.83 23.60
N SER B 385 -28.83 -2.21 23.59
CA SER B 385 -29.81 -2.04 24.63
C SER B 385 -30.11 -3.37 25.31
N GLY B 386 -29.41 -4.39 24.87
CA GLY B 386 -29.62 -5.76 25.33
C GLY B 386 -28.92 -6.74 24.41
N SER B 387 -29.31 -8.01 24.51
CA SER B 387 -28.73 -9.07 23.70
C SER B 387 -29.72 -10.15 23.42
N VAL B 388 -29.54 -10.87 22.31
CA VAL B 388 -30.35 -12.05 21.99
C VAL B 388 -29.43 -13.24 21.78
N VAL B 389 -29.84 -14.37 22.32
CA VAL B 389 -29.03 -15.56 22.14
C VAL B 389 -29.86 -16.78 21.76
N GLU B 390 -29.40 -17.50 20.74
CA GLU B 390 -30.02 -18.78 20.41
C GLU B 390 -28.88 -19.78 20.26
N GLN B 391 -29.01 -20.93 20.89
CA GLN B 391 -28.01 -21.99 20.79
C GLN B 391 -28.72 -23.30 20.66
N ALA B 392 -28.05 -24.29 20.09
CA ALA B 392 -28.69 -25.59 20.14
C ALA B 392 -28.75 -25.96 21.62
N GLU B 393 -29.88 -26.48 22.05
CA GLU B 393 -30.02 -26.91 23.44
C GLU B 393 -30.63 -28.29 23.40
N GLY B 394 -29.97 -29.26 24.02
CA GLY B 394 -30.54 -30.59 23.96
C GLY B 394 -29.63 -31.66 24.53
N VAL B 395 -29.29 -32.58 23.66
CA VAL B 395 -28.48 -33.74 23.98
C VAL B 395 -27.06 -33.32 24.31
N GLU B 396 -26.45 -34.03 25.26
CA GLU B 396 -25.06 -33.77 25.64
C GLU B 396 -24.20 -34.42 24.53
N CYS B 397 -22.98 -33.77 24.40
CA CYS B 397 -22.20 -34.65 23.22
C CYS B 397 -21.54 -35.70 24.28
N ASP B 398 -21.75 -36.95 23.37
CA ASP B 398 -21.44 -38.23 24.03
C ASP B 398 -20.03 -38.73 23.90
N PHE B 399 -19.29 -38.71 25.01
CA PHE B 399 -17.90 -39.12 25.01
C PHE B 399 -17.79 -40.51 25.58
N SER B 400 -18.91 -41.20 25.74
CA SER B 400 -18.86 -42.51 26.31
C SER B 400 -17.99 -43.53 25.59
N PRO B 401 -18.07 -43.73 24.26
CA PRO B 401 -17.22 -44.68 23.51
C PRO B 401 -15.79 -44.70 23.95
N LEU B 402 -15.29 -43.49 24.21
CA LEU B 402 -13.94 -43.19 24.60
C LEU B 402 -13.51 -43.90 25.86
N LEU B 403 -14.47 -44.07 26.75
CA LEU B 403 -14.25 -44.60 28.07
C LEU B 403 -14.44 -46.11 28.16
N SER B 404 -14.71 -46.80 27.04
CA SER B 404 -14.98 -48.23 27.14
C SER B 404 -14.17 -49.12 26.23
N GLY B 405 -13.34 -49.95 26.85
CA GLY B 405 -12.49 -50.87 26.11
C GLY B 405 -11.09 -50.36 25.92
N THR B 406 -10.30 -51.07 25.14
CA THR B 406 -8.91 -50.73 24.94
C THR B 406 -8.83 -49.66 23.85
N PRO B 407 -8.23 -48.48 24.07
CA PRO B 407 -8.06 -47.46 23.08
C PRO B 407 -7.18 -48.01 22.00
N PRO B 408 -7.28 -47.52 20.79
CA PRO B 408 -6.51 -47.89 19.64
C PRO B 408 -5.12 -47.36 19.73
N GLN B 409 -4.25 -47.88 18.91
CA GLN B 409 -2.91 -47.35 18.78
C GLN B 409 -2.97 -46.07 18.00
N VAL B 410 -1.95 -45.25 18.09
CA VAL B 410 -1.89 -43.96 17.40
C VAL B 410 -2.20 -43.98 15.92
N TYR B 411 -1.90 -45.05 15.19
CA TYR B 411 -2.17 -45.08 13.76
C TYR B 411 -3.57 -45.51 13.43
N ASN B 412 -4.27 -46.02 14.42
CA ASN B 412 -5.64 -46.49 14.33
C ASN B 412 -6.55 -45.64 15.18
N PHE B 413 -6.23 -44.39 15.37
CA PHE B 413 -6.99 -43.55 16.26
C PHE B 413 -8.46 -43.60 15.93
N LYS B 414 -9.29 -43.46 16.96
CA LYS B 414 -10.72 -43.45 16.69
C LYS B 414 -11.22 -42.07 16.76
N ARG B 415 -12.22 -41.81 15.94
CA ARG B 415 -12.79 -40.49 15.84
C ARG B 415 -14.22 -40.37 16.23
N LEU B 416 -14.47 -39.44 17.13
CA LEU B 416 -15.81 -39.11 17.55
C LEU B 416 -16.16 -37.75 16.99
N VAL B 417 -17.21 -37.66 16.19
CA VAL B 417 -17.56 -36.36 15.62
C VAL B 417 -18.81 -35.88 16.24
N PHE B 418 -18.73 -34.69 16.82
CA PHE B 418 -19.83 -34.11 17.52
C PHE B 418 -20.43 -32.96 16.81
N THR B 419 -21.72 -33.06 16.55
CA THR B 419 -22.49 -32.01 15.92
C THR B 419 -23.82 -31.89 16.67
N ASN B 420 -24.46 -30.71 16.65
CA ASN B 420 -25.79 -30.57 17.26
C ASN B 420 -25.90 -31.12 18.67
N CYS B 421 -25.01 -30.68 19.55
CA CYS B 421 -24.98 -31.14 20.92
C CYS B 421 -24.34 -30.12 21.86
N ASN B 422 -24.54 -30.35 23.16
CA ASN B 422 -23.92 -29.49 24.15
C ASN B 422 -22.62 -30.10 24.66
N TYR B 423 -21.53 -29.38 24.56
CA TYR B 423 -20.28 -30.00 24.96
C TYR B 423 -19.84 -29.46 26.27
N ASN B 424 -19.07 -30.29 26.92
CA ASN B 424 -18.43 -29.88 28.17
C ASN B 424 -17.09 -30.65 28.27
N LEU B 425 -16.01 -29.80 28.11
CA LEU B 425 -14.73 -30.48 28.09
C LEU B 425 -14.32 -30.90 29.47
N THR B 426 -14.76 -30.17 30.50
CA THR B 426 -14.41 -30.49 31.88
C THR B 426 -14.93 -31.87 32.19
N LYS B 427 -16.10 -32.18 31.68
CA LYS B 427 -16.74 -33.48 31.90
C LYS B 427 -15.82 -34.62 31.46
N LEU B 428 -15.06 -34.40 30.38
CA LEU B 428 -14.16 -35.42 29.89
C LEU B 428 -12.78 -35.32 30.55
N LEU B 429 -12.28 -34.11 30.70
CA LEU B 429 -10.94 -33.85 31.22
C LEU B 429 -10.82 -34.30 32.65
N SER B 430 -11.91 -34.16 33.41
CA SER B 430 -11.96 -34.49 34.82
C SER B 430 -11.84 -35.97 35.09
N LEU B 431 -11.98 -36.77 34.05
CA LEU B 431 -11.87 -38.21 34.20
C LEU B 431 -10.44 -38.70 34.01
N PHE B 432 -9.53 -37.82 33.60
CA PHE B 432 -8.16 -38.25 33.33
C PHE B 432 -7.16 -37.40 34.09
N SER B 433 -5.99 -37.94 34.34
CA SER B 433 -4.99 -37.07 34.91
C SER B 433 -4.28 -36.39 33.74
N VAL B 434 -4.57 -35.14 33.50
CA VAL B 434 -4.05 -34.50 32.32
C VAL B 434 -2.63 -34.11 32.53
N ASN B 435 -1.79 -34.51 31.60
CA ASN B 435 -0.39 -34.22 31.69
C ASN B 435 -0.04 -33.01 30.89
N ASP B 436 -0.69 -32.86 29.73
CA ASP B 436 -0.34 -31.75 28.85
C ASP B 436 -1.52 -31.34 27.98
N PHE B 437 -2.09 -30.17 28.22
CA PHE B 437 -3.24 -29.72 27.40
C PHE B 437 -2.91 -28.40 26.74
N THR B 438 -2.67 -28.42 25.43
CA THR B 438 -2.33 -27.18 24.72
C THR B 438 -3.19 -26.97 23.52
N CYS B 439 -3.35 -25.71 23.14
CA CYS B 439 -4.14 -25.33 21.98
C CYS B 439 -3.38 -24.52 20.97
N SER B 440 -3.81 -24.62 19.72
CA SER B 440 -3.25 -23.93 18.58
C SER B 440 -4.30 -23.36 17.66
N GLN B 441 -4.15 -22.07 17.39
CA GLN B 441 -5.05 -21.23 16.59
C GLN B 441 -6.41 -21.05 17.22
N ILE B 442 -6.46 -21.24 18.52
CA ILE B 442 -7.63 -21.00 19.35
C ILE B 442 -7.11 -20.78 20.75
N SER B 443 -7.67 -19.84 21.48
CA SER B 443 -7.21 -19.69 22.85
C SER B 443 -7.75 -20.79 23.73
N PRO B 444 -7.10 -21.13 24.82
CA PRO B 444 -7.57 -21.91 25.94
C PRO B 444 -8.94 -21.60 26.49
N ALA B 445 -9.26 -20.30 26.55
CA ALA B 445 -10.55 -19.94 27.08
C ALA B 445 -11.62 -20.25 26.07
N ALA B 446 -11.29 -20.04 24.82
CA ALA B 446 -12.17 -20.26 23.69
C ALA B 446 -12.46 -21.72 23.44
N ILE B 447 -11.49 -22.61 23.64
CA ILE B 447 -11.77 -24.00 23.29
C ILE B 447 -12.91 -24.55 24.08
N ALA B 448 -13.02 -24.11 25.32
CA ALA B 448 -14.08 -24.55 26.21
C ALA B 448 -15.36 -23.71 26.18
N SER B 449 -15.39 -22.61 25.41
CA SER B 449 -16.55 -21.73 25.45
C SER B 449 -17.22 -21.34 24.12
N ASN B 450 -16.57 -21.58 22.98
CA ASN B 450 -17.17 -21.17 21.72
C ASN B 450 -18.07 -22.21 21.09
N CYS B 451 -18.94 -21.76 20.20
CA CYS B 451 -19.74 -22.67 19.42
C CYS B 451 -19.01 -23.10 18.15
N TYR B 452 -19.22 -24.34 17.75
CA TYR B 452 -18.57 -24.88 16.56
C TYR B 452 -19.55 -25.57 15.63
N SER B 453 -19.19 -25.64 14.33
CA SER B 453 -19.97 -26.43 13.36
C SER B 453 -19.84 -27.89 13.73
N SER B 454 -18.63 -28.23 14.14
CA SER B 454 -18.33 -29.57 14.57
C SER B 454 -17.14 -29.58 15.48
N LEU B 455 -17.10 -30.59 16.33
CA LEU B 455 -15.93 -30.83 17.15
C LEU B 455 -15.52 -32.26 16.88
N ILE B 456 -14.28 -32.46 16.48
CA ILE B 456 -13.80 -33.79 16.19
C ILE B 456 -12.78 -34.23 17.20
N LEU B 457 -13.06 -35.32 17.88
CA LEU B 457 -12.18 -35.85 18.90
C LEU B 457 -11.52 -37.16 18.48
N ASP B 458 -10.20 -37.13 18.36
CA ASP B 458 -9.39 -38.29 17.96
C ASP B 458 -8.68 -38.91 19.14
N TYR B 459 -9.03 -40.11 19.55
CA TYR B 459 -8.37 -40.63 20.76
C TYR B 459 -7.61 -41.88 20.48
N PHE B 460 -6.50 -42.01 21.21
CA PHE B 460 -5.61 -43.16 21.08
C PHE B 460 -4.67 -43.38 22.24
N SER B 461 -4.14 -44.59 22.37
CA SER B 461 -3.10 -44.85 23.35
C SER B 461 -1.83 -44.14 22.92
N TYR B 462 -1.10 -43.56 23.84
CA TYR B 462 0.13 -42.90 23.45
C TYR B 462 1.06 -42.74 24.64
N PRO B 463 2.31 -43.19 24.58
CA PRO B 463 3.25 -43.08 25.65
C PRO B 463 3.57 -41.60 25.85
N LEU B 464 3.75 -41.18 27.08
CA LEU B 464 4.06 -39.78 27.33
C LEU B 464 5.49 -39.50 26.99
N SER B 465 6.30 -40.54 26.97
CA SER B 465 7.70 -40.42 26.66
C SER B 465 7.93 -39.99 25.22
N MET B 466 6.89 -40.10 24.39
CA MET B 466 7.00 -39.69 22.99
C MET B 466 6.22 -38.39 22.74
N LYS B 467 5.92 -37.66 23.81
CA LYS B 467 5.16 -36.40 23.78
C LYS B 467 5.55 -35.48 22.65
N SER B 468 6.83 -35.26 22.49
CA SER B 468 7.36 -34.32 21.53
C SER B 468 7.19 -34.73 20.09
N ASP B 469 6.92 -36.01 19.87
CA ASP B 469 6.83 -36.52 18.52
C ASP B 469 5.49 -36.08 17.89
N LEU B 470 4.58 -35.54 18.71
CA LEU B 470 3.29 -35.02 18.25
C LEU B 470 3.34 -33.52 17.95
N SER B 471 4.49 -32.91 18.13
CA SER B 471 4.67 -31.50 17.86
C SER B 471 4.57 -31.22 16.37
N VAL B 472 4.06 -30.06 15.99
CA VAL B 472 3.97 -29.69 14.58
C VAL B 472 5.31 -29.69 13.89
N SER B 473 6.33 -29.22 14.60
CA SER B 473 7.69 -29.15 14.13
C SER B 473 8.43 -30.48 14.05
N SER B 474 7.84 -31.54 14.60
CA SER B 474 8.47 -32.82 14.62
C SER B 474 8.62 -33.51 13.27
N ALA B 475 9.78 -34.13 13.11
CA ALA B 475 10.10 -34.90 11.94
C ALA B 475 10.25 -36.37 12.27
N GLY B 476 9.74 -36.76 13.44
CA GLY B 476 9.83 -38.15 13.83
C GLY B 476 8.67 -38.96 13.23
N PRO B 477 8.64 -40.27 13.47
CA PRO B 477 7.67 -41.23 12.99
C PRO B 477 6.20 -40.97 13.32
N ILE B 478 5.88 -40.33 14.41
CA ILE B 478 4.48 -40.15 14.67
C ILE B 478 3.91 -39.13 13.76
N SER B 479 4.59 -38.00 13.66
CA SER B 479 4.06 -36.97 12.79
C SER B 479 4.22 -37.29 11.30
N GLN B 480 5.16 -38.19 10.97
CA GLN B 480 5.27 -38.50 9.56
C GLN B 480 4.42 -39.66 9.10
N PHE B 481 4.21 -40.67 9.94
CA PHE B 481 3.48 -41.83 9.47
C PHE B 481 2.26 -42.23 10.26
N ASN B 482 1.99 -41.64 11.41
CA ASN B 482 0.89 -42.16 12.21
C ASN B 482 -0.26 -41.22 12.43
N TYR B 483 0.04 -40.04 12.92
CA TYR B 483 -0.99 -39.08 13.24
C TYR B 483 -0.52 -37.66 13.12
N LYS B 484 -1.30 -36.86 12.40
CA LYS B 484 -0.97 -35.46 12.21
C LYS B 484 -2.23 -34.64 12.35
N GLN B 485 -2.11 -33.53 13.11
CA GLN B 485 -3.25 -32.64 13.31
C GLN B 485 -3.37 -31.63 12.21
N SER B 486 -4.57 -31.10 12.04
CA SER B 486 -4.87 -30.11 11.01
C SER B 486 -4.08 -28.85 11.16
N PHE B 487 -3.69 -28.28 10.03
CA PHE B 487 -3.01 -27.01 10.03
C PHE B 487 -4.02 -25.90 9.74
N SER B 488 -5.20 -26.28 9.28
CA SER B 488 -6.21 -25.33 8.84
C SER B 488 -7.23 -25.01 9.91
N ASN B 489 -7.65 -26.01 10.64
CA ASN B 489 -8.64 -25.83 11.66
C ASN B 489 -7.91 -25.60 12.95
N PRO B 490 -8.45 -24.89 13.92
CA PRO B 490 -7.93 -24.83 15.25
C PRO B 490 -7.90 -26.19 15.89
N THR B 491 -6.85 -26.47 16.61
CA THR B 491 -6.74 -27.77 17.26
C THR B 491 -6.21 -27.69 18.69
N CYS B 492 -6.50 -28.72 19.46
CA CYS B 492 -5.91 -28.89 20.75
C CYS B 492 -5.38 -30.31 20.87
N LEU B 493 -4.34 -30.46 21.66
CA LEU B 493 -3.82 -31.78 21.95
C LEU B 493 -3.77 -32.00 23.45
N ILE B 494 -4.38 -33.09 23.88
CA ILE B 494 -4.38 -33.44 25.27
C ILE B 494 -3.68 -34.76 25.47
N LEU B 495 -2.72 -34.76 26.35
CA LEU B 495 -2.06 -35.99 26.73
C LEU B 495 -2.44 -36.23 28.16
N ALA B 496 -2.98 -37.40 28.45
CA ALA B 496 -3.46 -37.67 29.79
C ALA B 496 -3.31 -39.11 30.19
N THR B 497 -3.24 -39.33 31.47
CA THR B 497 -3.11 -40.66 32.03
C THR B 497 -4.42 -41.18 32.60
N VAL B 498 -4.73 -42.42 32.28
CA VAL B 498 -5.93 -43.06 32.76
C VAL B 498 -5.71 -43.39 34.25
N PRO B 499 -6.57 -42.92 35.18
CA PRO B 499 -6.54 -43.15 36.61
C PRO B 499 -6.73 -44.62 36.91
N HIS B 500 -6.26 -45.06 38.07
CA HIS B 500 -6.37 -46.48 38.43
C HIS B 500 -7.80 -46.91 38.61
N ASN B 501 -8.69 -45.99 38.97
CA ASN B 501 -10.05 -46.39 39.19
C ASN B 501 -10.96 -46.18 37.96
N LEU B 502 -10.33 -45.78 36.83
CA LEU B 502 -11.18 -45.65 35.65
C LEU B 502 -11.08 -47.01 34.96
N THR B 503 -11.87 -47.96 35.47
CA THR B 503 -11.69 -49.39 35.14
C THR B 503 -12.35 -49.81 33.88
N THR B 504 -13.01 -48.88 33.24
CA THR B 504 -13.69 -49.16 32.00
C THR B 504 -12.75 -49.07 30.80
N ILE B 505 -11.57 -48.44 30.98
CA ILE B 505 -10.60 -48.35 29.90
C ILE B 505 -9.53 -49.38 30.17
N THR B 506 -9.29 -50.25 29.21
CA THR B 506 -8.34 -51.33 29.43
C THR B 506 -7.07 -51.03 28.70
N LYS B 507 -6.01 -51.78 28.95
CA LYS B 507 -4.76 -51.44 28.31
C LYS B 507 -4.43 -52.44 27.24
N PRO B 508 -3.75 -52.02 26.17
CA PRO B 508 -3.18 -52.87 25.19
C PRO B 508 -1.94 -53.46 25.83
N LEU B 509 -1.34 -54.44 25.20
CA LEU B 509 -0.12 -55.03 25.72
C LEU B 509 1.08 -54.12 25.67
N LYS B 510 1.11 -53.27 24.66
CA LYS B 510 2.22 -52.37 24.43
C LYS B 510 1.71 -51.21 23.60
N TYR B 511 2.48 -50.13 23.57
CA TYR B 511 2.11 -49.03 22.71
C TYR B 511 2.80 -49.34 21.39
N SER B 512 2.23 -48.98 20.26
CA SER B 512 2.96 -49.23 19.02
C SER B 512 2.72 -48.19 18.00
N TYR B 513 3.59 -48.15 17.03
CA TYR B 513 3.49 -47.17 15.99
C TYR B 513 4.17 -47.64 14.73
N ILE B 514 3.88 -46.93 13.66
CA ILE B 514 4.51 -47.18 12.39
C ILE B 514 5.76 -46.32 12.31
N ASN B 515 6.92 -46.92 12.01
CA ASN B 515 8.11 -46.09 11.91
C ASN B 515 8.54 -45.96 10.47
N LYS B 516 7.87 -46.70 9.61
CA LYS B 516 8.12 -46.66 8.20
C LYS B 516 6.86 -46.94 7.47
N CYS B 517 6.60 -46.21 6.43
CA CYS B 517 5.49 -46.42 5.54
C CYS B 517 5.88 -45.93 4.17
N SER B 518 5.93 -46.79 3.19
CA SER B 518 6.40 -46.40 1.86
C SER B 518 5.88 -47.25 0.74
N ARG B 519 5.98 -46.74 -0.48
CA ARG B 519 5.64 -47.56 -1.62
C ARG B 519 6.82 -47.87 -2.46
N LEU B 520 6.85 -49.10 -2.90
CA LEU B 520 7.87 -49.56 -3.82
C LEU B 520 7.20 -49.54 -5.14
N LEU B 521 7.78 -48.86 -6.09
CA LEU B 521 7.12 -48.72 -7.38
C LEU B 521 7.40 -49.95 -8.20
N SER B 522 6.73 -50.11 -9.34
CA SER B 522 6.84 -51.31 -10.17
C SER B 522 8.26 -51.67 -10.59
N ASP B 523 9.14 -50.67 -10.71
CA ASP B 523 10.53 -50.90 -11.09
C ASP B 523 11.39 -51.55 -10.01
N ASP B 524 10.90 -51.49 -8.78
CA ASP B 524 11.54 -51.98 -7.57
C ASP B 524 12.91 -51.38 -7.34
N ARG B 525 13.06 -50.11 -7.74
CA ARG B 525 14.28 -49.38 -7.49
C ARG B 525 13.94 -48.19 -6.61
N THR B 526 12.78 -47.61 -6.89
CA THR B 526 12.34 -46.42 -6.18
C THR B 526 11.36 -46.71 -5.10
N GLU B 527 11.67 -46.16 -3.95
CA GLU B 527 10.86 -46.24 -2.74
C GLU B 527 10.39 -44.85 -2.37
N VAL B 528 9.09 -44.68 -2.21
CA VAL B 528 8.50 -43.40 -1.91
C VAL B 528 7.82 -43.37 -0.57
N PRO B 529 8.31 -42.63 0.42
CA PRO B 529 7.72 -42.51 1.74
C PRO B 529 6.30 -42.03 1.61
N GLN B 530 5.41 -42.67 2.35
CA GLN B 530 4.00 -42.30 2.32
C GLN B 530 3.64 -41.57 3.57
N LEU B 531 3.62 -40.27 3.50
CA LEU B 531 3.43 -39.51 4.70
C LEU B 531 1.97 -39.40 4.98
N VAL B 532 1.63 -39.35 6.25
CA VAL B 532 0.24 -39.23 6.66
C VAL B 532 -0.23 -37.80 6.47
N ASN B 533 -1.45 -37.64 6.00
CA ASN B 533 -2.01 -36.31 5.84
C ASN B 533 -2.69 -35.92 7.12
N ALA B 534 -2.84 -34.63 7.34
CA ALA B 534 -3.52 -34.21 8.55
C ALA B 534 -4.93 -34.73 8.55
N ASN B 535 -5.34 -35.22 9.72
CA ASN B 535 -6.65 -35.79 10.00
C ASN B 535 -6.98 -37.05 9.25
N GLN B 536 -5.98 -37.67 8.64
CA GLN B 536 -6.22 -38.89 7.90
C GLN B 536 -5.46 -40.05 8.47
N TYR B 537 -5.73 -41.21 7.94
CA TYR B 537 -5.02 -42.40 8.33
C TYR B 537 -3.94 -42.67 7.31
N SER B 538 -2.85 -43.21 7.76
CA SER B 538 -1.75 -43.62 6.92
C SER B 538 -2.20 -44.72 5.98
N PRO B 539 -1.74 -44.79 4.72
CA PRO B 539 -2.08 -45.83 3.79
C PRO B 539 -1.66 -47.21 4.26
N CYS B 540 -0.69 -47.26 5.16
CA CYS B 540 -0.19 -48.49 5.70
C CYS B 540 -1.02 -49.05 6.82
N VAL B 541 -2.05 -48.35 7.20
CA VAL B 541 -2.89 -48.83 8.28
C VAL B 541 -3.48 -50.17 7.95
N SER B 542 -3.84 -50.40 6.69
CA SER B 542 -4.38 -51.67 6.31
C SER B 542 -3.38 -52.84 6.37
N ILE B 543 -2.07 -52.58 6.42
CA ILE B 543 -1.13 -53.70 6.47
C ILE B 543 -0.57 -53.90 7.87
N VAL B 544 -0.62 -52.85 8.68
CA VAL B 544 -0.13 -52.90 10.04
C VAL B 544 -1.23 -53.39 10.98
N PRO B 545 -1.00 -54.45 11.79
CA PRO B 545 -1.91 -55.04 12.73
C PRO B 545 -2.28 -54.04 13.82
N SER B 546 -3.39 -54.28 14.53
CA SER B 546 -3.81 -53.35 15.56
C SER B 546 -2.77 -53.19 16.66
N THR B 547 -1.98 -54.21 16.89
CA THR B 547 -0.87 -54.13 17.83
C THR B 547 0.35 -54.68 17.09
N VAL B 548 1.47 -53.96 17.10
CA VAL B 548 2.66 -54.51 16.46
C VAL B 548 3.16 -55.62 17.35
N TRP B 549 3.40 -56.80 16.80
CA TRP B 549 3.84 -57.90 17.65
C TRP B 549 5.16 -57.59 18.32
N GLU B 550 6.16 -57.26 17.51
CA GLU B 550 7.43 -56.88 18.09
C GLU B 550 8.10 -55.80 17.29
N ASP B 551 8.97 -55.08 17.93
CA ASP B 551 9.65 -54.00 17.28
C ASP B 551 10.43 -54.54 16.11
N GLY B 552 10.29 -53.90 14.94
CA GLY B 552 10.98 -54.34 13.75
C GLY B 552 10.12 -55.15 12.78
N ASP B 553 8.89 -55.49 13.16
CA ASP B 553 8.06 -56.26 12.24
C ASP B 553 7.88 -55.53 10.94
N TYR B 554 8.00 -56.26 9.85
CA TYR B 554 7.89 -55.67 8.53
C TYR B 554 6.66 -56.18 7.85
N TYR B 555 5.91 -55.28 7.25
CA TYR B 555 4.66 -55.61 6.62
C TYR B 555 4.73 -55.28 5.17
N ARG B 556 4.03 -56.09 4.33
CA ARG B 556 3.98 -55.77 2.91
C ARG B 556 2.67 -56.20 2.29
N LYS B 557 2.17 -55.36 1.36
CA LYS B 557 1.00 -55.66 0.55
C LYS B 557 1.31 -55.48 -0.92
N GLN B 558 0.87 -56.41 -1.74
CA GLN B 558 0.99 -56.24 -3.18
C GLN B 558 -0.17 -55.36 -3.62
N LEU B 559 0.13 -54.26 -4.31
CA LEU B 559 -0.93 -53.36 -4.75
C LEU B 559 -1.44 -53.76 -6.11
N SER B 560 -2.74 -53.53 -6.32
CA SER B 560 -3.34 -53.81 -7.62
C SER B 560 -2.97 -52.67 -8.57
N PRO B 561 -3.16 -52.80 -9.88
CA PRO B 561 -2.92 -51.75 -10.86
C PRO B 561 -3.71 -50.47 -10.60
N LEU B 562 -4.85 -50.56 -9.94
CA LEU B 562 -5.73 -49.43 -9.67
C LEU B 562 -5.23 -48.56 -8.55
N GLU B 563 -4.30 -49.15 -7.82
CA GLU B 563 -3.64 -48.58 -6.68
C GLU B 563 -2.24 -48.11 -7.10
N GLY B 564 -1.94 -48.23 -8.40
CA GLY B 564 -0.66 -47.83 -8.95
C GLY B 564 0.38 -48.93 -9.07
N GLY B 565 0.06 -50.13 -8.59
CA GLY B 565 1.00 -51.23 -8.67
C GLY B 565 2.08 -51.11 -7.63
N GLY B 566 2.99 -52.07 -7.64
CA GLY B 566 4.07 -52.05 -6.69
C GLY B 566 3.64 -52.59 -5.34
N TRP B 567 4.42 -52.26 -4.32
CA TRP B 567 4.18 -52.77 -2.99
C TRP B 567 4.01 -51.66 -1.99
N LEU B 568 3.16 -51.87 -1.02
CA LEU B 568 3.08 -50.94 0.08
C LEU B 568 3.79 -51.63 1.21
N VAL B 569 4.76 -50.97 1.83
CA VAL B 569 5.47 -51.65 2.92
C VAL B 569 5.51 -50.77 4.16
N ALA B 570 5.68 -51.40 5.29
CA ALA B 570 5.76 -50.66 6.53
C ALA B 570 6.53 -51.39 7.58
N SER B 571 7.02 -50.66 8.52
CA SER B 571 7.67 -51.27 9.66
C SER B 571 7.05 -50.75 10.93
N GLY B 572 6.83 -51.66 11.86
CA GLY B 572 6.30 -51.29 13.14
C GLY B 572 7.39 -51.15 14.18
N SER B 573 7.03 -50.55 15.29
CA SER B 573 7.89 -50.40 16.44
C SER B 573 7.08 -50.38 17.69
N THR B 574 7.70 -50.65 18.82
CA THR B 574 6.94 -50.68 20.06
C THR B 574 7.56 -49.91 21.21
N VAL B 575 6.70 -49.57 22.17
CA VAL B 575 7.09 -48.96 23.43
C VAL B 575 6.49 -49.75 24.59
N ALA B 576 7.30 -50.05 25.58
CA ALA B 576 6.80 -50.82 26.70
C ALA B 576 5.67 -50.10 27.39
N MET B 577 4.71 -50.88 27.85
CA MET B 577 3.56 -50.35 28.52
C MET B 577 3.89 -49.91 29.92
N THR B 578 3.30 -48.80 30.28
CA THR B 578 3.36 -48.13 31.54
C THR B 578 2.34 -48.67 32.55
N GLU B 579 2.48 -48.30 33.84
CA GLU B 579 1.56 -48.80 34.87
C GLU B 579 0.15 -48.31 34.67
N GLN B 580 0.04 -47.09 34.22
CA GLN B 580 -1.23 -46.48 33.92
C GLN B 580 -1.21 -46.19 32.45
N LEU B 581 -2.30 -46.39 31.74
CA LEU B 581 -2.32 -46.13 30.33
C LEU B 581 -2.26 -44.69 30.02
N GLN B 582 -1.40 -44.33 29.12
CA GLN B 582 -1.32 -42.97 28.69
C GLN B 582 -2.07 -42.86 27.38
N MET B 583 -2.89 -41.82 27.24
CA MET B 583 -3.70 -41.56 26.06
C MET B 583 -3.57 -40.17 25.48
N GLY B 584 -3.63 -40.08 24.18
CA GLY B 584 -3.70 -38.80 23.52
C GLY B 584 -5.10 -38.52 23.02
N PHE B 585 -5.48 -37.26 23.04
CA PHE B 585 -6.76 -36.83 22.51
C PHE B 585 -6.56 -35.64 21.60
N GLY B 586 -6.82 -35.77 20.33
CA GLY B 586 -6.69 -34.60 19.49
C GLY B 586 -8.07 -33.98 19.36
N ILE B 587 -8.16 -32.67 19.39
CA ILE B 587 -9.44 -32.01 19.18
C ILE B 587 -9.33 -31.06 18.03
N THR B 588 -10.21 -31.19 17.06
CA THR B 588 -10.22 -30.26 15.93
C THR B 588 -11.57 -29.58 15.87
N VAL B 589 -11.60 -28.27 15.74
CA VAL B 589 -12.91 -27.62 15.66
C VAL B 589 -13.09 -26.82 14.40
N GLN B 590 -14.29 -26.88 13.86
CA GLN B 590 -14.63 -26.12 12.67
C GLN B 590 -15.68 -25.09 13.01
N TYR B 591 -15.54 -23.91 12.42
CA TYR B 591 -16.41 -22.78 12.70
C TYR B 591 -17.45 -22.27 11.70
N GLY B 592 -17.77 -23.00 10.64
CA GLY B 592 -18.80 -22.43 9.78
C GLY B 592 -19.11 -23.24 8.53
N THR B 593 -19.41 -24.51 8.73
CA THR B 593 -19.76 -25.39 7.61
C THR B 593 -21.23 -25.68 7.69
N ASP B 594 -21.78 -25.37 8.84
CA ASP B 594 -23.15 -25.62 9.22
C ASP B 594 -23.48 -24.64 10.32
N THR B 595 -24.69 -24.72 10.83
CA THR B 595 -25.08 -23.94 11.99
C THR B 595 -24.07 -24.30 13.10
N ASN B 596 -23.52 -23.33 13.86
CA ASN B 596 -22.54 -23.77 14.87
C ASN B 596 -23.27 -24.26 16.09
N SER B 597 -23.70 -25.50 15.97
CA SER B 597 -24.56 -26.18 16.89
C SER B 597 -23.86 -26.98 17.96
N VAL B 598 -22.54 -26.96 17.98
CA VAL B 598 -21.84 -27.63 19.07
C VAL B 598 -21.46 -26.51 20.04
N CYS B 599 -22.21 -26.38 21.12
CA CYS B 599 -22.06 -25.23 22.02
C CYS B 599 -21.92 -25.68 23.44
N PRO B 600 -21.38 -24.91 24.36
CA PRO B 600 -21.40 -25.19 25.77
C PRO B 600 -22.86 -25.14 26.14
N LYS B 601 -23.33 -25.80 27.18
CA LYS B 601 -24.75 -25.57 27.46
C LYS B 601 -24.92 -24.19 28.09
N LEU B 602 -26.05 -23.59 27.81
CA LEU B 602 -26.42 -22.28 28.31
C LEU B 602 -27.79 -22.28 28.95
N GLU B 603 -27.90 -21.66 30.12
CA GLU B 603 -29.21 -21.48 30.73
C GLU B 603 -29.78 -20.20 30.12
N PHE B 604 -30.93 -20.26 29.46
CA PHE B 604 -31.45 -19.08 28.81
C PHE B 604 -32.43 -18.27 29.62
N ALA B 605 -32.25 -16.97 29.58
CA ALA B 605 -33.19 -16.03 30.18
C ALA B 605 -34.23 -15.73 29.11
N ASN B 606 -35.43 -15.32 29.50
CA ASN B 606 -36.42 -15.05 28.38
C ASN B 606 -36.32 -13.65 27.96
N ASP B 607 -35.35 -12.88 28.38
CA ASP B 607 -35.15 -11.55 27.92
C ASP B 607 -34.06 -11.54 26.83
N THR B 608 -33.65 -12.74 26.38
CA THR B 608 -32.64 -12.86 25.34
C THR B 608 -33.25 -13.43 24.09
N LYS B 609 -34.56 -13.36 24.04
CA LYS B 609 -35.29 -13.80 22.87
C LYS B 609 -35.29 -12.65 21.86
N ILE B 610 -35.41 -13.00 20.58
CA ILE B 610 -35.50 -11.97 19.55
C ILE B 610 -36.84 -11.30 19.54
N ALA B 611 -37.92 -12.06 19.64
CA ALA B 611 -39.24 -11.46 19.53
C ALA B 611 -39.47 -10.37 20.57
N SER B 612 -38.88 -10.54 21.76
CA SER B 612 -39.07 -9.58 22.83
C SER B 612 -38.26 -8.31 22.68
N GLN B 613 -37.33 -8.28 21.72
CA GLN B 613 -36.48 -7.11 21.54
C GLN B 613 -36.49 -6.57 20.11
N LEU B 614 -37.59 -6.73 19.40
CA LEU B 614 -37.59 -6.25 18.04
C LEU B 614 -37.51 -4.75 18.02
N GLY B 615 -36.73 -4.23 17.08
CA GLY B 615 -36.57 -2.81 16.90
C GLY B 615 -35.44 -2.22 17.70
N ASN B 616 -34.88 -3.02 18.60
CA ASN B 616 -33.79 -2.51 19.42
C ASN B 616 -32.45 -2.89 18.85
N CYS B 617 -31.45 -2.10 19.23
CA CYS B 617 -30.06 -2.57 18.88
C CYS B 617 -29.63 -3.48 20.02
N VAL B 618 -29.25 -4.70 19.55
CA VAL B 618 -28.81 -5.70 20.51
C VAL B 618 -27.57 -6.40 20.05
N GLU B 619 -26.86 -6.97 21.00
CA GLU B 619 -25.76 -7.84 20.61
C GLU B 619 -26.41 -9.17 20.30
N TYR B 620 -25.90 -9.92 19.38
CA TYR B 620 -26.49 -11.23 19.20
C TYR B 620 -25.46 -12.30 19.10
N SER B 621 -25.88 -13.48 19.49
CA SER B 621 -25.11 -14.69 19.29
C SER B 621 -26.10 -15.78 18.90
N LEU B 622 -26.13 -16.10 17.62
CA LEU B 622 -27.09 -17.06 17.12
C LEU B 622 -26.35 -18.25 16.58
N TYR B 623 -26.34 -19.34 17.31
CA TYR B 623 -25.63 -20.54 16.89
C TYR B 623 -24.24 -20.23 16.44
N GLY B 624 -23.56 -19.43 17.25
CA GLY B 624 -22.17 -19.07 17.04
C GLY B 624 -21.92 -17.89 16.16
N VAL B 625 -22.96 -17.36 15.56
CA VAL B 625 -22.83 -16.22 14.68
C VAL B 625 -23.09 -14.99 15.50
N SER B 626 -22.21 -14.01 15.46
CA SER B 626 -22.42 -12.88 16.34
C SER B 626 -22.13 -11.56 15.74
N GLY B 627 -22.63 -10.55 16.40
CA GLY B 627 -22.45 -9.19 15.96
C GLY B 627 -23.49 -8.33 16.62
N ARG B 628 -23.73 -7.16 16.06
CA ARG B 628 -24.71 -6.24 16.62
C ARG B 628 -25.73 -5.91 15.54
N GLY B 629 -26.96 -5.71 15.93
CA GLY B 629 -27.96 -5.34 14.96
C GLY B 629 -29.34 -5.21 15.52
N VAL B 630 -30.25 -4.92 14.63
CA VAL B 630 -31.63 -4.71 14.94
C VAL B 630 -32.46 -5.73 14.24
N PHE B 631 -33.30 -6.44 14.97
CA PHE B 631 -34.13 -7.45 14.37
C PHE B 631 -35.49 -6.89 14.04
N GLN B 632 -36.02 -7.30 12.91
CA GLN B 632 -37.37 -6.89 12.53
C GLN B 632 -38.16 -8.07 12.05
N ASN B 633 -39.42 -8.14 12.33
CA ASN B 633 -40.29 -9.16 11.80
C ASN B 633 -40.55 -8.97 10.34
N CYS B 634 -40.29 -9.86 9.43
CA CYS B 634 -40.48 -9.62 8.03
C CYS B 634 -40.72 -10.86 7.19
N THR B 635 -41.02 -10.71 5.92
CA THR B 635 -41.27 -11.82 5.01
C THR B 635 -40.03 -12.65 4.76
N ALA B 636 -40.18 -13.96 4.86
CA ALA B 636 -39.10 -14.89 4.65
C ALA B 636 -38.60 -14.92 3.23
N VAL B 637 -37.29 -14.96 3.12
CA VAL B 637 -36.57 -15.11 1.88
C VAL B 637 -35.47 -16.14 2.07
N GLY B 638 -34.97 -16.72 0.99
CA GLY B 638 -33.86 -17.66 1.12
C GLY B 638 -34.39 -19.04 1.49
N VAL B 639 -33.48 -19.98 1.73
CA VAL B 639 -33.89 -21.34 2.07
C VAL B 639 -33.99 -21.47 3.58
N ARG B 640 -35.15 -21.83 4.08
CA ARG B 640 -35.40 -21.94 5.51
C ARG B 640 -34.48 -22.85 6.24
N GLN B 641 -34.17 -23.95 5.62
CA GLN B 641 -33.34 -24.97 6.20
C GLN B 641 -31.93 -24.53 6.47
N GLN B 642 -31.51 -23.45 5.81
CA GLN B 642 -30.15 -22.99 5.93
C GLN B 642 -29.98 -21.96 7.06
N ARG B 643 -31.09 -21.53 7.69
CA ARG B 643 -31.10 -20.63 8.84
C ARG B 643 -30.61 -19.20 8.70
N PHE B 644 -29.42 -19.02 8.19
CA PHE B 644 -28.83 -17.70 8.09
C PHE B 644 -28.82 -17.17 6.68
N VAL B 645 -29.44 -16.00 6.47
CA VAL B 645 -29.53 -15.38 5.16
C VAL B 645 -28.48 -14.28 5.06
N TYR B 646 -27.66 -14.36 4.04
CA TYR B 646 -26.60 -13.41 3.80
C TYR B 646 -26.84 -12.58 2.56
N ASP B 647 -26.29 -11.38 2.57
CA ASP B 647 -26.34 -10.51 1.38
C ASP B 647 -25.12 -10.71 0.49
N ALA B 648 -25.01 -9.85 -0.51
CA ALA B 648 -23.97 -9.92 -1.52
C ALA B 648 -22.61 -9.44 -1.02
N TYR B 649 -22.56 -8.88 0.20
CA TYR B 649 -21.32 -8.42 0.80
C TYR B 649 -20.98 -9.34 1.98
N GLN B 650 -21.68 -10.46 2.07
CA GLN B 650 -21.57 -11.47 3.12
C GLN B 650 -21.93 -10.99 4.51
N ASN B 651 -22.85 -10.03 4.61
CA ASN B 651 -23.29 -9.61 5.94
C ASN B 651 -24.48 -10.51 6.31
N LEU B 652 -24.73 -10.71 7.58
CA LEU B 652 -25.95 -11.46 7.90
C LEU B 652 -27.09 -10.48 7.79
N VAL B 653 -28.09 -10.79 6.96
CA VAL B 653 -29.20 -9.87 6.76
C VAL B 653 -30.54 -10.45 7.11
N GLY B 654 -30.56 -11.69 7.52
CA GLY B 654 -31.81 -12.27 7.93
C GLY B 654 -31.57 -13.56 8.65
N TYR B 655 -32.57 -13.98 9.38
CA TYR B 655 -32.45 -15.18 10.18
C TYR B 655 -33.74 -15.89 10.45
N TYR B 656 -33.70 -17.20 10.29
CA TYR B 656 -34.85 -18.00 10.63
C TYR B 656 -34.64 -18.51 12.03
N SER B 657 -35.52 -18.10 12.92
CA SER B 657 -35.41 -18.45 14.33
C SER B 657 -36.04 -19.75 14.70
N ASP B 658 -35.59 -20.33 15.81
CA ASP B 658 -36.25 -21.56 16.27
C ASP B 658 -37.66 -21.30 16.82
N ASP B 659 -38.06 -20.03 16.99
CA ASP B 659 -39.40 -19.74 17.46
C ASP B 659 -40.40 -19.73 16.27
N GLY B 660 -39.91 -20.02 15.04
CA GLY B 660 -40.74 -20.10 13.85
C GLY B 660 -40.79 -18.85 12.98
N ASN B 661 -40.30 -17.73 13.51
CA ASN B 661 -40.34 -16.49 12.74
C ASN B 661 -39.08 -16.21 11.96
N TYR B 662 -39.25 -15.45 10.89
CA TYR B 662 -38.12 -14.96 10.14
C TYR B 662 -37.91 -13.51 10.47
N TYR B 663 -36.67 -13.17 10.76
CA TYR B 663 -36.39 -11.80 11.07
C TYR B 663 -35.40 -11.23 10.09
N CYS B 664 -35.59 -9.97 9.78
CA CYS B 664 -34.64 -9.25 8.99
C CYS B 664 -33.64 -8.73 9.97
N LEU B 665 -32.39 -8.67 9.59
CA LEU B 665 -31.39 -8.12 10.49
C LEU B 665 -30.76 -6.89 9.85
N ARG B 666 -30.82 -5.80 10.57
CA ARG B 666 -30.28 -4.56 10.08
C ARG B 666 -29.12 -4.20 10.98
N ALA B 667 -28.15 -3.51 10.49
CA ALA B 667 -27.06 -3.14 11.38
C ALA B 667 -27.54 -2.14 12.38
N CYS B 668 -26.94 -2.13 13.56
CA CYS B 668 -27.27 -1.01 14.40
C CYS B 668 -26.67 0.08 13.54
N VAL B 669 -27.40 1.14 13.29
CA VAL B 669 -26.92 2.19 12.41
C VAL B 669 -26.49 3.37 13.10
N SER B 670 -25.34 3.85 12.70
CA SER B 670 -24.85 5.03 13.36
C SER B 670 -25.54 6.26 12.82
N VAL B 671 -25.53 7.32 13.63
CA VAL B 671 -26.12 8.58 13.25
C VAL B 671 -25.06 9.56 12.78
N PRO B 672 -24.97 9.90 11.51
CA PRO B 672 -24.04 10.86 10.94
C PRO B 672 -23.86 12.11 11.74
N VAL B 673 -22.66 12.63 11.87
CA VAL B 673 -22.47 13.92 12.53
C VAL B 673 -21.53 14.86 11.79
N SER B 674 -21.97 16.09 11.58
CA SER B 674 -21.14 17.14 11.00
C SER B 674 -21.16 18.32 11.97
N VAL B 675 -20.01 18.94 12.18
CA VAL B 675 -19.96 20.06 13.10
C VAL B 675 -19.86 21.32 12.30
N ILE B 676 -20.73 22.24 12.59
CA ILE B 676 -20.75 23.52 11.92
C ILE B 676 -20.04 24.48 12.87
N TYR B 677 -18.87 25.00 12.50
CA TYR B 677 -18.11 25.81 13.47
C TYR B 677 -17.67 27.14 12.96
N ASP B 678 -17.88 28.14 13.80
CA ASP B 678 -17.43 29.48 13.48
C ASP B 678 -16.39 29.94 14.48
N LYS B 679 -15.16 30.07 13.96
CA LYS B 679 -13.96 30.42 14.71
C LYS B 679 -14.01 31.78 15.37
N GLU B 680 -14.59 32.76 14.70
CA GLU B 680 -14.70 34.11 15.20
C GLU B 680 -15.67 34.21 16.37
N THR B 681 -16.77 33.47 16.31
CA THR B 681 -17.71 33.56 17.41
C THR B 681 -17.48 32.50 18.45
N LYS B 682 -16.69 31.46 18.13
CA LYS B 682 -16.52 30.34 19.04
C LYS B 682 -17.87 29.66 19.34
N THR B 683 -18.66 29.49 18.29
CA THR B 683 -19.96 28.85 18.41
C THR B 683 -20.07 27.73 17.42
N HIS B 684 -21.01 26.82 17.66
CA HIS B 684 -21.19 25.73 16.74
C HIS B 684 -22.60 25.21 16.76
N ALA B 685 -22.88 24.40 15.77
CA ALA B 685 -24.15 23.72 15.59
C ALA B 685 -23.85 22.33 15.09
N THR B 686 -24.74 21.39 15.36
CA THR B 686 -24.50 20.02 14.95
C THR B 686 -25.50 19.55 13.92
N LEU B 687 -25.02 19.05 12.80
CA LEU B 687 -25.89 18.51 11.75
C LEU B 687 -25.82 17.01 11.69
N PHE B 688 -26.99 16.42 11.74
CA PHE B 688 -27.12 14.99 11.65
C PHE B 688 -27.67 14.69 10.28
N GLY B 689 -26.77 14.55 9.34
CA GLY B 689 -27.20 14.51 7.98
C GLY B 689 -27.96 13.26 7.72
N SER B 690 -29.02 13.39 6.94
CA SER B 690 -29.87 12.27 6.53
C SER B 690 -30.74 11.72 7.63
N VAL B 691 -30.72 12.33 8.81
CA VAL B 691 -31.46 11.82 9.95
C VAL B 691 -32.71 12.61 10.25
N ALA B 692 -33.85 11.92 10.41
CA ALA B 692 -35.05 12.63 10.86
C ALA B 692 -34.87 13.00 12.33
N CYS B 693 -35.38 14.17 12.74
CA CYS B 693 -35.21 14.64 14.12
C CYS B 693 -35.92 13.81 15.16
N GLU B 694 -36.73 12.86 14.75
CA GLU B 694 -37.41 11.98 15.67
C GLU B 694 -36.41 11.15 16.48
N HIS B 695 -35.17 11.03 15.97
CA HIS B 695 -34.12 10.28 16.63
C HIS B 695 -33.19 11.16 17.44
N ILE B 696 -33.44 12.46 17.45
CA ILE B 696 -32.52 13.35 18.13
C ILE B 696 -33.25 14.07 19.26
N TYR B 718 -33.91 26.18 22.08
CA TYR B 718 -34.67 25.60 20.97
C TYR B 718 -34.42 24.11 20.86
N GLY B 719 -35.40 23.39 20.33
CA GLY B 719 -35.28 21.97 20.12
C GLY B 719 -34.59 21.76 18.79
N PRO B 720 -34.52 20.52 18.27
CA PRO B 720 -33.90 20.18 17.02
C PRO B 720 -34.69 20.75 15.85
N LEU B 721 -34.00 21.18 14.79
CA LEU B 721 -34.63 21.72 13.59
C LEU B 721 -34.51 20.78 12.38
N GLN B 722 -35.62 20.43 11.76
CA GLN B 722 -35.50 19.52 10.62
C GLN B 722 -35.24 20.35 9.39
N THR B 723 -34.17 20.06 8.65
CA THR B 723 -33.87 20.81 7.44
C THR B 723 -33.79 19.83 6.28
N PRO B 724 -33.74 20.29 5.03
CA PRO B 724 -33.54 19.51 3.81
C PRO B 724 -32.28 18.63 3.75
N VAL B 725 -31.32 18.87 4.64
CA VAL B 725 -30.10 18.07 4.64
C VAL B 725 -29.96 17.20 5.88
N GLY B 726 -30.94 17.23 6.77
CA GLY B 726 -30.84 16.46 8.01
C GLY B 726 -31.34 17.25 9.19
N CYS B 727 -31.12 16.72 10.37
CA CYS B 727 -31.60 17.36 11.59
C CYS B 727 -30.50 18.23 12.19
N VAL B 728 -30.78 19.49 12.52
CA VAL B 728 -29.70 20.29 13.05
C VAL B 728 -30.01 20.89 14.40
N LEU B 729 -29.10 20.69 15.35
CA LEU B 729 -29.22 21.27 16.69
C LEU B 729 -28.28 22.47 16.77
N GLY B 730 -28.69 23.51 17.44
CA GLY B 730 -27.80 24.67 17.57
C GLY B 730 -28.13 25.76 16.56
N LEU B 731 -29.00 25.46 15.59
CA LEU B 731 -29.42 26.47 14.64
C LEU B 731 -30.84 26.90 14.95
N VAL B 732 -31.12 28.15 14.67
CA VAL B 732 -32.48 28.65 14.80
C VAL B 732 -32.96 29.05 13.42
N ASN B 733 -34.17 28.65 13.09
CA ASN B 733 -34.67 29.00 11.73
C ASN B 733 -34.94 30.51 11.68
N SER B 734 -34.32 31.14 10.61
CA SER B 734 -34.46 32.60 10.53
C SER B 734 -35.26 33.19 9.39
N SER B 735 -35.58 32.41 8.36
CA SER B 735 -36.27 32.94 7.17
C SER B 735 -35.58 34.19 6.62
N LEU B 736 -34.28 34.09 6.55
CA LEU B 736 -33.37 35.12 6.10
C LEU B 736 -32.58 34.60 4.93
N PHE B 737 -32.24 35.48 3.98
CA PHE B 737 -31.42 35.08 2.86
C PHE B 737 -30.02 35.70 2.85
N VAL B 738 -29.07 34.93 2.35
CA VAL B 738 -27.69 35.37 2.20
C VAL B 738 -27.18 35.13 0.80
N GLU B 739 -26.09 35.79 0.43
CA GLU B 739 -25.46 35.46 -0.84
C GLU B 739 -24.07 35.01 -0.40
N ASP B 740 -23.65 35.69 0.64
CA ASP B 740 -22.34 35.58 1.24
C ASP B 740 -22.26 34.49 2.30
N CYS B 741 -22.34 33.27 1.78
CA CYS B 741 -22.41 32.13 2.75
C CYS B 741 -21.01 31.51 2.93
N LYS B 742 -20.67 31.43 4.26
CA LYS B 742 -19.37 30.89 4.64
C LYS B 742 -19.45 29.47 5.18
N LEU B 743 -20.63 29.07 5.64
CA LEU B 743 -20.83 27.77 6.24
C LEU B 743 -21.98 27.06 5.57
N PRO B 744 -21.86 26.68 4.30
CA PRO B 744 -22.91 26.08 3.53
C PRO B 744 -23.22 24.74 4.12
N LEU B 745 -24.49 24.39 4.18
CA LEU B 745 -24.86 23.11 4.77
C LEU B 745 -25.18 22.07 3.75
N GLY B 746 -25.45 22.52 2.53
CA GLY B 746 -25.88 21.64 1.47
C GLY B 746 -27.19 22.14 0.93
N GLN B 747 -27.58 21.63 -0.23
CA GLN B 747 -28.79 22.11 -0.87
C GLN B 747 -28.60 23.61 -0.95
N SER B 748 -29.50 24.44 -0.48
CA SER B 748 -29.23 25.88 -0.58
C SER B 748 -29.35 26.52 0.76
N LEU B 749 -28.90 25.77 1.76
CA LEU B 749 -28.91 26.16 3.16
C LEU B 749 -27.55 26.64 3.61
N CYS B 750 -27.55 27.54 4.58
CA CYS B 750 -26.31 28.10 5.12
C CYS B 750 -26.41 28.39 6.61
N ALA B 751 -25.35 28.09 7.37
CA ALA B 751 -25.37 28.48 8.78
C ALA B 751 -24.80 29.90 8.87
N LEU B 752 -25.54 30.77 9.55
CA LEU B 752 -25.15 32.15 9.66
C LEU B 752 -24.97 32.55 11.12
N PRO B 753 -23.78 32.85 11.61
CA PRO B 753 -23.56 33.16 13.00
C PRO B 753 -24.27 34.46 13.36
N ASP B 754 -24.69 34.54 14.61
CA ASP B 754 -25.35 35.73 15.18
C ASP B 754 -24.29 36.61 15.84
N THR B 755 -23.87 37.64 15.12
CA THR B 755 -22.78 38.50 15.54
C THR B 755 -22.71 39.77 14.72
N PRO B 768 -21.85 36.24 21.53
CA PRO B 768 -22.43 35.73 20.29
C PRO B 768 -23.66 34.90 20.59
N GLY B 769 -24.55 34.80 19.62
CA GLY B 769 -25.77 34.02 19.81
C GLY B 769 -25.71 32.68 19.11
N GLU B 770 -26.86 32.15 18.79
CA GLU B 770 -26.95 30.87 18.11
C GLU B 770 -26.79 31.11 16.62
N MET B 771 -26.35 30.10 15.88
CA MET B 771 -26.27 30.30 14.46
C MET B 771 -27.68 30.25 13.89
N ARG B 772 -27.92 31.06 12.91
CA ARG B 772 -29.18 31.08 12.20
C ARG B 772 -29.17 30.15 11.01
N LEU B 773 -30.32 29.57 10.69
CA LEU B 773 -30.39 28.83 9.45
C LEU B 773 -30.94 29.77 8.39
N ALA B 774 -30.09 30.05 7.42
CA ALA B 774 -30.37 30.99 6.34
C ALA B 774 -30.42 30.24 5.02
N SER B 775 -31.16 30.80 4.09
CA SER B 775 -31.22 30.21 2.75
C SER B 775 -30.34 31.03 1.82
N ILE B 776 -29.73 30.39 0.85
CA ILE B 776 -28.91 31.14 -0.09
C ILE B 776 -29.81 31.68 -1.18
N ALA B 777 -29.72 32.96 -1.41
CA ALA B 777 -30.53 33.63 -2.41
C ALA B 777 -30.04 33.41 -3.82
N PHE B 778 -30.99 33.36 -4.74
CA PHE B 778 -30.64 33.42 -6.13
C PHE B 778 -30.66 34.90 -6.44
N ASN B 779 -29.59 35.41 -7.01
CA ASN B 779 -29.51 36.82 -7.33
C ASN B 779 -29.99 37.03 -8.77
N HIS B 780 -31.20 37.53 -8.95
CA HIS B 780 -31.76 37.65 -10.27
C HIS B 780 -31.08 38.71 -11.09
N PRO B 781 -30.88 38.49 -12.40
CA PRO B 781 -30.33 39.43 -13.34
C PRO B 781 -31.34 40.51 -13.62
N ILE B 782 -30.88 41.60 -14.19
CA ILE B 782 -31.79 42.67 -14.54
C ILE B 782 -32.71 42.15 -15.61
N GLN B 783 -34.01 42.29 -15.43
CA GLN B 783 -34.93 41.76 -16.43
C GLN B 783 -35.18 42.79 -17.51
N VAL B 784 -34.96 42.40 -18.76
CA VAL B 784 -35.16 43.35 -19.83
C VAL B 784 -36.20 42.76 -20.77
N ASP B 785 -37.32 43.43 -20.93
CA ASP B 785 -38.42 42.92 -21.75
C ASP B 785 -38.22 43.04 -23.24
N GLN B 786 -38.75 42.08 -23.96
CA GLN B 786 -38.73 42.15 -25.42
C GLN B 786 -39.94 42.93 -25.86
N LEU B 787 -39.84 43.60 -27.00
CA LEU B 787 -40.96 44.35 -27.49
C LEU B 787 -41.67 43.68 -28.64
N ASN B 788 -42.95 43.85 -28.66
CA ASN B 788 -43.85 43.42 -29.80
C ASN B 788 -43.75 44.44 -30.84
N SER B 789 -42.68 44.70 -31.46
CA SER B 789 -42.46 45.76 -32.41
C SER B 789 -41.24 45.53 -33.23
N SER B 790 -40.94 46.47 -34.11
CA SER B 790 -39.75 46.48 -34.95
C SER B 790 -38.56 47.08 -34.21
N TYR B 791 -38.78 47.51 -32.98
CA TYR B 791 -37.76 48.10 -32.12
C TYR B 791 -37.33 47.09 -31.06
N PHE B 792 -36.32 47.43 -30.28
CA PHE B 792 -35.96 46.58 -29.15
C PHE B 792 -35.53 47.40 -27.97
N LYS B 793 -35.63 46.83 -26.80
CA LYS B 793 -35.11 47.47 -25.60
C LYS B 793 -33.64 47.22 -25.40
N LEU B 794 -32.96 48.29 -25.11
CA LEU B 794 -31.56 48.28 -24.81
C LEU B 794 -31.32 48.61 -23.38
N SER B 795 -30.79 47.67 -22.64
CA SER B 795 -30.42 47.98 -21.28
C SER B 795 -28.95 48.38 -21.39
N ILE B 796 -28.67 49.65 -21.16
CA ILE B 796 -27.33 50.17 -21.37
C ILE B 796 -26.83 50.94 -20.15
N PRO B 797 -25.57 50.81 -19.74
CA PRO B 797 -24.98 51.47 -18.59
C PRO B 797 -25.00 52.95 -18.73
N THR B 798 -25.10 53.65 -17.61
CA THR B 798 -25.02 55.12 -17.64
C THR B 798 -23.84 55.51 -16.79
N ASN B 799 -23.33 54.52 -16.09
CA ASN B 799 -22.21 54.72 -15.17
C ASN B 799 -21.26 53.56 -15.25
N PHE B 800 -20.10 53.69 -14.69
CA PHE B 800 -19.15 52.60 -14.66
C PHE B 800 -18.12 52.75 -13.57
N SER B 801 -17.44 51.66 -13.33
CA SER B 801 -16.31 51.62 -12.44
C SER B 801 -15.30 50.65 -12.97
N PHE B 802 -14.09 50.74 -12.45
CA PHE B 802 -13.10 49.74 -12.80
C PHE B 802 -12.95 48.86 -11.58
N GLY B 803 -12.63 47.61 -11.78
CA GLY B 803 -12.39 46.78 -10.61
C GLY B 803 -11.33 45.79 -10.95
N VAL B 804 -10.77 45.15 -9.94
CA VAL B 804 -9.72 44.21 -10.21
C VAL B 804 -10.07 42.81 -9.78
N THR B 805 -10.01 41.90 -10.72
CA THR B 805 -10.24 40.53 -10.38
C THR B 805 -8.85 40.02 -10.11
N GLN B 806 -8.64 39.45 -8.95
CA GLN B 806 -7.31 38.95 -8.63
C GLN B 806 -7.32 37.47 -8.90
N GLU B 807 -6.23 36.96 -9.43
CA GLU B 807 -6.17 35.54 -9.68
C GLU B 807 -4.81 34.98 -9.42
N TYR B 808 -4.77 33.86 -8.75
CA TYR B 808 -3.49 33.21 -8.55
C TYR B 808 -3.41 31.92 -9.30
N ILE B 809 -2.33 31.78 -10.05
CA ILE B 809 -2.11 30.54 -10.75
C ILE B 809 -0.81 29.93 -10.28
N GLN B 810 -0.90 28.72 -9.79
CA GLN B 810 0.28 28.04 -9.30
C GLN B 810 1.04 27.52 -10.50
N THR B 811 2.33 27.73 -10.57
CA THR B 811 3.04 27.18 -11.73
C THR B 811 4.01 26.09 -11.31
N THR B 812 4.38 26.09 -10.03
CA THR B 812 5.32 25.12 -9.49
C THR B 812 4.85 24.55 -8.20
N ILE B 813 5.56 23.53 -7.76
CA ILE B 813 5.41 22.97 -6.44
C ILE B 813 6.82 22.98 -5.88
N GLN B 814 6.96 22.84 -4.57
CA GLN B 814 8.30 22.76 -4.01
C GLN B 814 8.90 21.43 -4.46
N LYS B 815 10.17 21.51 -4.91
CA LYS B 815 10.89 20.33 -5.36
C LYS B 815 11.56 19.67 -4.20
N VAL B 816 11.30 18.38 -4.02
CA VAL B 816 11.85 17.64 -2.91
C VAL B 816 12.49 16.34 -3.37
N THR B 817 13.62 16.01 -2.78
CA THR B 817 14.24 14.71 -3.02
C THR B 817 14.31 13.99 -1.71
N VAL B 818 14.39 12.68 -1.76
CA VAL B 818 14.46 11.94 -0.51
C VAL B 818 15.62 10.98 -0.49
N ASP B 819 16.37 10.98 0.59
CA ASP B 819 17.40 9.96 0.71
C ASP B 819 16.63 8.78 1.29
N CYS B 820 16.13 8.00 0.33
CA CYS B 820 15.20 6.87 0.70
C CYS B 820 15.90 5.89 1.54
N LYS B 821 17.08 5.51 1.32
CA LYS B 821 17.76 4.53 2.12
C LYS B 821 17.88 5.03 3.54
N GLN B 822 18.26 6.33 3.71
CA GLN B 822 18.34 6.83 5.07
C GLN B 822 16.98 6.95 5.71
N TYR B 823 15.98 7.37 4.94
CA TYR B 823 14.65 7.54 5.49
C TYR B 823 14.14 6.27 6.09
N VAL B 824 14.28 5.18 5.35
CA VAL B 824 13.75 3.92 5.79
C VAL B 824 14.57 3.25 6.89
N CYS B 825 15.90 3.21 6.71
CA CYS B 825 16.72 2.43 7.64
C CYS B 825 17.59 3.18 8.61
N ASN B 826 17.75 4.48 8.47
CA ASN B 826 18.56 5.25 9.39
C ASN B 826 19.97 4.77 9.62
N GLY B 827 20.60 4.23 8.60
CA GLY B 827 21.97 3.78 8.73
C GLY B 827 22.16 2.40 9.35
N PHE B 828 21.09 1.72 9.68
CA PHE B 828 21.24 0.40 10.29
C PHE B 828 21.42 -0.64 9.25
N GLN B 829 22.48 -1.43 9.38
CA GLN B 829 22.80 -2.41 8.38
C GLN B 829 21.82 -3.54 8.31
N LYS B 830 21.20 -3.90 9.44
CA LYS B 830 20.26 -4.99 9.39
C LYS B 830 19.08 -4.58 8.58
N CYS B 831 18.62 -3.36 8.79
CA CYS B 831 17.52 -2.88 8.02
C CYS B 831 17.88 -2.84 6.56
N GLU B 832 19.05 -2.33 6.23
CA GLU B 832 19.41 -2.20 4.82
C GLU B 832 19.41 -3.56 4.15
N GLN B 833 19.87 -4.57 4.90
CA GLN B 833 19.88 -5.92 4.40
C GLN B 833 18.50 -6.44 4.10
N LEU B 834 17.51 -6.02 4.89
CA LEU B 834 16.16 -6.48 4.65
C LEU B 834 15.52 -5.66 3.56
N LEU B 835 15.91 -4.40 3.45
CA LEU B 835 15.38 -3.49 2.45
C LEU B 835 15.70 -3.98 1.06
N ARG B 836 16.86 -4.61 0.91
CA ARG B 836 17.26 -5.11 -0.39
C ARG B 836 16.33 -6.17 -0.95
N GLU B 837 15.53 -6.80 -0.10
CA GLU B 837 14.67 -7.88 -0.55
C GLU B 837 13.38 -7.37 -1.15
N TYR B 838 13.25 -6.04 -1.16
CA TYR B 838 12.11 -5.35 -1.73
C TYR B 838 12.48 -4.80 -3.10
N GLY B 839 13.64 -5.18 -3.61
CA GLY B 839 14.05 -4.77 -4.93
C GLY B 839 14.64 -3.39 -4.92
N GLN B 840 14.73 -2.77 -6.08
CA GLN B 840 15.37 -1.48 -6.16
C GLN B 840 14.36 -0.40 -5.84
N PHE B 841 13.87 -0.45 -4.61
CA PHE B 841 12.84 0.44 -4.14
C PHE B 841 13.28 1.86 -4.17
N CYS B 842 14.44 2.11 -3.62
CA CYS B 842 14.92 3.44 -3.54
C CYS B 842 15.33 3.99 -4.87
N SER B 843 15.67 3.13 -5.83
CA SER B 843 16.01 3.67 -7.12
C SER B 843 14.75 4.24 -7.71
N LYS B 844 13.63 3.55 -7.48
CA LYS B 844 12.36 4.01 -8.02
C LYS B 844 11.92 5.31 -7.39
N ILE B 845 12.14 5.45 -6.08
CA ILE B 845 11.76 6.68 -5.41
C ILE B 845 12.56 7.84 -5.96
N ASN B 846 13.86 7.62 -6.12
CA ASN B 846 14.70 8.69 -6.59
C ASN B 846 14.46 9.08 -8.00
N GLN B 847 14.18 8.12 -8.85
CA GLN B 847 13.96 8.43 -10.24
C GLN B 847 12.63 9.09 -10.44
N ALA B 848 11.62 8.66 -9.69
CA ALA B 848 10.34 9.28 -9.83
C ALA B 848 10.38 10.74 -9.41
N LEU B 849 11.12 11.03 -8.33
CA LEU B 849 11.18 12.40 -7.89
C LEU B 849 12.09 13.20 -8.77
N HIS B 850 13.13 12.57 -9.32
CA HIS B 850 14.01 13.33 -10.16
C HIS B 850 13.24 13.82 -11.35
N GLY B 851 12.43 12.93 -11.94
CA GLY B 851 11.64 13.32 -13.11
C GLY B 851 10.64 14.40 -12.75
N ALA B 852 9.99 14.25 -11.59
CA ALA B 852 9.02 15.21 -11.12
C ALA B 852 9.64 16.55 -10.87
N ASN B 853 10.89 16.59 -10.46
CA ASN B 853 11.56 17.84 -10.20
C ASN B 853 12.01 18.48 -11.50
N LEU B 854 12.42 17.67 -12.48
CA LEU B 854 12.83 18.22 -13.78
C LEU B 854 11.65 18.88 -14.41
N ARG B 855 10.49 18.30 -14.18
CA ARG B 855 9.27 18.81 -14.73
C ARG B 855 9.02 20.24 -14.33
N GLN B 856 9.41 20.66 -13.13
CA GLN B 856 9.16 22.03 -12.77
C GLN B 856 10.21 22.89 -13.40
N ASP B 857 11.43 22.40 -13.51
CA ASP B 857 12.40 23.29 -14.14
C ASP B 857 11.99 23.51 -15.59
N ASP B 858 11.42 22.48 -16.23
CA ASP B 858 11.01 22.64 -17.61
C ASP B 858 9.78 23.51 -17.71
N SER B 859 8.87 23.38 -16.74
CA SER B 859 7.65 24.16 -16.72
C SER B 859 7.95 25.62 -16.55
N VAL B 860 8.89 25.93 -15.66
CA VAL B 860 9.30 27.29 -15.39
C VAL B 860 10.02 27.87 -16.56
N ARG B 861 10.92 27.10 -17.15
CA ARG B 861 11.66 27.62 -18.27
C ARG B 861 10.74 27.99 -19.42
N ASN B 862 9.71 27.14 -19.65
CA ASN B 862 8.77 27.37 -20.74
C ASN B 862 7.86 28.53 -20.44
N LEU B 863 7.44 28.64 -19.20
CA LEU B 863 6.55 29.70 -18.83
C LEU B 863 7.25 31.02 -18.96
N PHE B 864 8.48 31.13 -18.49
CA PHE B 864 9.12 32.41 -18.59
C PHE B 864 9.54 32.74 -19.98
N ALA B 865 9.87 31.72 -20.78
CA ALA B 865 10.21 32.02 -22.14
C ALA B 865 9.08 32.71 -22.84
N SER B 866 7.83 32.37 -22.44
CA SER B 866 6.66 32.99 -23.03
C SER B 866 6.27 34.34 -22.42
N VAL B 867 6.64 34.61 -21.16
CA VAL B 867 6.27 35.90 -20.59
C VAL B 867 7.21 36.93 -21.18
N LYS B 868 8.44 36.47 -21.47
CA LYS B 868 9.49 37.32 -21.98
C LYS B 868 9.05 38.16 -23.16
N SER B 869 9.34 39.45 -23.07
CA SER B 869 9.03 40.40 -24.11
C SER B 869 10.14 40.44 -25.14
N SER B 870 9.81 40.77 -26.37
CA SER B 870 10.81 40.98 -27.41
C SER B 870 11.38 42.39 -27.32
N GLN B 871 10.45 43.31 -27.19
CA GLN B 871 10.64 44.76 -27.15
C GLN B 871 9.85 45.24 -25.94
N SER B 872 10.35 46.25 -25.24
CA SER B 872 9.67 46.80 -24.08
C SER B 872 10.11 48.21 -23.79
N SER B 873 9.26 49.04 -23.19
CA SER B 873 9.73 50.35 -22.79
C SER B 873 10.32 50.26 -21.38
N PRO B 874 11.29 51.08 -20.99
CA PRO B 874 11.80 51.18 -19.65
C PRO B 874 10.72 51.59 -18.67
N ILE B 875 10.79 51.09 -17.45
CA ILE B 875 9.87 51.56 -16.42
C ILE B 875 10.57 52.72 -15.76
N ILE B 876 9.92 53.86 -15.68
CA ILE B 876 10.52 55.00 -15.05
C ILE B 876 9.53 55.40 -13.97
N PRO B 877 9.92 56.10 -12.91
CA PRO B 877 8.97 56.61 -11.96
C PRO B 877 8.02 57.45 -12.76
N GLY B 878 6.71 57.35 -12.52
CA GLY B 878 5.81 58.19 -13.31
C GLY B 878 5.19 57.39 -14.45
N PHE B 879 5.68 56.16 -14.62
CA PHE B 879 5.14 55.25 -15.61
C PHE B 879 3.67 55.19 -15.31
N GLY B 880 2.83 55.28 -16.32
CA GLY B 880 1.38 55.27 -16.13
C GLY B 880 0.75 56.65 -16.36
N GLY B 881 1.54 57.71 -16.28
CA GLY B 881 0.96 59.03 -16.49
C GLY B 881 -0.05 59.33 -15.37
N ASP B 882 -1.30 59.60 -15.76
CA ASP B 882 -2.36 59.90 -14.79
C ASP B 882 -2.85 58.64 -14.11
N PHE B 883 -2.43 57.49 -14.64
CA PHE B 883 -2.81 56.21 -14.13
C PHE B 883 -1.74 55.80 -13.13
N ASN B 884 -2.04 55.66 -11.92
CA ASN B 884 -1.21 55.39 -10.81
C ASN B 884 -0.67 54.00 -10.81
N LEU B 885 0.36 53.62 -11.34
CA LEU B 885 0.91 52.30 -11.44
C LEU B 885 2.07 52.13 -10.48
N THR B 886 2.23 53.01 -9.49
CA THR B 886 3.42 52.93 -8.62
C THR B 886 3.47 51.63 -7.88
N LEU B 887 2.29 51.07 -7.64
CA LEU B 887 2.02 49.80 -7.01
C LEU B 887 2.77 48.68 -7.73
N LEU B 888 2.81 48.80 -9.05
CA LEU B 888 3.42 47.82 -9.93
C LEU B 888 4.89 48.14 -10.29
N GLU B 889 5.30 49.40 -10.18
CA GLU B 889 6.66 49.78 -10.55
C GLU B 889 7.63 49.07 -9.59
N PRO B 890 8.80 48.61 -10.04
CA PRO B 890 9.82 48.00 -9.19
C PRO B 890 10.26 48.99 -8.13
N VAL B 891 10.47 48.51 -6.91
CA VAL B 891 10.93 49.42 -5.87
C VAL B 891 12.44 49.58 -5.94
N ALA B 900 14.63 44.01 -8.45
CA ALA B 900 13.71 44.72 -7.58
C ALA B 900 12.28 44.30 -7.82
N ARG B 901 11.60 43.89 -6.77
CA ARG B 901 10.20 43.50 -6.88
C ARG B 901 9.35 44.76 -6.73
N SER B 902 8.13 44.70 -7.23
CA SER B 902 7.18 45.82 -7.10
C SER B 902 6.63 45.89 -5.69
N ALA B 903 5.99 47.00 -5.35
CA ALA B 903 5.42 47.13 -4.03
C ALA B 903 4.33 46.11 -3.74
N ILE B 904 3.49 45.82 -4.74
CA ILE B 904 2.41 44.87 -4.49
C ILE B 904 2.98 43.49 -4.35
N GLU B 905 4.02 43.23 -5.12
CA GLU B 905 4.68 41.95 -5.12
C GLU B 905 5.33 41.70 -3.77
N ASP B 906 6.00 42.72 -3.20
CA ASP B 906 6.57 42.50 -1.87
C ASP B 906 5.48 42.32 -0.85
N LEU B 907 4.36 43.05 -1.01
CA LEU B 907 3.31 42.91 -0.03
C LEU B 907 2.73 41.53 -0.08
N LEU B 908 2.57 41.00 -1.30
CA LEU B 908 2.02 39.67 -1.48
C LEU B 908 2.87 38.66 -0.80
N PHE B 909 4.20 38.78 -0.94
CA PHE B 909 5.07 37.83 -0.27
C PHE B 909 5.10 38.03 1.24
N ASP B 910 5.09 39.29 1.72
CA ASP B 910 5.17 39.53 3.16
C ASP B 910 3.98 39.03 3.92
N LYS B 911 2.82 39.02 3.25
CA LYS B 911 1.59 38.60 3.90
C LYS B 911 1.34 37.12 3.89
N VAL B 912 2.19 36.35 3.20
CA VAL B 912 1.99 34.90 3.13
C VAL B 912 3.00 34.26 4.08
N THR B 913 2.55 33.34 4.94
CA THR B 913 3.51 32.75 5.86
C THR B 913 4.20 31.58 5.20
N ILE B 914 5.48 31.75 4.97
CA ILE B 914 6.31 30.79 4.27
C ILE B 914 7.54 30.49 5.10
N ALA B 915 7.83 29.22 5.35
CA ALA B 915 9.04 28.89 6.10
C ALA B 915 10.25 29.17 5.21
N ASP B 916 11.35 29.63 5.79
CA ASP B 916 12.56 29.87 5.02
C ASP B 916 13.36 28.58 4.84
N PRO B 917 13.48 28.02 3.63
CA PRO B 917 14.18 26.78 3.36
C PRO B 917 15.68 26.82 3.58
N GLY B 918 16.30 28.01 3.68
CA GLY B 918 17.73 27.98 3.97
C GLY B 918 18.58 27.46 2.83
N TYR B 919 18.29 27.87 1.62
CA TYR B 919 19.02 27.32 0.50
C TYR B 919 20.53 27.48 0.58
N MET B 920 21.04 28.57 1.13
CA MET B 920 22.49 28.75 1.18
C MET B 920 23.15 28.08 2.38
N GLN B 921 22.55 28.15 3.57
CA GLN B 921 23.19 27.58 4.75
C GLN B 921 22.23 27.02 5.81
N GLY B 922 21.06 26.52 5.41
CA GLY B 922 20.05 26.02 6.34
C GLY B 922 20.52 24.94 7.25
N TYR B 923 21.48 24.15 6.76
CA TYR B 923 22.07 23.07 7.52
C TYR B 923 22.60 23.60 8.83
N ASP B 924 23.27 24.75 8.74
CA ASP B 924 23.89 25.37 9.87
C ASP B 924 22.91 26.15 10.70
N ASP B 925 21.91 26.74 10.09
CA ASP B 925 20.98 27.52 10.88
C ASP B 925 20.29 26.59 11.88
N CYS B 926 20.01 25.38 11.40
CA CYS B 926 19.30 24.40 12.23
C CYS B 926 20.17 23.78 13.30
N MET B 927 21.46 24.06 13.30
CA MET B 927 22.34 23.56 14.32
C MET B 927 22.68 24.68 15.32
N GLN B 928 22.98 25.87 14.81
CA GLN B 928 23.38 26.95 15.71
C GLN B 928 22.20 27.63 16.37
N GLN B 929 21.02 27.59 15.73
CA GLN B 929 19.83 28.16 16.32
C GLN B 929 18.87 27.04 16.69
N GLY B 930 18.80 26.01 15.84
CA GLY B 930 17.86 24.94 16.06
C GLY B 930 16.51 25.30 15.39
N PRO B 931 15.49 24.46 15.52
CA PRO B 931 14.17 24.62 14.95
C PRO B 931 13.50 25.89 15.42
N ALA B 932 12.77 26.55 14.51
CA ALA B 932 12.04 27.77 14.82
C ALA B 932 10.84 27.51 15.72
N SER B 933 10.20 26.37 15.54
CA SER B 933 9.01 26.04 16.32
C SER B 933 8.73 24.57 16.32
N ALA B 934 7.60 24.20 16.88
CA ALA B 934 7.21 22.79 16.87
C ALA B 934 6.98 22.38 15.43
N ARG B 935 7.31 21.15 15.07
CA ARG B 935 7.04 20.74 13.72
C ARG B 935 7.70 21.61 12.64
N ASP B 936 8.97 21.92 12.83
CA ASP B 936 9.72 22.72 11.86
C ASP B 936 10.20 21.80 10.76
N LEU B 937 9.58 21.96 9.59
CA LEU B 937 9.78 21.06 8.47
C LEU B 937 11.00 21.41 7.68
N ILE B 938 11.65 22.50 8.04
CA ILE B 938 12.86 22.81 7.32
C ILE B 938 13.96 22.11 8.09
N CYS B 939 13.96 22.20 9.40
CA CYS B 939 15.03 21.54 10.12
C CYS B 939 14.89 20.04 10.12
N ALA B 940 13.64 19.57 9.89
CA ALA B 940 13.37 18.16 9.80
C ALA B 940 14.10 17.54 8.67
N GLN B 941 14.51 18.31 7.68
CA GLN B 941 15.15 17.73 6.52
C GLN B 941 16.41 16.97 6.84
N TYR B 942 17.17 17.47 7.80
CA TYR B 942 18.50 16.92 8.03
C TYR B 942 18.46 15.79 8.99
N VAL B 943 17.25 15.57 9.50
CA VAL B 943 16.97 14.58 10.49
C VAL B 943 16.23 13.41 9.86
N ALA B 944 15.17 13.73 9.13
CA ALA B 944 14.32 12.76 8.48
C ALA B 944 14.94 12.16 7.23
N GLY B 945 15.81 12.89 6.53
CA GLY B 945 16.37 12.31 5.31
C GLY B 945 15.77 12.87 4.02
N TYR B 946 15.27 14.09 4.04
CA TYR B 946 14.71 14.67 2.82
C TYR B 946 15.29 16.03 2.58
N LYS B 947 15.25 16.49 1.35
CA LYS B 947 15.82 17.79 1.04
C LYS B 947 14.95 18.62 0.16
N VAL B 948 14.81 19.87 0.54
CA VAL B 948 14.09 20.83 -0.28
C VAL B 948 15.09 21.47 -1.24
N LEU B 949 14.78 21.40 -2.54
CA LEU B 949 15.68 21.92 -3.54
C LEU B 949 15.29 23.33 -3.92
N PRO B 950 16.25 24.18 -4.30
CA PRO B 950 16.01 25.51 -4.76
C PRO B 950 15.33 25.51 -6.12
N PRO B 951 14.58 26.56 -6.43
CA PRO B 951 13.89 26.82 -7.66
C PRO B 951 14.88 27.14 -8.75
N LEU B 952 14.43 26.98 -10.00
CA LEU B 952 15.24 27.23 -11.19
C LEU B 952 15.74 28.63 -11.39
N MET B 953 14.95 29.63 -11.00
CA MET B 953 15.34 31.02 -11.15
C MET B 953 15.37 31.72 -9.80
N ASP B 954 16.32 32.64 -9.60
CA ASP B 954 16.34 33.38 -8.34
C ASP B 954 15.29 34.46 -8.44
N VAL B 955 15.04 35.13 -7.33
CA VAL B 955 14.07 36.20 -7.28
C VAL B 955 14.34 37.37 -8.19
N ASN B 956 15.57 37.80 -8.32
CA ASN B 956 15.77 38.95 -9.15
C ASN B 956 15.48 38.63 -10.61
N MET B 957 15.76 37.41 -11.05
CA MET B 957 15.47 37.08 -12.42
C MET B 957 13.98 37.03 -12.66
N GLU B 958 13.23 36.48 -11.70
CA GLU B 958 11.79 36.44 -11.93
C GLU B 958 11.24 37.85 -11.95
N ALA B 959 11.78 38.71 -11.09
CA ALA B 959 11.32 40.10 -11.07
C ALA B 959 11.62 40.76 -12.39
N ALA B 960 12.78 40.46 -12.98
CA ALA B 960 13.16 41.04 -14.25
C ALA B 960 12.19 40.65 -15.33
N TYR B 961 11.68 39.42 -15.27
CA TYR B 961 10.73 39.02 -16.30
C TYR B 961 9.43 39.76 -16.18
N THR B 962 8.93 39.96 -14.95
CA THR B 962 7.64 40.62 -14.88
C THR B 962 7.77 42.11 -15.02
N SER B 963 8.97 42.63 -14.75
CA SER B 963 9.18 44.04 -14.90
C SER B 963 9.24 44.39 -16.37
N SER B 964 9.88 43.52 -17.17
CA SER B 964 9.96 43.80 -18.58
C SER B 964 8.63 43.61 -19.21
N LEU B 965 7.80 42.76 -18.61
CA LEU B 965 6.46 42.50 -19.09
C LEU B 965 5.62 43.74 -18.85
N LEU B 966 5.76 44.37 -17.68
CA LEU B 966 4.97 45.57 -17.38
C LEU B 966 5.22 46.64 -18.41
N GLY B 967 6.47 46.81 -18.77
CA GLY B 967 6.87 47.86 -19.69
C GLY B 967 6.50 47.60 -21.12
N SER B 968 6.05 46.38 -21.40
CA SER B 968 5.67 46.04 -22.73
C SER B 968 4.18 46.17 -22.95
N ILE B 969 3.39 46.40 -21.89
CA ILE B 969 1.95 46.30 -22.10
C ILE B 969 1.34 47.31 -23.03
N ALA B 970 1.64 48.57 -22.84
CA ALA B 970 1.03 49.58 -23.67
C ALA B 970 1.35 49.43 -25.14
N GLY B 971 2.57 49.00 -25.43
CA GLY B 971 3.00 48.92 -26.81
C GLY B 971 2.88 47.58 -27.46
N VAL B 972 2.33 46.61 -26.75
CA VAL B 972 2.24 45.30 -27.36
C VAL B 972 0.80 45.08 -27.79
N GLY B 973 -0.15 45.40 -26.93
CA GLY B 973 -1.55 45.18 -27.28
C GLY B 973 -2.12 46.35 -28.06
N TRP B 974 -1.45 46.73 -29.16
CA TRP B 974 -1.85 47.94 -29.88
C TRP B 974 -2.35 47.66 -31.28
N THR B 975 -1.58 46.98 -32.12
CA THR B 975 -2.08 46.73 -33.49
C THR B 975 -1.75 45.37 -34.05
N ALA B 976 -1.98 45.21 -35.35
CA ALA B 976 -1.78 43.93 -36.03
C ALA B 976 -0.33 43.42 -35.97
N GLY B 977 -0.18 42.12 -35.78
CA GLY B 977 1.11 41.45 -35.77
C GLY B 977 1.72 41.49 -34.39
N LEU B 978 2.69 40.62 -34.12
CA LEU B 978 3.35 40.63 -32.82
C LEU B 978 4.78 41.14 -32.93
N SER B 979 5.10 41.67 -34.10
CA SER B 979 6.47 42.07 -34.45
C SER B 979 6.92 43.49 -34.20
N SER B 980 6.00 44.42 -33.98
CA SER B 980 6.44 45.80 -33.81
C SER B 980 6.01 46.27 -32.47
N PHE B 981 6.70 47.26 -31.95
CA PHE B 981 6.34 47.78 -30.65
C PHE B 981 6.09 49.26 -30.68
N ALA B 982 4.93 49.63 -30.18
CA ALA B 982 4.55 51.04 -30.16
C ALA B 982 4.85 51.63 -28.79
N ALA B 983 5.88 52.43 -28.67
CA ALA B 983 6.21 52.96 -27.36
C ALA B 983 5.34 54.15 -27.07
N ILE B 984 4.15 53.86 -26.58
CA ILE B 984 3.15 54.87 -26.35
C ILE B 984 2.87 54.91 -24.87
N PRO B 985 2.35 55.99 -24.33
CA PRO B 985 1.94 56.13 -22.96
C PRO B 985 0.92 55.12 -22.54
N PHE B 986 0.98 54.69 -21.31
CA PHE B 986 0.00 53.80 -20.73
C PHE B 986 -1.38 54.37 -20.87
N ALA B 987 -1.51 55.65 -20.56
CA ALA B 987 -2.81 56.27 -20.64
C ALA B 987 -3.40 56.20 -22.02
N GLN B 988 -2.57 56.33 -23.04
CA GLN B 988 -3.04 56.31 -24.40
C GLN B 988 -3.55 54.93 -24.72
N SER B 989 -2.85 53.92 -24.20
CA SER B 989 -3.25 52.54 -24.36
C SER B 989 -4.59 52.27 -23.74
N ILE B 990 -4.82 52.83 -22.55
CA ILE B 990 -6.10 52.64 -21.88
C ILE B 990 -7.22 53.24 -22.69
N PHE B 991 -7.01 54.41 -23.26
CA PHE B 991 -8.11 54.97 -24.00
C PHE B 991 -8.40 54.17 -25.24
N TYR B 992 -7.38 53.57 -25.87
CA TYR B 992 -7.71 52.73 -27.02
C TYR B 992 -8.45 51.49 -26.57
N ARG B 993 -8.07 50.94 -25.42
CA ARG B 993 -8.74 49.78 -24.87
C ARG B 993 -10.18 50.04 -24.50
N LEU B 994 -10.47 51.23 -24.01
CA LEU B 994 -11.85 51.57 -23.68
C LEU B 994 -12.65 51.82 -24.93
N ASN B 995 -12.03 52.43 -25.93
CA ASN B 995 -12.74 52.69 -27.15
C ASN B 995 -13.11 51.41 -27.83
N GLY B 996 -12.25 50.43 -27.67
CA GLY B 996 -12.41 49.14 -28.28
C GLY B 996 -13.50 48.30 -27.68
N VAL B 997 -14.07 48.73 -26.55
CA VAL B 997 -15.11 47.93 -25.95
C VAL B 997 -16.44 48.65 -26.02
N GLY B 998 -16.50 49.76 -26.76
CA GLY B 998 -17.78 50.44 -26.86
C GLY B 998 -17.92 51.78 -26.19
N ILE B 999 -16.86 52.39 -25.71
CA ILE B 999 -17.04 53.72 -25.13
C ILE B 999 -16.56 54.69 -26.19
N THR B 1000 -17.37 55.65 -26.59
CA THR B 1000 -16.95 56.48 -27.70
C THR B 1000 -15.85 57.44 -27.34
N GLN B 1001 -15.21 58.01 -28.34
CA GLN B 1001 -14.11 58.93 -28.14
C GLN B 1001 -14.55 60.24 -27.57
N GLN B 1002 -15.79 60.64 -27.83
CA GLN B 1002 -16.25 61.90 -27.26
C GLN B 1002 -16.33 61.75 -25.76
N VAL B 1003 -16.73 60.57 -25.31
CA VAL B 1003 -16.89 60.29 -23.90
C VAL B 1003 -15.54 60.19 -23.25
N LEU B 1004 -14.64 59.48 -23.87
CA LEU B 1004 -13.33 59.29 -23.29
C LEU B 1004 -12.61 60.61 -23.19
N SER B 1005 -12.80 61.49 -24.19
CA SER B 1005 -12.15 62.79 -24.21
C SER B 1005 -12.67 63.70 -23.11
N GLU B 1006 -13.98 63.67 -22.87
CA GLU B 1006 -14.55 64.51 -21.83
C GLU B 1006 -14.18 64.03 -20.44
N ASN B 1007 -14.05 62.71 -20.30
CA ASN B 1007 -13.80 62.09 -19.02
C ASN B 1007 -12.40 61.56 -18.79
N GLN B 1008 -11.38 62.08 -19.43
CA GLN B 1008 -10.08 61.44 -19.19
C GLN B 1008 -9.63 61.48 -17.74
N LYS B 1009 -9.96 62.55 -17.02
CA LYS B 1009 -9.50 62.62 -15.63
C LYS B 1009 -10.38 61.73 -14.78
N LEU B 1010 -11.64 61.59 -15.15
CA LEU B 1010 -12.56 60.78 -14.38
C LEU B 1010 -12.18 59.31 -14.53
N ILE B 1011 -11.79 58.94 -15.73
CA ILE B 1011 -11.38 57.59 -16.03
C ILE B 1011 -10.12 57.25 -15.29
N ALA B 1012 -9.12 58.15 -15.34
CA ALA B 1012 -7.91 57.89 -14.61
C ALA B 1012 -8.18 57.77 -13.13
N ASN B 1013 -9.11 58.59 -12.60
CA ASN B 1013 -9.37 58.49 -11.18
C ASN B 1013 -10.03 57.20 -10.82
N LYS B 1014 -10.94 56.72 -11.66
CA LYS B 1014 -11.59 55.45 -11.34
C LYS B 1014 -10.64 54.31 -11.41
N PHE B 1015 -9.74 54.36 -12.38
CA PHE B 1015 -8.75 53.32 -12.56
C PHE B 1015 -7.89 53.28 -11.31
N ASN B 1016 -7.48 54.47 -10.87
CA ASN B 1016 -6.62 54.59 -9.70
C ASN B 1016 -7.30 54.12 -8.45
N GLN B 1017 -8.61 54.32 -8.35
CA GLN B 1017 -9.31 53.82 -7.20
C GLN B 1017 -9.33 52.32 -7.22
N ALA B 1018 -9.53 51.73 -8.41
CA ALA B 1018 -9.59 50.27 -8.52
C ALA B 1018 -8.30 49.63 -8.08
N LEU B 1019 -7.17 50.24 -8.42
CA LEU B 1019 -5.89 49.65 -8.03
C LEU B 1019 -5.53 50.05 -6.63
N GLY B 1020 -5.83 51.27 -6.23
CA GLY B 1020 -5.46 51.72 -4.91
C GLY B 1020 -6.17 50.90 -3.85
N ALA B 1021 -7.41 50.50 -4.18
CA ALA B 1021 -8.27 49.72 -3.31
C ALA B 1021 -7.72 48.35 -3.02
N MET B 1022 -6.83 47.92 -3.87
CA MET B 1022 -6.23 46.63 -3.78
C MET B 1022 -5.03 46.59 -2.86
N GLN B 1023 -4.49 47.75 -2.49
CA GLN B 1023 -3.26 47.75 -1.68
C GLN B 1023 -3.50 47.09 -0.35
N THR B 1024 -4.71 47.20 0.16
CA THR B 1024 -5.08 46.66 1.45
C THR B 1024 -5.88 45.38 1.31
N GLY B 1025 -5.91 44.82 0.10
CA GLY B 1025 -6.71 43.66 -0.19
C GLY B 1025 -6.13 42.29 0.19
N PHE B 1026 -4.87 42.19 0.60
CA PHE B 1026 -4.34 40.86 0.90
C PHE B 1026 -4.69 40.42 2.29
N THR B 1027 -5.96 40.09 2.42
CA THR B 1027 -6.64 39.74 3.64
C THR B 1027 -7.50 38.52 3.51
N THR B 1028 -8.31 38.28 4.54
CA THR B 1028 -9.14 37.09 4.70
C THR B 1028 -10.28 36.98 3.70
N THR B 1029 -10.65 38.08 3.11
CA THR B 1029 -11.75 38.11 2.17
C THR B 1029 -11.30 37.99 0.72
N ASN B 1030 -9.98 37.91 0.50
CA ASN B 1030 -9.41 37.85 -0.83
C ASN B 1030 -9.16 36.41 -1.26
N GLU B 1031 -10.05 35.84 -2.05
CA GLU B 1031 -9.93 34.44 -2.42
C GLU B 1031 -8.62 34.13 -3.12
N ALA B 1032 -8.17 35.00 -4.02
CA ALA B 1032 -6.92 34.76 -4.71
C ALA B 1032 -5.77 34.72 -3.74
N PHE B 1033 -5.84 35.56 -2.73
CA PHE B 1033 -4.79 35.58 -1.73
C PHE B 1033 -4.80 34.27 -0.95
N GLN B 1034 -5.97 33.76 -0.52
CA GLN B 1034 -5.90 32.48 0.15
C GLN B 1034 -5.35 31.41 -0.76
N LYS B 1035 -5.65 31.46 -2.06
CA LYS B 1035 -5.07 30.41 -2.89
C LYS B 1035 -3.56 30.45 -2.85
N VAL B 1036 -2.98 31.64 -2.69
CA VAL B 1036 -1.54 31.72 -2.62
C VAL B 1036 -1.08 31.02 -1.34
N GLN B 1037 -1.76 31.31 -0.22
CA GLN B 1037 -1.39 30.68 1.05
C GLN B 1037 -1.61 29.19 1.02
N ASP B 1038 -2.64 28.73 0.31
CA ASP B 1038 -2.92 27.32 0.26
C ASP B 1038 -1.86 26.61 -0.56
N ALA B 1039 -1.36 27.24 -1.63
CA ALA B 1039 -0.30 26.57 -2.38
C ALA B 1039 0.88 26.34 -1.46
N VAL B 1040 1.12 27.31 -0.59
CA VAL B 1040 2.20 27.24 0.39
C VAL B 1040 1.92 26.16 1.41
N ASN B 1041 0.68 26.09 1.86
CA ASN B 1041 0.33 25.09 2.85
C ASN B 1041 0.43 23.70 2.27
N ASN B 1042 0.17 23.56 0.96
CA ASN B 1042 0.25 22.25 0.36
C ASN B 1042 1.67 21.77 0.31
N ASN B 1043 2.61 22.71 0.13
CA ASN B 1043 4.00 22.30 0.12
C ASN B 1043 4.37 21.82 1.51
N ALA B 1044 3.88 22.53 2.53
CA ALA B 1044 4.19 22.14 3.89
C ALA B 1044 3.60 20.79 4.23
N GLN B 1045 2.40 20.51 3.73
CA GLN B 1045 1.79 19.24 4.06
C GLN B 1045 2.56 18.11 3.46
N ALA B 1046 3.07 18.32 2.25
CA ALA B 1046 3.83 17.28 1.60
C ALA B 1046 5.03 16.90 2.41
N LEU B 1047 5.67 17.89 3.06
CA LEU B 1047 6.85 17.60 3.84
C LEU B 1047 6.51 17.03 5.19
N SER B 1048 5.31 17.35 5.69
CA SER B 1048 4.93 16.89 7.00
C SER B 1048 4.70 15.41 6.97
N LYS B 1049 4.42 14.83 5.79
CA LYS B 1049 4.21 13.40 5.80
C LYS B 1049 5.52 12.72 6.14
N LEU B 1050 6.60 13.19 5.56
CA LEU B 1050 7.87 12.56 5.86
C LEU B 1050 8.30 12.86 7.27
N ALA B 1051 8.12 14.08 7.73
CA ALA B 1051 8.58 14.37 9.07
C ALA B 1051 7.80 13.61 10.13
N SER B 1052 6.49 13.44 9.95
CA SER B 1052 5.66 12.82 10.97
C SER B 1052 5.53 11.33 10.96
N GLU B 1053 5.84 10.68 9.84
CA GLU B 1053 5.62 9.25 9.78
C GLU B 1053 6.73 8.41 10.35
N LEU B 1054 7.91 8.98 10.60
CA LEU B 1054 8.99 8.16 11.12
C LEU B 1054 8.80 7.81 12.58
N SER B 1055 7.88 8.47 13.24
CA SER B 1055 7.62 8.21 14.63
C SER B 1055 6.62 7.07 14.83
N ASN B 1056 6.05 6.57 13.73
CA ASN B 1056 5.05 5.52 13.82
C ASN B 1056 5.73 4.19 13.99
N THR B 1057 5.04 3.23 14.59
CA THR B 1057 5.67 1.94 14.76
C THR B 1057 5.07 0.93 13.82
N PHE B 1058 3.87 1.21 13.32
CA PHE B 1058 3.22 0.34 12.38
C PHE B 1058 3.08 -1.07 12.93
N GLY B 1059 2.81 -1.16 14.24
CA GLY B 1059 2.63 -2.41 14.94
C GLY B 1059 3.89 -2.94 15.62
N ALA B 1060 5.03 -2.32 15.33
CA ALA B 1060 6.30 -2.71 15.90
C ALA B 1060 6.41 -2.26 17.34
N ILE B 1061 7.33 -2.86 18.06
CA ILE B 1061 7.59 -2.54 19.47
C ILE B 1061 8.21 -1.17 19.66
N SER B 1062 8.83 -0.66 18.62
CA SER B 1062 9.43 0.66 18.62
C SER B 1062 9.55 1.20 17.23
N ALA B 1063 9.57 2.54 17.11
CA ALA B 1063 9.81 3.20 15.82
C ALA B 1063 11.31 3.23 15.53
N SER B 1064 12.09 2.88 16.53
CA SER B 1064 13.52 2.86 16.44
C SER B 1064 14.08 1.50 16.09
N ILE B 1065 14.84 1.46 15.02
CA ILE B 1065 15.47 0.25 14.59
C ILE B 1065 16.46 -0.17 15.64
N GLY B 1066 17.17 0.80 16.18
CA GLY B 1066 18.14 0.52 17.22
C GLY B 1066 17.52 -0.15 18.44
N ASP B 1067 16.27 0.19 18.81
CA ASP B 1067 15.61 -0.44 19.94
C ASP B 1067 15.26 -1.87 19.61
N ILE B 1068 14.87 -2.11 18.38
CA ILE B 1068 14.50 -3.43 17.97
C ILE B 1068 15.69 -4.33 18.01
N ILE B 1069 16.82 -3.84 17.49
CA ILE B 1069 18.03 -4.63 17.48
C ILE B 1069 18.52 -4.90 18.89
N GLN B 1070 18.51 -3.87 19.73
CA GLN B 1070 18.95 -4.02 21.10
C GLN B 1070 18.10 -4.98 21.93
N ARG B 1071 16.80 -5.06 21.67
CA ARG B 1071 15.94 -5.94 22.44
C ARG B 1071 15.72 -7.36 21.90
N LEU B 1072 15.70 -7.53 20.58
CA LEU B 1072 15.36 -8.83 20.00
C LEU B 1072 16.43 -9.56 19.21
N ASP B 1073 16.35 -10.89 19.21
CA ASP B 1073 17.19 -11.73 18.36
C ASP B 1073 16.63 -11.80 16.95
N PRO B 1074 17.45 -12.07 15.92
CA PRO B 1074 17.11 -12.13 14.52
C PRO B 1074 15.76 -12.71 14.10
N PRO B 1075 15.28 -13.87 14.52
CA PRO B 1075 14.02 -14.35 14.01
C PRO B 1075 12.83 -13.43 14.36
N GLU B 1076 12.94 -12.63 15.43
CA GLU B 1076 11.84 -11.75 15.80
C GLU B 1076 12.21 -10.33 15.43
N GLN B 1077 13.52 -10.06 15.51
CA GLN B 1077 14.08 -8.76 15.22
C GLN B 1077 13.75 -8.41 13.80
N ASP B 1078 13.82 -9.44 12.94
CA ASP B 1078 13.55 -9.32 11.53
C ASP B 1078 12.14 -8.89 11.29
N ALA B 1079 11.20 -9.54 11.96
CA ALA B 1079 9.78 -9.22 11.81
C ALA B 1079 9.46 -7.81 12.21
N GLN B 1080 10.13 -7.33 13.26
CA GLN B 1080 9.88 -5.99 13.74
C GLN B 1080 10.47 -4.93 12.85
N ILE B 1081 11.66 -5.21 12.31
CA ILE B 1081 12.28 -4.25 11.42
C ILE B 1081 11.46 -4.21 10.19
N ASP B 1082 11.01 -5.37 9.74
CA ASP B 1082 10.21 -5.46 8.55
C ASP B 1082 8.92 -4.66 8.69
N ARG B 1083 8.29 -4.66 9.87
CA ARG B 1083 7.11 -3.80 9.98
C ARG B 1083 7.47 -2.36 9.74
N LEU B 1084 8.61 -1.92 10.27
CA LEU B 1084 8.97 -0.53 10.06
C LEU B 1084 9.26 -0.29 8.60
N ILE B 1085 9.88 -1.25 7.93
CA ILE B 1085 10.16 -1.06 6.53
C ILE B 1085 8.88 -0.94 5.77
N ASN B 1086 7.94 -1.84 5.99
CA ASN B 1086 6.74 -1.76 5.19
C ASN B 1086 6.06 -0.43 5.35
N GLY B 1087 6.02 0.09 6.57
CA GLY B 1087 5.37 1.36 6.82
C GLY B 1087 6.06 2.51 6.16
N ARG B 1088 7.37 2.46 6.10
CA ARG B 1088 8.14 3.54 5.54
C ARG B 1088 8.14 3.45 4.03
N LEU B 1089 8.09 2.24 3.49
CA LEU B 1089 8.07 2.12 2.05
C LEU B 1089 6.74 2.64 1.58
N THR B 1090 5.68 2.36 2.35
CA THR B 1090 4.35 2.81 2.03
C THR B 1090 4.27 4.30 2.06
N THR B 1091 4.88 4.90 3.08
CA THR B 1091 4.91 6.34 3.18
C THR B 1091 5.61 6.97 2.01
N LEU B 1092 6.75 6.41 1.62
CA LEU B 1092 7.44 6.99 0.49
C LEU B 1092 6.70 6.79 -0.79
N ASN B 1093 6.00 5.67 -0.95
CA ASN B 1093 5.26 5.52 -2.18
C ASN B 1093 4.15 6.52 -2.23
N ALA B 1094 3.50 6.79 -1.09
CA ALA B 1094 2.42 7.76 -1.06
C ALA B 1094 2.93 9.14 -1.36
N PHE B 1095 4.11 9.47 -0.82
CA PHE B 1095 4.72 10.76 -1.06
C PHE B 1095 5.00 10.97 -2.50
N VAL B 1096 5.64 9.97 -3.11
CA VAL B 1096 5.97 10.11 -4.49
C VAL B 1096 4.72 10.19 -5.31
N ALA B 1097 3.71 9.36 -5.02
CA ALA B 1097 2.52 9.45 -5.82
C ALA B 1097 1.96 10.86 -5.78
N GLN B 1098 1.99 11.51 -4.62
CA GLN B 1098 1.49 12.86 -4.56
C GLN B 1098 2.39 13.86 -5.21
N GLN B 1099 3.71 13.65 -5.18
CA GLN B 1099 4.52 14.65 -5.85
C GLN B 1099 4.26 14.57 -7.32
N LEU B 1100 4.00 13.38 -7.84
CA LEU B 1100 3.68 13.25 -9.25
C LEU B 1100 2.31 13.87 -9.55
N VAL B 1101 1.33 13.70 -8.65
CA VAL B 1101 0.03 14.32 -8.91
C VAL B 1101 0.12 15.82 -8.85
N ARG B 1102 0.83 16.33 -7.86
CA ARG B 1102 0.97 17.75 -7.67
C ARG B 1102 1.80 18.40 -8.75
N SER B 1103 2.83 17.71 -9.25
CA SER B 1103 3.64 18.29 -10.30
C SER B 1103 2.91 18.25 -11.63
N GLU B 1104 2.00 17.28 -11.81
CA GLU B 1104 1.24 17.23 -13.04
C GLU B 1104 0.26 18.37 -13.04
N SER B 1105 -0.36 18.60 -11.88
CA SER B 1105 -1.33 19.67 -11.74
C SER B 1105 -0.68 21.00 -11.92
N ALA B 1106 0.47 21.21 -11.29
CA ALA B 1106 1.16 22.48 -11.43
C ALA B 1106 1.58 22.71 -12.86
N ALA B 1107 1.99 21.66 -13.58
CA ALA B 1107 2.37 21.86 -14.96
C ALA B 1107 1.18 22.28 -15.82
N LEU B 1108 -0.01 21.72 -15.56
CA LEU B 1108 -1.17 22.13 -16.35
C LEU B 1108 -1.49 23.55 -16.05
N SER B 1109 -1.36 23.90 -14.78
CA SER B 1109 -1.65 25.21 -14.31
C SER B 1109 -0.67 26.19 -14.92
N ALA B 1110 0.60 25.81 -15.03
CA ALA B 1110 1.58 26.65 -15.66
C ALA B 1110 1.22 26.97 -17.09
N GLN B 1111 0.61 26.01 -17.80
CA GLN B 1111 0.21 26.32 -19.16
C GLN B 1111 -0.96 27.28 -19.16
N LEU B 1112 -1.79 27.23 -18.12
CA LEU B 1112 -2.87 28.19 -18.03
C LEU B 1112 -2.30 29.57 -17.81
N ALA B 1113 -1.27 29.65 -16.97
CA ALA B 1113 -0.61 30.92 -16.71
C ALA B 1113 -0.02 31.47 -17.96
N LYS B 1114 0.55 30.58 -18.79
CA LYS B 1114 1.13 30.97 -20.07
C LYS B 1114 0.08 31.59 -20.94
N ASP B 1115 -1.10 30.95 -21.00
CA ASP B 1115 -2.16 31.49 -21.82
C ASP B 1115 -2.66 32.80 -21.32
N LYS B 1116 -2.74 32.96 -20.00
CA LYS B 1116 -3.18 34.24 -19.50
C LYS B 1116 -2.19 35.33 -19.75
N VAL B 1117 -0.92 35.04 -19.67
CA VAL B 1117 -0.05 36.15 -19.97
C VAL B 1117 -0.28 36.56 -21.41
N ASN B 1118 -0.33 35.60 -22.32
CA ASN B 1118 -0.46 36.00 -23.72
C ASN B 1118 -1.80 36.60 -24.09
N GLU B 1119 -2.88 36.11 -23.46
CA GLU B 1119 -4.25 36.54 -23.73
C GLU B 1119 -4.67 37.74 -22.95
N CYS B 1120 -4.34 37.95 -21.71
CA CYS B 1120 -4.68 38.86 -20.79
C CYS B 1120 -3.84 40.15 -20.62
N VAL B 1121 -2.46 39.70 -20.60
CA VAL B 1121 -1.50 40.73 -20.26
C VAL B 1121 -0.90 41.36 -21.49
N LYS B 1122 -0.54 40.54 -22.45
CA LYS B 1122 0.06 41.03 -23.68
C LYS B 1122 -0.98 41.40 -24.71
N ALA B 1123 -2.23 41.26 -24.35
CA ALA B 1123 -3.32 41.56 -25.25
C ALA B 1123 -4.55 41.94 -24.47
N GLN B 1124 -5.45 42.69 -25.10
CA GLN B 1124 -6.75 42.90 -24.49
C GLN B 1124 -7.61 41.70 -24.89
N SER B 1125 -8.27 41.07 -23.93
CA SER B 1125 -9.06 39.88 -24.27
C SER B 1125 -10.49 40.23 -24.55
N LYS B 1126 -11.08 39.51 -25.49
CA LYS B 1126 -12.49 39.65 -25.82
C LYS B 1126 -13.28 38.43 -25.35
N ARG B 1127 -12.64 37.57 -24.57
CA ARG B 1127 -13.27 36.36 -24.06
C ARG B 1127 -13.89 36.58 -22.70
N SER B 1128 -15.21 36.55 -22.63
CA SER B 1128 -15.83 36.82 -21.36
C SER B 1128 -15.40 35.81 -20.35
N GLY B 1129 -15.00 36.27 -19.19
CA GLY B 1129 -14.68 35.41 -18.07
C GLY B 1129 -13.33 34.74 -18.13
N PHE B 1130 -12.58 34.96 -19.19
CA PHE B 1130 -11.30 34.29 -19.26
C PHE B 1130 -10.34 34.95 -18.35
N CYS B 1131 -10.31 36.25 -18.42
CA CYS B 1131 -9.42 37.03 -17.63
C CYS B 1131 -10.22 37.30 -16.36
N GLY B 1132 -10.66 38.52 -16.17
CA GLY B 1132 -11.46 38.79 -14.99
C GLY B 1132 -12.93 38.89 -15.34
N GLN B 1133 -13.69 39.42 -14.41
CA GLN B 1133 -15.12 39.63 -14.64
C GLN B 1133 -15.33 40.98 -15.26
N GLY B 1134 -16.45 41.16 -15.95
CA GLY B 1134 -16.72 42.44 -16.57
C GLY B 1134 -15.99 42.46 -17.89
N THR B 1135 -15.85 43.62 -18.49
CA THR B 1135 -15.18 43.64 -19.80
C THR B 1135 -13.70 43.86 -19.58
N HIS B 1136 -12.86 43.02 -20.12
CA HIS B 1136 -11.44 43.18 -19.88
C HIS B 1136 -10.83 44.38 -20.53
N ILE B 1137 -10.02 45.10 -19.75
CA ILE B 1137 -9.30 46.24 -20.24
C ILE B 1137 -7.81 45.96 -20.23
N VAL B 1138 -7.23 45.73 -19.06
CA VAL B 1138 -5.78 45.52 -18.99
C VAL B 1138 -5.43 44.58 -17.84
N SER B 1139 -4.40 43.75 -17.99
CA SER B 1139 -3.98 42.93 -16.86
C SER B 1139 -2.51 43.13 -16.56
N PHE B 1140 -2.16 42.91 -15.31
CA PHE B 1140 -0.78 43.00 -14.88
C PHE B 1140 -0.37 41.72 -14.21
N VAL B 1141 0.91 41.40 -14.22
CA VAL B 1141 1.41 40.20 -13.53
C VAL B 1141 2.59 40.45 -12.61
N VAL B 1142 2.52 39.89 -11.41
CA VAL B 1142 3.62 39.92 -10.46
C VAL B 1142 3.88 38.49 -10.05
N ASN B 1143 5.02 38.20 -9.44
CA ASN B 1143 5.27 36.84 -9.02
C ASN B 1143 4.62 36.59 -7.69
N ALA B 1144 4.31 35.35 -7.44
CA ALA B 1144 3.72 34.88 -6.21
C ALA B 1144 4.58 33.72 -5.72
N PRO B 1145 4.52 33.33 -4.45
CA PRO B 1145 5.28 32.24 -3.87
C PRO B 1145 5.40 30.95 -4.69
N ASN B 1146 4.34 30.49 -5.30
CA ASN B 1146 4.47 29.27 -6.12
C ASN B 1146 3.93 29.47 -7.51
N GLY B 1147 4.01 30.70 -8.03
CA GLY B 1147 3.42 30.96 -9.33
C GLY B 1147 3.27 32.42 -9.64
N LEU B 1148 2.24 32.74 -10.41
CA LEU B 1148 1.99 34.12 -10.82
C LEU B 1148 0.71 34.66 -10.22
N TYR B 1149 0.71 35.95 -9.93
CA TYR B 1149 -0.48 36.58 -9.43
C TYR B 1149 -0.94 37.58 -10.50
N PHE B 1150 -2.13 37.34 -11.04
CA PHE B 1150 -2.70 38.15 -12.11
C PHE B 1150 -3.56 39.20 -11.51
N MET B 1151 -3.47 40.36 -12.11
CA MET B 1151 -4.19 41.49 -11.62
C MET B 1151 -5.06 41.98 -12.77
N HIS B 1152 -6.33 41.55 -12.85
CA HIS B 1152 -7.07 41.84 -14.08
C HIS B 1152 -7.96 43.03 -13.91
N VAL B 1153 -7.78 44.09 -14.70
CA VAL B 1153 -8.63 45.24 -14.51
C VAL B 1153 -9.72 45.20 -15.54
N GLY B 1154 -10.95 45.18 -15.06
CA GLY B 1154 -12.08 45.12 -15.97
C GLY B 1154 -12.96 46.31 -15.82
N TYR B 1155 -13.83 46.47 -16.80
CA TYR B 1155 -14.81 47.53 -16.85
C TYR B 1155 -16.13 46.99 -16.36
N TYR B 1156 -16.65 47.63 -15.33
CA TYR B 1156 -17.87 47.20 -14.72
C TYR B 1156 -18.95 48.24 -14.87
N PRO B 1157 -19.98 47.99 -15.63
CA PRO B 1157 -21.05 48.90 -15.89
C PRO B 1157 -21.94 49.02 -14.68
N SER B 1158 -22.66 50.11 -14.57
CA SER B 1158 -23.67 50.27 -13.54
C SER B 1158 -24.76 51.24 -13.96
N ASN B 1159 -25.82 51.26 -13.16
CA ASN B 1159 -26.94 52.16 -13.38
C ASN B 1159 -27.49 52.05 -14.78
N HIS B 1160 -27.79 50.84 -15.21
CA HIS B 1160 -28.33 50.64 -16.51
C HIS B 1160 -29.69 51.27 -16.66
N ILE B 1161 -29.97 51.78 -17.85
CA ILE B 1161 -31.28 52.32 -18.16
C ILE B 1161 -31.80 51.63 -19.37
N GLU B 1162 -33.10 51.70 -19.58
CA GLU B 1162 -33.63 51.14 -20.80
C GLU B 1162 -34.00 52.23 -21.79
N VAL B 1163 -33.56 52.04 -23.02
CA VAL B 1163 -33.89 52.95 -24.11
C VAL B 1163 -34.42 52.14 -25.26
N VAL B 1164 -35.04 52.80 -26.21
CA VAL B 1164 -35.56 52.11 -27.38
C VAL B 1164 -34.61 52.25 -28.55
N SER B 1165 -34.27 51.12 -29.15
CA SER B 1165 -33.31 51.04 -30.23
C SER B 1165 -33.84 50.49 -31.53
N ALA B 1166 -33.19 50.89 -32.60
CA ALA B 1166 -33.49 50.42 -33.95
C ALA B 1166 -32.52 49.32 -34.36
N TYR B 1167 -32.94 48.46 -35.28
CA TYR B 1167 -32.00 47.47 -35.78
C TYR B 1167 -31.14 48.11 -36.83
N GLY B 1168 -31.65 49.18 -37.40
CA GLY B 1168 -31.04 49.95 -38.45
C GLY B 1168 -32.04 50.99 -38.93
N LEU B 1169 -31.54 51.91 -39.75
CA LEU B 1169 -32.33 53.00 -40.29
C LEU B 1169 -32.23 53.05 -41.80
N CYS B 1170 -33.32 53.25 -42.50
CA CYS B 1170 -33.35 53.39 -43.92
C CYS B 1170 -33.92 54.71 -44.38
N ASP B 1171 -33.47 55.23 -45.47
CA ASP B 1171 -34.12 56.41 -46.03
C ASP B 1171 -35.48 56.02 -46.53
N ALA B 1172 -36.54 56.61 -45.97
CA ALA B 1172 -37.90 56.24 -46.37
C ALA B 1172 -38.15 56.51 -47.85
N ALA B 1173 -37.53 57.58 -48.39
CA ALA B 1173 -37.71 57.93 -49.80
C ALA B 1173 -36.83 57.06 -50.67
N ASN B 1174 -35.73 56.60 -50.10
CA ASN B 1174 -34.73 55.80 -50.79
C ASN B 1174 -34.45 54.54 -49.99
N PRO B 1175 -35.37 53.57 -49.98
CA PRO B 1175 -35.47 52.41 -49.10
C PRO B 1175 -34.36 51.40 -49.22
N THR B 1176 -33.52 51.52 -50.24
CA THR B 1176 -32.42 50.59 -50.37
C THR B 1176 -31.15 51.15 -49.72
N ASN B 1177 -31.23 52.41 -49.25
CA ASN B 1177 -30.07 53.05 -48.63
C ASN B 1177 -30.20 52.98 -47.10
N CYS B 1178 -29.55 51.98 -46.50
CA CYS B 1178 -29.72 51.74 -45.07
C CYS B 1178 -28.42 51.68 -44.33
N ILE B 1179 -28.49 52.03 -43.06
CA ILE B 1179 -27.39 51.96 -42.13
C ILE B 1179 -27.66 51.18 -40.87
N ALA B 1180 -26.58 50.70 -40.32
CA ALA B 1180 -26.59 50.00 -39.05
C ALA B 1180 -25.51 50.64 -38.24
N PRO B 1181 -25.61 50.65 -36.93
CA PRO B 1181 -24.62 51.21 -36.05
C PRO B 1181 -23.40 50.32 -35.98
N VAL B 1182 -22.26 50.93 -35.71
CA VAL B 1182 -21.04 50.20 -35.49
C VAL B 1182 -20.55 50.28 -34.08
N ASN B 1183 -20.51 49.13 -33.41
CA ASN B 1183 -20.10 49.01 -32.00
C ASN B 1183 -20.91 49.89 -31.07
N GLY B 1184 -22.19 49.97 -31.35
CA GLY B 1184 -23.09 50.81 -30.61
C GLY B 1184 -24.49 50.63 -31.11
N TYR B 1185 -25.34 51.53 -30.70
CA TYR B 1185 -26.75 51.45 -31.01
C TYR B 1185 -27.33 52.73 -31.52
N PHE B 1186 -28.38 52.59 -32.32
CA PHE B 1186 -29.19 53.73 -32.74
C PHE B 1186 -30.33 53.81 -31.74
N ILE B 1187 -30.46 54.94 -31.07
CA ILE B 1187 -31.45 55.11 -30.01
C ILE B 1187 -32.36 56.30 -30.26
N LYS B 1188 -33.58 56.23 -29.70
CA LYS B 1188 -34.50 57.35 -29.82
C LYS B 1188 -34.22 58.38 -28.77
N THR B 1189 -34.27 59.64 -29.16
CA THR B 1189 -34.06 60.74 -28.25
C THR B 1189 -34.53 62.04 -28.87
N GLU B 1197 -33.99 63.08 -33.81
CA GLU B 1197 -34.80 61.93 -33.42
C GLU B 1197 -33.92 60.76 -33.05
N TRP B 1198 -33.21 60.24 -34.04
CA TRP B 1198 -32.32 59.13 -33.81
C TRP B 1198 -30.92 59.62 -33.53
N SER B 1199 -30.25 58.95 -32.62
CA SER B 1199 -28.87 59.30 -32.33
C SER B 1199 -28.12 58.04 -32.07
N TYR B 1200 -26.82 58.13 -31.96
CA TYR B 1200 -25.97 56.98 -31.73
C TYR B 1200 -25.38 56.94 -30.34
N THR B 1201 -25.25 55.76 -29.76
CA THR B 1201 -24.53 55.67 -28.50
C THR B 1201 -23.58 54.48 -28.57
N GLY B 1202 -22.44 54.56 -27.91
CA GLY B 1202 -21.51 53.42 -27.90
C GLY B 1202 -22.11 52.28 -27.08
N SER B 1203 -21.72 51.05 -27.35
CA SER B 1203 -22.36 49.96 -26.63
C SER B 1203 -22.12 49.84 -25.15
N SER B 1204 -21.04 50.41 -24.65
CA SER B 1204 -20.77 50.25 -23.24
C SER B 1204 -21.12 51.43 -22.39
N PHE B 1205 -21.59 52.49 -22.98
CA PHE B 1205 -21.84 53.64 -22.14
C PHE B 1205 -22.84 54.53 -22.81
N TYR B 1206 -23.93 54.82 -22.12
CA TYR B 1206 -24.93 55.65 -22.74
C TYR B 1206 -24.49 57.07 -22.80
N ALA B 1207 -24.39 57.55 -24.00
CA ALA B 1207 -23.92 58.88 -24.25
C ALA B 1207 -24.28 59.24 -25.66
N PRO B 1208 -25.49 59.71 -25.92
CA PRO B 1208 -25.97 59.95 -27.27
C PRO B 1208 -25.10 60.99 -27.98
N GLU B 1209 -24.85 60.74 -29.26
CA GLU B 1209 -24.08 61.62 -30.13
C GLU B 1209 -24.72 61.50 -31.50
N PRO B 1210 -24.53 62.41 -32.44
CA PRO B 1210 -25.09 62.34 -33.76
C PRO B 1210 -24.66 61.10 -34.52
N ILE B 1211 -25.54 60.63 -35.38
CA ILE B 1211 -25.24 59.53 -36.28
C ILE B 1211 -24.45 60.13 -37.43
N THR B 1212 -23.28 59.59 -37.66
CA THR B 1212 -22.37 60.07 -38.68
C THR B 1212 -21.81 58.90 -39.43
N SER B 1213 -21.06 59.15 -40.46
CA SER B 1213 -20.42 58.07 -41.22
C SER B 1213 -19.33 57.35 -40.43
N LEU B 1214 -18.92 57.91 -39.30
CA LEU B 1214 -17.89 57.30 -38.49
C LEU B 1214 -18.43 56.29 -37.48
N ASN B 1215 -19.75 56.20 -37.34
CA ASN B 1215 -20.34 55.30 -36.37
C ASN B 1215 -21.41 54.41 -36.99
N THR B 1216 -21.43 54.41 -38.32
CA THR B 1216 -22.36 53.61 -39.10
C THR B 1216 -21.70 52.83 -40.20
N LYS B 1217 -22.40 51.84 -40.68
CA LYS B 1217 -21.98 51.10 -41.85
C LYS B 1217 -23.18 50.96 -42.75
N TYR B 1218 -22.96 50.93 -44.05
CA TYR B 1218 -24.09 50.72 -44.94
C TYR B 1218 -24.39 49.26 -44.98
N VAL B 1219 -25.67 48.96 -44.97
CA VAL B 1219 -26.15 47.60 -44.98
C VAL B 1219 -27.24 47.36 -45.99
N ALA B 1220 -27.50 46.09 -46.28
CA ALA B 1220 -28.63 45.74 -47.09
C ALA B 1220 -29.89 46.06 -46.28
N PRO B 1221 -31.00 46.46 -46.90
CA PRO B 1221 -32.25 46.76 -46.24
C PRO B 1221 -32.87 45.55 -45.61
N GLN B 1222 -33.53 45.75 -44.48
CA GLN B 1222 -34.22 44.71 -43.75
C GLN B 1222 -35.56 45.19 -43.27
N VAL B 1223 -36.47 44.26 -43.06
CA VAL B 1223 -37.83 44.54 -42.59
C VAL B 1223 -37.88 45.19 -41.21
N THR B 1224 -36.84 45.03 -40.43
CA THR B 1224 -36.77 45.58 -39.09
C THR B 1224 -36.13 46.95 -39.03
N TYR B 1225 -35.68 47.47 -40.16
CA TYR B 1225 -35.05 48.78 -40.15
C TYR B 1225 -36.17 49.81 -40.19
N GLN B 1226 -35.93 50.96 -39.59
CA GLN B 1226 -36.96 52.00 -39.57
C GLN B 1226 -36.94 52.82 -40.81
N ASN B 1227 -38.11 53.26 -41.32
CA ASN B 1227 -38.14 54.16 -42.43
C ASN B 1227 -38.15 55.58 -41.99
N ILE B 1228 -37.11 56.35 -42.12
CA ILE B 1228 -37.08 57.70 -41.61
C ILE B 1228 -37.20 58.71 -42.75
N SER B 1229 -38.08 59.68 -42.56
CA SER B 1229 -38.40 60.68 -43.58
C SER B 1229 -38.16 62.15 -43.25
N THR B 1230 -37.65 62.45 -42.07
CA THR B 1230 -37.45 63.85 -41.70
C THR B 1230 -36.01 64.17 -41.39
N ASN B 1231 -35.64 63.98 -40.14
CA ASN B 1231 -34.26 64.32 -39.77
C ASN B 1231 -33.33 63.17 -40.08
N LEU B 1232 -33.02 63.07 -41.36
CA LEU B 1232 -32.21 62.00 -41.90
C LEU B 1232 -30.78 62.33 -41.49
N PRO B 1233 -30.00 61.37 -40.98
CA PRO B 1233 -28.61 61.58 -40.65
C PRO B 1233 -27.82 61.71 -41.94
N PRO B 1234 -26.68 62.38 -41.94
CA PRO B 1234 -25.78 62.55 -43.06
C PRO B 1234 -25.44 61.32 -43.91
N PRO B 1235 -25.26 60.09 -43.41
CA PRO B 1235 -25.02 58.94 -44.27
C PRO B 1235 -26.20 58.60 -45.17
N LEU B 1236 -27.43 59.01 -44.80
CA LEU B 1236 -28.61 58.78 -45.64
C LEU B 1236 -29.00 60.00 -46.47
N LEU B 1237 -28.39 61.16 -46.22
CA LEU B 1237 -28.75 62.34 -47.00
C LEU B 1237 -28.02 62.33 -48.34
N GLY B 1238 -28.47 61.45 -49.21
CA GLY B 1238 -27.84 61.23 -50.51
C GLY B 1238 -28.82 61.46 -51.62
N THR C 32 -19.93 -53.41 17.24
CA THR C 32 -20.46 -53.65 15.90
C THR C 32 -21.97 -53.79 15.86
N VAL C 33 -22.49 -53.66 14.65
CA VAL C 33 -23.91 -53.67 14.39
C VAL C 33 -24.42 -54.92 13.73
N ASP C 34 -25.47 -55.44 14.33
CA ASP C 34 -26.17 -56.59 13.82
C ASP C 34 -27.00 -56.13 12.62
N VAL C 35 -26.74 -56.74 11.47
CA VAL C 35 -27.37 -56.36 10.21
C VAL C 35 -28.22 -57.49 9.67
N GLY C 36 -28.64 -58.35 10.58
CA GLY C 36 -29.50 -59.47 10.25
C GLY C 36 -28.63 -60.68 9.96
N PRO C 37 -29.23 -61.83 9.69
CA PRO C 37 -28.58 -63.10 9.44
C PRO C 37 -27.88 -63.16 8.11
N ASP C 38 -26.93 -64.08 8.02
CA ASP C 38 -26.25 -64.41 6.78
C ASP C 38 -27.19 -65.13 5.84
N SER C 39 -26.95 -65.04 4.56
CA SER C 39 -27.68 -65.83 3.61
C SER C 39 -27.37 -67.30 3.84
N VAL C 40 -28.37 -68.12 3.62
CA VAL C 40 -28.22 -69.55 3.79
C VAL C 40 -28.22 -70.29 2.48
N LYS C 41 -28.16 -69.58 1.38
CA LYS C 41 -28.13 -70.25 0.11
C LYS C 41 -26.73 -70.76 -0.22
N SER C 42 -26.68 -71.93 -0.85
CA SER C 42 -25.44 -72.58 -1.27
C SER C 42 -24.89 -72.08 -2.58
N ALA C 43 -25.68 -71.26 -3.24
CA ALA C 43 -25.32 -70.70 -4.51
C ALA C 43 -25.95 -69.36 -4.71
N CYS C 44 -25.28 -68.59 -5.56
CA CYS C 44 -25.73 -67.29 -6.01
C CYS C 44 -26.46 -67.43 -7.34
N ILE C 45 -27.27 -66.46 -7.70
CA ILE C 45 -27.88 -66.51 -9.02
C ILE C 45 -26.83 -66.12 -10.03
N GLU C 46 -26.77 -66.92 -11.08
CA GLU C 46 -25.85 -66.74 -12.20
C GLU C 46 -26.02 -65.38 -12.82
N VAL C 47 -24.90 -64.72 -13.11
CA VAL C 47 -24.96 -63.41 -13.71
C VAL C 47 -24.36 -63.40 -15.11
N ASP C 48 -25.16 -62.92 -16.05
CA ASP C 48 -24.80 -62.80 -17.44
C ASP C 48 -24.30 -61.40 -17.78
N ILE C 49 -23.02 -61.24 -18.04
CA ILE C 49 -22.53 -59.90 -18.31
C ILE C 49 -22.42 -59.71 -19.82
N GLN C 50 -23.22 -58.81 -20.38
CA GLN C 50 -23.14 -58.56 -21.83
C GLN C 50 -23.11 -57.08 -22.10
N GLN C 51 -21.92 -56.49 -22.01
CA GLN C 51 -21.77 -55.05 -22.05
C GLN C 51 -22.27 -54.43 -23.32
N THR C 52 -22.24 -55.15 -24.42
CA THR C 52 -22.72 -54.60 -25.67
C THR C 52 -24.11 -53.99 -25.53
N PHE C 53 -24.98 -54.64 -24.77
CA PHE C 53 -26.34 -54.21 -24.63
C PHE C 53 -26.50 -52.95 -23.84
N PHE C 54 -25.47 -52.60 -23.08
CA PHE C 54 -25.49 -51.45 -22.22
C PHE C 54 -24.66 -50.31 -22.82
N ASP C 55 -24.10 -50.52 -24.01
CA ASP C 55 -23.28 -49.48 -24.64
C ASP C 55 -24.15 -48.52 -25.42
N LYS C 56 -24.86 -47.68 -24.68
CA LYS C 56 -25.83 -46.76 -25.25
C LYS C 56 -25.32 -45.35 -25.21
N THR C 57 -25.79 -44.54 -26.15
CA THR C 57 -25.43 -43.13 -26.19
C THR C 57 -26.65 -42.28 -25.98
N TRP C 58 -26.80 -41.84 -24.75
CA TRP C 58 -27.93 -41.05 -24.27
C TRP C 58 -27.38 -39.89 -23.46
N PRO C 59 -26.63 -38.97 -24.06
CA PRO C 59 -25.88 -37.95 -23.39
C PRO C 59 -26.70 -36.93 -22.64
N ARG C 60 -26.31 -36.65 -21.43
CA ARG C 60 -26.95 -35.65 -20.61
C ARG C 60 -25.88 -34.95 -19.80
N PRO C 61 -25.09 -34.08 -20.40
CA PRO C 61 -23.99 -33.41 -19.79
C PRO C 61 -24.48 -32.38 -18.82
N ILE C 62 -23.63 -31.97 -17.91
CA ILE C 62 -24.02 -30.94 -17.00
C ILE C 62 -24.24 -29.64 -17.69
N ASP C 63 -25.43 -29.08 -17.45
CA ASP C 63 -25.78 -27.78 -17.96
C ASP C 63 -25.77 -26.85 -16.76
N VAL C 64 -24.72 -26.09 -16.60
CA VAL C 64 -24.57 -25.28 -15.41
C VAL C 64 -25.58 -24.14 -15.46
N SER C 65 -25.98 -23.71 -16.65
CA SER C 65 -26.93 -22.62 -16.82
C SER C 65 -28.30 -22.96 -16.34
N LYS C 66 -28.53 -24.26 -16.10
CA LYS C 66 -29.80 -24.79 -15.62
C LYS C 66 -29.59 -25.27 -14.16
N ALA C 67 -28.39 -24.96 -13.63
CA ALA C 67 -27.86 -25.33 -12.33
C ALA C 67 -27.79 -26.84 -12.06
N ASP C 68 -27.46 -27.62 -13.09
CA ASP C 68 -27.33 -29.06 -12.88
C ASP C 68 -26.17 -29.38 -11.98
N GLY C 69 -26.39 -30.32 -11.06
CA GLY C 69 -25.32 -30.85 -10.24
C GLY C 69 -24.88 -29.99 -9.09
N ILE C 70 -25.59 -28.90 -8.82
CA ILE C 70 -25.15 -28.04 -7.75
C ILE C 70 -25.61 -28.37 -6.35
N ILE C 71 -24.61 -28.44 -5.48
CA ILE C 71 -24.76 -28.61 -4.07
C ILE C 71 -24.83 -27.19 -3.53
N TYR C 72 -25.85 -26.92 -2.76
CA TYR C 72 -26.10 -25.59 -2.25
C TYR C 72 -25.01 -25.19 -1.25
N PRO C 73 -24.53 -23.92 -1.15
CA PRO C 73 -23.53 -23.55 -0.16
C PRO C 73 -24.06 -24.04 1.16
N GLN C 74 -23.23 -24.73 1.93
CA GLN C 74 -23.76 -25.43 3.08
C GLN C 74 -24.14 -24.74 4.35
N GLY C 75 -23.46 -23.71 4.75
CA GLY C 75 -23.79 -23.15 6.05
C GLY C 75 -24.70 -21.96 6.02
N ARG C 76 -25.23 -21.63 4.85
CA ARG C 76 -25.99 -20.41 4.71
C ARG C 76 -26.83 -20.36 3.49
N THR C 77 -27.69 -19.35 3.44
CA THR C 77 -28.45 -19.08 2.25
C THR C 77 -28.33 -17.63 1.86
N TYR C 78 -28.75 -17.35 0.64
CA TYR C 78 -28.73 -16.03 0.06
C TYR C 78 -30.04 -15.77 -0.62
N SER C 79 -30.40 -14.51 -0.82
CA SER C 79 -31.65 -14.21 -1.51
C SER C 79 -31.59 -13.10 -2.52
N ASN C 80 -31.97 -13.47 -3.75
CA ASN C 80 -32.05 -12.51 -4.84
C ASN C 80 -30.67 -11.86 -5.17
N ILE C 81 -29.60 -12.59 -5.12
CA ILE C 81 -28.29 -12.01 -5.45
C ILE C 81 -27.53 -12.87 -6.44
N THR C 82 -26.56 -12.28 -7.10
CA THR C 82 -25.64 -13.07 -7.90
C THR C 82 -24.23 -12.91 -7.34
N ILE C 83 -23.63 -14.01 -6.90
CA ILE C 83 -22.27 -13.97 -6.36
C ILE C 83 -21.41 -15.10 -6.87
N THR C 84 -20.09 -14.94 -6.82
CA THR C 84 -19.28 -16.12 -7.07
C THR C 84 -19.13 -16.90 -5.79
N TYR C 85 -18.88 -18.19 -5.95
CA TYR C 85 -18.71 -19.08 -4.83
C TYR C 85 -17.76 -20.21 -5.15
N GLN C 86 -16.89 -20.49 -4.21
CA GLN C 86 -15.91 -21.56 -4.33
C GLN C 86 -16.40 -22.84 -3.67
N GLY C 87 -16.42 -23.95 -4.41
CA GLY C 87 -16.89 -25.19 -3.81
C GLY C 87 -16.78 -26.37 -4.75
N LEU C 88 -17.30 -27.52 -4.35
CA LEU C 88 -17.18 -28.69 -5.21
C LEU C 88 -18.34 -28.77 -6.15
N PHE C 89 -18.01 -28.66 -7.43
CA PHE C 89 -18.96 -28.61 -8.52
C PHE C 89 -18.51 -29.50 -9.66
N PRO C 90 -19.42 -30.01 -10.48
CA PRO C 90 -19.12 -30.72 -11.71
C PRO C 90 -18.72 -29.67 -12.77
N TYR C 91 -18.00 -30.06 -13.80
CA TYR C 91 -17.63 -29.17 -14.85
C TYR C 91 -18.75 -28.98 -15.86
N GLN C 92 -18.87 -27.74 -16.36
CA GLN C 92 -19.82 -27.51 -17.45
C GLN C 92 -19.47 -28.39 -18.61
N GLY C 93 -20.49 -29.08 -19.14
CA GLY C 93 -20.28 -29.90 -20.30
C GLY C 93 -19.85 -31.32 -20.01
N ASP C 94 -19.65 -31.65 -18.74
CA ASP C 94 -19.22 -32.99 -18.40
C ASP C 94 -20.29 -33.99 -18.67
N HIS C 95 -20.00 -34.97 -19.52
CA HIS C 95 -20.96 -36.02 -19.85
C HIS C 95 -21.14 -37.02 -18.75
N GLY C 96 -20.12 -37.19 -17.95
CA GLY C 96 -20.16 -38.12 -16.86
C GLY C 96 -20.12 -39.53 -17.36
N ASP C 97 -20.41 -40.44 -16.46
CA ASP C 97 -20.43 -41.84 -16.75
C ASP C 97 -21.84 -42.36 -16.67
N MET C 98 -22.36 -42.87 -17.75
CA MET C 98 -23.73 -43.34 -17.72
C MET C 98 -23.80 -44.80 -17.32
N TYR C 99 -24.75 -45.11 -16.44
CA TYR C 99 -24.97 -46.47 -16.03
C TYR C 99 -26.44 -46.81 -16.19
N VAL C 100 -26.76 -47.99 -16.68
CA VAL C 100 -28.17 -48.35 -16.77
C VAL C 100 -28.39 -49.74 -16.25
N TYR C 101 -29.43 -49.89 -15.45
CA TYR C 101 -29.83 -51.17 -14.90
C TYR C 101 -30.86 -51.78 -15.81
N SER C 102 -30.93 -53.11 -15.85
CA SER C 102 -31.90 -53.81 -16.71
C SER C 102 -32.66 -54.93 -16.06
N ALA C 103 -33.55 -55.49 -16.86
CA ALA C 103 -34.29 -56.68 -16.51
C ALA C 103 -33.39 -57.88 -16.71
N GLY C 104 -33.61 -58.90 -15.93
CA GLY C 104 -32.86 -60.13 -16.09
C GLY C 104 -33.49 -60.98 -17.17
N HIS C 105 -32.96 -62.18 -17.34
CA HIS C 105 -33.42 -63.13 -18.32
C HIS C 105 -34.66 -63.78 -17.78
N ALA C 106 -35.55 -64.20 -18.66
CA ALA C 106 -36.77 -64.87 -18.24
C ALA C 106 -37.23 -65.84 -19.28
N THR C 107 -38.21 -66.63 -18.92
CA THR C 107 -38.90 -67.48 -19.87
C THR C 107 -40.34 -67.44 -19.43
N GLY C 108 -41.14 -66.58 -20.05
CA GLY C 108 -42.50 -66.44 -19.58
C GLY C 108 -42.53 -65.91 -18.15
N THR C 109 -43.17 -66.66 -17.28
CA THR C 109 -43.37 -66.31 -15.89
C THR C 109 -42.32 -66.73 -14.88
N THR C 110 -41.26 -67.36 -15.36
CA THR C 110 -40.19 -67.80 -14.46
C THR C 110 -38.87 -67.12 -14.76
N PRO C 111 -38.49 -66.04 -14.02
CA PRO C 111 -37.28 -65.27 -14.16
C PRO C 111 -36.13 -66.21 -14.03
N GLN C 112 -35.05 -65.96 -14.73
CA GLN C 112 -33.90 -66.83 -14.68
C GLN C 112 -32.63 -66.16 -14.19
N LYS C 113 -31.72 -65.95 -15.12
CA LYS C 113 -30.38 -65.42 -14.93
C LYS C 113 -30.38 -63.90 -14.84
N LEU C 114 -29.44 -63.32 -14.09
CA LEU C 114 -29.44 -61.88 -14.00
C LEU C 114 -28.71 -61.33 -15.22
N PHE C 115 -29.11 -60.15 -15.69
CA PHE C 115 -28.47 -59.55 -16.85
C PHE C 115 -27.88 -58.20 -16.50
N VAL C 116 -26.56 -58.10 -16.57
CA VAL C 116 -25.86 -56.90 -16.18
C VAL C 116 -24.81 -56.41 -17.15
N ALA C 117 -24.40 -55.19 -16.91
CA ALA C 117 -23.28 -54.52 -17.53
C ALA C 117 -22.00 -54.88 -16.79
N ASN C 118 -20.85 -54.58 -17.35
CA ASN C 118 -19.56 -54.87 -16.65
C ASN C 118 -19.28 -53.81 -15.62
N TYR C 119 -20.14 -53.52 -14.70
CA TYR C 119 -19.97 -52.41 -13.79
C TYR C 119 -19.16 -52.73 -12.57
N SER C 120 -19.23 -53.96 -12.08
CA SER C 120 -18.57 -54.24 -10.81
C SER C 120 -17.08 -54.21 -10.91
N GLN C 121 -16.59 -54.41 -12.11
CA GLN C 121 -15.18 -54.46 -12.40
C GLN C 121 -14.63 -53.12 -12.83
N ASP C 122 -15.54 -52.18 -13.06
CA ASP C 122 -15.17 -50.85 -13.53
C ASP C 122 -14.98 -49.94 -12.31
N VAL C 123 -13.81 -49.99 -11.69
CA VAL C 123 -13.59 -49.24 -10.46
C VAL C 123 -12.99 -47.89 -10.77
N LYS C 124 -13.61 -46.86 -10.23
CA LYS C 124 -13.19 -45.50 -10.48
C LYS C 124 -12.53 -44.87 -9.31
N GLN C 125 -11.70 -43.87 -9.59
CA GLN C 125 -11.07 -43.11 -8.52
C GLN C 125 -12.13 -42.15 -7.98
N PHE C 126 -12.32 -42.12 -6.67
CA PHE C 126 -13.28 -41.26 -5.97
C PHE C 126 -12.93 -39.80 -6.02
N ALA C 127 -11.68 -39.47 -5.79
CA ALA C 127 -11.22 -38.10 -5.76
C ALA C 127 -12.01 -37.26 -4.78
N ASN C 128 -12.75 -36.26 -5.27
CA ASN C 128 -13.46 -35.37 -4.37
C ASN C 128 -14.92 -35.75 -4.22
N GLY C 129 -15.33 -36.86 -4.81
CA GLY C 129 -16.71 -37.24 -4.76
C GLY C 129 -17.42 -36.97 -6.05
N PHE C 130 -18.71 -37.20 -6.02
CA PHE C 130 -19.53 -37.13 -7.22
C PHE C 130 -20.97 -36.80 -6.99
N VAL C 131 -21.62 -36.40 -8.07
CA VAL C 131 -23.06 -36.18 -8.07
C VAL C 131 -23.69 -37.06 -9.10
N VAL C 132 -24.94 -37.44 -8.88
CA VAL C 132 -25.61 -38.35 -9.75
C VAL C 132 -26.94 -37.82 -10.21
N ARG C 133 -27.17 -37.86 -11.51
CA ARG C 133 -28.45 -37.45 -12.10
C ARG C 133 -29.31 -38.71 -12.13
N ILE C 134 -30.43 -38.73 -11.38
CA ILE C 134 -31.24 -39.94 -11.27
C ILE C 134 -32.66 -39.80 -11.84
N GLY C 135 -33.03 -40.66 -12.78
CA GLY C 135 -34.38 -40.62 -13.35
C GLY C 135 -34.65 -39.59 -14.42
N ALA C 136 -33.62 -39.08 -15.07
CA ALA C 136 -33.82 -38.03 -16.07
C ALA C 136 -34.72 -38.43 -17.21
N ALA C 137 -34.70 -39.68 -17.58
CA ALA C 137 -35.49 -40.17 -18.68
C ALA C 137 -36.86 -40.66 -18.25
N ALA C 138 -37.19 -40.55 -16.98
CA ALA C 138 -38.48 -41.09 -16.57
C ALA C 138 -39.59 -40.43 -17.35
N ASN C 139 -40.61 -41.24 -17.62
CA ASN C 139 -41.82 -40.96 -18.38
C ASN C 139 -41.62 -40.96 -19.88
N SER C 140 -40.40 -41.13 -20.34
CA SER C 140 -40.15 -41.20 -21.77
C SER C 140 -40.29 -42.62 -22.19
N THR C 141 -40.56 -42.88 -23.45
CA THR C 141 -40.55 -44.27 -23.87
C THR C 141 -39.10 -44.66 -24.08
N GLY C 142 -38.71 -45.79 -23.52
CA GLY C 142 -37.36 -46.28 -23.66
C GLY C 142 -37.30 -47.69 -24.10
N THR C 143 -36.14 -48.27 -23.87
CA THR C 143 -35.89 -49.62 -24.28
C THR C 143 -35.67 -50.52 -23.11
N VAL C 144 -36.07 -51.74 -23.29
CA VAL C 144 -35.74 -52.75 -22.32
C VAL C 144 -34.35 -53.21 -22.78
N ILE C 145 -33.35 -53.08 -21.95
CA ILE C 145 -32.00 -53.33 -22.43
C ILE C 145 -31.77 -54.75 -22.91
N ILE C 146 -32.31 -55.69 -22.18
CA ILE C 146 -32.19 -57.11 -22.50
C ILE C 146 -32.88 -57.50 -23.79
N SER C 147 -33.86 -56.71 -24.20
CA SER C 147 -34.61 -56.96 -25.42
C SER C 147 -34.77 -55.65 -26.18
N PRO C 148 -33.82 -55.27 -27.04
CA PRO C 148 -33.74 -54.01 -27.77
C PRO C 148 -34.97 -53.67 -28.60
N SER C 149 -35.71 -54.68 -29.05
CA SER C 149 -36.90 -54.44 -29.84
C SER C 149 -38.13 -54.14 -29.00
N THR C 150 -38.01 -54.33 -27.69
CA THR C 150 -39.10 -54.12 -26.78
C THR C 150 -38.99 -52.74 -26.15
N SER C 151 -40.08 -51.99 -26.23
CA SER C 151 -40.13 -50.66 -25.65
C SER C 151 -41.00 -50.67 -24.42
N ALA C 152 -40.72 -49.74 -23.53
CA ALA C 152 -41.51 -49.59 -22.31
C ALA C 152 -41.36 -48.20 -21.78
N THR C 153 -42.30 -47.75 -20.97
CA THR C 153 -42.14 -46.45 -20.31
C THR C 153 -40.97 -46.54 -19.33
N ILE C 154 -40.10 -45.53 -19.34
CA ILE C 154 -38.95 -45.47 -18.45
C ILE C 154 -39.33 -45.08 -17.04
N ARG C 155 -38.83 -45.86 -16.09
CA ARG C 155 -39.07 -45.58 -14.68
C ARG C 155 -37.80 -45.28 -13.93
N LYS C 156 -37.89 -44.40 -12.96
CA LYS C 156 -36.72 -44.09 -12.14
C LYS C 156 -36.26 -45.25 -11.31
N ILE C 157 -34.96 -45.44 -11.29
CA ILE C 157 -34.34 -46.44 -10.49
C ILE C 157 -33.17 -45.80 -9.75
N TYR C 158 -32.85 -46.21 -8.55
CA TYR C 158 -31.78 -45.62 -7.81
C TYR C 158 -30.53 -46.39 -7.96
N PRO C 159 -29.39 -45.74 -8.04
CA PRO C 159 -28.09 -46.29 -8.17
C PRO C 159 -27.63 -46.96 -6.91
N ALA C 160 -26.82 -47.99 -7.04
CA ALA C 160 -26.20 -48.63 -5.90
C ALA C 160 -24.71 -48.42 -5.99
N PHE C 161 -24.06 -48.14 -4.87
CA PHE C 161 -22.63 -47.90 -4.91
C PHE C 161 -21.85 -48.69 -3.90
N MET C 162 -20.64 -49.02 -4.26
CA MET C 162 -19.70 -49.65 -3.34
C MET C 162 -18.48 -48.75 -3.28
N LEU C 163 -18.09 -48.29 -2.10
CA LEU C 163 -16.97 -47.36 -1.96
C LEU C 163 -15.92 -47.79 -0.94
N GLY C 164 -14.66 -47.49 -1.17
CA GLY C 164 -13.71 -47.85 -0.14
C GLY C 164 -12.31 -47.36 -0.36
N SER C 165 -11.43 -47.81 0.53
CA SER C 165 -10.03 -47.42 0.60
C SER C 165 -9.10 -48.24 -0.25
N SER C 166 -9.46 -49.48 -0.54
CA SER C 166 -8.57 -50.38 -1.23
C SER C 166 -9.32 -51.37 -2.06
N VAL C 167 -8.80 -51.62 -3.25
CA VAL C 167 -9.39 -52.56 -4.19
C VAL C 167 -8.41 -53.55 -4.74
N GLY C 168 -8.94 -54.61 -5.29
CA GLY C 168 -8.15 -55.65 -5.92
C GLY C 168 -9.05 -56.64 -6.55
N ASN C 169 -8.53 -57.83 -6.79
CA ASN C 169 -9.30 -58.84 -7.45
C ASN C 169 -9.89 -59.89 -6.54
N PHE C 170 -10.76 -60.68 -7.11
CA PHE C 170 -11.42 -61.82 -6.52
C PHE C 170 -10.63 -63.08 -6.81
N SER C 171 -11.12 -64.21 -6.36
CA SER C 171 -10.41 -65.48 -6.44
C SER C 171 -10.02 -65.86 -7.84
N ASP C 172 -10.85 -65.56 -8.83
CA ASP C 172 -10.53 -65.94 -10.20
C ASP C 172 -9.78 -64.87 -10.99
N GLY C 173 -9.37 -63.79 -10.34
CA GLY C 173 -8.66 -62.72 -11.02
C GLY C 173 -9.52 -61.55 -11.49
N LYS C 174 -10.85 -61.64 -11.35
CA LYS C 174 -11.65 -60.50 -11.80
C LYS C 174 -11.55 -59.37 -10.80
N MET C 175 -11.56 -58.14 -11.28
CA MET C 175 -11.48 -57.02 -10.34
C MET C 175 -12.79 -56.58 -9.79
N GLY C 176 -12.70 -55.77 -8.74
CA GLY C 176 -13.90 -55.23 -8.15
C GLY C 176 -14.04 -55.62 -6.69
N ARG C 177 -13.04 -56.28 -6.15
CA ARG C 177 -13.10 -56.64 -4.76
C ARG C 177 -12.63 -55.47 -3.93
N PHE C 178 -13.36 -55.17 -2.87
CA PHE C 178 -12.97 -54.12 -1.93
C PHE C 178 -12.50 -54.76 -0.65
N PHE C 179 -11.49 -54.18 -0.04
CA PHE C 179 -10.92 -54.75 1.16
C PHE C 179 -11.23 -53.94 2.39
N ASN C 180 -11.23 -54.62 3.51
CA ASN C 180 -11.45 -53.94 4.82
C ASN C 180 -12.90 -53.40 4.75
N HIS C 181 -13.04 -52.23 5.46
CA HIS C 181 -14.41 -51.73 5.47
C HIS C 181 -14.76 -51.01 4.21
N THR C 182 -15.90 -51.37 3.70
CA THR C 182 -16.43 -50.85 2.48
C THR C 182 -17.77 -50.22 2.76
N LEU C 183 -17.98 -49.05 2.18
CA LEU C 183 -19.24 -48.36 2.31
C LEU C 183 -20.15 -48.77 1.19
N VAL C 184 -21.31 -49.22 1.54
CA VAL C 184 -22.25 -49.62 0.54
C VAL C 184 -23.50 -48.80 0.66
N LEU C 185 -23.87 -48.20 -0.46
CA LEU C 185 -25.10 -47.41 -0.54
C LEU C 185 -26.03 -48.25 -1.40
N LEU C 186 -27.01 -48.88 -0.77
CA LEU C 186 -27.84 -49.82 -1.50
C LEU C 186 -29.31 -49.50 -1.35
N PRO C 187 -29.98 -48.97 -2.37
CA PRO C 187 -31.36 -48.65 -2.32
C PRO C 187 -32.10 -49.95 -2.22
N ASP C 188 -33.24 -49.92 -1.54
CA ASP C 188 -34.02 -51.14 -1.36
C ASP C 188 -35.49 -50.81 -1.26
N GLY C 189 -36.30 -51.84 -1.08
CA GLY C 189 -37.74 -51.64 -0.93
C GLY C 189 -38.36 -51.18 -2.21
N CYS C 190 -37.81 -51.62 -3.32
CA CYS C 190 -38.29 -51.23 -4.65
C CYS C 190 -38.20 -49.71 -4.81
N GLY C 191 -37.13 -49.12 -4.29
CA GLY C 191 -36.93 -47.67 -4.42
C GLY C 191 -37.55 -46.83 -3.28
N THR C 192 -37.83 -47.44 -2.12
CA THR C 192 -38.42 -46.64 -1.04
C THR C 192 -37.43 -46.31 0.07
N LEU C 193 -36.29 -46.99 0.12
CA LEU C 193 -35.33 -46.63 1.15
C LEU C 193 -33.91 -46.66 0.62
N LEU C 194 -33.07 -45.82 1.18
CA LEU C 194 -31.65 -45.91 0.93
C LEU C 194 -30.97 -46.53 2.11
N ARG C 195 -30.28 -47.65 1.94
CA ARG C 195 -29.58 -48.26 3.05
C ARG C 195 -28.09 -48.06 2.95
N ALA C 196 -27.52 -47.39 3.93
CA ALA C 196 -26.09 -47.09 3.95
C ALA C 196 -25.40 -47.88 5.03
N PHE C 197 -24.38 -48.65 4.67
CA PHE C 197 -23.69 -49.40 5.71
C PHE C 197 -22.23 -49.46 5.46
N TYR C 198 -21.47 -49.61 6.53
CA TYR C 198 -20.01 -49.67 6.41
C TYR C 198 -19.61 -50.95 7.05
N CYS C 199 -19.05 -51.82 6.23
CA CYS C 199 -18.85 -53.21 6.76
C CYS C 199 -17.73 -53.87 5.92
N ILE C 200 -17.31 -55.04 6.45
CA ILE C 200 -16.34 -55.82 5.69
C ILE C 200 -17.10 -56.82 4.86
N LEU C 201 -16.77 -56.87 3.57
CA LEU C 201 -17.48 -57.79 2.70
C LEU C 201 -16.65 -59.02 2.48
N GLU C 202 -17.14 -60.14 2.96
CA GLU C 202 -16.45 -61.41 2.88
C GLU C 202 -17.04 -62.24 1.77
N PRO C 203 -16.38 -62.43 0.65
CA PRO C 203 -16.93 -63.13 -0.47
C PRO C 203 -17.37 -64.53 -0.08
N ARG C 204 -18.55 -64.92 -0.52
CA ARG C 204 -19.06 -66.25 -0.27
C ARG C 204 -18.49 -67.17 -1.29
N SER C 205 -18.33 -68.43 -0.91
CA SER C 205 -17.72 -69.46 -1.73
C SER C 205 -18.62 -70.35 -2.55
N GLY C 206 -19.90 -70.08 -2.53
CA GLY C 206 -20.84 -70.95 -3.22
C GLY C 206 -20.82 -70.74 -4.73
N ASN C 207 -21.70 -71.45 -5.41
CA ASN C 207 -21.67 -71.42 -6.87
C ASN C 207 -22.03 -70.04 -7.39
N HIS C 208 -21.19 -69.49 -8.27
CA HIS C 208 -21.36 -68.18 -8.88
C HIS C 208 -21.14 -67.03 -7.91
N CYS C 209 -20.58 -67.32 -6.75
CA CYS C 209 -20.31 -66.29 -5.78
C CYS C 209 -18.84 -65.91 -5.97
N PRO C 210 -18.36 -64.76 -5.53
CA PRO C 210 -16.98 -64.28 -5.72
C PRO C 210 -15.84 -65.13 -5.20
N ALA C 211 -16.05 -66.01 -4.23
CA ALA C 211 -14.97 -66.88 -3.80
C ALA C 211 -15.22 -68.31 -4.28
N GLY C 212 -16.20 -68.50 -5.15
CA GLY C 212 -16.59 -69.82 -5.62
C GLY C 212 -16.32 -70.04 -7.12
N ASN C 213 -17.00 -71.04 -7.67
CA ASN C 213 -16.82 -71.39 -9.06
C ASN C 213 -17.73 -70.63 -9.98
N SER C 214 -17.32 -70.50 -11.24
CA SER C 214 -18.13 -69.86 -12.28
C SER C 214 -18.59 -68.44 -11.93
N TYR C 215 -17.71 -67.68 -11.32
CA TYR C 215 -17.99 -66.31 -10.98
C TYR C 215 -17.72 -65.38 -12.13
N THR C 216 -18.63 -64.45 -12.31
CA THR C 216 -18.59 -63.42 -13.31
C THR C 216 -18.58 -62.07 -12.63
N SER C 217 -19.72 -61.69 -12.12
CA SER C 217 -19.91 -60.46 -11.37
C SER C 217 -20.97 -60.68 -10.32
N PHE C 218 -20.81 -60.01 -9.20
CA PHE C 218 -21.85 -60.04 -8.21
C PHE C 218 -22.88 -59.06 -8.69
N ALA C 219 -24.09 -59.18 -8.25
CA ALA C 219 -25.10 -58.21 -8.62
C ALA C 219 -26.19 -58.24 -7.58
N THR C 220 -26.91 -57.16 -7.46
CA THR C 220 -28.07 -57.19 -6.60
C THR C 220 -29.29 -57.35 -7.47
N TYR C 221 -30.38 -57.71 -6.85
CA TYR C 221 -31.61 -57.86 -7.57
C TYR C 221 -32.79 -57.78 -6.64
N HIS C 222 -33.94 -57.59 -7.21
CA HIS C 222 -35.18 -57.73 -6.47
C HIS C 222 -36.07 -58.44 -7.46
N THR C 223 -37.12 -59.09 -6.95
CA THR C 223 -38.10 -59.80 -7.77
C THR C 223 -39.48 -59.19 -7.57
N PRO C 224 -39.90 -58.22 -8.40
CA PRO C 224 -41.12 -57.47 -8.26
C PRO C 224 -42.33 -58.31 -7.94
N ALA C 225 -42.36 -59.50 -8.55
CA ALA C 225 -43.48 -60.41 -8.35
C ALA C 225 -43.73 -60.72 -6.90
N THR C 226 -42.68 -60.79 -6.09
CA THR C 226 -42.86 -61.11 -4.68
C THR C 226 -42.40 -59.97 -3.77
N ASP C 227 -41.56 -59.07 -4.30
CA ASP C 227 -40.97 -58.01 -3.49
C ASP C 227 -41.67 -56.68 -3.55
N CYS C 228 -42.47 -56.44 -4.60
CA CYS C 228 -43.06 -55.12 -4.74
C CYS C 228 -44.57 -55.18 -4.75
N SER C 229 -45.15 -55.81 -3.72
CA SER C 229 -46.59 -55.89 -3.57
C SER C 229 -47.13 -54.49 -3.36
N ASP C 230 -48.38 -54.20 -3.77
CA ASP C 230 -48.85 -52.81 -3.64
C ASP C 230 -48.74 -52.26 -2.24
N GLY C 231 -48.93 -53.12 -1.26
CA GLY C 231 -48.85 -52.72 0.12
C GLY C 231 -47.46 -52.98 0.70
N ASN C 232 -47.20 -54.24 1.04
CA ASN C 232 -45.96 -54.55 1.73
C ASN C 232 -44.76 -54.79 0.82
N TYR C 233 -43.94 -53.75 0.64
CA TYR C 233 -42.72 -53.89 -0.15
C TYR C 233 -41.68 -54.59 0.72
N ASN C 234 -40.84 -55.41 0.10
CA ASN C 234 -39.78 -56.10 0.84
C ASN C 234 -38.60 -55.18 1.03
N ARG C 235 -38.44 -54.67 2.23
CA ARG C 235 -37.44 -53.65 2.51
C ARG C 235 -36.05 -54.21 2.57
N ASN C 236 -35.96 -55.54 2.55
CA ASN C 236 -34.68 -56.21 2.54
C ASN C 236 -34.43 -56.94 1.23
N ALA C 237 -35.20 -56.70 0.18
CA ALA C 237 -34.97 -57.50 -1.03
C ALA C 237 -33.59 -57.33 -1.63
N SER C 238 -33.07 -56.11 -1.67
CA SER C 238 -31.77 -55.89 -2.28
C SER C 238 -30.67 -56.23 -1.31
N LEU C 239 -30.95 -56.04 -0.01
CA LEU C 239 -29.95 -56.39 0.97
C LEU C 239 -29.76 -57.87 0.95
N ASN C 240 -30.86 -58.61 0.82
CA ASN C 240 -30.76 -60.04 0.84
C ASN C 240 -30.03 -60.55 -0.37
N SER C 241 -30.20 -59.90 -1.54
CA SER C 241 -29.43 -60.40 -2.67
C SER C 241 -27.97 -60.08 -2.54
N PHE C 242 -27.66 -58.95 -1.92
CA PHE C 242 -26.27 -58.55 -1.75
C PHE C 242 -25.57 -59.60 -0.93
N LYS C 243 -26.27 -60.02 0.13
CA LYS C 243 -25.82 -61.03 1.10
C LYS C 243 -25.60 -62.41 0.52
N GLU C 244 -26.11 -62.65 -0.69
CA GLU C 244 -25.89 -63.94 -1.31
C GLU C 244 -24.46 -63.99 -1.81
N TYR C 245 -23.87 -62.84 -2.17
CA TYR C 245 -22.54 -62.85 -2.71
C TYR C 245 -21.52 -62.57 -1.63
N PHE C 246 -21.92 -61.79 -0.62
CA PHE C 246 -20.99 -61.45 0.46
C PHE C 246 -21.54 -61.66 1.85
N ASN C 247 -20.69 -62.06 2.76
CA ASN C 247 -21.07 -62.07 4.16
C ASN C 247 -20.71 -60.71 4.71
N LEU C 248 -21.62 -60.09 5.46
CA LEU C 248 -21.33 -58.77 6.04
C LEU C 248 -20.77 -58.96 7.45
N ARG C 249 -19.55 -58.45 7.65
CA ARG C 249 -18.83 -58.61 8.90
C ARG C 249 -18.30 -57.30 9.50
N ASN C 250 -18.31 -57.24 10.79
CA ASN C 250 -17.81 -56.01 11.52
C ASN C 250 -18.46 -54.82 11.02
N CYS C 251 -19.76 -54.77 10.83
CA CYS C 251 -20.44 -53.59 10.39
C CYS C 251 -20.36 -52.58 11.48
N THR C 252 -20.08 -51.34 11.16
CA THR C 252 -20.00 -50.36 12.22
C THR C 252 -21.29 -49.59 12.30
N PHE C 253 -22.01 -49.57 11.20
CA PHE C 253 -23.30 -48.92 11.14
C PHE C 253 -24.09 -49.47 10.00
N MET C 254 -25.39 -49.28 10.11
CA MET C 254 -26.32 -49.46 9.02
C MET C 254 -27.46 -48.51 9.24
N TYR C 255 -27.62 -47.57 8.33
CA TYR C 255 -28.63 -46.54 8.41
C TYR C 255 -29.59 -46.63 7.28
N THR C 256 -30.84 -46.28 7.50
CA THR C 256 -31.75 -46.21 6.37
C THR C 256 -32.36 -44.86 6.28
N TYR C 257 -32.67 -44.46 5.07
CA TYR C 257 -33.33 -43.19 4.83
C TYR C 257 -34.55 -43.48 4.01
N ASN C 258 -35.64 -42.82 4.27
CA ASN C 258 -36.84 -43.07 3.50
C ASN C 258 -36.93 -42.20 2.27
N ILE C 259 -37.45 -42.76 1.21
CA ILE C 259 -37.70 -42.09 -0.04
C ILE C 259 -39.20 -42.17 -0.38
N THR C 260 -39.85 -41.04 -0.59
CA THR C 260 -41.24 -41.10 -1.04
C THR C 260 -41.18 -41.42 -2.53
N GLU C 261 -42.01 -42.33 -3.03
CA GLU C 261 -41.95 -42.62 -4.45
C GLU C 261 -42.57 -41.57 -5.35
N ASP C 262 -41.88 -41.31 -6.43
CA ASP C 262 -42.29 -40.40 -7.49
C ASP C 262 -41.45 -40.74 -8.72
N GLU C 263 -41.68 -40.02 -9.83
CA GLU C 263 -40.88 -40.18 -11.07
C GLU C 263 -40.11 -38.89 -11.40
N ILE C 264 -39.88 -38.09 -10.38
CA ILE C 264 -39.23 -36.79 -10.48
C ILE C 264 -37.70 -36.87 -10.61
N LEU C 265 -37.10 -36.13 -11.54
CA LEU C 265 -35.65 -36.14 -11.62
C LEU C 265 -35.03 -35.62 -10.34
N GLU C 266 -34.07 -36.38 -9.81
CA GLU C 266 -33.43 -35.93 -8.58
C GLU C 266 -31.96 -36.07 -8.63
N TRP C 267 -31.29 -35.31 -7.81
CA TRP C 267 -29.86 -35.42 -7.71
C TRP C 267 -29.43 -35.98 -6.37
N PHE C 268 -28.40 -36.80 -6.44
CA PHE C 268 -27.73 -37.41 -5.29
C PHE C 268 -26.26 -37.04 -5.27
N GLY C 269 -25.68 -36.78 -4.12
CA GLY C 269 -24.24 -36.53 -4.13
C GLY C 269 -23.51 -37.09 -2.95
N ILE C 270 -22.24 -37.35 -3.14
CA ILE C 270 -21.39 -37.82 -2.05
C ILE C 270 -20.04 -37.13 -2.00
N THR C 271 -19.65 -36.67 -0.82
CA THR C 271 -18.33 -36.06 -0.60
C THR C 271 -17.73 -36.60 0.68
N GLN C 272 -16.44 -36.38 0.93
CA GLN C 272 -15.88 -36.82 2.20
C GLN C 272 -14.94 -35.78 2.79
N THR C 273 -15.10 -35.53 4.09
CA THR C 273 -14.29 -34.60 4.88
C THR C 273 -13.83 -35.29 6.16
N ALA C 274 -13.13 -34.56 7.02
CA ALA C 274 -12.70 -35.12 8.32
C ALA C 274 -13.90 -35.55 9.16
N GLN C 275 -15.07 -34.96 8.92
CA GLN C 275 -16.28 -35.28 9.67
C GLN C 275 -16.98 -36.54 9.18
N GLY C 276 -16.52 -37.11 8.08
CA GLY C 276 -17.17 -38.28 7.53
C GLY C 276 -17.66 -38.07 6.12
N VAL C 277 -18.46 -39.01 5.68
CA VAL C 277 -19.01 -39.02 4.35
C VAL C 277 -20.32 -38.32 4.34
N HIS C 278 -20.46 -37.36 3.46
CA HIS C 278 -21.65 -36.55 3.41
C HIS C 278 -22.49 -36.95 2.27
N LEU C 279 -23.74 -37.23 2.55
CA LEU C 279 -24.70 -37.62 1.52
C LEU C 279 -25.63 -36.45 1.28
N PHE C 280 -25.72 -36.06 0.02
CA PHE C 280 -26.52 -34.92 -0.43
C PHE C 280 -27.65 -35.38 -1.27
N SER C 281 -28.74 -34.68 -1.22
CA SER C 281 -29.87 -34.98 -2.08
C SER C 281 -30.74 -33.78 -2.29
N SER C 282 -31.33 -33.71 -3.46
CA SER C 282 -32.29 -32.67 -3.73
C SER C 282 -33.69 -32.96 -3.19
N ARG C 283 -34.01 -34.21 -2.88
CA ARG C 283 -35.41 -34.50 -2.60
C ARG C 283 -35.97 -34.09 -1.28
N TYR C 284 -35.15 -33.73 -0.33
CA TYR C 284 -35.73 -33.40 0.96
C TYR C 284 -35.89 -31.89 1.13
N VAL C 285 -35.29 -31.10 0.22
CA VAL C 285 -35.34 -29.65 0.33
C VAL C 285 -35.83 -28.97 -0.95
N ASP C 286 -35.30 -29.39 -2.11
CA ASP C 286 -35.59 -28.71 -3.36
C ASP C 286 -35.96 -29.79 -4.36
N LEU C 287 -37.13 -30.40 -4.15
CA LEU C 287 -37.53 -31.56 -4.94
C LEU C 287 -37.71 -31.25 -6.38
N TYR C 288 -38.32 -30.14 -6.65
CA TYR C 288 -38.61 -29.86 -8.03
C TYR C 288 -37.48 -29.10 -8.66
N GLY C 289 -36.77 -28.36 -7.84
CA GLY C 289 -35.68 -27.52 -8.31
C GLY C 289 -34.37 -28.23 -8.63
N GLY C 290 -33.99 -29.24 -7.85
CA GLY C 290 -32.74 -29.95 -8.07
C GLY C 290 -31.51 -29.55 -7.22
N ASN C 291 -31.55 -28.48 -6.41
CA ASN C 291 -30.35 -28.16 -5.63
C ASN C 291 -30.15 -29.22 -4.56
N MET C 292 -28.92 -29.62 -4.32
CA MET C 292 -28.66 -30.63 -3.30
C MET C 292 -28.26 -30.11 -1.98
N PHE C 293 -28.88 -30.70 -0.97
CA PHE C 293 -28.64 -30.35 0.41
C PHE C 293 -28.20 -31.57 1.16
N GLN C 294 -27.42 -31.39 2.20
CA GLN C 294 -26.99 -32.54 2.92
C GLN C 294 -28.11 -33.18 3.72
N PHE C 295 -28.23 -34.50 3.66
CA PHE C 295 -29.24 -35.16 4.46
C PHE C 295 -28.63 -36.09 5.48
N ALA C 296 -27.36 -36.45 5.29
CA ALA C 296 -26.74 -37.36 6.23
C ALA C 296 -25.24 -37.24 6.24
N THR C 297 -24.64 -37.56 7.37
CA THR C 297 -23.20 -37.71 7.50
C THR C 297 -22.93 -39.10 8.05
N LEU C 298 -22.06 -39.85 7.41
CA LEU C 298 -21.77 -41.20 7.85
C LEU C 298 -20.42 -41.20 8.53
N PRO C 299 -20.21 -41.97 9.60
CA PRO C 299 -18.97 -42.09 10.32
C PRO C 299 -17.96 -42.98 9.64
N VAL C 300 -17.58 -42.56 8.47
CA VAL C 300 -16.61 -43.23 7.63
C VAL C 300 -15.39 -42.33 7.59
N TYR C 301 -14.31 -42.74 8.23
CA TYR C 301 -13.19 -41.84 8.34
C TYR C 301 -11.99 -42.24 7.55
N ASP C 302 -11.94 -43.46 7.08
CA ASP C 302 -10.80 -43.80 6.27
C ASP C 302 -11.10 -43.09 4.96
N THR C 303 -10.09 -42.79 4.18
CA THR C 303 -10.35 -42.06 2.93
C THR C 303 -10.90 -42.97 1.84
N ILE C 304 -11.99 -42.53 1.22
CA ILE C 304 -12.50 -43.30 0.12
C ILE C 304 -11.66 -42.95 -1.06
N LYS C 305 -11.12 -43.96 -1.69
CA LYS C 305 -10.29 -43.74 -2.83
C LYS C 305 -10.93 -44.29 -4.06
N TYR C 306 -11.74 -45.32 -3.90
CA TYR C 306 -12.33 -46.02 -5.02
C TYR C 306 -13.79 -46.22 -4.89
N TYR C 307 -14.47 -46.28 -6.03
CA TYR C 307 -15.88 -46.63 -5.98
C TYR C 307 -16.28 -47.40 -7.22
N SER C 308 -17.38 -48.09 -7.11
CA SER C 308 -17.93 -48.79 -8.24
C SER C 308 -19.41 -48.81 -8.16
N ILE C 309 -20.05 -49.08 -9.27
CA ILE C 309 -21.48 -49.21 -9.31
C ILE C 309 -21.84 -50.66 -9.11
N ILE C 310 -22.73 -50.92 -8.18
CA ILE C 310 -23.12 -52.29 -7.97
C ILE C 310 -24.17 -52.53 -9.03
N PRO C 311 -24.01 -53.46 -9.97
CA PRO C 311 -24.98 -53.69 -10.99
C PRO C 311 -26.20 -54.24 -10.33
N HIS C 312 -27.36 -53.90 -10.87
CA HIS C 312 -28.62 -54.36 -10.35
C HIS C 312 -29.41 -54.90 -11.49
N SER C 313 -30.08 -56.01 -11.28
CA SER C 313 -30.90 -56.60 -12.32
C SER C 313 -32.23 -56.98 -11.75
N ILE C 314 -33.29 -56.63 -12.45
CA ILE C 314 -34.61 -56.86 -11.92
C ILE C 314 -35.17 -58.16 -12.43
N ARG C 315 -35.58 -59.05 -11.53
CA ARG C 315 -36.03 -60.36 -11.97
C ARG C 315 -37.51 -60.34 -12.31
N SER C 316 -37.79 -59.62 -13.37
CA SER C 316 -39.13 -59.48 -13.89
C SER C 316 -39.46 -60.67 -14.74
N ILE C 317 -40.71 -60.94 -14.91
CA ILE C 317 -41.12 -61.96 -15.85
C ILE C 317 -40.95 -61.40 -17.26
N GLN C 318 -40.91 -62.26 -18.26
CA GLN C 318 -40.66 -61.83 -19.62
C GLN C 318 -41.73 -60.88 -20.13
N SER C 319 -42.94 -61.08 -19.65
CA SER C 319 -44.11 -60.32 -20.05
C SER C 319 -44.28 -59.00 -19.31
N ASP C 320 -43.39 -58.71 -18.35
CA ASP C 320 -43.52 -57.49 -17.56
C ASP C 320 -42.17 -56.77 -17.40
N ARG C 321 -41.41 -56.69 -18.47
CA ARG C 321 -40.16 -55.96 -18.40
C ARG C 321 -40.37 -54.47 -18.51
N LYS C 322 -39.65 -53.72 -17.70
CA LYS C 322 -39.76 -52.28 -17.70
C LYS C 322 -38.48 -51.68 -18.20
N ALA C 323 -38.57 -50.45 -18.67
CA ALA C 323 -37.37 -49.75 -19.05
C ALA C 323 -36.94 -48.96 -17.81
N TRP C 324 -35.69 -49.06 -17.42
CA TRP C 324 -35.27 -48.33 -16.24
C TRP C 324 -34.40 -47.18 -16.66
N ALA C 325 -34.58 -46.04 -16.01
CA ALA C 325 -33.82 -44.86 -16.38
C ALA C 325 -32.36 -45.01 -16.08
N ALA C 326 -31.52 -44.50 -16.96
CA ALA C 326 -30.10 -44.48 -16.73
C ALA C 326 -29.75 -43.40 -15.74
N PHE C 327 -28.70 -43.61 -14.99
CA PHE C 327 -28.23 -42.56 -14.09
C PHE C 327 -26.86 -42.13 -14.52
N TYR C 328 -26.52 -40.92 -14.20
CA TYR C 328 -25.25 -40.42 -14.65
C TYR C 328 -24.43 -39.92 -13.54
N VAL C 329 -23.18 -40.33 -13.51
CA VAL C 329 -22.28 -39.93 -12.44
C VAL C 329 -21.30 -38.88 -12.92
N TYR C 330 -21.20 -37.78 -12.20
CA TYR C 330 -20.31 -36.72 -12.62
C TYR C 330 -19.34 -36.44 -11.50
N LYS C 331 -18.08 -36.21 -11.81
CA LYS C 331 -17.11 -35.95 -10.75
C LYS C 331 -17.07 -34.52 -10.32
N LEU C 332 -16.80 -34.31 -9.03
CA LEU C 332 -16.66 -32.99 -8.46
C LEU C 332 -15.23 -32.51 -8.32
N GLN C 333 -15.08 -31.20 -8.36
CA GLN C 333 -13.78 -30.57 -8.18
C GLN C 333 -14.00 -29.19 -7.65
N PRO C 334 -13.02 -28.60 -6.98
CA PRO C 334 -13.03 -27.26 -6.42
C PRO C 334 -12.95 -26.20 -7.47
N LEU C 335 -14.11 -25.74 -7.90
CA LEU C 335 -14.28 -24.77 -8.95
C LEU C 335 -14.93 -23.51 -8.41
N THR C 336 -14.75 -22.39 -9.11
CA THR C 336 -15.51 -21.22 -8.74
C THR C 336 -16.67 -21.12 -9.71
N PHE C 337 -17.88 -21.04 -9.16
CA PHE C 337 -19.10 -20.83 -9.93
C PHE C 337 -19.74 -19.48 -9.65
N LEU C 338 -20.41 -18.93 -10.65
CA LEU C 338 -21.22 -17.75 -10.43
C LEU C 338 -22.58 -18.33 -10.11
N LEU C 339 -23.15 -18.04 -8.95
CA LEU C 339 -24.43 -18.65 -8.57
C LEU C 339 -25.52 -17.60 -8.46
N ASP C 340 -26.62 -17.84 -9.18
CA ASP C 340 -27.78 -16.95 -9.16
C ASP C 340 -28.83 -17.45 -8.18
N PHE C 341 -28.93 -16.77 -7.04
CA PHE C 341 -29.85 -17.16 -5.98
C PHE C 341 -31.15 -16.40 -6.17
N SER C 342 -32.24 -17.14 -6.26
CA SER C 342 -33.57 -16.56 -6.45
C SER C 342 -34.06 -15.98 -5.16
N VAL C 343 -35.22 -15.35 -5.16
CA VAL C 343 -35.75 -14.76 -3.93
C VAL C 343 -35.94 -15.85 -2.88
N ASP C 344 -36.38 -17.03 -3.31
CA ASP C 344 -36.61 -18.15 -2.42
C ASP C 344 -35.34 -18.92 -2.08
N GLY C 345 -34.20 -18.40 -2.56
CA GLY C 345 -32.92 -18.95 -2.24
C GLY C 345 -32.42 -20.07 -3.09
N TYR C 346 -33.17 -20.51 -4.07
CA TYR C 346 -32.62 -21.62 -4.82
C TYR C 346 -31.76 -21.17 -5.94
N ILE C 347 -30.80 -21.99 -6.29
CA ILE C 347 -29.93 -21.68 -7.40
C ILE C 347 -30.57 -22.24 -8.64
N ARG C 348 -30.84 -21.36 -9.58
CA ARG C 348 -31.51 -21.79 -10.80
C ARG C 348 -30.64 -21.65 -11.99
N ARG C 349 -29.65 -20.82 -11.87
CA ARG C 349 -28.75 -20.54 -12.95
C ARG C 349 -27.35 -20.37 -12.41
N ALA C 350 -26.34 -20.82 -13.15
CA ALA C 350 -24.97 -20.64 -12.75
C ALA C 350 -24.00 -20.59 -13.93
N ILE C 351 -22.82 -20.04 -13.67
CA ILE C 351 -21.71 -20.04 -14.63
C ILE C 351 -20.51 -20.81 -14.07
N ASP C 352 -19.95 -21.73 -14.87
CA ASP C 352 -18.72 -22.40 -14.51
C ASP C 352 -17.61 -21.45 -14.97
N CYS C 353 -16.95 -20.78 -13.99
CA CYS C 353 -16.06 -19.69 -14.36
C CYS C 353 -14.79 -20.11 -15.06
N GLY C 354 -14.54 -21.43 -15.10
CA GLY C 354 -13.34 -21.87 -15.81
C GLY C 354 -13.65 -22.58 -17.11
N PHE C 355 -14.91 -22.62 -17.52
CA PHE C 355 -15.30 -23.35 -18.73
C PHE C 355 -14.71 -22.80 -20.00
N ASN C 356 -14.87 -21.51 -20.21
CA ASN C 356 -14.34 -20.83 -21.36
C ASN C 356 -14.08 -19.39 -20.99
N ASP C 357 -13.63 -18.63 -21.95
CA ASP C 357 -13.28 -17.24 -21.77
C ASP C 357 -14.49 -16.34 -21.57
N LEU C 358 -15.58 -16.72 -22.19
CA LEU C 358 -16.83 -15.96 -22.04
C LEU C 358 -17.32 -16.14 -20.61
N SER C 359 -17.19 -17.34 -20.08
CA SER C 359 -17.63 -17.60 -18.73
C SER C 359 -16.77 -16.83 -17.74
N GLN C 360 -15.47 -16.71 -18.04
CA GLN C 360 -14.56 -15.98 -17.16
C GLN C 360 -14.98 -14.55 -17.09
N LEU C 361 -15.44 -14.01 -18.22
CA LEU C 361 -15.90 -12.63 -18.29
C LEU C 361 -17.10 -12.43 -17.36
N HIS C 362 -18.07 -13.34 -17.44
CA HIS C 362 -19.25 -13.16 -16.60
C HIS C 362 -18.89 -13.24 -15.15
N CYS C 363 -17.97 -14.13 -14.82
CA CYS C 363 -17.60 -14.22 -13.42
C CYS C 363 -16.87 -13.00 -12.94
N SER C 364 -16.02 -12.40 -13.77
CA SER C 364 -15.25 -11.24 -13.30
C SER C 364 -16.11 -10.05 -12.99
N TYR C 365 -17.28 -9.98 -13.63
CA TYR C 365 -18.20 -8.89 -13.34
C TYR C 365 -19.30 -9.30 -12.41
N GLU C 366 -19.24 -10.56 -11.97
CA GLU C 366 -20.23 -11.19 -11.13
C GLU C 366 -21.63 -10.98 -11.67
N SER C 367 -21.80 -11.22 -12.95
CA SER C 367 -23.08 -11.00 -13.57
C SER C 367 -23.31 -11.88 -14.75
N PHE C 368 -24.57 -12.17 -15.03
CA PHE C 368 -24.92 -12.98 -16.18
C PHE C 368 -25.09 -12.14 -17.42
N ASP C 369 -25.07 -10.84 -17.24
CA ASP C 369 -25.22 -9.89 -18.31
C ASP C 369 -24.15 -8.83 -18.19
N VAL C 370 -23.27 -8.79 -19.17
CA VAL C 370 -22.21 -7.83 -19.17
C VAL C 370 -22.39 -7.07 -20.45
N GLU C 371 -21.83 -5.88 -20.53
CA GLU C 371 -21.94 -5.05 -21.72
C GLU C 371 -21.09 -5.56 -22.85
N SER C 372 -21.44 -5.17 -24.07
CA SER C 372 -20.68 -5.54 -25.23
C SER C 372 -19.31 -4.88 -25.20
N GLY C 373 -18.32 -5.58 -25.72
CA GLY C 373 -16.99 -5.00 -25.76
C GLY C 373 -15.94 -6.05 -25.97
N VAL C 374 -14.71 -5.61 -25.95
CA VAL C 374 -13.61 -6.55 -26.10
C VAL C 374 -12.89 -6.50 -24.76
N TYR C 375 -12.76 -7.67 -24.13
CA TYR C 375 -12.19 -7.75 -22.79
C TYR C 375 -11.05 -8.70 -22.68
N SER C 376 -10.07 -8.36 -21.87
CA SER C 376 -9.00 -9.31 -21.63
C SER C 376 -9.41 -10.24 -20.52
N VAL C 377 -9.10 -11.51 -20.70
CA VAL C 377 -9.40 -12.54 -19.72
C VAL C 377 -8.15 -13.34 -19.45
N SER C 378 -8.21 -14.25 -18.51
CA SER C 378 -7.03 -15.03 -18.22
C SER C 378 -6.52 -15.73 -19.46
N SER C 379 -5.19 -15.77 -19.56
CA SER C 379 -4.50 -16.38 -20.69
C SER C 379 -4.72 -17.85 -20.73
N PHE C 380 -4.53 -18.43 -21.89
CA PHE C 380 -4.67 -19.86 -22.02
C PHE C 380 -3.31 -20.42 -21.64
N GLU C 381 -3.24 -21.12 -20.53
CA GLU C 381 -1.97 -21.56 -20.00
C GLU C 381 -1.35 -22.69 -20.78
N ALA C 382 -0.06 -22.62 -20.92
CA ALA C 382 0.69 -23.74 -21.46
C ALA C 382 0.83 -24.68 -20.28
N LYS C 383 0.73 -25.98 -20.49
CA LYS C 383 0.88 -26.89 -19.38
C LYS C 383 2.05 -27.80 -19.66
N PRO C 384 2.75 -28.31 -18.63
CA PRO C 384 3.82 -29.25 -18.79
C PRO C 384 3.35 -30.51 -19.47
N SER C 385 4.21 -31.01 -20.33
CA SER C 385 4.04 -32.21 -21.12
C SER C 385 4.96 -33.31 -20.60
N GLY C 386 5.66 -33.00 -19.54
CA GLY C 386 6.66 -33.89 -18.95
C GLY C 386 7.54 -33.14 -17.97
N SER C 387 8.67 -33.73 -17.63
CA SER C 387 9.61 -33.14 -16.68
C SER C 387 11.04 -33.52 -17.00
N VAL C 388 11.98 -32.68 -16.62
CA VAL C 388 13.40 -33.00 -16.74
C VAL C 388 14.07 -32.89 -15.38
N VAL C 389 14.92 -33.84 -15.07
CA VAL C 389 15.60 -33.78 -13.80
C VAL C 389 17.10 -34.06 -13.92
N GLU C 390 17.90 -33.23 -13.29
CA GLU C 390 19.33 -33.50 -13.19
C GLU C 390 19.72 -33.32 -11.72
N GLN C 391 20.42 -34.28 -11.16
CA GLN C 391 20.88 -34.18 -9.78
C GLN C 391 22.30 -34.67 -9.72
N ALA C 392 23.05 -34.25 -8.72
CA ALA C 392 24.34 -34.89 -8.57
C ALA C 392 24.05 -36.35 -8.25
N GLU C 393 24.75 -37.26 -8.90
CA GLU C 393 24.59 -38.67 -8.62
C GLU C 393 25.97 -39.25 -8.43
N GLY C 394 26.20 -39.89 -7.30
CA GLY C 394 27.54 -40.42 -7.09
C GLY C 394 27.77 -40.96 -5.70
N VAL C 395 28.73 -40.36 -5.04
CA VAL C 395 29.18 -40.73 -3.73
C VAL C 395 28.10 -40.46 -2.69
N GLU C 396 28.01 -41.33 -1.70
CA GLU C 396 27.06 -41.15 -0.60
C GLU C 396 27.68 -40.07 0.34
N CYS C 397 26.68 -39.37 1.01
CA CYS C 397 27.56 -38.33 1.97
C CYS C 397 27.67 -39.39 3.21
N ASP C 398 29.15 -39.02 3.56
CA ASP C 398 29.77 -39.90 4.57
C ASP C 398 29.63 -39.49 6.01
N PHE C 399 28.83 -40.24 6.75
CA PHE C 399 28.56 -39.92 8.15
C PHE C 399 29.38 -40.83 9.03
N SER C 400 30.35 -41.52 8.46
CA SER C 400 31.15 -42.44 9.25
C SER C 400 31.89 -41.80 10.42
N PRO C 401 32.64 -40.69 10.29
CA PRO C 401 33.36 -40.04 11.41
C PRO C 401 32.58 -39.98 12.69
N LEU C 402 31.28 -39.70 12.52
CA LEU C 402 30.30 -39.53 13.55
C LEU C 402 30.17 -40.74 14.44
N LEU C 403 30.34 -41.90 13.83
CA LEU C 403 30.12 -43.17 14.45
C LEU C 403 31.38 -43.77 15.08
N SER C 404 32.51 -43.06 15.06
CA SER C 404 33.72 -43.66 15.59
C SER C 404 34.47 -42.85 16.62
N GLY C 405 34.53 -43.39 17.83
CA GLY C 405 35.22 -42.74 18.94
C GLY C 405 34.28 -41.98 19.84
N THR C 406 34.85 -41.23 20.77
CA THR C 406 34.07 -40.51 21.75
C THR C 406 33.63 -39.18 21.12
N PRO C 407 32.34 -38.83 21.06
CA PRO C 407 31.85 -37.59 20.55
C PRO C 407 32.38 -36.50 21.44
N PRO C 408 32.53 -35.30 20.95
CA PRO C 408 32.98 -34.14 21.65
C PRO C 408 31.92 -33.61 22.57
N GLN C 409 32.31 -32.76 23.47
CA GLN C 409 31.37 -32.06 24.32
C GLN C 409 30.70 -30.98 23.51
N VAL C 410 29.57 -30.50 23.96
CA VAL C 410 28.80 -29.48 23.26
C VAL C 410 29.56 -28.24 22.82
N TYR C 411 30.59 -27.82 23.53
CA TYR C 411 31.33 -26.62 23.15
C TYR C 411 32.42 -26.90 22.13
N ASN C 412 32.71 -28.16 21.93
CA ASN C 412 33.71 -28.66 21.00
C ASN C 412 33.06 -29.46 19.90
N PHE C 413 31.84 -29.14 19.55
CA PHE C 413 31.12 -29.95 18.59
C PHE C 413 31.91 -30.11 17.32
N LYS C 414 31.74 -31.26 16.67
CA LYS C 414 32.44 -31.47 15.43
C LYS C 414 31.52 -31.29 14.29
N ARG C 415 32.08 -30.79 13.22
CA ARG C 415 31.31 -30.47 12.05
C ARG C 415 31.66 -31.24 10.81
N LEU C 416 30.64 -31.85 10.24
CA LEU C 416 30.78 -32.55 8.98
C LEU C 416 30.07 -31.75 7.92
N VAL C 417 30.78 -31.33 6.88
CA VAL C 417 30.12 -30.54 5.84
C VAL C 417 30.01 -31.35 4.60
N PHE C 418 28.79 -31.49 4.14
CA PHE C 418 28.50 -32.29 2.99
C PHE C 418 28.12 -31.50 1.80
N THR C 419 28.87 -31.71 0.72
CA THR C 419 28.62 -31.06 -0.55
C THR C 419 28.76 -32.12 -1.64
N ASN C 420 28.11 -31.96 -2.80
CA ASN C 420 28.31 -32.88 -3.92
C ASN C 420 28.19 -34.35 -3.56
N CYS C 421 27.09 -34.72 -2.91
CA CYS C 421 26.88 -36.09 -2.48
C CYS C 421 25.42 -36.44 -2.34
N ASN C 422 25.12 -37.73 -2.22
CA ASN C 422 23.76 -38.16 -2.03
C ASN C 422 23.48 -38.41 -0.55
N TYR C 423 22.48 -37.74 -0.01
CA TYR C 423 22.28 -37.89 1.42
C TYR C 423 21.11 -38.78 1.68
N ASN C 424 21.17 -39.36 2.85
CA ASN C 424 20.05 -40.16 3.33
C ASN C 424 20.06 -40.06 4.88
N LEU C 425 18.98 -39.31 5.33
CA LEU C 425 18.98 -39.09 6.77
C LEU C 425 18.57 -40.34 7.50
N THR C 426 17.74 -41.18 6.89
CA THR C 426 17.27 -42.41 7.52
C THR C 426 18.47 -43.27 7.84
N LYS C 427 19.44 -43.28 6.94
CA LYS C 427 20.66 -44.07 7.10
C LYS C 427 21.36 -43.72 8.39
N LEU C 428 21.32 -42.45 8.80
CA LEU C 428 21.95 -42.02 10.03
C LEU C 428 21.00 -42.15 11.23
N LEU C 429 19.75 -41.76 11.05
CA LEU C 429 18.77 -41.73 12.12
C LEU C 429 18.48 -43.11 12.63
N SER C 430 18.50 -44.09 11.73
CA SER C 430 18.21 -45.48 12.04
C SER C 430 19.24 -46.14 12.93
N LEU C 431 20.38 -45.49 13.09
CA LEU C 431 21.41 -46.02 13.95
C LEU C 431 21.28 -45.54 15.39
N PHE C 432 20.36 -44.62 15.65
CA PHE C 432 20.23 -44.07 17.00
C PHE C 432 18.82 -44.18 17.51
N SER C 433 18.63 -44.19 18.81
CA SER C 433 17.26 -44.13 19.28
C SER C 433 16.91 -42.65 19.38
N VAL C 434 16.14 -42.16 18.46
CA VAL C 434 15.89 -40.73 18.43
C VAL C 434 14.89 -40.35 19.45
N ASN C 435 15.25 -39.37 20.25
CA ASN C 435 14.37 -38.94 21.30
C ASN C 435 13.59 -37.72 20.87
N ASP C 436 14.22 -36.84 20.10
CA ASP C 436 13.55 -35.61 19.71
C ASP C 436 14.09 -35.08 18.39
N PHE C 437 13.30 -35.12 17.33
CA PHE C 437 13.76 -34.62 16.03
C PHE C 437 12.84 -33.52 15.54
N THR C 438 13.30 -32.27 15.58
CA THR C 438 12.46 -31.15 15.15
C THR C 438 13.17 -30.27 14.16
N CYS C 439 12.37 -29.60 13.33
CA CYS C 439 12.91 -28.70 12.33
C CYS C 439 12.35 -27.31 12.41
N SER C 440 13.13 -26.35 11.95
CA SER C 440 12.82 -24.95 11.93
C SER C 440 13.19 -24.27 10.63
N GLN C 441 12.20 -23.59 10.05
CA GLN C 441 12.25 -22.90 8.76
C GLN C 441 12.42 -23.85 7.59
N ILE C 442 12.05 -25.09 7.80
CA ILE C 442 12.01 -26.13 6.79
C ILE C 442 11.02 -27.16 7.30
N SER C 443 10.20 -27.72 6.43
CA SER C 443 9.31 -28.77 6.90
C SER C 443 10.07 -30.05 7.13
N PRO C 444 9.60 -30.93 7.99
CA PRO C 444 9.96 -32.32 8.15
C PRO C 444 10.06 -33.15 6.89
N ALA C 445 9.12 -32.92 5.95
CA ALA C 445 9.17 -33.70 4.73
C ALA C 445 10.31 -33.22 3.88
N ALA C 446 10.52 -31.92 3.90
CA ALA C 446 11.54 -31.26 3.12
C ALA C 446 12.93 -31.57 3.59
N ILE C 447 13.15 -31.70 4.90
CA ILE C 447 14.53 -31.89 5.33
C ILE C 447 15.14 -33.13 4.74
N ALA C 448 14.31 -34.15 4.58
CA ALA C 448 14.74 -35.41 4.03
C ALA C 448 14.62 -35.54 2.51
N SER C 449 14.08 -34.53 1.82
CA SER C 449 13.85 -34.67 0.38
C SER C 449 14.38 -33.56 -0.56
N ASN C 450 14.77 -32.41 -0.03
CA ASN C 450 15.22 -31.33 -0.90
C ASN C 450 16.70 -31.37 -1.20
N CYS C 451 17.08 -30.70 -2.29
CA CYS C 451 18.49 -30.54 -2.60
C CYS C 451 19.04 -29.29 -1.91
N TYR C 452 20.30 -29.37 -1.51
CA TYR C 452 20.95 -28.25 -0.83
C TYR C 452 22.31 -27.93 -1.41
N SER C 453 22.76 -26.67 -1.24
CA SER C 453 24.13 -26.29 -1.61
C SER C 453 25.09 -27.01 -0.70
N SER C 454 24.67 -27.11 0.55
CA SER C 454 25.45 -27.79 1.55
C SER C 454 24.56 -28.24 2.66
N LEU C 455 25.00 -29.30 3.34
CA LEU C 455 24.35 -29.74 4.57
C LEU C 455 25.44 -29.79 5.61
N ILE C 456 25.23 -29.10 6.71
CA ILE C 456 26.23 -29.09 7.76
C ILE C 456 25.72 -29.81 8.98
N LEU C 457 26.43 -30.84 9.39
CA LEU C 457 26.05 -31.64 10.55
C LEU C 457 27.00 -31.45 11.73
N ASP C 458 26.46 -30.90 12.82
CA ASP C 458 27.23 -30.64 14.05
C ASP C 458 26.90 -31.66 15.12
N TYR C 459 27.85 -32.50 15.50
CA TYR C 459 27.48 -33.54 16.47
C TYR C 459 28.28 -33.43 17.73
N PHE C 460 27.60 -33.77 18.83
CA PHE C 460 28.20 -33.72 20.16
C PHE C 460 27.50 -34.54 21.22
N SER C 461 28.18 -34.84 22.30
CA SER C 461 27.54 -35.48 23.44
C SER C 461 26.61 -34.47 24.09
N TYR C 462 25.45 -34.90 24.53
CA TYR C 462 24.56 -33.95 25.18
C TYR C 462 23.53 -34.68 26.04
N PRO C 463 23.39 -34.37 27.33
CA PRO C 463 22.45 -35.01 28.19
C PRO C 463 21.05 -34.63 27.74
N LEU C 464 20.11 -35.56 27.83
CA LEU C 464 18.76 -35.26 27.39
C LEU C 464 18.06 -34.43 28.42
N SER C 465 18.56 -34.46 29.64
CA SER C 465 18.00 -33.70 30.72
C SER C 465 18.15 -32.21 30.52
N MET C 466 19.04 -31.81 29.59
CA MET C 466 19.25 -30.40 29.29
C MET C 466 18.64 -30.03 27.94
N LYS C 467 17.73 -30.88 27.42
CA LYS C 467 17.06 -30.70 26.14
C LYS C 467 16.63 -29.30 25.84
N SER C 468 15.97 -28.68 26.80
CA SER C 468 15.39 -27.36 26.65
C SER C 468 16.39 -26.25 26.53
N ASP C 469 17.63 -26.51 26.94
CA ASP C 469 18.65 -25.48 26.94
C ASP C 469 19.12 -25.21 25.51
N LEU C 470 18.73 -26.07 24.56
CA LEU C 470 19.06 -25.91 23.14
C LEU C 470 17.97 -25.17 22.37
N SER C 471 16.90 -24.79 23.06
CA SER C 471 15.82 -24.06 22.45
C SER C 471 16.25 -22.66 22.04
N VAL C 472 15.70 -22.14 20.96
CA VAL C 472 16.04 -20.79 20.51
C VAL C 472 15.74 -19.74 21.57
N SER C 473 14.64 -19.92 22.27
CA SER C 473 14.20 -19.03 23.33
C SER C 473 14.99 -19.14 24.63
N SER C 474 15.86 -20.14 24.75
CA SER C 474 16.62 -20.34 25.95
C SER C 474 17.66 -19.28 26.26
N ALA C 475 17.73 -18.96 27.54
CA ALA C 475 18.71 -18.04 28.06
C ALA C 475 19.67 -18.74 28.99
N GLY C 476 19.72 -20.07 28.91
CA GLY C 476 20.63 -20.80 29.75
C GLY C 476 22.02 -20.87 29.11
N PRO C 477 22.99 -21.50 29.79
CA PRO C 477 24.38 -21.66 29.40
C PRO C 477 24.66 -22.33 28.07
N ILE C 478 23.82 -23.24 27.60
CA ILE C 478 24.16 -23.86 26.34
C ILE C 478 23.97 -22.92 25.22
N SER C 479 22.82 -22.27 25.20
CA SER C 479 22.58 -21.34 24.12
C SER C 479 23.39 -20.05 24.24
N GLN C 480 23.85 -19.72 25.45
CA GLN C 480 24.63 -18.51 25.53
C GLN C 480 26.12 -18.71 25.35
N PHE C 481 26.67 -19.84 25.80
CA PHE C 481 28.11 -20.00 25.71
C PHE C 481 28.63 -21.21 24.99
N ASN C 482 27.78 -22.16 24.59
CA ASN C 482 28.33 -23.39 24.04
C ASN C 482 27.98 -23.65 22.61
N TYR C 483 26.70 -23.65 22.31
CA TYR C 483 26.23 -23.98 20.99
C TYR C 483 24.94 -23.29 20.63
N LYS C 484 24.94 -22.65 19.47
CA LYS C 484 23.77 -21.96 19.00
C LYS C 484 23.57 -22.24 17.53
N GLN C 485 22.32 -22.54 17.15
CA GLN C 485 21.99 -22.82 15.75
C GLN C 485 21.71 -21.56 14.99
N SER C 486 21.87 -21.63 13.68
CA SER C 486 21.62 -20.50 12.79
C SER C 486 20.21 -20.01 12.82
N PHE C 487 20.07 -18.70 12.72
CA PHE C 487 18.76 -18.10 12.64
C PHE C 487 18.41 -17.82 11.18
N SER C 488 19.43 -17.90 10.31
CA SER C 488 19.27 -17.54 8.91
C SER C 488 19.00 -18.73 8.02
N ASN C 489 19.68 -19.81 8.27
CA ASN C 489 19.52 -20.99 7.46
C ASN C 489 18.50 -21.85 8.13
N PRO C 490 17.75 -22.69 7.42
CA PRO C 490 16.92 -23.70 8.00
C PRO C 490 17.74 -24.67 8.80
N THR C 491 17.22 -25.07 9.94
CA THR C 491 17.93 -26.01 10.78
C THR C 491 17.06 -27.10 11.37
N CYS C 492 17.68 -28.20 11.74
CA CYS C 492 17.02 -29.23 12.50
C CYS C 492 17.88 -29.59 13.71
N LEU C 493 17.24 -30.02 14.77
CA LEU C 493 17.95 -30.52 15.92
C LEU C 493 17.48 -31.91 16.26
N ILE C 494 18.43 -32.82 16.35
CA ILE C 494 18.13 -34.19 16.72
C ILE C 494 18.80 -34.54 18.01
N LEU C 495 18.03 -35.03 18.94
CA LEU C 495 18.58 -35.52 20.18
C LEU C 495 18.33 -36.99 20.16
N ALA C 496 19.38 -37.78 20.35
CA ALA C 496 19.24 -39.22 20.24
C ALA C 496 20.17 -39.96 21.16
N THR C 497 19.78 -41.17 21.50
CA THR C 497 20.56 -42.03 22.36
C THR C 497 21.29 -43.11 21.59
N VAL C 498 22.55 -43.29 21.93
CA VAL C 498 23.37 -44.30 21.30
C VAL C 498 22.93 -45.68 21.84
N PRO C 499 22.53 -46.63 20.99
CA PRO C 499 22.10 -47.99 21.32
C PRO C 499 23.23 -48.76 21.95
N HIS C 500 22.90 -49.77 22.73
CA HIS C 500 23.93 -50.56 23.40
C HIS C 500 24.81 -51.31 22.44
N ASN C 501 24.31 -51.65 21.25
CA ASN C 501 25.11 -52.38 20.35
C ASN C 501 25.85 -51.51 19.29
N LEU C 502 25.73 -50.18 19.49
CA LEU C 502 26.47 -49.33 18.55
C LEU C 502 27.83 -49.10 19.25
N THR C 503 28.71 -50.09 19.14
CA THR C 503 29.91 -50.17 19.97
C THR C 503 31.06 -49.37 19.48
N THR C 504 30.85 -48.72 18.37
CA THR C 504 31.89 -47.90 17.78
C THR C 504 31.92 -46.49 18.37
N ILE C 505 30.84 -46.10 19.07
CA ILE C 505 30.80 -44.79 19.71
C ILE C 505 31.06 -45.01 21.19
N THR C 506 32.06 -44.34 21.71
CA THR C 506 32.43 -44.55 23.11
C THR C 506 31.95 -43.40 23.94
N LYS C 507 31.99 -43.52 25.25
CA LYS C 507 31.46 -42.45 26.06
C LYS C 507 32.56 -41.68 26.72
N PRO C 508 32.38 -40.39 26.95
CA PRO C 508 33.24 -39.57 27.74
C PRO C 508 32.92 -39.93 29.17
N LEU C 509 33.71 -39.46 30.12
CA LEU C 509 33.45 -39.72 31.52
C LEU C 509 32.22 -39.02 32.06
N LYS C 510 31.94 -37.86 31.52
CA LYS C 510 30.85 -37.03 31.96
C LYS C 510 30.48 -36.10 30.83
N TYR C 511 29.30 -35.50 30.93
CA TYR C 511 28.94 -34.50 29.93
C TYR C 511 29.44 -33.19 30.52
N SER C 512 29.88 -32.25 29.69
CA SER C 512 30.27 -30.98 30.30
C SER C 512 29.97 -29.82 29.42
N TYR C 513 29.97 -28.66 30.02
CA TYR C 513 29.66 -27.46 29.30
C TYR C 513 30.27 -26.26 29.96
N ILE C 514 30.28 -25.18 29.21
CA ILE C 514 30.74 -23.91 29.71
C ILE C 514 29.56 -23.18 30.33
N ASN C 515 29.67 -22.73 31.58
CA ASN C 515 28.54 -22.01 32.14
C ASN C 515 28.85 -20.54 32.26
N LYS C 516 30.09 -20.20 31.96
CA LYS C 516 30.54 -18.84 31.99
C LYS C 516 31.61 -18.67 30.96
N CYS C 517 31.57 -17.59 30.24
CA CYS C 517 32.59 -17.21 29.29
C CYS C 517 32.59 -15.70 29.20
N SER C 518 33.68 -15.06 29.56
CA SER C 518 33.72 -13.60 29.60
C SER C 518 35.09 -13.01 29.45
N ARG C 519 35.15 -11.73 29.12
CA ARG C 519 36.42 -11.06 29.11
C ARG C 519 36.53 -10.03 30.16
N LEU C 520 37.69 -9.98 30.76
CA LEU C 520 38.00 -8.98 31.76
C LEU C 520 38.82 -7.99 31.00
N LEU C 521 38.42 -6.75 31.04
CA LEU C 521 39.13 -5.76 30.25
C LEU C 521 40.34 -5.30 31.01
N SER C 522 41.23 -4.53 30.37
CA SER C 522 42.49 -4.12 31.00
C SER C 522 42.35 -3.38 32.32
N ASP C 523 41.23 -2.71 32.54
CA ASP C 523 40.98 -1.99 33.79
C ASP C 523 40.69 -2.89 34.99
N ASP C 524 40.33 -4.13 34.69
CA ASP C 524 39.95 -5.16 35.64
C ASP C 524 38.79 -4.76 36.52
N ARG C 525 37.87 -3.97 35.95
CA ARG C 525 36.65 -3.58 36.64
C ARG C 525 35.48 -4.12 35.84
N THR C 526 35.62 -4.08 34.53
CA THR C 526 34.56 -4.50 33.63
C THR C 526 34.76 -5.87 33.08
N GLU C 527 33.70 -6.64 33.20
CA GLU C 527 33.61 -8.00 32.72
C GLU C 527 32.53 -8.06 31.64
N VAL C 528 32.89 -8.57 30.47
CA VAL C 528 31.99 -8.64 29.35
C VAL C 528 31.70 -10.06 28.92
N PRO C 529 30.48 -10.57 29.09
CA PRO C 529 30.08 -11.90 28.69
C PRO C 529 30.35 -12.09 27.22
N GLN C 530 30.94 -13.23 26.89
CA GLN C 530 31.26 -13.54 25.50
C GLN C 530 30.30 -14.56 24.97
N LEU C 531 29.30 -14.11 24.28
CA LEU C 531 28.27 -15.02 23.88
C LEU C 531 28.69 -15.71 22.61
N VAL C 532 28.26 -16.94 22.47
CA VAL C 532 28.58 -17.72 21.28
C VAL C 532 27.72 -17.25 20.12
N ASN C 533 28.30 -17.17 18.94
CA ASN C 533 27.54 -16.80 17.76
C ASN C 533 26.98 -18.06 17.14
N ALA C 534 25.91 -17.92 16.37
CA ALA C 534 25.38 -19.09 15.73
C ALA C 534 26.39 -19.70 14.81
N ASN C 535 26.46 -21.03 14.86
CA ASN C 535 27.36 -21.87 14.07
C ASN C 535 28.83 -21.67 14.36
N GLN C 536 29.16 -20.99 15.44
CA GLN C 536 30.54 -20.77 15.78
C GLN C 536 30.91 -21.40 17.09
N TYR C 537 32.18 -21.36 17.40
CA TYR C 537 32.67 -21.83 18.66
C TYR C 537 32.84 -20.65 19.59
N SER C 538 32.62 -20.88 20.86
CA SER C 538 32.84 -19.89 21.89
C SER C 538 34.31 -19.52 21.96
N PRO C 539 34.69 -18.27 22.23
CA PRO C 539 36.08 -17.85 22.36
C PRO C 539 36.80 -18.55 23.48
N CYS C 540 36.04 -19.08 24.44
CA CYS C 540 36.60 -19.77 25.57
C CYS C 540 36.93 -21.21 25.29
N VAL C 541 36.65 -21.67 24.10
CA VAL C 541 36.94 -23.05 23.77
C VAL C 541 38.41 -23.34 23.93
N SER C 542 39.27 -22.39 23.59
CA SER C 542 40.67 -22.60 23.73
C SER C 542 41.17 -22.69 25.19
N ILE C 543 40.38 -22.25 26.17
CA ILE C 543 40.85 -22.33 27.55
C ILE C 543 40.18 -23.47 28.31
N VAL C 544 39.03 -23.90 27.83
CA VAL C 544 38.29 -24.97 28.44
C VAL C 544 38.77 -26.33 27.88
N PRO C 545 39.17 -27.29 28.72
CA PRO C 545 39.64 -28.61 28.37
C PRO C 545 38.54 -29.41 27.68
N SER C 546 38.92 -30.47 26.95
CA SER C 546 37.91 -31.25 26.25
C SER C 546 36.89 -31.86 27.18
N THR C 547 37.27 -32.12 28.41
CA THR C 547 36.35 -32.59 29.43
C THR C 547 36.57 -31.71 30.65
N VAL C 548 35.51 -31.15 31.22
CA VAL C 548 35.71 -30.35 32.44
C VAL C 548 36.02 -31.34 33.54
N TRP C 549 37.09 -31.12 34.29
CA TRP C 549 37.43 -32.08 35.34
C TRP C 549 36.34 -32.17 36.38
N GLU C 550 35.98 -31.03 36.96
CA GLU C 550 34.90 -31.03 37.92
C GLU C 550 34.09 -29.77 37.82
N ASP C 551 32.85 -29.86 38.26
CA ASP C 551 31.98 -28.73 38.20
C ASP C 551 32.57 -27.59 39.00
N GLY C 552 32.61 -26.40 38.40
CA GLY C 552 33.16 -25.23 39.07
C GLY C 552 34.59 -24.87 38.64
N ASP C 553 35.22 -25.71 37.82
CA ASP C 553 36.57 -25.38 37.38
C ASP C 553 36.61 -24.05 36.69
N TYR C 554 37.60 -23.25 37.04
CA TYR C 554 37.72 -21.92 36.48
C TYR C 554 38.95 -21.85 35.61
N TYR C 555 38.79 -21.27 34.44
CA TYR C 555 39.86 -21.20 33.47
C TYR C 555 40.17 -19.78 33.16
N ARG C 556 41.46 -19.48 32.90
CA ARG C 556 41.83 -18.13 32.51
C ARG C 556 43.00 -18.11 31.54
N LYS C 557 42.92 -17.18 30.57
CA LYS C 557 43.99 -16.91 29.63
C LYS C 557 44.34 -15.44 29.60
N GLN C 558 45.60 -15.12 29.61
CA GLN C 558 46.02 -13.73 29.45
C GLN C 558 45.99 -13.44 27.96
N LEU C 559 45.27 -12.40 27.56
CA LEU C 559 45.19 -12.07 26.14
C LEU C 559 46.30 -11.12 25.74
N SER C 560 46.75 -11.28 24.50
CA SER C 560 47.78 -10.38 23.97
C SER C 560 47.10 -9.07 23.58
N PRO C 561 47.83 -7.98 23.32
CA PRO C 561 47.30 -6.71 22.85
C PRO C 561 46.50 -6.81 21.56
N LEU C 562 46.79 -7.79 20.73
CA LEU C 562 46.13 -7.98 19.43
C LEU C 562 44.76 -8.57 19.54
N GLU C 563 44.54 -9.10 20.73
CA GLU C 563 43.31 -9.74 21.14
C GLU C 563 42.51 -8.79 22.03
N GLY C 564 43.03 -7.55 22.18
CA GLY C 564 42.39 -6.54 22.98
C GLY C 564 42.87 -6.44 24.43
N GLY C 565 43.77 -7.32 24.83
CA GLY C 565 44.29 -7.29 26.18
C GLY C 565 43.30 -7.85 27.17
N GLY C 566 43.69 -7.83 28.44
CA GLY C 566 42.81 -8.34 29.47
C GLY C 566 42.88 -9.85 29.54
N TRP C 567 41.85 -10.43 30.16
CA TRP C 567 41.79 -11.86 30.38
C TRP C 567 40.56 -12.48 29.80
N LEU C 568 40.70 -13.68 29.31
CA LEU C 568 39.52 -14.41 28.89
C LEU C 568 39.29 -15.41 30.00
N VAL C 569 38.10 -15.47 30.56
CA VAL C 569 37.88 -16.43 31.64
C VAL C 569 36.64 -17.26 31.38
N ALA C 570 36.60 -18.42 32.00
CA ALA C 570 35.46 -19.29 31.83
C ALA C 570 35.27 -20.20 33.00
N SER C 571 34.07 -20.68 33.16
CA SER C 571 33.82 -21.69 34.16
C SER C 571 33.14 -22.86 33.53
N GLY C 572 33.58 -24.04 33.92
CA GLY C 572 32.97 -25.26 33.45
C GLY C 572 31.96 -25.80 34.43
N SER C 573 31.16 -26.73 33.95
CA SER C 573 30.20 -27.45 34.76
C SER C 573 30.00 -28.83 34.21
N THR C 574 29.48 -29.73 35.02
CA THR C 574 29.31 -31.10 34.54
C THR C 574 27.96 -31.70 34.82
N VAL C 575 27.65 -32.73 34.04
CA VAL C 575 26.46 -33.56 34.20
C VAL C 575 26.86 -35.03 34.25
N ALA C 576 26.35 -35.75 35.22
CA ALA C 576 26.69 -37.15 35.34
C ALA C 576 26.33 -37.92 34.09
N MET C 577 27.17 -38.86 33.73
CA MET C 577 26.95 -39.67 32.57
C MET C 577 25.87 -40.70 32.80
N THR C 578 25.09 -40.87 31.78
CA THR C 578 23.99 -41.79 31.63
C THR C 578 24.44 -43.19 31.17
N GLU C 579 23.54 -44.19 31.26
CA GLU C 579 23.90 -45.55 30.88
C GLU C 579 24.21 -45.67 29.41
N GLN C 580 23.45 -44.93 28.62
CA GLN C 580 23.63 -44.89 27.20
C GLN C 580 24.00 -43.46 26.88
N LEU C 581 24.93 -43.23 25.97
CA LEU C 581 25.32 -41.90 25.65
C LEU C 581 24.27 -41.16 24.90
N GLN C 582 23.99 -39.96 25.34
CA GLN C 582 23.05 -39.15 24.65
C GLN C 582 23.82 -38.17 23.79
N MET C 583 23.39 -38.00 22.54
CA MET C 583 24.02 -37.11 21.58
C MET C 583 23.10 -36.14 20.90
N GLY C 584 23.60 -34.95 20.64
CA GLY C 584 22.86 -33.99 19.84
C GLY C 584 23.45 -33.91 18.44
N PHE C 585 22.60 -33.66 17.47
CA PHE C 585 23.02 -33.46 16.11
C PHE C 585 22.36 -32.22 15.54
N GLY C 586 23.10 -31.21 15.22
CA GLY C 586 22.46 -30.06 14.62
C GLY C 586 22.61 -30.19 13.12
N ILE C 587 21.58 -29.85 12.37
CA ILE C 587 21.69 -29.87 10.92
C ILE C 587 21.36 -28.51 10.38
N THR C 588 22.24 -27.95 9.59
CA THR C 588 21.98 -26.66 8.95
C THR C 588 22.03 -26.84 7.45
N VAL C 589 21.04 -26.33 6.74
CA VAL C 589 21.11 -26.47 5.28
C VAL C 589 21.07 -25.15 4.56
N GLN C 590 21.87 -25.06 3.50
CA GLN C 590 21.91 -23.88 2.66
C GLN C 590 21.37 -24.21 1.30
N TYR C 591 20.62 -23.28 0.73
CA TYR C 591 19.96 -23.46 -0.56
C TYR C 591 20.42 -22.75 -1.83
N GLY C 592 21.58 -22.12 -1.86
CA GLY C 592 21.92 -21.49 -3.13
C GLY C 592 23.22 -20.71 -3.14
N THR C 593 24.28 -21.36 -2.71
CA THR C 593 25.60 -20.73 -2.69
C THR C 593 26.44 -21.35 -3.78
N ASP C 594 25.94 -22.46 -4.26
CA ASP C 594 26.57 -23.32 -5.25
C ASP C 594 25.46 -24.13 -5.90
N THR C 595 25.83 -24.99 -6.82
CA THR C 595 24.89 -25.91 -7.40
C THR C 595 24.28 -26.72 -6.21
N ASN C 596 22.95 -26.93 -6.15
CA ASN C 596 22.46 -27.65 -4.97
C ASN C 596 22.66 -29.13 -5.18
N SER C 597 23.89 -29.53 -4.91
CA SER C 597 24.42 -30.84 -5.18
C SER C 597 24.30 -31.82 -4.05
N VAL C 598 23.72 -31.42 -2.94
CA VAL C 598 23.50 -32.37 -1.86
C VAL C 598 22.04 -32.79 -1.99
N CYS C 599 21.81 -33.96 -2.56
CA CYS C 599 20.43 -34.37 -2.91
C CYS C 599 20.15 -35.75 -2.38
N PRO C 600 18.91 -36.17 -2.21
CA PRO C 600 18.56 -37.53 -1.90
C PRO C 600 18.98 -38.31 -3.12
N LYS C 601 19.29 -39.59 -3.05
CA LYS C 601 19.58 -40.23 -4.33
C LYS C 601 18.29 -40.43 -5.11
N LEU C 602 18.40 -40.36 -6.42
CA LEU C 602 17.31 -40.53 -7.34
C LEU C 602 17.62 -41.55 -8.42
N GLU C 603 16.68 -42.44 -8.69
CA GLU C 603 16.84 -43.35 -9.81
C GLU C 603 16.30 -42.60 -11.03
N PHE C 604 17.12 -42.39 -12.05
CA PHE C 604 16.67 -41.60 -13.19
C PHE C 604 16.09 -42.41 -14.33
N ALA C 605 15.00 -41.92 -14.86
CA ALA C 605 14.39 -42.47 -16.05
C ALA C 605 15.04 -41.75 -17.24
N ASN C 606 15.07 -42.37 -18.42
CA ASN C 606 15.73 -41.59 -19.53
C ASN C 606 14.73 -40.76 -20.23
N ASP C 607 13.54 -40.60 -19.75
CA ASP C 607 12.58 -39.71 -20.32
C ASP C 607 12.57 -38.39 -19.54
N THR C 608 13.54 -38.21 -18.62
CA THR C 608 13.65 -36.99 -17.85
C THR C 608 14.87 -36.23 -18.23
N LYS C 609 15.40 -36.58 -19.38
CA LYS C 609 16.55 -35.89 -19.90
C LYS C 609 16.06 -34.63 -20.63
N ILE C 610 16.92 -33.63 -20.72
CA ILE C 610 16.58 -32.42 -21.45
C ILE C 610 16.60 -32.64 -22.94
N ALA C 611 17.63 -33.30 -23.45
CA ALA C 611 17.76 -33.43 -24.89
C ALA C 611 16.56 -34.12 -25.51
N SER C 612 15.94 -35.05 -24.78
CA SER C 612 14.80 -35.79 -25.30
C SER C 612 13.49 -35.01 -25.29
N GLN C 613 13.47 -33.84 -24.62
CA GLN C 613 12.25 -33.05 -24.54
C GLN C 613 12.42 -31.61 -25.01
N LEU C 614 13.32 -31.36 -25.95
CA LEU C 614 13.50 -30.00 -26.36
C LEU C 614 12.28 -29.51 -27.09
N GLY C 615 11.91 -28.26 -26.80
CA GLY C 615 10.78 -27.62 -27.43
C GLY C 615 9.49 -27.81 -26.67
N ASN C 616 9.51 -28.68 -25.66
CA ASN C 616 8.31 -28.92 -24.90
C ASN C 616 8.28 -28.10 -23.64
N CYS C 617 7.06 -27.89 -23.15
CA CYS C 617 6.98 -27.27 -21.78
C CYS C 617 7.05 -28.44 -20.79
N VAL C 618 8.08 -28.26 -19.90
CA VAL C 618 8.29 -29.29 -18.90
C VAL C 618 8.50 -28.68 -17.54
N GLU C 619 8.26 -29.48 -16.52
CA GLU C 619 8.65 -29.05 -15.20
C GLU C 619 10.13 -29.38 -15.10
N TYR C 620 10.90 -28.61 -14.39
CA TYR C 620 12.28 -29.03 -14.24
C TYR C 620 12.73 -28.93 -12.84
N SER C 621 13.69 -29.78 -12.52
CA SER C 621 14.43 -29.72 -11.27
C SER C 621 15.88 -30.00 -11.60
N LEU C 622 16.69 -28.97 -11.63
CA LEU C 622 18.08 -29.10 -12.02
C LEU C 622 18.94 -28.74 -10.83
N TYR C 623 19.51 -29.73 -10.16
CA TYR C 623 20.34 -29.48 -9.01
C TYR C 623 19.69 -28.54 -8.04
N GLY C 624 18.42 -28.81 -7.77
CA GLY C 624 17.63 -28.08 -6.81
C GLY C 624 16.94 -26.86 -7.32
N VAL C 625 17.22 -26.49 -8.56
CA VAL C 625 16.61 -25.31 -9.14
C VAL C 625 15.39 -25.76 -9.90
N SER C 626 14.25 -25.15 -9.66
CA SER C 626 13.06 -25.67 -10.31
C SER C 626 12.13 -24.64 -10.80
N GLY C 627 11.25 -25.08 -11.68
CA GLY C 627 10.27 -24.23 -12.29
C GLY C 627 9.75 -24.89 -13.52
N ARG C 628 9.14 -24.11 -14.39
CA ARG C 628 8.60 -24.65 -15.64
C ARG C 628 9.21 -23.90 -16.79
N GLY C 629 9.42 -24.59 -17.90
CA GLY C 629 9.95 -23.90 -19.06
C GLY C 629 10.19 -24.81 -20.23
N VAL C 630 10.73 -24.20 -21.26
CA VAL C 630 11.01 -24.85 -22.50
C VAL C 630 12.49 -24.81 -22.76
N PHE C 631 13.10 -25.94 -23.01
CA PHE C 631 14.52 -25.97 -23.28
C PHE C 631 14.79 -25.94 -24.76
N GLN C 632 15.82 -25.21 -25.14
CA GLN C 632 16.23 -25.17 -26.53
C GLN C 632 17.71 -25.34 -26.66
N ASN C 633 18.18 -26.01 -27.66
CA ASN C 633 19.59 -26.12 -27.94
C ASN C 633 20.16 -24.83 -28.44
N CYS C 634 21.14 -24.20 -27.87
CA CYS C 634 21.62 -22.94 -28.34
C CYS C 634 23.06 -22.62 -28.01
N THR C 635 23.60 -21.53 -28.49
CA THR C 635 24.98 -21.12 -28.25
C THR C 635 25.21 -20.75 -26.81
N ALA C 636 26.30 -21.28 -26.24
CA ALA C 636 26.68 -21.03 -24.87
C ALA C 636 27.07 -19.61 -24.62
N VAL C 637 26.59 -19.10 -23.49
CA VAL C 637 26.92 -17.79 -22.96
C VAL C 637 27.21 -17.93 -21.47
N GLY C 638 27.90 -16.98 -20.89
CA GLY C 638 28.13 -17.03 -19.44
C GLY C 638 29.31 -17.94 -19.13
N VAL C 639 29.59 -18.16 -17.84
CA VAL C 639 30.70 -18.99 -17.46
C VAL C 639 30.21 -20.43 -17.28
N ARG C 640 30.80 -21.36 -18.02
CA ARG C 640 30.39 -22.76 -18.00
C ARG C 640 30.42 -23.40 -16.66
N GLN C 641 31.43 -23.08 -15.90
CA GLN C 641 31.65 -23.65 -14.59
C GLN C 641 30.58 -23.30 -13.60
N GLN C 642 29.82 -22.25 -13.87
CA GLN C 642 28.81 -21.79 -12.96
C GLN C 642 27.45 -22.43 -13.20
N ARG C 643 27.31 -23.23 -14.27
CA ARG C 643 26.11 -24.00 -14.61
C ARG C 643 24.81 -23.29 -14.95
N PHE C 644 24.38 -22.40 -14.09
CA PHE C 644 23.11 -21.72 -14.28
C PHE C 644 23.26 -20.28 -14.73
N VAL C 645 22.68 -19.96 -15.88
CA VAL C 645 22.76 -18.62 -16.44
C VAL C 645 21.48 -17.87 -16.13
N TYR C 646 21.63 -16.70 -15.53
CA TYR C 646 20.51 -15.86 -15.15
C TYR C 646 20.46 -14.57 -15.94
N ASP C 647 19.26 -14.04 -16.09
CA ASP C 647 19.08 -12.75 -16.73
C ASP C 647 19.09 -11.61 -15.71
N ALA C 648 18.77 -10.41 -16.17
CA ALA C 648 18.81 -9.20 -15.37
C ALA C 648 17.63 -9.07 -14.42
N TYR C 649 16.66 -9.98 -14.52
CA TYR C 649 15.51 -9.99 -13.62
C TYR C 649 15.60 -11.23 -12.71
N GLN C 650 16.77 -11.87 -12.72
CA GLN C 650 17.09 -13.07 -11.96
C GLN C 650 16.28 -14.30 -12.34
N ASN C 651 15.86 -14.40 -13.61
CA ASN C 651 15.16 -15.60 -14.03
C ASN C 651 16.22 -16.58 -14.53
N LEU C 652 15.97 -17.88 -14.48
CA LEU C 652 16.95 -18.76 -15.08
C LEU C 652 16.70 -18.73 -16.58
N VAL C 653 17.72 -18.39 -17.36
CA VAL C 653 17.54 -18.29 -18.80
C VAL C 653 18.43 -19.20 -19.59
N GLY C 654 19.27 -19.95 -18.92
CA GLY C 654 20.09 -20.89 -19.63
C GLY C 654 20.72 -21.84 -18.68
N TYR C 655 21.17 -22.95 -19.21
CA TYR C 655 21.75 -24.00 -18.39
C TYR C 655 22.76 -24.86 -19.07
N TYR C 656 23.87 -25.09 -18.40
CA TYR C 656 24.86 -25.99 -18.91
C TYR C 656 24.59 -27.34 -18.30
N SER C 657 24.26 -28.30 -19.13
CA SER C 657 23.90 -29.64 -18.70
C SER C 657 25.07 -30.56 -18.52
N ASP C 658 24.87 -31.60 -17.70
CA ASP C 658 25.96 -32.59 -17.56
C ASP C 658 26.11 -33.46 -18.82
N ASP C 659 25.19 -33.36 -19.78
CA ASP C 659 25.34 -34.11 -21.02
C ASP C 659 26.25 -33.36 -22.02
N GLY C 660 26.78 -32.18 -21.60
CA GLY C 660 27.70 -31.40 -22.40
C GLY C 660 27.08 -30.26 -23.21
N ASN C 661 25.76 -30.23 -23.31
CA ASN C 661 25.10 -29.18 -24.07
C ASN C 661 24.66 -27.99 -23.26
N TYR C 662 24.57 -26.87 -23.92
CA TYR C 662 24.02 -25.68 -23.31
C TYR C 662 22.63 -25.47 -23.84
N TYR C 663 21.69 -25.24 -22.94
CA TYR C 663 20.35 -25.01 -23.36
C TYR C 663 19.89 -23.65 -22.94
N CYS C 664 19.09 -23.06 -23.78
CA CYS C 664 18.43 -21.82 -23.45
C CYS C 664 17.17 -22.24 -22.75
N LEU C 665 16.75 -21.48 -21.77
CA LEU C 665 15.51 -21.81 -21.10
C LEU C 665 14.53 -20.67 -21.27
N ARG C 666 13.38 -21.01 -21.80
CA ARG C 666 12.34 -20.02 -22.04
C ARG C 666 11.20 -20.36 -21.13
N ALA C 667 10.43 -19.39 -20.73
CA ALA C 667 9.30 -19.73 -19.88
C ALA C 667 8.28 -20.50 -20.68
N CYS C 668 7.52 -21.37 -20.02
CA CYS C 668 6.42 -21.89 -20.78
C CYS C 668 5.65 -20.59 -20.94
N VAL C 669 5.20 -20.28 -22.14
CA VAL C 669 4.53 -19.02 -22.39
C VAL C 669 3.12 -19.15 -22.54
N SER C 670 2.40 -18.29 -21.87
CA SER C 670 0.97 -18.37 -21.99
C SER C 670 0.51 -17.74 -23.26
N VAL C 671 -0.69 -18.13 -23.70
CA VAL C 671 -1.29 -17.61 -24.89
C VAL C 671 -2.33 -16.56 -24.56
N PRO C 672 -2.11 -15.27 -24.82
CA PRO C 672 -3.03 -14.18 -24.59
C PRO C 672 -4.45 -14.46 -24.99
N VAL C 673 -5.44 -14.04 -24.23
CA VAL C 673 -6.83 -14.21 -24.64
C VAL C 673 -7.67 -12.95 -24.43
N SER C 674 -8.38 -12.53 -25.46
CA SER C 674 -9.34 -11.44 -25.37
C SER C 674 -10.68 -11.95 -25.88
N VAL C 675 -11.75 -11.59 -25.20
CA VAL C 675 -13.06 -12.06 -25.62
C VAL C 675 -13.78 -10.93 -26.28
N ILE C 676 -14.27 -11.20 -27.46
CA ILE C 676 -15.01 -10.21 -28.22
C ILE C 676 -16.47 -10.55 -27.98
N TYR C 677 -17.23 -9.70 -27.31
CA TYR C 677 -18.61 -10.07 -26.97
C TYR C 677 -19.66 -9.08 -27.34
N ASP C 678 -20.73 -9.60 -27.93
CA ASP C 678 -21.85 -8.78 -28.29
C ASP C 678 -23.09 -9.21 -27.51
N LYS C 679 -23.50 -8.31 -26.61
CA LYS C 679 -24.61 -8.49 -25.67
C LYS C 679 -25.94 -8.71 -26.34
N GLU C 680 -26.19 -7.99 -27.42
CA GLU C 680 -27.45 -8.08 -28.14
C GLU C 680 -27.61 -9.39 -28.87
N THR C 681 -26.52 -9.91 -29.43
CA THR C 681 -26.66 -11.18 -30.13
C THR C 681 -26.33 -12.36 -29.26
N LYS C 682 -25.69 -12.13 -28.10
CA LYS C 682 -25.25 -13.24 -27.26
C LYS C 682 -24.26 -14.13 -28.02
N THR C 683 -23.35 -13.49 -28.73
CA THR C 683 -22.32 -14.21 -29.49
C THR C 683 -20.96 -13.69 -29.13
N HIS C 684 -19.94 -14.47 -29.41
CA HIS C 684 -18.61 -14.03 -29.13
C HIS C 684 -17.60 -14.66 -30.05
N ALA C 685 -16.42 -14.09 -30.00
CA ALA C 685 -15.26 -14.54 -30.74
C ALA C 685 -14.05 -14.41 -29.83
N THR C 686 -13.03 -15.21 -30.07
CA THR C 686 -11.86 -15.18 -29.21
C THR C 686 -10.63 -14.71 -29.95
N LEU C 687 -9.96 -13.71 -29.42
CA LEU C 687 -8.72 -13.19 -30.00
C LEU C 687 -7.53 -13.56 -29.19
N PHE C 688 -6.57 -14.17 -29.86
CA PHE C 688 -5.32 -14.56 -29.25
C PHE C 688 -4.29 -13.59 -29.73
N GLY C 689 -4.16 -12.50 -29.01
CA GLY C 689 -3.38 -11.43 -29.54
C GLY C 689 -1.94 -11.79 -29.57
N SER C 690 -1.27 -11.41 -30.63
CA SER C 690 0.17 -11.64 -30.81
C SER C 690 0.51 -13.07 -31.14
N VAL C 691 -0.48 -13.94 -31.29
CA VAL C 691 -0.23 -15.35 -31.52
C VAL C 691 -0.46 -15.79 -32.94
N ALA C 692 0.52 -16.50 -33.52
CA ALA C 692 0.27 -17.06 -34.86
C ALA C 692 -0.73 -18.21 -34.71
N CYS C 693 -1.61 -18.40 -35.70
CA CYS C 693 -2.64 -19.44 -35.61
C CYS C 693 -2.11 -20.85 -35.67
N GLU C 694 -0.82 -21.01 -35.90
CA GLU C 694 -0.22 -22.33 -35.92
C GLU C 694 -0.31 -22.99 -34.54
N HIS C 695 -0.53 -22.17 -33.49
CA HIS C 695 -0.66 -22.67 -32.12
C HIS C 695 -2.09 -22.85 -31.70
N ILE C 696 -3.03 -22.54 -32.57
CA ILE C 696 -4.42 -22.59 -32.17
C ILE C 696 -5.17 -23.61 -33.02
N TYR C 718 -15.77 -22.72 -39.46
CA TYR C 718 -14.52 -22.15 -39.96
C TYR C 718 -13.39 -22.41 -38.98
N GLY C 719 -12.18 -22.46 -39.50
CA GLY C 719 -10.99 -22.66 -38.70
C GLY C 719 -10.57 -21.31 -38.17
N PRO C 720 -9.39 -21.19 -37.55
CA PRO C 720 -8.84 -19.96 -37.00
C PRO C 720 -8.47 -19.00 -38.11
N LEU C 721 -8.68 -17.70 -37.88
CA LEU C 721 -8.34 -16.65 -38.85
C LEU C 721 -7.14 -15.81 -38.42
N GLN C 722 -6.11 -15.71 -39.25
CA GLN C 722 -4.96 -14.91 -38.81
C GLN C 722 -5.23 -13.47 -39.18
N THR C 723 -5.13 -12.56 -38.22
CA THR C 723 -5.37 -11.15 -38.49
C THR C 723 -4.13 -10.38 -38.08
N PRO C 724 -4.00 -9.09 -38.42
CA PRO C 724 -2.94 -8.17 -38.00
C PRO C 724 -2.76 -7.99 -36.50
N VAL C 725 -3.73 -8.41 -35.69
CA VAL C 725 -3.61 -8.26 -34.25
C VAL C 725 -3.49 -9.60 -33.52
N GLY C 726 -3.46 -10.70 -34.26
CA GLY C 726 -3.41 -12.02 -33.62
C GLY C 726 -4.33 -12.99 -34.30
N CYS C 727 -4.49 -14.15 -33.69
CA CYS C 727 -5.31 -15.20 -34.27
C CYS C 727 -6.71 -15.13 -33.72
N VAL C 728 -7.74 -15.14 -34.56
CA VAL C 728 -9.07 -15.05 -33.99
C VAL C 728 -9.98 -16.17 -34.39
N LEU C 729 -10.60 -16.79 -33.41
CA LEU C 729 -11.58 -17.87 -33.64
C LEU C 729 -12.97 -17.28 -33.46
N GLY C 730 -13.93 -17.71 -34.25
CA GLY C 730 -15.28 -17.19 -34.08
C GLY C 730 -15.60 -16.06 -35.05
N LEU C 731 -14.58 -15.55 -35.75
CA LEU C 731 -14.81 -14.52 -36.75
C LEU C 731 -14.68 -15.12 -38.13
N VAL C 732 -15.44 -14.58 -39.05
CA VAL C 732 -15.32 -14.98 -40.44
C VAL C 732 -14.87 -13.76 -41.23
N ASN C 733 -13.89 -13.97 -42.09
CA ASN C 733 -13.39 -12.81 -42.87
C ASN C 733 -14.46 -12.40 -43.88
N SER C 734 -14.78 -11.05 -43.81
CA SER C 734 -15.87 -10.57 -44.69
C SER C 734 -15.52 -9.62 -45.82
N SER C 735 -14.32 -9.04 -45.82
CA SER C 735 -13.96 -8.03 -46.82
C SER C 735 -15.03 -6.94 -46.95
N LEU C 736 -15.47 -6.49 -45.81
CA LEU C 736 -16.50 -5.50 -45.63
C LEU C 736 -15.93 -4.34 -44.84
N PHE C 737 -16.38 -3.12 -45.12
CA PHE C 737 -15.94 -1.97 -44.36
C PHE C 737 -17.02 -1.34 -43.50
N VAL C 738 -16.61 -0.81 -42.36
CA VAL C 738 -17.49 -0.11 -41.44
C VAL C 738 -16.91 1.24 -41.05
N GLU C 739 -17.77 2.11 -40.51
CA GLU C 739 -17.25 3.36 -39.96
C GLU C 739 -17.65 3.28 -38.51
N ASP C 740 -18.80 2.67 -38.37
CA ASP C 740 -19.53 2.51 -37.12
C ASP C 740 -19.14 1.26 -36.36
N CYS C 741 -17.91 1.32 -35.86
CA CYS C 741 -17.38 0.09 -35.21
C CYS C 741 -17.55 0.19 -33.69
N LYS C 742 -18.18 -0.92 -33.20
CA LYS C 742 -18.46 -1.01 -31.76
C LYS C 742 -17.51 -1.95 -31.04
N LEU C 743 -16.89 -2.86 -31.77
CA LEU C 743 -16.01 -3.86 -31.20
C LEU C 743 -14.66 -3.83 -31.88
N PRO C 744 -13.88 -2.76 -31.76
CA PRO C 744 -12.62 -2.58 -32.42
C PRO C 744 -11.67 -3.62 -31.93
N LEU C 745 -10.87 -4.17 -32.81
CA LEU C 745 -9.93 -5.20 -32.39
C LEU C 745 -8.53 -4.69 -32.25
N GLY C 746 -8.27 -3.57 -32.86
CA GLY C 746 -6.93 -3.01 -32.91
C GLY C 746 -6.55 -2.78 -34.34
N GLN C 747 -5.50 -2.02 -34.56
CA GLN C 747 -5.10 -1.69 -35.91
C GLN C 747 -6.37 -1.09 -36.54
N SER C 748 -6.83 -1.55 -37.66
CA SER C 748 -8.06 -0.95 -38.19
C SER C 748 -9.09 -2.00 -38.45
N LEU C 749 -9.09 -2.99 -37.56
CA LEU C 749 -9.98 -4.12 -37.60
C LEU C 749 -11.13 -3.95 -36.63
N CYS C 750 -12.27 -4.56 -36.98
CA CYS C 750 -13.46 -4.49 -36.15
C CYS C 750 -14.29 -5.77 -36.20
N ALA C 751 -14.81 -6.21 -35.05
CA ALA C 751 -15.71 -7.36 -35.09
C ALA C 751 -17.13 -6.84 -35.33
N LEU C 752 -17.79 -7.41 -36.31
CA LEU C 752 -19.11 -6.98 -36.68
C LEU C 752 -20.11 -8.11 -36.56
N PRO C 753 -21.06 -8.10 -35.64
CA PRO C 753 -21.99 -9.18 -35.44
C PRO C 753 -22.88 -9.34 -36.65
N ASP C 754 -23.29 -10.57 -36.90
CA ASP C 754 -24.20 -10.93 -38.00
C ASP C 754 -25.63 -10.93 -37.48
N THR C 755 -26.34 -9.84 -37.75
CA THR C 755 -27.67 -9.61 -37.22
C THR C 755 -28.37 -8.47 -37.92
N PRO C 768 -28.75 -15.38 -34.50
CA PRO C 768 -27.58 -14.61 -34.89
C PRO C 768 -26.52 -15.52 -35.46
N GLY C 769 -25.65 -14.96 -36.30
CA GLY C 769 -24.59 -15.74 -36.90
C GLY C 769 -23.25 -15.50 -36.24
N GLU C 770 -22.19 -15.74 -36.98
CA GLU C 770 -20.84 -15.53 -36.49
C GLU C 770 -20.48 -14.08 -36.66
N MET C 771 -19.56 -13.58 -35.86
CA MET C 771 -19.15 -12.20 -36.08
C MET C 771 -18.27 -12.16 -37.31
N ARG C 772 -18.40 -11.11 -38.07
CA ARG C 772 -17.60 -10.87 -39.23
C ARG C 772 -16.35 -10.06 -38.89
N LEU C 773 -15.27 -10.31 -39.59
CA LEU C 773 -14.12 -9.46 -39.44
C LEU C 773 -14.20 -8.39 -40.51
N ALA C 774 -14.38 -7.16 -40.06
CA ALA C 774 -14.55 -6.00 -40.92
C ALA C 774 -13.40 -5.05 -40.74
N SER C 775 -13.14 -4.28 -41.78
CA SER C 775 -12.08 -3.27 -41.69
C SER C 775 -12.72 -1.90 -41.50
N ILE C 776 -12.06 -1.03 -40.77
CA ILE C 776 -12.62 0.29 -40.58
C ILE C 776 -12.21 1.15 -41.75
N ALA C 777 -13.18 1.78 -42.37
CA ALA C 777 -12.96 2.63 -43.52
C ALA C 777 -12.39 3.98 -43.18
N PHE C 778 -11.57 4.48 -44.07
CA PHE C 778 -11.19 5.87 -43.97
C PHE C 778 -12.24 6.59 -44.80
N ASN C 779 -12.86 7.59 -44.23
CA ASN C 779 -13.89 8.33 -44.93
C ASN C 779 -13.26 9.54 -45.62
N HIS C 780 -13.06 9.46 -46.92
CA HIS C 780 -12.36 10.51 -47.63
C HIS C 780 -13.18 11.79 -47.70
N PRO C 781 -12.53 12.96 -47.58
CA PRO C 781 -13.11 14.26 -47.71
C PRO C 781 -13.43 14.51 -49.16
N ILE C 782 -14.27 15.51 -49.41
CA ILE C 782 -14.60 15.86 -50.78
C ILE C 782 -13.34 16.38 -51.42
N GLN C 783 -12.98 15.84 -52.58
CA GLN C 783 -11.74 16.29 -53.21
C GLN C 783 -12.01 17.49 -54.07
N VAL C 784 -11.26 18.56 -53.85
CA VAL C 784 -11.49 19.74 -54.65
C VAL C 784 -10.18 20.08 -55.34
N ASP C 785 -10.18 20.08 -56.66
CA ASP C 785 -8.96 20.32 -57.43
C ASP C 785 -8.52 21.75 -57.51
N GLN C 786 -7.21 21.95 -57.54
CA GLN C 786 -6.68 23.28 -57.76
C GLN C 786 -6.60 23.54 -59.24
N LEU C 787 -6.70 24.80 -59.64
CA LEU C 787 -6.62 25.11 -61.04
C LEU C 787 -5.30 25.71 -61.44
N ASN C 788 -4.89 25.38 -62.61
CA ASN C 788 -3.68 25.99 -63.30
C ASN C 788 -4.11 27.28 -63.87
N SER C 789 -4.51 28.24 -63.17
CA SER C 789 -5.06 29.48 -63.67
C SER C 789 -5.05 30.54 -62.60
N SER C 790 -5.56 31.70 -62.95
CA SER C 790 -5.72 32.84 -62.05
C SER C 790 -7.03 32.73 -61.25
N TYR C 791 -7.79 31.69 -61.52
CA TYR C 791 -9.06 31.41 -60.85
C TYR C 791 -8.87 30.29 -59.83
N PHE C 792 -9.90 30.01 -59.04
CA PHE C 792 -9.84 28.86 -58.16
C PHE C 792 -11.19 28.18 -58.08
N LYS C 793 -11.18 26.91 -57.71
CA LYS C 793 -12.41 26.19 -57.45
C LYS C 793 -12.92 26.40 -56.05
N LEU C 794 -14.19 26.67 -56.00
CA LEU C 794 -14.91 26.85 -54.76
C LEU C 794 -15.87 25.75 -54.55
N SER C 795 -15.65 24.96 -53.52
CA SER C 795 -16.62 23.93 -53.20
C SER C 795 -17.53 24.63 -52.18
N ILE C 796 -18.77 24.89 -52.56
CA ILE C 796 -19.66 25.67 -51.73
C ILE C 796 -21.00 24.96 -51.55
N PRO C 797 -21.61 24.94 -50.35
CA PRO C 797 -22.86 24.29 -50.05
C PRO C 797 -23.99 24.86 -50.86
N THR C 798 -24.98 24.04 -51.16
CA THR C 798 -26.17 24.52 -51.86
C THR C 798 -27.35 24.25 -50.94
N ASN C 799 -27.06 23.48 -49.91
CA ASN C 799 -28.08 23.08 -48.95
C ASN C 799 -27.53 23.10 -47.56
N PHE C 800 -28.36 23.00 -46.57
CA PHE C 800 -27.90 22.95 -45.20
C PHE C 800 -28.91 22.34 -44.28
N SER C 801 -28.42 22.01 -43.11
CA SER C 801 -29.26 21.56 -42.02
C SER C 801 -28.70 22.06 -40.72
N PHE C 802 -29.48 22.00 -39.68
CA PHE C 802 -28.96 22.33 -38.36
C PHE C 802 -28.83 21.01 -37.63
N GLY C 803 -27.88 20.93 -36.74
CA GLY C 803 -27.81 19.70 -35.96
C GLY C 803 -27.33 20.04 -34.59
N VAL C 804 -27.47 19.12 -33.67
CA VAL C 804 -27.05 19.40 -32.32
C VAL C 804 -25.96 18.49 -31.85
N THR C 805 -24.86 19.07 -31.45
CA THR C 805 -23.81 18.28 -30.88
C THR C 805 -24.10 18.32 -29.40
N GLN C 806 -24.23 17.18 -28.79
CA GLN C 806 -24.51 17.16 -27.38
C GLN C 806 -23.22 16.96 -26.65
N GLU C 807 -23.05 17.63 -25.53
CA GLU C 807 -21.84 17.45 -24.77
C GLU C 807 -22.07 17.47 -23.30
N TYR C 808 -21.48 16.54 -22.61
CA TYR C 808 -21.58 16.57 -21.17
C TYR C 808 -20.26 16.89 -20.53
N ILE C 809 -20.30 17.86 -19.63
CA ILE C 809 -19.11 18.20 -18.89
C ILE C 809 -19.37 17.98 -17.43
N GLN C 810 -18.57 17.16 -16.81
CA GLN C 810 -18.73 16.89 -15.40
C GLN C 810 -18.13 18.05 -14.63
N THR C 811 -18.82 18.59 -13.65
CA THR C 811 -18.20 19.69 -12.91
C THR C 811 -17.91 19.29 -11.48
N THR C 812 -18.59 18.25 -11.01
CA THR C 812 -18.46 17.78 -9.64
C THR C 812 -18.33 16.29 -9.59
N ILE C 813 -17.99 15.81 -8.40
CA ILE C 813 -18.04 14.41 -8.07
C ILE C 813 -18.88 14.36 -6.82
N GLN C 814 -19.38 13.19 -6.45
CA GLN C 814 -20.12 13.07 -5.21
C GLN C 814 -19.13 13.28 -4.08
N LYS C 815 -19.53 14.09 -3.10
CA LYS C 815 -18.70 14.38 -1.94
C LYS C 815 -18.94 13.35 -0.87
N VAL C 816 -17.88 12.72 -0.41
CA VAL C 816 -17.98 11.67 0.59
C VAL C 816 -17.03 11.89 1.73
N THR C 817 -17.49 11.62 2.93
CA THR C 817 -16.61 11.66 4.09
C THR C 817 -16.61 10.28 4.69
N VAL C 818 -15.58 9.94 5.44
CA VAL C 818 -15.53 8.63 6.03
C VAL C 818 -15.26 8.68 7.51
N ASP C 819 -16.03 7.95 8.29
CA ASP C 819 -15.70 7.86 9.69
C ASP C 819 -14.67 6.74 9.72
N CYS C 820 -13.43 7.21 9.59
CA CYS C 820 -12.28 6.24 9.43
C CYS C 820 -12.15 5.41 10.63
N LYS C 821 -12.26 5.87 11.80
CA LYS C 821 -12.08 5.08 12.98
C LYS C 821 -13.14 3.99 12.99
N GLN C 822 -14.41 4.34 12.68
CA GLN C 822 -15.43 3.30 12.66
C GLN C 822 -15.20 2.33 11.53
N TYR C 823 -14.79 2.82 10.36
CA TYR C 823 -14.59 1.96 9.21
C TYR C 823 -13.60 0.87 9.52
N VAL C 824 -12.48 1.26 10.10
CA VAL C 824 -11.43 0.32 10.36
C VAL C 824 -11.70 -0.60 11.54
N CYS C 825 -12.15 -0.04 12.66
CA CYS C 825 -12.26 -0.85 13.87
C CYS C 825 -13.65 -1.23 14.34
N ASN C 826 -14.70 -0.66 13.79
CA ASN C 826 -16.05 -1.00 14.20
C ASN C 826 -16.35 -0.90 15.67
N GLY C 827 -15.77 0.05 16.36
CA GLY C 827 -16.05 0.24 17.76
C GLY C 827 -15.29 -0.67 18.73
N PHE C 828 -14.41 -1.52 18.20
CA PHE C 828 -13.69 -2.41 19.09
C PHE C 828 -12.48 -1.74 19.65
N GLN C 829 -12.36 -1.76 20.96
CA GLN C 829 -11.28 -1.05 21.62
C GLN C 829 -9.93 -1.64 21.36
N LYS C 830 -9.86 -2.95 21.17
CA LYS C 830 -8.56 -3.54 20.93
C LYS C 830 -8.05 -3.06 19.60
N CYS C 831 -8.92 -3.02 18.62
CA CYS C 831 -8.51 -2.54 17.33
C CYS C 831 -8.08 -1.10 17.43
N GLU C 832 -8.86 -0.27 18.13
CA GLU C 832 -8.51 1.14 18.19
C GLU C 832 -7.15 1.34 18.81
N GLN C 833 -6.85 0.52 19.80
CA GLN C 833 -5.57 0.55 20.45
C GLN C 833 -4.43 0.23 19.52
N LEU C 834 -4.67 -0.67 18.57
CA LEU C 834 -3.64 -1.02 17.63
C LEU C 834 -3.56 0.01 16.52
N LEU C 835 -4.70 0.60 16.19
CA LEU C 835 -4.78 1.61 15.14
C LEU C 835 -3.95 2.81 15.49
N ARG C 836 -3.87 3.13 16.77
CA ARG C 836 -3.09 4.28 17.22
C ARG C 836 -1.62 4.16 16.90
N GLU C 837 -1.12 2.96 16.64
CA GLU C 837 0.30 2.76 16.43
C GLU C 837 0.69 3.06 14.99
N TYR C 838 -0.32 3.42 14.20
CA TYR C 838 -0.14 3.78 12.82
C TYR C 838 -0.16 5.29 12.66
N GLY C 839 -0.16 6.00 13.78
CA GLY C 839 -0.11 7.45 13.75
C GLY C 839 -1.47 8.04 13.53
N GLN C 840 -1.51 9.30 13.15
CA GLN C 840 -2.79 9.97 13.02
C GLN C 840 -3.36 9.67 11.64
N PHE C 841 -3.63 8.40 11.41
CA PHE C 841 -4.10 7.92 10.14
C PHE C 841 -5.41 8.51 9.76
N CYS C 842 -6.33 8.47 10.70
CA CYS C 842 -7.64 8.93 10.43
C CYS C 842 -7.70 10.43 10.32
N SER C 843 -6.75 11.14 10.93
CA SER C 843 -6.80 12.57 10.78
C SER C 843 -6.46 12.88 9.34
N LYS C 844 -5.53 12.11 8.77
CA LYS C 844 -5.13 12.33 7.40
C LYS C 844 -6.25 12.01 6.43
N ILE C 845 -7.01 10.96 6.71
CA ILE C 845 -8.12 10.60 5.84
C ILE C 845 -9.16 11.69 5.86
N ASN C 846 -9.46 12.20 7.05
CA ASN C 846 -10.49 13.20 7.15
C ASN C 846 -10.11 14.51 6.56
N GLN C 847 -8.85 14.90 6.72
CA GLN C 847 -8.43 16.16 6.20
C GLN C 847 -8.31 16.13 4.71
N ALA C 848 -7.86 15.00 4.17
CA ALA C 848 -7.75 14.90 2.73
C ALA C 848 -9.11 14.97 2.08
N LEU C 849 -10.11 14.33 2.69
CA LEU C 849 -11.41 14.37 2.09
C LEU C 849 -12.07 15.68 2.34
N HIS C 850 -11.79 16.31 3.46
CA HIS C 850 -12.42 17.59 3.72
C HIS C 850 -11.99 18.56 2.66
N GLY C 851 -10.68 18.57 2.36
CA GLY C 851 -10.17 19.48 1.35
C GLY C 851 -10.75 19.17 -0.01
N ALA C 852 -10.84 17.87 -0.34
CA ALA C 852 -11.40 17.43 -1.60
C ALA C 852 -12.84 17.81 -1.74
N ASN C 853 -13.58 17.84 -0.64
CA ASN C 853 -14.98 18.19 -0.69
C ASN C 853 -15.14 19.70 -0.80
N LEU C 854 -14.24 20.48 -0.15
CA LEU C 854 -14.33 21.93 -0.26
C LEU C 854 -14.09 22.33 -1.67
N ARG C 855 -13.22 21.57 -2.33
CA ARG C 855 -12.89 21.84 -3.69
C ARG C 855 -14.09 21.83 -4.60
N GLN C 856 -15.09 21.00 -4.34
CA GLN C 856 -16.25 21.00 -5.20
C GLN C 856 -17.11 22.16 -4.83
N ASP C 857 -17.19 22.51 -3.56
CA ASP C 857 -18.06 23.65 -3.28
C ASP C 857 -17.45 24.89 -3.92
N ASP C 858 -16.11 24.97 -3.96
CA ASP C 858 -15.49 26.14 -4.57
C ASP C 858 -15.63 26.09 -6.07
N SER C 859 -15.54 24.89 -6.65
CA SER C 859 -15.66 24.73 -8.08
C SER C 859 -17.02 25.11 -8.55
N VAL C 860 -18.04 24.69 -7.82
CA VAL C 860 -19.42 24.99 -8.13
C VAL C 860 -19.70 26.45 -7.96
N ARG C 861 -19.23 27.05 -6.88
CA ARG C 861 -19.48 28.44 -6.66
C ARG C 861 -18.91 29.28 -7.78
N ASN C 862 -17.70 28.92 -8.24
CA ASN C 862 -17.02 29.67 -9.29
C ASN C 862 -17.69 29.46 -10.62
N LEU C 863 -18.13 28.24 -10.88
CA LEU C 863 -18.75 27.95 -12.14
C LEU C 863 -20.05 28.69 -12.23
N PHE C 864 -20.85 28.69 -11.19
CA PHE C 864 -22.11 29.36 -11.33
C PHE C 864 -21.98 30.83 -11.31
N ALA C 865 -20.98 31.35 -10.61
CA ALA C 865 -20.78 32.78 -10.64
C ALA C 865 -20.56 33.25 -12.05
N SER C 866 -19.93 32.42 -12.88
CA SER C 866 -19.68 32.74 -14.26
C SER C 866 -20.85 32.47 -15.22
N VAL C 867 -21.75 31.55 -14.88
CA VAL C 867 -22.87 31.30 -15.79
C VAL C 867 -23.85 32.44 -15.59
N LYS C 868 -23.88 32.96 -14.36
CA LYS C 868 -24.80 34.00 -13.97
C LYS C 868 -24.79 35.16 -14.93
N SER C 869 -25.98 35.57 -15.33
CA SER C 869 -26.18 36.69 -16.22
C SER C 869 -26.26 37.99 -15.42
N SER C 870 -25.87 39.09 -16.03
CA SER C 870 -26.03 40.41 -15.41
C SER C 870 -27.43 40.92 -15.65
N GLN C 871 -27.84 40.80 -16.90
CA GLN C 871 -29.09 41.25 -17.48
C GLN C 871 -29.65 40.06 -18.25
N SER C 872 -30.96 39.89 -18.25
CA SER C 872 -31.59 38.81 -18.97
C SER C 872 -33.04 39.11 -19.29
N SER C 873 -33.59 38.54 -20.37
CA SER C 873 -35.00 38.73 -20.58
C SER C 873 -35.77 37.61 -19.86
N PRO C 874 -37.01 37.82 -19.42
CA PRO C 874 -37.87 36.80 -18.87
C PRO C 874 -38.15 35.71 -19.87
N ILE C 875 -38.30 34.47 -19.40
CA ILE C 875 -38.70 33.40 -20.30
C ILE C 875 -40.21 33.38 -20.22
N ILE C 876 -40.87 33.44 -21.34
CA ILE C 876 -42.32 33.41 -21.35
C ILE C 876 -42.67 32.24 -22.25
N PRO C 877 -43.83 31.63 -22.15
CA PRO C 877 -44.23 30.62 -23.10
C PRO C 877 -44.17 31.29 -24.44
N GLY C 878 -43.63 30.63 -25.47
CA GLY C 878 -43.59 31.31 -26.77
C GLY C 878 -42.20 31.90 -27.02
N PHE C 879 -41.36 31.83 -26.00
CA PHE C 879 -39.99 32.29 -26.10
C PHE C 879 -39.45 31.53 -27.28
N GLY C 880 -38.72 32.20 -28.17
CA GLY C 880 -38.19 31.58 -29.36
C GLY C 880 -38.93 31.99 -30.64
N GLY C 881 -40.15 32.49 -30.51
CA GLY C 881 -40.87 32.89 -31.71
C GLY C 881 -41.14 31.65 -32.58
N ASP C 882 -40.68 31.68 -33.82
CA ASP C 882 -40.86 30.58 -34.75
C ASP C 882 -39.92 29.43 -34.44
N PHE C 883 -38.96 29.69 -33.56
CA PHE C 883 -37.99 28.72 -33.15
C PHE C 883 -38.53 28.04 -31.91
N ASN C 884 -38.79 26.82 -31.93
CA ASN C 884 -39.40 26.00 -30.95
C ASN C 884 -38.51 25.76 -29.78
N LEU C 885 -38.43 26.44 -28.78
CA LEU C 885 -37.56 26.30 -27.65
C LEU C 885 -38.32 25.76 -26.45
N THR C 886 -39.51 25.18 -26.65
CA THR C 886 -40.31 24.75 -25.48
C THR C 886 -39.61 23.71 -24.69
N LEU C 887 -38.75 22.96 -25.37
CA LEU C 887 -37.88 21.92 -24.86
C LEU C 887 -37.00 22.47 -23.74
N LEU C 888 -36.56 23.71 -23.93
CA LEU C 888 -35.67 24.40 -23.01
C LEU C 888 -36.40 25.29 -21.98
N GLU C 889 -37.64 25.70 -22.27
CA GLU C 889 -38.36 26.57 -21.36
C GLU C 889 -38.61 25.80 -20.05
N PRO C 890 -38.56 26.43 -18.87
CA PRO C 890 -38.85 25.80 -17.59
C PRO C 890 -40.28 25.29 -17.60
N VAL C 891 -40.50 24.12 -17.02
CA VAL C 891 -41.85 23.60 -16.96
C VAL C 891 -42.59 24.19 -15.78
N ALA C 900 -38.00 25.47 -11.36
CA ALA C 900 -38.55 24.60 -12.40
C ALA C 900 -37.50 24.24 -13.43
N ARG C 901 -37.32 22.95 -13.66
CA ARG C 901 -36.37 22.51 -14.66
C ARG C 901 -37.08 22.47 -16.01
N SER C 902 -36.29 22.51 -17.08
CA SER C 902 -36.85 22.44 -18.43
C SER C 902 -37.27 21.02 -18.77
N ALA C 903 -38.02 20.84 -19.84
CA ALA C 903 -38.43 19.51 -20.23
C ALA C 903 -37.27 18.61 -20.58
N ILE C 904 -36.26 19.14 -21.28
CA ILE C 904 -35.15 18.29 -21.67
C ILE C 904 -34.35 17.94 -20.45
N GLU C 905 -34.25 18.88 -19.53
CA GLU C 905 -33.50 18.70 -18.32
C GLU C 905 -34.15 17.62 -17.46
N ASP C 906 -35.49 17.62 -17.35
CA ASP C 906 -36.12 16.54 -16.59
C ASP C 906 -35.93 15.23 -17.29
N LEU C 907 -35.96 15.24 -18.63
CA LEU C 907 -35.83 13.98 -19.33
C LEU C 907 -34.44 13.43 -19.12
N LEU C 908 -33.44 14.31 -19.13
CA LEU C 908 -32.07 13.90 -18.94
C LEU C 908 -31.91 13.24 -17.60
N PHE C 909 -32.50 13.83 -16.57
CA PHE C 909 -32.40 13.22 -15.25
C PHE C 909 -33.20 11.94 -15.14
N ASP C 910 -34.40 11.88 -15.74
CA ASP C 910 -35.24 10.68 -15.61
C ASP C 910 -34.64 9.47 -16.27
N LYS C 911 -33.87 9.70 -17.33
CA LYS C 911 -33.27 8.61 -18.08
C LYS C 911 -31.97 8.09 -17.53
N VAL C 912 -31.44 8.74 -16.49
CA VAL C 912 -30.16 8.30 -15.93
C VAL C 912 -30.46 7.57 -14.61
N THR C 913 -29.89 6.39 -14.42
CA THR C 913 -30.22 5.69 -13.18
C THR C 913 -29.29 6.15 -12.08
N ILE C 914 -29.89 6.81 -11.11
CA ILE C 914 -29.18 7.41 -9.99
C ILE C 914 -29.80 6.96 -8.69
N ALA C 915 -29.01 6.44 -7.77
CA ALA C 915 -29.58 6.06 -6.47
C ALA C 915 -29.95 7.32 -5.71
N ASP C 916 -31.03 7.29 -4.94
CA ASP C 916 -31.41 8.44 -4.13
C ASP C 916 -30.64 8.47 -2.81
N PRO C 917 -29.74 9.42 -2.57
CA PRO C 917 -28.92 9.52 -1.38
C PRO C 917 -29.70 9.80 -0.10
N GLY C 918 -30.97 10.27 -0.17
CA GLY C 918 -31.66 10.45 1.09
C GLY C 918 -31.13 11.59 1.94
N TYR C 919 -30.84 12.71 1.32
CA TYR C 919 -30.24 13.79 2.09
C TYR C 919 -31.04 14.23 3.30
N MET C 920 -32.36 14.23 3.24
CA MET C 920 -33.14 14.70 4.38
C MET C 920 -33.39 13.63 5.44
N GLN C 921 -33.68 12.39 5.03
CA GLN C 921 -33.99 11.36 6.02
C GLN C 921 -33.58 9.94 5.63
N GLY C 922 -32.52 9.77 4.85
CA GLY C 922 -32.07 8.47 4.36
C GLY C 922 -31.78 7.47 5.44
N TYR C 923 -31.36 7.97 6.59
CA TYR C 923 -31.06 7.15 7.75
C TYR C 923 -32.26 6.30 8.08
N ASP C 924 -33.42 6.94 8.06
CA ASP C 924 -34.66 6.30 8.39
C ASP C 924 -35.21 5.48 7.26
N ASP C 925 -35.01 5.91 6.04
CA ASP C 925 -35.56 5.12 4.95
C ASP C 925 -34.95 3.74 4.97
N CYS C 926 -33.66 3.70 5.30
CA CYS C 926 -32.90 2.43 5.30
C CYS C 926 -33.23 1.57 6.49
N MET C 927 -34.01 2.06 7.44
CA MET C 927 -34.41 1.27 8.57
C MET C 927 -35.86 0.81 8.42
N GLN C 928 -36.74 1.73 7.99
CA GLN C 928 -38.16 1.38 7.89
C GLN C 928 -38.48 0.60 6.61
N GLN C 929 -37.67 0.80 5.57
CA GLN C 929 -37.86 0.06 4.34
C GLN C 929 -36.72 -0.92 4.13
N GLY C 930 -35.51 -0.48 4.51
CA GLY C 930 -34.33 -1.30 4.28
C GLY C 930 -33.77 -1.02 2.87
N PRO C 931 -32.72 -1.71 2.46
CA PRO C 931 -32.04 -1.56 1.19
C PRO C 931 -32.97 -1.82 0.02
N ALA C 932 -32.81 -1.03 -1.05
CA ALA C 932 -33.60 -1.17 -2.26
C ALA C 932 -33.27 -2.44 -3.03
N SER C 933 -32.00 -2.83 -3.01
CA SER C 933 -31.54 -4.00 -3.74
C SER C 933 -30.25 -4.53 -3.22
N ALA C 934 -29.70 -5.50 -3.92
CA ALA C 934 -28.40 -6.04 -3.53
C ALA C 934 -27.37 -4.95 -3.69
N ARG C 935 -26.38 -4.88 -2.83
CA ARG C 935 -25.37 -3.88 -3.01
C ARG C 935 -25.90 -2.44 -3.04
N ASP C 936 -26.77 -2.11 -2.09
CA ASP C 936 -27.33 -0.77 -2.00
C ASP C 936 -26.33 0.11 -1.25
N LEU C 937 -25.70 1.01 -2.00
CA LEU C 937 -24.61 1.81 -1.50
C LEU C 937 -25.07 3.01 -0.75
N ILE C 938 -26.38 3.21 -0.73
CA ILE C 938 -26.84 4.34 0.05
C ILE C 938 -27.07 3.79 1.44
N CYS C 939 -27.69 2.63 1.55
CA CYS C 939 -27.92 2.13 2.90
C CYS C 939 -26.65 1.64 3.54
N ALA C 940 -25.65 1.30 2.71
CA ALA C 940 -24.37 0.87 3.19
C ALA C 940 -23.70 1.94 4.00
N GLN C 941 -24.09 3.19 3.81
CA GLN C 941 -23.42 4.26 4.51
C GLN C 941 -23.47 4.14 6.01
N TYR C 942 -24.60 3.67 6.52
CA TYR C 942 -24.82 3.72 7.96
C TYR C 942 -24.29 2.50 8.63
N VAL C 943 -23.82 1.60 7.79
CA VAL C 943 -23.32 0.31 8.17
C VAL C 943 -21.80 0.29 8.08
N ALA C 944 -21.29 0.71 6.92
CA ALA C 944 -19.88 0.75 6.62
C ALA C 944 -19.14 1.88 7.30
N GLY C 945 -19.80 3.01 7.57
CA GLY C 945 -19.07 4.10 8.18
C GLY C 945 -18.72 5.24 7.24
N TYR C 946 -19.49 5.44 6.18
CA TYR C 946 -19.21 6.52 5.25
C TYR C 946 -20.45 7.34 5.01
N LYS C 947 -20.30 8.57 4.59
CA LYS C 947 -21.45 9.41 4.36
C LYS C 947 -21.38 10.18 3.09
N VAL C 948 -22.48 10.17 2.36
CA VAL C 948 -22.60 10.97 1.16
C VAL C 948 -23.14 12.36 1.55
N LEU C 949 -22.40 13.39 1.17
CA LEU C 949 -22.79 14.74 1.54
C LEU C 949 -23.59 15.38 0.44
N PRO C 950 -24.52 16.27 0.76
CA PRO C 950 -25.30 17.03 -0.19
C PRO C 950 -24.44 18.03 -0.93
N PRO C 951 -24.84 18.39 -2.16
CA PRO C 951 -24.24 19.36 -3.03
C PRO C 951 -24.46 20.73 -2.49
N LEU C 952 -23.62 21.68 -2.95
CA LEU C 952 -23.67 23.08 -2.54
C LEU C 952 -24.91 23.84 -2.86
N MET C 953 -25.54 23.53 -4.00
CA MET C 953 -26.76 24.22 -4.40
C MET C 953 -27.89 23.22 -4.57
N ASP C 954 -29.13 23.62 -4.21
CA ASP C 954 -30.25 22.71 -4.42
C ASP C 954 -30.63 22.79 -5.88
N VAL C 955 -31.52 21.93 -6.30
CA VAL C 955 -32.00 21.88 -7.66
C VAL C 955 -32.67 23.14 -8.16
N ASN C 956 -33.47 23.78 -7.34
CA ASN C 956 -34.14 24.94 -7.88
C ASN C 956 -33.16 26.06 -8.14
N MET C 957 -32.11 26.18 -7.33
CA MET C 957 -31.15 27.22 -7.58
C MET C 957 -30.37 26.94 -8.84
N GLU C 958 -30.01 25.68 -9.08
CA GLU C 958 -29.27 25.42 -10.30
C GLU C 958 -30.16 25.69 -11.51
N ALA C 959 -31.45 25.34 -11.38
CA ALA C 959 -32.37 25.60 -12.48
C ALA C 959 -32.47 27.08 -12.73
N ALA C 960 -32.48 27.89 -11.66
CA ALA C 960 -32.57 29.32 -11.80
C ALA C 960 -31.40 29.87 -12.56
N TYR C 961 -30.23 29.29 -12.36
CA TYR C 961 -29.07 29.79 -13.08
C TYR C 961 -29.15 29.50 -14.55
N THR C 962 -29.62 28.31 -14.93
CA THR C 962 -29.62 28.02 -16.35
C THR C 962 -30.82 28.63 -17.03
N SER C 963 -31.86 28.93 -16.24
CA SER C 963 -33.02 29.56 -16.81
C SER C 963 -32.71 31.00 -17.13
N SER C 964 -31.95 31.65 -16.24
CA SER C 964 -31.62 33.05 -16.48
C SER C 964 -30.64 33.13 -17.60
N LEU C 965 -29.84 32.06 -17.78
CA LEU C 965 -28.87 31.99 -18.85
C LEU C 965 -29.60 31.89 -20.16
N LEU C 966 -30.66 31.07 -20.22
CA LEU C 966 -31.40 30.92 -21.47
C LEU C 966 -31.94 32.24 -21.95
N GLY C 967 -32.46 33.02 -21.01
CA GLY C 967 -33.09 34.28 -21.35
C GLY C 967 -32.13 35.37 -21.70
N SER C 968 -30.84 35.11 -21.49
CA SER C 968 -29.84 36.09 -21.79
C SER C 968 -29.23 35.85 -23.15
N ILE C 969 -29.52 34.72 -23.81
CA ILE C 969 -28.74 34.42 -25.00
C ILE C 969 -28.90 35.37 -26.16
N ALA C 970 -30.12 35.68 -26.53
CA ALA C 970 -30.31 36.53 -27.68
C ALA C 970 -29.71 37.91 -27.50
N GLY C 971 -29.77 38.43 -26.29
CA GLY C 971 -29.31 39.78 -26.06
C GLY C 971 -27.92 39.92 -25.55
N VAL C 972 -27.20 38.82 -25.43
CA VAL C 972 -25.86 38.94 -24.90
C VAL C 972 -24.89 38.82 -26.06
N GLY C 973 -25.10 37.83 -26.93
CA GLY C 973 -24.18 37.64 -28.04
C GLY C 973 -24.55 38.53 -29.23
N TRP C 974 -24.68 39.83 -28.99
CA TRP C 974 -25.18 40.71 -30.05
C TRP C 974 -24.15 41.74 -30.50
N THR C 975 -23.57 42.54 -29.61
CA THR C 975 -22.59 43.52 -30.07
C THR C 975 -21.41 43.72 -29.17
N ALA C 976 -20.64 44.77 -29.43
CA ALA C 976 -19.42 45.07 -28.68
C ALA C 976 -19.65 45.31 -27.20
N GLY C 977 -18.75 44.80 -26.37
CA GLY C 977 -18.76 45.00 -24.93
C GLY C 977 -19.64 43.96 -24.26
N LEU C 978 -19.47 43.77 -22.96
CA LEU C 978 -20.30 42.81 -22.24
C LEU C 978 -21.28 43.51 -21.31
N SER C 979 -21.36 44.83 -21.46
CA SER C 979 -22.10 45.69 -20.55
C SER C 979 -23.54 46.03 -20.87
N SER C 980 -23.99 45.84 -22.10
CA SER C 980 -25.34 46.23 -22.41
C SER C 980 -26.10 45.03 -22.86
N PHE C 981 -27.42 45.08 -22.71
CA PHE C 981 -28.23 43.94 -23.12
C PHE C 981 -29.28 44.35 -24.12
N ALA C 982 -29.30 43.64 -25.22
CA ALA C 982 -30.28 43.92 -26.25
C ALA C 982 -31.45 42.96 -26.13
N ALA C 983 -32.58 43.42 -25.66
CA ALA C 983 -33.70 42.50 -25.50
C ALA C 983 -34.40 42.32 -26.80
N ILE C 984 -33.87 41.42 -27.61
CA ILE C 984 -34.34 41.20 -28.95
C ILE C 984 -34.87 39.80 -29.02
N PRO C 985 -35.75 39.46 -29.95
CA PRO C 985 -36.25 38.15 -30.19
C PRO C 985 -35.18 37.15 -30.48
N PHE C 986 -35.39 35.93 -30.06
CA PHE C 986 -34.49 34.84 -30.35
C PHE C 986 -34.31 34.69 -31.83
N ALA C 987 -35.40 34.75 -32.57
CA ALA C 987 -35.31 34.60 -34.00
C ALA C 987 -34.42 35.64 -34.64
N GLN C 988 -34.47 36.86 -34.13
CA GLN C 988 -33.69 37.92 -34.69
C GLN C 988 -32.22 37.64 -34.45
N SER C 989 -31.93 37.08 -33.27
CA SER C 989 -30.58 36.68 -32.91
C SER C 989 -30.05 35.62 -33.83
N ILE C 990 -30.89 34.64 -34.17
CA ILE C 990 -30.48 33.59 -35.08
C ILE C 990 -30.14 34.14 -36.43
N PHE C 991 -30.93 35.07 -36.92
CA PHE C 991 -30.61 35.56 -38.24
C PHE C 991 -29.33 36.34 -38.22
N TYR C 992 -29.01 37.05 -37.14
CA TYR C 992 -27.72 37.73 -37.12
C TYR C 992 -26.60 36.72 -37.06
N ARG C 993 -26.80 35.64 -36.31
CA ARG C 993 -25.81 34.58 -36.21
C ARG C 993 -25.56 33.86 -37.52
N LEU C 994 -26.60 33.68 -38.32
CA LEU C 994 -26.43 33.06 -39.61
C LEU C 994 -25.76 34.01 -40.59
N ASN C 995 -26.09 35.29 -40.50
CA ASN C 995 -25.49 36.24 -41.39
C ASN C 995 -24.02 36.35 -41.12
N GLY C 996 -23.66 36.19 -39.86
CA GLY C 996 -22.30 36.29 -39.42
C GLY C 996 -21.42 35.16 -39.83
N VAL C 997 -21.99 34.10 -40.39
CA VAL C 997 -21.16 32.98 -40.79
C VAL C 997 -21.14 32.84 -42.29
N GLY C 998 -21.69 33.82 -43.02
CA GLY C 998 -21.66 33.70 -44.46
C GLY C 998 -22.95 33.46 -45.19
N ILE C 999 -24.09 33.54 -44.54
CA ILE C 999 -25.33 33.37 -45.30
C ILE C 999 -25.86 34.77 -45.53
N THR C 1000 -26.11 35.16 -46.76
CA THR C 1000 -26.51 36.55 -46.98
C THR C 1000 -27.90 36.85 -46.50
N GLN C 1001 -28.20 38.14 -46.36
CA GLN C 1001 -29.49 38.58 -45.88
C GLN C 1001 -30.59 38.31 -46.86
N GLN C 1002 -30.28 38.28 -48.16
CA GLN C 1002 -31.33 37.99 -49.12
C GLN C 1002 -31.81 36.58 -48.92
N VAL C 1003 -30.87 35.69 -48.60
CA VAL C 1003 -31.17 34.29 -48.41
C VAL C 1003 -31.95 34.09 -47.13
N LEU C 1004 -31.50 34.74 -46.08
CA LEU C 1004 -32.14 34.56 -44.81
C LEU C 1004 -33.55 35.10 -44.87
N SER C 1005 -33.75 36.19 -45.60
CA SER C 1005 -35.06 36.82 -45.72
C SER C 1005 -36.04 35.94 -46.50
N GLU C 1006 -35.56 35.29 -47.56
CA GLU C 1006 -36.43 34.43 -48.35
C GLU C 1006 -36.78 33.16 -47.61
N ASN C 1007 -35.83 32.68 -46.81
CA ASN C 1007 -35.96 31.42 -46.11
C ASN C 1007 -36.25 31.49 -44.62
N GLN C 1008 -36.83 32.55 -44.10
CA GLN C 1008 -36.97 32.55 -42.65
C GLN C 1008 -37.79 31.40 -42.10
N LYS C 1009 -38.81 30.97 -42.83
CA LYS C 1009 -39.64 29.89 -42.32
C LYS C 1009 -38.92 28.57 -42.50
N LEU C 1010 -38.10 28.47 -43.54
CA LEU C 1010 -37.38 27.24 -43.81
C LEU C 1010 -36.31 27.05 -42.74
N ILE C 1011 -35.68 28.14 -42.37
CA ILE C 1011 -34.65 28.13 -41.37
C ILE C 1011 -35.22 27.77 -40.03
N ALA C 1012 -36.35 28.40 -39.66
CA ALA C 1012 -36.96 28.05 -38.40
C ALA C 1012 -37.36 26.60 -38.39
N ASN C 1013 -37.84 26.07 -39.52
CA ASN C 1013 -38.26 24.69 -39.52
C ASN C 1013 -37.08 23.77 -39.37
N LYS C 1014 -35.96 24.08 -40.00
CA LYS C 1014 -34.80 23.21 -39.85
C LYS C 1014 -34.26 23.23 -38.46
N PHE C 1015 -34.29 24.41 -37.85
CA PHE C 1015 -33.80 24.55 -36.49
C PHE C 1015 -34.65 23.70 -35.59
N ASN C 1016 -35.97 23.79 -35.80
CA ASN C 1016 -36.91 23.05 -34.99
C ASN C 1016 -36.77 21.56 -35.16
N GLN C 1017 -36.40 21.13 -36.36
CA GLN C 1017 -36.19 19.71 -36.56
C GLN C 1017 -34.96 19.28 -35.80
N ALA C 1018 -33.92 20.10 -35.82
CA ALA C 1018 -32.69 19.74 -35.13
C ALA C 1018 -32.89 19.56 -33.65
N LEU C 1019 -33.73 20.42 -33.05
CA LEU C 1019 -33.96 20.28 -31.62
C LEU C 1019 -35.03 19.27 -31.33
N GLY C 1020 -36.04 19.18 -32.17
CA GLY C 1020 -37.11 18.23 -31.91
C GLY C 1020 -36.59 16.82 -31.97
N ALA C 1021 -35.61 16.60 -32.85
CA ALA C 1021 -34.96 15.31 -33.07
C ALA C 1021 -34.22 14.81 -31.87
N MET C 1022 -33.91 15.73 -30.98
CA MET C 1022 -33.17 15.45 -29.81
C MET C 1022 -34.04 14.99 -28.65
N GLN C 1023 -35.35 15.18 -28.74
CA GLN C 1023 -36.21 14.84 -27.61
C GLN C 1023 -36.14 13.37 -27.30
N THR C 1024 -35.93 12.56 -28.32
CA THR C 1024 -35.87 11.12 -28.19
C THR C 1024 -34.44 10.61 -28.23
N GLY C 1025 -33.48 11.52 -28.12
CA GLY C 1025 -32.08 11.18 -28.22
C GLY C 1025 -31.39 10.62 -26.98
N PHE C 1026 -32.01 10.61 -25.81
CA PHE C 1026 -31.30 10.11 -24.64
C PHE C 1026 -31.39 8.61 -24.54
N THR C 1027 -30.64 7.99 -25.42
CA THR C 1027 -30.57 6.57 -25.67
C THR C 1027 -29.17 6.05 -25.78
N THR C 1028 -29.07 4.80 -26.21
CA THR C 1028 -27.82 4.03 -26.29
C THR C 1028 -26.82 4.54 -27.32
N THR C 1029 -27.30 5.29 -28.28
CA THR C 1029 -26.47 5.78 -29.34
C THR C 1029 -25.96 7.20 -29.08
N ASN C 1030 -26.37 7.78 -27.95
CA ASN C 1030 -26.00 9.15 -27.61
C ASN C 1030 -24.77 9.19 -26.70
N GLU C 1031 -23.60 9.45 -27.26
CA GLU C 1031 -22.39 9.39 -26.48
C GLU C 1031 -22.40 10.35 -25.29
N ALA C 1032 -22.91 11.55 -25.48
CA ALA C 1032 -22.96 12.51 -24.39
C ALA C 1032 -23.83 11.98 -23.26
N PHE C 1033 -24.90 11.30 -23.63
CA PHE C 1033 -25.78 10.74 -22.63
C PHE C 1033 -25.04 9.64 -21.85
N GLN C 1034 -24.32 8.73 -22.54
CA GLN C 1034 -23.60 7.76 -21.73
C GLN C 1034 -22.59 8.44 -20.84
N LYS C 1035 -21.97 9.53 -21.27
CA LYS C 1035 -21.03 10.13 -20.35
C LYS C 1035 -21.71 10.59 -19.09
N VAL C 1036 -22.99 10.99 -19.19
CA VAL C 1036 -23.70 11.40 -17.99
C VAL C 1036 -23.86 10.19 -17.08
N GLN C 1037 -24.27 9.06 -17.67
CA GLN C 1037 -24.45 7.84 -16.87
C GLN C 1037 -23.15 7.35 -16.29
N ASP C 1038 -22.06 7.52 -17.02
CA ASP C 1038 -20.78 7.07 -16.53
C ASP C 1038 -20.32 7.92 -15.37
N ALA C 1039 -20.59 9.22 -15.42
CA ALA C 1039 -20.19 10.03 -14.26
C ALA C 1039 -20.89 9.52 -13.03
N VAL C 1040 -22.14 9.10 -13.21
CA VAL C 1040 -22.95 8.54 -12.14
C VAL C 1040 -22.39 7.20 -11.69
N ASN C 1041 -21.99 6.38 -12.65
CA ASN C 1041 -21.46 5.09 -12.30
C ASN C 1041 -20.14 5.23 -11.57
N ASN C 1042 -19.37 6.27 -11.88
CA ASN C 1042 -18.10 6.44 -11.22
C ASN C 1042 -18.31 6.80 -9.78
N ASN C 1043 -19.39 7.53 -9.49
CA ASN C 1043 -19.65 7.86 -8.10
C ASN C 1043 -20.00 6.58 -7.36
N ALA C 1044 -20.78 5.72 -8.02
CA ALA C 1044 -21.17 4.48 -7.38
C ALA C 1044 -19.97 3.59 -7.15
N GLN C 1045 -19.04 3.57 -8.08
CA GLN C 1045 -17.89 2.70 -7.90
C GLN C 1045 -17.06 3.14 -6.74
N ALA C 1046 -16.94 4.46 -6.56
CA ALA C 1046 -16.16 4.97 -5.47
C ALA C 1046 -16.71 4.51 -4.15
N LEU C 1047 -18.04 4.42 -4.05
CA LEU C 1047 -18.64 4.00 -2.79
C LEU C 1047 -18.60 2.51 -2.62
N SER C 1048 -18.57 1.78 -3.74
CA SER C 1048 -18.57 0.34 -3.65
C SER C 1048 -17.28 -0.14 -3.08
N LYS C 1049 -16.21 0.65 -3.17
CA LYS C 1049 -14.96 0.15 -2.62
C LYS C 1049 -15.12 0.05 -1.12
N LEU C 1050 -15.72 1.06 -0.51
CA LEU C 1050 -15.88 0.99 0.93
C LEU C 1050 -16.89 -0.05 1.32
N ALA C 1051 -17.98 -0.15 0.59
CA ALA C 1051 -18.98 -1.12 0.99
C ALA C 1051 -18.48 -2.56 0.86
N SER C 1052 -17.71 -2.86 -0.19
CA SER C 1052 -17.28 -4.22 -0.44
C SER C 1052 -16.03 -4.70 0.22
N GLU C 1053 -15.17 -3.80 0.67
CA GLU C 1053 -13.91 -4.24 1.22
C GLU C 1053 -13.95 -4.65 2.67
N LEU C 1054 -15.00 -4.33 3.40
CA LEU C 1054 -15.02 -4.71 4.80
C LEU C 1054 -15.28 -6.18 5.01
N SER C 1055 -15.70 -6.87 3.97
CA SER C 1055 -15.95 -8.30 4.06
C SER C 1055 -14.70 -9.12 3.82
N ASN C 1056 -13.60 -8.47 3.46
CA ASN C 1056 -12.37 -9.18 3.17
C ASN C 1056 -11.65 -9.51 4.45
N THR C 1057 -10.84 -10.56 4.44
CA THR C 1057 -10.13 -10.90 5.66
C THR C 1057 -8.69 -10.55 5.55
N PHE C 1058 -8.19 -10.39 4.33
CA PHE C 1058 -6.82 -10.02 4.11
C PHE C 1058 -5.86 -10.98 4.78
N GLY C 1059 -6.21 -12.27 4.76
CA GLY C 1059 -5.44 -13.34 5.35
C GLY C 1059 -5.82 -13.71 6.77
N ALA C 1060 -6.69 -12.90 7.38
CA ALA C 1060 -7.17 -13.12 8.74
C ALA C 1060 -8.17 -14.25 8.78
N ILE C 1061 -8.38 -14.79 9.96
CA ILE C 1061 -9.34 -15.87 10.20
C ILE C 1061 -10.78 -15.44 10.03
N SER C 1062 -11.02 -14.16 10.16
CA SER C 1062 -12.32 -13.57 9.99
C SER C 1062 -12.24 -12.12 9.64
N ALA C 1063 -13.27 -11.60 8.95
CA ALA C 1063 -13.36 -10.17 8.65
C ALA C 1063 -13.92 -9.42 9.87
N SER C 1064 -14.38 -10.18 10.84
CA SER C 1064 -14.93 -9.65 12.05
C SER C 1064 -13.92 -9.57 13.17
N ILE C 1065 -13.78 -8.38 13.71
CA ILE C 1065 -12.89 -8.15 14.82
C ILE C 1065 -13.42 -8.91 16.01
N GLY C 1066 -14.73 -8.89 16.17
CA GLY C 1066 -15.36 -9.60 17.27
C GLY C 1066 -15.06 -11.09 17.24
N ASP C 1067 -14.95 -11.72 16.05
CA ASP C 1067 -14.63 -13.14 15.96
C ASP C 1067 -13.21 -13.38 16.36
N ILE C 1068 -12.34 -12.46 15.99
CA ILE C 1068 -10.94 -12.61 16.31
C ILE C 1068 -10.76 -12.54 17.80
N ILE C 1069 -11.40 -11.58 18.43
CA ILE C 1069 -11.28 -11.42 19.86
C ILE C 1069 -11.86 -12.61 20.59
N GLN C 1070 -13.03 -13.06 20.16
CA GLN C 1070 -13.67 -14.19 20.77
C GLN C 1070 -12.89 -15.50 20.66
N ARG C 1071 -12.16 -15.70 19.57
CA ARG C 1071 -11.41 -16.93 19.40
C ARG C 1071 -9.96 -16.94 19.87
N LEU C 1072 -9.25 -15.81 19.78
CA LEU C 1072 -7.82 -15.79 20.09
C LEU C 1072 -7.37 -14.96 21.27
N ASP C 1073 -6.26 -15.38 21.89
CA ASP C 1073 -5.60 -14.61 22.92
C ASP C 1073 -4.71 -13.54 22.31
N PRO C 1074 -4.41 -12.44 23.01
CA PRO C 1074 -3.63 -11.29 22.57
C PRO C 1074 -2.42 -11.52 21.68
N PRO C 1075 -1.45 -12.39 21.93
CA PRO C 1075 -0.33 -12.49 21.04
C PRO C 1075 -0.69 -12.90 19.60
N GLU C 1076 -1.83 -13.59 19.42
CA GLU C 1076 -2.22 -14.00 18.08
C GLU C 1076 -3.37 -13.13 17.61
N GLN C 1077 -4.17 -12.71 18.59
CA GLN C 1077 -5.34 -11.88 18.36
C GLN C 1077 -4.88 -10.59 17.72
N ASP C 1078 -3.73 -10.10 18.21
CA ASP C 1078 -3.12 -8.88 17.74
C ASP C 1078 -2.77 -8.99 16.29
N ALA C 1079 -2.12 -10.09 15.91
CA ALA C 1079 -1.71 -10.30 14.53
C ALA C 1079 -2.88 -10.35 13.58
N GLN C 1080 -3.98 -10.92 14.04
CA GLN C 1080 -5.15 -11.04 13.19
C GLN C 1080 -5.88 -9.73 13.04
N ILE C 1081 -5.94 -8.96 14.11
CA ILE C 1081 -6.60 -7.66 14.04
C ILE C 1081 -5.76 -6.80 13.17
N ASP C 1082 -4.45 -6.89 13.33
CA ASP C 1082 -3.55 -6.10 12.54
C ASP C 1082 -3.69 -6.40 11.05
N ARG C 1083 -3.92 -7.66 10.66
CA ARG C 1083 -4.16 -7.87 9.24
C ARG C 1083 -5.36 -7.11 8.76
N LEU C 1084 -6.42 -7.09 9.58
CA LEU C 1084 -7.59 -6.37 9.14
C LEU C 1084 -7.31 -4.89 9.08
N ILE C 1085 -6.53 -4.38 10.02
CA ILE C 1085 -6.21 -2.98 9.98
C ILE C 1085 -5.44 -2.66 8.74
N ASN C 1086 -4.41 -3.43 8.43
CA ASN C 1086 -3.63 -3.07 7.27
C ASN C 1086 -4.47 -3.03 6.02
N GLY C 1087 -5.38 -3.98 5.88
CA GLY C 1087 -6.23 -4.03 4.71
C GLY C 1087 -7.18 -2.88 4.62
N ARG C 1088 -7.67 -2.42 5.75
CA ARG C 1088 -8.62 -1.34 5.76
C ARG C 1088 -7.93 -0.02 5.62
N LEU C 1089 -6.71 0.09 6.15
CA LEU C 1089 -6.00 1.34 6.00
C LEU C 1089 -5.66 1.51 4.54
N THR C 1090 -5.30 0.39 3.89
CA THR C 1090 -4.96 0.39 2.49
C THR C 1090 -6.13 0.79 1.66
N THR C 1091 -7.30 0.25 2.00
CA THR C 1091 -8.51 0.60 1.29
C THR C 1091 -8.82 2.06 1.41
N LEU C 1092 -8.70 2.61 2.63
CA LEU C 1092 -8.99 4.02 2.77
C LEU C 1092 -7.98 4.88 2.08
N ASN C 1093 -6.71 4.46 2.04
CA ASN C 1093 -5.77 5.29 1.34
C ASN C 1093 -6.08 5.29 -0.13
N ALA C 1094 -6.49 4.13 -0.67
CA ALA C 1094 -6.81 4.05 -2.09
C ALA C 1094 -8.02 4.90 -2.40
N PHE C 1095 -9.00 4.88 -1.51
CA PHE C 1095 -10.20 5.68 -1.68
C PHE C 1095 -9.89 7.13 -1.73
N VAL C 1096 -9.11 7.58 -0.76
CA VAL C 1096 -8.77 8.97 -0.72
C VAL C 1096 -7.96 9.33 -1.93
N ALA C 1097 -6.99 8.51 -2.31
CA ALA C 1097 -6.22 8.88 -3.47
C ALA C 1097 -7.13 9.08 -4.66
N GLN C 1098 -8.16 8.25 -4.82
CA GLN C 1098 -9.05 8.43 -5.95
C GLN C 1098 -9.96 9.61 -5.77
N GLN C 1099 -10.37 9.94 -4.55
CA GLN C 1099 -11.24 11.09 -4.46
C GLN C 1099 -10.45 12.32 -4.82
N LEU C 1100 -9.15 12.34 -4.49
CA LEU C 1100 -8.33 13.47 -4.88
C LEU C 1100 -8.12 13.49 -6.40
N VAL C 1101 -7.93 12.33 -7.03
CA VAL C 1101 -7.77 12.33 -8.48
C VAL C 1101 -9.04 12.76 -9.17
N ARG C 1102 -10.18 12.25 -8.71
CA ARG C 1102 -11.45 12.54 -9.30
C ARG C 1102 -11.87 13.98 -9.06
N SER C 1103 -11.54 14.54 -7.90
CA SER C 1103 -11.92 15.92 -7.64
C SER C 1103 -11.02 16.87 -8.41
N GLU C 1104 -9.78 16.45 -8.70
CA GLU C 1104 -8.90 17.31 -9.47
C GLU C 1104 -9.40 17.34 -10.89
N SER C 1105 -9.80 16.16 -11.39
CA SER C 1105 -10.30 16.06 -12.74
C SER C 1105 -11.57 16.83 -12.91
N ALA C 1106 -12.50 16.69 -11.96
CA ALA C 1106 -13.75 17.41 -12.05
C ALA C 1106 -13.51 18.89 -12.00
N ALA C 1107 -12.56 19.35 -11.20
CA ALA C 1107 -12.29 20.78 -11.15
C ALA C 1107 -11.76 21.31 -12.48
N LEU C 1108 -10.91 20.53 -13.18
CA LEU C 1108 -10.42 21.00 -14.46
C LEU C 1108 -11.56 21.06 -15.42
N SER C 1109 -12.41 20.05 -15.34
CA SER C 1109 -13.54 19.93 -16.20
C SER C 1109 -14.48 21.08 -15.95
N ALA C 1110 -14.67 21.47 -14.70
CA ALA C 1110 -15.51 22.61 -14.38
C ALA C 1110 -15.01 23.88 -15.02
N GLN C 1111 -13.69 24.03 -15.14
CA GLN C 1111 -13.20 25.22 -15.80
C GLN C 1111 -13.46 25.14 -17.29
N LEU C 1112 -13.52 23.92 -17.85
CA LEU C 1112 -13.85 23.79 -19.25
C LEU C 1112 -15.30 24.19 -19.43
N ALA C 1113 -16.15 23.78 -18.50
CA ALA C 1113 -17.56 24.14 -18.57
C ALA C 1113 -17.73 25.62 -18.50
N LYS C 1114 -16.92 26.28 -17.66
CA LYS C 1114 -16.94 27.72 -17.54
C LYS C 1114 -16.62 28.37 -18.86
N ASP C 1115 -15.58 27.85 -19.53
CA ASP C 1115 -15.21 28.42 -20.82
C ASP C 1115 -16.27 28.20 -21.85
N LYS C 1116 -16.91 27.04 -21.84
CA LYS C 1116 -17.96 26.84 -22.81
C LYS C 1116 -19.15 27.70 -22.55
N VAL C 1117 -19.50 27.94 -21.32
CA VAL C 1117 -20.62 28.82 -21.20
C VAL C 1117 -20.27 30.17 -21.78
N ASN C 1118 -19.09 30.68 -21.45
CA ASN C 1118 -18.77 32.01 -21.94
C ASN C 1118 -18.52 32.10 -23.44
N GLU C 1119 -17.94 31.07 -24.01
CA GLU C 1119 -17.59 30.99 -25.42
C GLU C 1119 -18.69 30.51 -26.31
N CYS C 1120 -19.51 29.57 -25.98
CA CYS C 1120 -20.48 28.91 -26.62
C CYS C 1120 -21.95 29.42 -26.55
N VAL C 1121 -22.19 29.70 -25.15
CA VAL C 1121 -23.57 30.00 -24.83
C VAL C 1121 -23.81 31.49 -24.79
N LYS C 1122 -22.90 32.22 -24.19
CA LYS C 1122 -23.04 33.67 -24.08
C LYS C 1122 -22.47 34.37 -25.29
N ALA C 1123 -21.97 33.61 -26.23
CA ALA C 1123 -21.38 34.16 -27.43
C ALA C 1123 -21.48 33.19 -28.57
N GLN C 1124 -21.42 33.69 -29.80
CA GLN C 1124 -21.30 32.79 -30.93
C GLN C 1124 -19.80 32.52 -31.09
N SER C 1125 -19.41 31.27 -31.19
CA SER C 1125 -17.98 30.96 -31.30
C SER C 1125 -17.54 30.86 -32.72
N LYS C 1126 -16.32 31.31 -32.97
CA LYS C 1126 -15.68 31.20 -34.28
C LYS C 1126 -14.58 30.16 -34.27
N ARG C 1127 -14.49 29.40 -33.18
CA ARG C 1127 -13.46 28.38 -33.03
C ARG C 1127 -13.93 27.03 -33.49
N SER C 1128 -13.38 26.54 -34.58
CA SER C 1128 -13.85 25.29 -35.09
C SER C 1128 -13.65 24.21 -34.07
N GLY C 1129 -14.69 23.42 -33.83
CA GLY C 1129 -14.60 22.26 -32.98
C GLY C 1129 -14.60 22.53 -31.49
N PHE C 1130 -14.66 23.80 -31.11
CA PHE C 1130 -14.64 24.07 -29.69
C PHE C 1130 -15.95 23.75 -29.09
N CYS C 1131 -16.98 24.22 -29.75
CA CYS C 1131 -18.32 24.01 -29.30
C CYS C 1131 -18.73 22.70 -29.95
N GLY C 1132 -19.59 22.75 -30.94
CA GLY C 1132 -19.97 21.52 -31.60
C GLY C 1132 -19.27 21.41 -32.94
N GLN C 1133 -19.76 20.49 -33.75
CA GLN C 1133 -19.22 20.29 -35.09
C GLN C 1133 -19.95 21.21 -36.05
N GLY C 1134 -19.34 21.51 -37.18
CA GLY C 1134 -19.99 22.38 -38.15
C GLY C 1134 -19.76 23.81 -37.70
N THR C 1135 -20.49 24.75 -38.26
CA THR C 1135 -20.26 26.13 -37.87
C THR C 1135 -21.16 26.47 -36.69
N HIS C 1136 -20.61 26.97 -35.62
CA HIS C 1136 -21.45 27.25 -34.46
C HIS C 1136 -22.40 28.39 -34.66
N ILE C 1137 -23.65 28.17 -34.23
CA ILE C 1137 -24.66 29.18 -34.27
C ILE C 1137 -25.09 29.55 -32.86
N VAL C 1138 -25.63 28.61 -32.11
CA VAL C 1138 -26.11 28.94 -30.76
C VAL C 1138 -25.98 27.74 -29.83
N SER C 1139 -25.70 27.95 -28.56
CA SER C 1139 -25.69 26.82 -27.63
C SER C 1139 -26.61 27.07 -26.46
N PHE C 1140 -27.10 25.99 -25.88
CA PHE C 1140 -27.94 26.07 -24.71
C PHE C 1140 -27.37 25.21 -23.62
N VAL C 1141 -27.65 25.52 -22.37
CA VAL C 1141 -27.20 24.70 -21.24
C VAL C 1141 -28.29 24.33 -20.26
N VAL C 1142 -28.30 23.06 -19.87
CA VAL C 1142 -29.20 22.56 -18.84
C VAL C 1142 -28.33 21.85 -17.83
N ASN C 1143 -28.84 21.57 -16.64
CA ASN C 1143 -28.03 20.86 -15.67
C ASN C 1143 -28.11 19.38 -15.93
N ALA C 1144 -27.08 18.69 -15.51
CA ALA C 1144 -26.97 17.25 -15.62
C ALA C 1144 -26.60 16.73 -14.24
N PRO C 1145 -26.81 15.46 -13.92
CA PRO C 1145 -26.50 14.85 -12.65
C PRO C 1145 -25.17 15.23 -11.98
N ASN C 1146 -24.08 15.32 -12.72
CA ASN C 1146 -22.83 15.72 -12.08
C ASN C 1146 -22.18 16.86 -12.82
N GLY C 1147 -22.98 17.73 -13.44
CA GLY C 1147 -22.39 18.80 -14.25
C GLY C 1147 -23.37 19.45 -15.17
N LEU C 1148 -22.87 19.91 -16.30
CA LEU C 1148 -23.69 20.63 -17.27
C LEU C 1148 -23.83 19.84 -18.56
N TYR C 1149 -24.99 19.97 -19.18
CA TYR C 1149 -25.20 19.33 -20.46
C TYR C 1149 -25.35 20.45 -21.50
N PHE C 1150 -24.44 20.48 -22.45
CA PHE C 1150 -24.39 21.50 -23.48
C PHE C 1150 -25.12 21.02 -24.69
N MET C 1151 -25.83 21.93 -25.28
CA MET C 1151 -26.64 21.60 -26.42
C MET C 1151 -26.18 22.51 -27.55
N HIS C 1152 -25.25 22.06 -28.41
CA HIS C 1152 -24.66 23.01 -29.34
C HIS C 1152 -25.31 22.93 -30.70
N VAL C 1153 -25.90 24.01 -31.18
CA VAL C 1153 -26.55 23.93 -32.47
C VAL C 1153 -25.62 24.50 -33.51
N GLY C 1154 -25.28 23.68 -34.48
CA GLY C 1154 -24.37 24.12 -35.51
C GLY C 1154 -25.01 24.06 -36.86
N TYR C 1155 -24.36 24.71 -37.80
CA TYR C 1155 -24.77 24.76 -39.18
C TYR C 1155 -23.98 23.75 -39.96
N TYR C 1156 -24.70 22.85 -40.60
CA TYR C 1156 -24.09 21.79 -41.34
C TYR C 1156 -24.41 21.89 -42.80
N PRO C 1157 -23.45 22.17 -43.66
CA PRO C 1157 -23.61 22.33 -45.06
C PRO C 1157 -23.83 21.00 -45.72
N SER C 1158 -24.45 21.01 -46.88
CA SER C 1158 -24.57 19.81 -47.69
C SER C 1158 -24.71 20.13 -49.17
N ASN C 1159 -24.62 19.08 -49.98
CA ASN C 1159 -24.76 19.21 -51.41
C ASN C 1159 -23.86 20.25 -52.00
N HIS C 1160 -22.58 20.18 -51.69
CA HIS C 1160 -21.64 21.12 -52.21
C HIS C 1160 -21.50 21.00 -53.70
N ILE C 1161 -21.30 22.15 -54.34
CA ILE C 1161 -21.04 22.17 -55.77
C ILE C 1161 -19.77 22.90 -56.02
N GLU C 1162 -19.17 22.70 -57.18
CA GLU C 1162 -17.99 23.46 -57.49
C GLU C 1162 -18.29 24.55 -58.49
N VAL C 1163 -17.81 25.75 -58.18
CA VAL C 1163 -17.94 26.89 -59.05
C VAL C 1163 -16.59 27.51 -59.23
N VAL C 1164 -16.46 28.37 -60.22
CA VAL C 1164 -15.19 29.06 -60.45
C VAL C 1164 -15.23 30.45 -59.87
N SER C 1165 -14.21 30.75 -59.06
CA SER C 1165 -14.11 32.01 -58.35
C SER C 1165 -12.90 32.84 -58.68
N ALA C 1166 -13.04 34.14 -58.46
CA ALA C 1166 -11.98 35.11 -58.64
C ALA C 1166 -11.34 35.45 -57.31
N TYR C 1167 -10.08 35.88 -57.34
CA TYR C 1167 -9.48 36.35 -56.10
C TYR C 1167 -9.92 37.75 -55.83
N GLY C 1168 -10.32 38.42 -56.89
CA GLY C 1168 -10.77 39.80 -56.90
C GLY C 1168 -10.98 40.22 -58.33
N LEU C 1169 -11.57 41.39 -58.49
CA LEU C 1169 -11.88 41.96 -59.80
C LEU C 1169 -11.34 43.36 -59.92
N CYS C 1170 -10.75 43.70 -61.04
CA CYS C 1170 -10.25 45.02 -61.32
C CYS C 1170 -10.88 45.65 -62.54
N ASP C 1171 -11.02 46.93 -62.57
CA ASP C 1171 -11.46 47.57 -63.79
C ASP C 1171 -10.36 47.48 -64.82
N ALA C 1172 -10.62 46.82 -65.94
CA ALA C 1172 -9.58 46.64 -66.95
C ALA C 1172 -9.08 47.97 -67.49
N ALA C 1173 -9.96 48.97 -67.59
CA ALA C 1173 -9.58 50.28 -68.10
C ALA C 1173 -8.89 51.10 -67.01
N ASN C 1174 -9.22 50.79 -65.77
CA ASN C 1174 -8.72 51.49 -64.60
C ASN C 1174 -8.17 50.48 -63.61
N PRO C 1175 -7.00 49.89 -63.89
CA PRO C 1175 -6.40 48.72 -63.27
C PRO C 1175 -6.01 48.86 -61.81
N THR C 1176 -6.03 50.08 -61.29
CA THR C 1176 -5.71 50.27 -59.90
C THR C 1176 -6.97 50.26 -59.03
N ASN C 1177 -8.15 50.19 -59.68
CA ASN C 1177 -9.41 50.18 -58.95
C ASN C 1177 -9.93 48.74 -58.83
N CYS C 1178 -9.67 48.11 -57.70
CA CYS C 1178 -9.99 46.71 -57.54
C CYS C 1178 -10.81 46.43 -56.32
N ILE C 1179 -11.59 45.37 -56.39
CA ILE C 1179 -12.39 44.86 -55.30
C ILE C 1179 -12.18 43.41 -54.97
N ALA C 1180 -12.48 43.11 -53.74
CA ALA C 1180 -12.45 41.76 -53.24
C ALA C 1180 -13.76 41.56 -52.55
N PRO C 1181 -14.27 40.35 -52.47
CA PRO C 1181 -15.51 40.03 -51.80
C PRO C 1181 -15.35 40.09 -50.30
N VAL C 1182 -16.44 40.39 -49.62
CA VAL C 1182 -16.46 40.37 -48.17
C VAL C 1182 -17.33 39.28 -47.63
N ASN C 1183 -16.70 38.35 -46.92
CA ASN C 1183 -17.36 37.17 -46.33
C ASN C 1183 -18.12 36.34 -47.36
N GLY C 1184 -17.53 36.21 -48.52
CA GLY C 1184 -18.12 35.51 -49.63
C GLY C 1184 -17.17 35.46 -50.78
N TYR C 1185 -17.70 35.10 -51.92
CA TYR C 1185 -16.90 34.90 -53.10
C TYR C 1185 -17.47 35.57 -54.31
N PHE C 1186 -16.58 35.92 -55.23
CA PHE C 1186 -16.97 36.38 -56.56
C PHE C 1186 -16.96 35.15 -57.45
N ILE C 1187 -18.10 34.83 -58.05
CA ILE C 1187 -18.26 33.62 -58.85
C ILE C 1187 -18.72 33.91 -60.27
N LYS C 1188 -18.38 33.00 -61.19
CA LYS C 1188 -18.83 33.16 -62.57
C LYS C 1188 -20.21 32.61 -62.72
N THR C 1189 -21.04 33.32 -63.47
CA THR C 1189 -22.40 32.91 -63.75
C THR C 1189 -22.99 33.71 -64.89
N GLU C 1197 -21.98 38.64 -65.59
CA GLU C 1197 -20.88 37.68 -65.64
C GLU C 1197 -20.46 37.27 -64.25
N TRP C 1198 -19.92 38.23 -63.49
CA TRP C 1198 -19.51 37.97 -62.13
C TRP C 1198 -20.62 38.31 -61.16
N SER C 1199 -20.76 37.51 -60.13
CA SER C 1199 -21.74 37.79 -59.12
C SER C 1199 -21.16 37.40 -57.79
N TYR C 1200 -21.84 37.75 -56.73
CA TYR C 1200 -21.37 37.47 -55.38
C TYR C 1200 -22.18 36.40 -54.69
N THR C 1201 -21.52 35.55 -53.90
CA THR C 1201 -22.29 34.62 -53.09
C THR C 1201 -21.71 34.63 -51.68
N GLY C 1202 -22.53 34.41 -50.65
CA GLY C 1202 -22.01 34.36 -49.28
C GLY C 1202 -21.20 33.09 -49.10
N SER C 1203 -20.26 33.09 -48.18
CA SER C 1203 -19.41 31.90 -48.07
C SER C 1203 -20.04 30.62 -47.61
N SER C 1204 -21.16 30.68 -46.94
CA SER C 1204 -21.74 29.44 -46.44
C SER C 1204 -22.90 28.91 -47.24
N PHE C 1205 -23.30 29.63 -48.26
CA PHE C 1205 -24.46 29.13 -48.96
C PHE C 1205 -24.47 29.69 -50.34
N TYR C 1206 -24.53 28.81 -51.33
CA TYR C 1206 -24.51 29.30 -52.69
C TYR C 1206 -25.81 29.92 -53.06
N ALA C 1207 -25.73 31.18 -53.37
CA ALA C 1207 -26.90 31.95 -53.70
C ALA C 1207 -26.45 33.22 -54.35
N PRO C 1208 -26.20 33.21 -55.66
CA PRO C 1208 -25.62 34.35 -56.36
C PRO C 1208 -26.53 35.57 -56.24
N GLU C 1209 -25.90 36.73 -56.07
CA GLU C 1209 -26.57 38.02 -55.98
C GLU C 1209 -25.63 39.01 -56.63
N PRO C 1210 -26.05 40.19 -57.06
CA PRO C 1210 -25.20 41.18 -57.66
C PRO C 1210 -24.08 41.63 -56.75
N ILE C 1211 -22.95 41.99 -57.36
CA ILE C 1211 -21.83 42.56 -56.65
C ILE C 1211 -22.16 44.01 -56.44
N THR C 1212 -22.13 44.43 -55.20
CA THR C 1212 -22.48 45.78 -54.81
C THR C 1212 -21.46 46.28 -53.82
N SER C 1213 -21.56 47.54 -53.44
CA SER C 1213 -20.65 48.09 -52.44
C SER C 1213 -20.86 47.51 -51.05
N LEU C 1214 -21.96 46.79 -50.84
CA LEU C 1214 -22.25 46.20 -49.55
C LEU C 1214 -21.62 44.82 -49.37
N ASN C 1215 -21.04 44.25 -50.42
CA ASN C 1215 -20.49 42.91 -50.33
C ASN C 1215 -19.06 42.87 -50.85
N THR C 1216 -18.48 44.06 -51.04
CA THR C 1216 -17.12 44.22 -51.51
C THR C 1216 -16.33 45.18 -50.68
N LYS C 1217 -15.03 45.10 -50.84
CA LYS C 1217 -14.12 46.06 -50.25
C LYS C 1217 -13.12 46.46 -51.30
N TYR C 1218 -12.64 47.69 -51.26
CA TYR C 1218 -11.63 48.06 -52.23
C TYR C 1218 -10.31 47.56 -51.73
N VAL C 1219 -9.53 47.06 -52.65
CA VAL C 1219 -8.23 46.50 -52.36
C VAL C 1219 -7.14 47.00 -53.29
N ALA C 1220 -5.91 46.79 -52.89
CA ALA C 1220 -4.80 47.07 -53.77
C ALA C 1220 -4.86 46.03 -54.91
N PRO C 1221 -4.45 46.36 -56.13
CA PRO C 1221 -4.43 45.46 -57.26
C PRO C 1221 -3.45 44.32 -57.08
N GLN C 1222 -3.82 43.17 -57.61
CA GLN C 1222 -2.98 41.97 -57.56
C GLN C 1222 -3.00 41.27 -58.89
N VAL C 1223 -1.96 40.51 -59.15
CA VAL C 1223 -1.79 39.74 -60.38
C VAL C 1223 -2.87 38.69 -60.59
N THR C 1224 -3.52 38.26 -59.52
CA THR C 1224 -4.55 37.24 -59.58
C THR C 1224 -5.96 37.79 -59.74
N TYR C 1225 -6.08 39.11 -59.77
CA TYR C 1225 -7.39 39.69 -59.91
C TYR C 1225 -7.73 39.69 -61.39
N GLN C 1226 -9.01 39.58 -61.71
CA GLN C 1226 -9.42 39.53 -63.11
C GLN C 1226 -9.57 40.92 -63.68
N ASN C 1227 -9.21 41.13 -64.96
CA ASN C 1227 -9.45 42.39 -65.58
C ASN C 1227 -10.77 42.43 -66.28
N ILE C 1228 -11.76 43.10 -65.80
CA ILE C 1228 -13.09 43.06 -66.41
C ILE C 1228 -13.37 44.35 -67.18
N SER C 1229 -13.85 44.19 -68.40
CA SER C 1229 -14.09 45.30 -69.32
C SER C 1229 -15.50 45.53 -69.83
N THR C 1230 -16.46 44.72 -69.41
CA THR C 1230 -17.82 44.86 -69.92
C THR C 1230 -18.82 45.13 -68.82
N ASN C 1231 -19.35 44.07 -68.24
CA ASN C 1231 -20.36 44.28 -67.21
C ASN C 1231 -19.71 44.51 -65.87
N LEU C 1232 -19.23 45.73 -65.71
CA LEU C 1232 -18.49 46.15 -64.54
C LEU C 1232 -19.53 46.34 -63.45
N PRO C 1233 -19.31 45.84 -62.23
CA PRO C 1233 -20.21 46.04 -61.13
C PRO C 1233 -20.11 47.49 -60.68
N PRO C 1234 -21.14 48.05 -60.06
CA PRO C 1234 -21.19 49.39 -59.53
C PRO C 1234 -19.99 49.90 -58.70
N PRO C 1235 -19.29 49.13 -57.85
CA PRO C 1235 -18.11 49.64 -57.16
C PRO C 1235 -16.95 49.98 -58.11
N LEU C 1236 -16.92 49.37 -59.31
CA LEU C 1236 -15.87 49.68 -60.30
C LEU C 1236 -16.34 50.68 -61.36
N LEU C 1237 -17.64 50.99 -61.42
CA LEU C 1237 -18.11 51.94 -62.43
C LEU C 1237 -17.85 53.36 -61.97
N GLY C 1238 -16.58 53.75 -62.01
CA GLY C 1238 -16.14 55.05 -61.52
C GLY C 1238 -15.43 55.80 -62.62
#